data_4M1C
#
_entry.id   4M1C
#
_cell.length_a   56.583
_cell.length_b   135.324
_cell.length_c   368.524
_cell.angle_alpha   90.00
_cell.angle_beta   90.00
_cell.angle_gamma   90.00
#
_symmetry.space_group_name_H-M   'P 21 21 21'
#
loop_
_entity.id
_entity.type
_entity.pdbx_description
1 polymer 'Insulin-degrading enzyme'
2 polymer 'Fab-bound IDE, heavy chain'
3 polymer 'Fab-bound IDE, light chain'
4 polymer 'Amyloid beta A4 protein'
5 non-polymer 'ZINC ION'
#
loop_
_entity_poly.entity_id
_entity_poly.type
_entity_poly.pdbx_seq_one_letter_code
_entity_poly.pdbx_strand_id
1 'polypeptide(L)'
;MHHHHHHAAGIPMNNPAIKRIGNHITKSPEDKREYRGLELANGIKVLLISDPTTDKSSAALDVHIGSLSDPPNIAGLSHF
LQHMLFLGTKKYPKENEYSQFLSEHAGSSNAFTSGEHTNYYFDVSHEHLEGALDRFAQFFLSPLFDESAKDREVNAVDSE
HEKNVMNDAWRLFQLEKATGNPKHPFSKFGTGNKYTLETRPNQEGIDVRQELLKFHSAYYSSNLMAVVVLGRESLDDLTN
LVVKLFSEVENKNVPLPEFPEHPFQEEHLKQLYKIVPIKDIRNLYVTFPIPDLQKYYKSNPGHYLGHLIGHEGPGSLLSE
LKSKGWVNTLVGGQKEGARGFMFFIINVDLTEEGLLHVEDIILHMFQYIQKLRAEGPQEWVFQELKDLNAVAFRFKDKER
PRGYTSKIAGILHYYPLEEVLTAEYLLEEFRPDLIEMVLDKLRPENVRVAIVSKSFEGKTDRTEEWYGTQYKQEAIPDEV
IKKWQNADLNGKFKLPTKNEFIPTNFEILPLEKEATPYPALIKDTAMSKLWFKQDDKFFLPKANLNFEFFSPFAYVDPLH
SNMAYLYLELLKDSLNEYAYAAELAGLSYDLQNTIYGMYLSVKGYNDKQPILLKKIIEKMATFEIDEKRFEIIKEAYMRS
LNNFRAEQPHQHAMYYLRLLMTEVAWTKDELKEALDDVTLPRLKAFIPQLLSRLHIEALLHGNITKQAALGIMQMVEDTL
IEHAHTKPLLPSQLVRYREVQLPDRGWFVYQQRNEVHNNSGIEIYYQTDMQSTSENMFLELFAQIISEPAFNTLRTKEQL
GYIVFSGPRRANGIQGLRFIIQSEKPPHYLESRVEAFLITMEKSIEDMTEEAFQKHIQALAIRRLDKPKKLSAESAKYWG
EIISQQYNFDRDNTEVAYLKTLTKEDIIKFYKEMLAVDAPRRHKVSVHVLAREMDSNPVVGEFPAQNDINLSQAPALPQP
EVIQNMTEFKRGLPLFPLVKPHINFMAAKL
;
A,B
2 'polypeptide(L)'
;MKKNIAFLLASMFVFSIATNAYAEISEVQLVESGGGLVQPGGSLRLSCAASGFNVSSYSIHWVRQAPGKGLEWVASISSY
YGSTSYADSVKGRFTISADTSKNTAYLQMNSLRAEDTAVYYCARDRVMYYWSFSKYGYPYGMDYWGQGTLVTVSSASTKG
PSVFPLAPSSKSTSGGTAALGCLVKDYFPEPVTVSWNSGALTSGVHTFPAVLQSSGLYSLSSVVTVPSSSLGTQTYICNV
NHKPSNTKVDKKVEPKSCDKTHT
;
C,E
3 'polypeptide(L)'
;MKKNIAFLLASMFVFSIATNAYASDIQMTQSPSSLSASVGDRVTITCRASQSVSSAVAWYQQKPGKAPKLLIYSTSSLYS
GVPSRFSGSRSGTDFTLTISSLQPEDFATYYCQQSSPSFLITFGQGTKVEIKRTVAAPSVFIFPPSDSQLKSGTASVVCL
LNNFYPREAKVQWKVDNALQSGNSQESVTEQDSKDSTYSLSSTLTLSKADYEKHKVYACEVTHQGLSSPVTKSFNRGEC
;
D,F
4 'polypeptide(L)' DAEFRHDSGYEVHHQKLVFFAEDVGSNKGAIIGLMVGGVV G,H
#
loop_
_chem_comp.id
_chem_comp.type
_chem_comp.name
_chem_comp.formula
ZN non-polymer 'ZINC ION' 'Zn 2'
#
# COMPACT_ATOMS: atom_id res chain seq x y z
N ASN A 14 45.61 -61.80 -18.91
CA ASN A 14 44.72 -60.77 -18.39
C ASN A 14 44.02 -61.24 -17.12
N ASN A 15 42.73 -60.91 -17.02
CA ASN A 15 41.94 -61.32 -15.87
C ASN A 15 40.76 -62.18 -16.29
N PRO A 16 40.57 -63.33 -15.62
CA PRO A 16 39.50 -64.29 -15.94
C PRO A 16 38.10 -63.69 -15.80
N ALA A 17 37.92 -62.79 -14.84
CA ALA A 17 36.60 -62.21 -14.57
C ALA A 17 36.28 -61.05 -15.50
N ILE A 18 37.30 -60.52 -16.18
CA ILE A 18 37.12 -59.40 -17.08
C ILE A 18 37.25 -59.83 -18.55
N LYS A 19 36.19 -59.61 -19.32
CA LYS A 19 36.18 -60.03 -20.72
C LYS A 19 36.95 -59.05 -21.60
N ARG A 20 36.66 -57.76 -21.45
CA ARG A 20 37.39 -56.74 -22.19
C ARG A 20 37.43 -55.42 -21.40
N ILE A 21 38.36 -54.55 -21.76
CA ILE A 21 38.53 -53.28 -21.06
C ILE A 21 38.57 -52.09 -22.02
N GLY A 22 37.67 -51.13 -21.80
CA GLY A 22 37.69 -49.90 -22.55
C GLY A 22 38.44 -48.83 -21.77
N ASN A 23 39.76 -48.81 -21.92
CA ASN A 23 40.61 -47.90 -21.16
C ASN A 23 40.49 -46.44 -21.59
N HIS A 24 39.91 -46.20 -22.75
CA HIS A 24 39.82 -44.84 -23.28
C HIS A 24 38.38 -44.39 -23.46
N ILE A 25 37.85 -43.71 -22.45
CA ILE A 25 36.51 -43.16 -22.52
C ILE A 25 36.57 -41.66 -22.77
N THR A 26 36.10 -41.25 -23.94
CA THR A 26 36.12 -39.84 -24.33
C THR A 26 35.27 -38.99 -23.39
N LYS A 27 35.92 -38.15 -22.61
CA LYS A 27 35.24 -37.31 -21.64
C LYS A 27 35.27 -35.84 -22.03
N SER A 28 34.64 -35.00 -21.21
CA SER A 28 34.66 -33.57 -21.41
C SER A 28 36.03 -33.01 -21.02
N PRO A 29 36.56 -32.07 -21.82
CA PRO A 29 37.87 -31.48 -21.55
C PRO A 29 37.94 -30.71 -20.23
N GLU A 30 36.79 -30.22 -19.76
CA GLU A 30 36.73 -29.51 -18.50
C GLU A 30 36.51 -30.47 -17.33
N ASP A 31 36.26 -31.73 -17.66
CA ASP A 31 36.07 -32.76 -16.64
C ASP A 31 37.41 -33.35 -16.23
N LYS A 32 37.75 -33.21 -14.95
CA LYS A 32 39.03 -33.70 -14.45
C LYS A 32 38.92 -35.10 -13.86
N ARG A 33 37.70 -35.63 -13.82
CA ARG A 33 37.48 -36.99 -13.35
C ARG A 33 37.96 -37.99 -14.39
N GLU A 34 38.42 -39.14 -13.93
CA GLU A 34 38.94 -40.17 -14.84
C GLU A 34 37.94 -41.31 -14.99
N TYR A 35 37.86 -41.86 -16.21
CA TYR A 35 36.88 -42.90 -16.51
C TYR A 35 37.53 -44.15 -17.08
N ARG A 36 37.01 -45.31 -16.69
CA ARG A 36 37.48 -46.59 -17.22
C ARG A 36 36.33 -47.58 -17.35
N GLY A 37 35.96 -47.86 -18.59
CA GLY A 37 34.91 -48.82 -18.87
C GLY A 37 35.46 -50.24 -19.00
N LEU A 38 34.65 -51.23 -18.67
CA LEU A 38 35.06 -52.62 -18.76
C LEU A 38 33.86 -53.56 -18.84
N GLU A 39 33.99 -54.62 -19.63
CA GLU A 39 32.94 -55.61 -19.75
C GLU A 39 33.37 -56.90 -19.07
N LEU A 40 32.58 -57.34 -18.10
CA LEU A 40 32.91 -58.53 -17.32
C LEU A 40 32.64 -59.81 -18.10
N ALA A 41 33.01 -60.94 -17.50
CA ALA A 41 32.85 -62.24 -18.16
C ALA A 41 31.39 -62.64 -18.27
N ASN A 42 30.58 -62.21 -17.30
CA ASN A 42 29.16 -62.52 -17.32
C ASN A 42 28.34 -61.48 -18.09
N GLY A 43 29.04 -60.60 -18.79
CA GLY A 43 28.40 -59.64 -19.68
C GLY A 43 27.82 -58.42 -18.99
N ILE A 44 28.49 -57.96 -17.94
CA ILE A 44 28.06 -56.75 -17.24
C ILE A 44 28.93 -55.56 -17.63
N LYS A 45 28.32 -54.59 -18.32
CA LYS A 45 29.03 -53.37 -18.70
C LYS A 45 29.26 -52.51 -17.47
N VAL A 46 30.53 -52.29 -17.13
CA VAL A 46 30.88 -51.54 -15.93
C VAL A 46 31.69 -50.30 -16.27
N LEU A 47 31.25 -49.15 -15.75
CA LEU A 47 31.99 -47.90 -15.89
C LEU A 47 32.45 -47.42 -14.52
N LEU A 48 33.73 -47.03 -14.43
CA LEU A 48 34.29 -46.58 -13.18
C LEU A 48 34.73 -45.12 -13.25
N ILE A 49 34.35 -44.34 -12.24
CA ILE A 49 34.70 -42.93 -12.18
C ILE A 49 35.56 -42.62 -10.96
N SER A 50 36.70 -41.99 -11.20
CA SER A 50 37.60 -41.63 -10.12
C SER A 50 37.58 -40.13 -9.85
N ASP A 51 37.07 -39.76 -8.68
CA ASP A 51 37.01 -38.36 -8.27
C ASP A 51 37.54 -38.21 -6.85
N PRO A 52 38.85 -37.96 -6.71
CA PRO A 52 39.54 -37.90 -5.42
C PRO A 52 39.16 -36.69 -4.57
N THR A 53 38.30 -35.81 -5.10
CA THR A 53 37.95 -34.58 -4.40
C THR A 53 36.48 -34.50 -4.04
N THR A 54 35.73 -35.57 -4.31
CA THR A 54 34.31 -35.60 -3.97
C THR A 54 34.12 -35.92 -2.50
N ASP A 55 33.03 -35.42 -1.93
CA ASP A 55 32.74 -35.65 -0.52
C ASP A 55 31.82 -36.85 -0.32
N LYS A 56 31.14 -37.23 -1.40
CA LYS A 56 30.20 -38.35 -1.35
C LYS A 56 30.38 -39.28 -2.55
N SER A 57 30.73 -40.53 -2.27
CA SER A 57 30.84 -41.54 -3.32
C SER A 57 29.46 -42.09 -3.68
N SER A 58 29.34 -42.70 -4.86
CA SER A 58 28.06 -43.21 -5.31
C SER A 58 28.21 -44.39 -6.27
N ALA A 59 27.13 -45.15 -6.43
CA ALA A 59 27.11 -46.29 -7.35
C ALA A 59 25.68 -46.55 -7.80
N ALA A 60 25.53 -47.07 -9.01
CA ALA A 60 24.20 -47.32 -9.56
C ALA A 60 24.17 -48.51 -10.50
N LEU A 61 23.12 -49.32 -10.39
CA LEU A 61 22.94 -50.47 -11.25
C LEU A 61 21.59 -50.37 -11.97
N ASP A 62 21.59 -50.60 -13.27
CA ASP A 62 20.37 -50.51 -14.06
C ASP A 62 20.08 -51.82 -14.80
N VAL A 63 19.00 -52.49 -14.41
CA VAL A 63 18.54 -53.69 -15.10
C VAL A 63 17.70 -53.28 -16.30
N HIS A 64 17.92 -53.96 -17.43
CA HIS A 64 17.22 -53.62 -18.66
C HIS A 64 15.84 -54.28 -18.74
N ILE A 65 15.27 -54.60 -17.59
CA ILE A 65 13.94 -55.17 -17.51
C ILE A 65 13.00 -54.26 -16.74
N GLY A 66 11.92 -53.83 -17.37
CA GLY A 66 10.97 -52.93 -16.75
C GLY A 66 9.63 -53.58 -16.42
N SER A 67 8.60 -52.76 -16.35
CA SER A 67 7.27 -53.24 -15.97
C SER A 67 6.44 -53.66 -17.18
N LEU A 68 7.09 -53.76 -18.33
CA LEU A 68 6.40 -54.23 -19.54
C LEU A 68 6.50 -55.74 -19.66
N SER A 69 7.44 -56.33 -18.94
CA SER A 69 7.66 -57.77 -18.99
C SER A 69 6.97 -58.49 -17.84
N ASP A 70 6.12 -57.76 -17.12
CA ASP A 70 5.37 -58.33 -16.01
C ASP A 70 4.31 -59.31 -16.52
N PRO A 71 4.05 -60.38 -15.76
CA PRO A 71 3.04 -61.38 -16.12
C PRO A 71 1.66 -60.78 -16.31
N PRO A 72 0.87 -61.33 -17.26
CA PRO A 72 -0.49 -60.87 -17.54
C PRO A 72 -1.40 -60.97 -16.32
N ASN A 73 -1.13 -61.93 -15.45
CA ASN A 73 -1.93 -62.14 -14.25
C ASN A 73 -1.54 -61.15 -13.15
N ILE A 74 -0.25 -60.97 -12.94
CA ILE A 74 0.24 -60.07 -11.91
C ILE A 74 0.86 -58.82 -12.51
N ALA A 75 0.08 -57.74 -12.56
CA ALA A 75 0.56 -56.48 -13.12
C ALA A 75 1.26 -55.65 -12.05
N GLY A 76 2.31 -54.94 -12.47
CA GLY A 76 3.09 -54.12 -11.55
C GLY A 76 3.94 -54.97 -10.63
N LEU A 77 4.40 -56.11 -11.15
CA LEU A 77 5.22 -57.04 -10.37
C LEU A 77 6.68 -56.58 -10.39
N SER A 78 7.09 -55.99 -11.51
CA SER A 78 8.47 -55.50 -11.65
C SER A 78 8.74 -54.36 -10.69
N HIS A 79 7.73 -53.55 -10.43
CA HIS A 79 7.85 -52.43 -9.51
C HIS A 79 7.76 -52.91 -8.07
N PHE A 80 7.00 -53.98 -7.86
CA PHE A 80 6.80 -54.54 -6.52
C PHE A 80 8.06 -55.21 -6.00
N LEU A 81 8.72 -55.99 -6.87
CA LEU A 81 9.95 -56.68 -6.51
C LEU A 81 11.05 -55.67 -6.16
N GLN A 82 10.97 -54.50 -6.79
CA GLN A 82 11.92 -53.42 -6.54
C GLN A 82 11.93 -53.01 -5.07
N HIS A 83 10.76 -52.98 -4.45
CA HIS A 83 10.63 -52.57 -3.07
C HIS A 83 11.00 -53.70 -2.10
N MET A 84 10.94 -54.93 -2.59
CA MET A 84 11.18 -56.11 -1.75
C MET A 84 12.67 -56.37 -1.57
N LEU A 85 13.50 -55.73 -2.38
CA LEU A 85 14.95 -55.92 -2.32
C LEU A 85 15.57 -55.15 -1.16
N PHE A 86 14.91 -54.08 -0.75
CA PHE A 86 15.41 -53.24 0.34
C PHE A 86 15.01 -53.79 1.71
N LEU A 87 14.43 -54.99 1.72
CA LEU A 87 13.95 -55.57 2.97
C LEU A 87 14.61 -56.92 3.27
N GLY A 88 15.90 -56.89 3.58
CA GLY A 88 16.62 -58.07 4.01
C GLY A 88 17.19 -58.91 2.88
N THR A 89 18.45 -59.33 3.04
CA THR A 89 19.11 -60.19 2.08
C THR A 89 19.66 -61.44 2.77
N LYS A 90 20.43 -62.23 2.04
CA LYS A 90 21.02 -63.45 2.58
C LYS A 90 22.12 -63.13 3.59
N LYS A 91 23.12 -62.37 3.15
CA LYS A 91 24.25 -62.01 4.00
C LYS A 91 23.84 -61.00 5.07
N TYR A 92 22.89 -60.12 4.72
CA TYR A 92 22.38 -59.14 5.66
C TYR A 92 20.89 -59.37 5.92
N PRO A 93 20.58 -60.23 6.92
CA PRO A 93 19.20 -60.64 7.22
C PRO A 93 18.38 -59.53 7.86
N LYS A 94 19.05 -58.47 8.34
CA LYS A 94 18.35 -57.37 8.97
C LYS A 94 17.46 -56.65 7.97
N GLU A 95 16.21 -56.42 8.36
CA GLU A 95 15.20 -55.87 7.46
C GLU A 95 15.57 -54.47 6.94
N ASN A 96 16.16 -53.67 7.81
CA ASN A 96 16.54 -52.31 7.44
C ASN A 96 18.04 -52.06 7.55
N GLU A 97 18.83 -53.08 7.25
CA GLU A 97 20.28 -52.98 7.32
C GLU A 97 20.80 -52.00 6.27
N TYR A 98 20.27 -52.08 5.06
CA TYR A 98 20.69 -51.22 3.97
C TYR A 98 20.34 -49.76 4.24
N SER A 99 19.13 -49.53 4.75
CA SER A 99 18.65 -48.17 5.00
C SER A 99 19.37 -47.53 6.19
N GLN A 100 19.60 -48.32 7.23
CA GLN A 100 20.21 -47.80 8.46
C GLN A 100 21.69 -47.50 8.27
N PHE A 101 22.39 -48.34 7.51
CA PHE A 101 23.82 -48.18 7.29
C PHE A 101 24.14 -46.89 6.54
N LEU A 102 23.32 -46.56 5.54
CA LEU A 102 23.53 -45.38 4.73
C LEU A 102 23.26 -44.10 5.51
N SER A 103 22.29 -44.16 6.42
CA SER A 103 21.92 -42.99 7.22
C SER A 103 22.99 -42.64 8.25
N GLU A 104 23.67 -43.67 8.78
CA GLU A 104 24.70 -43.47 9.78
C GLU A 104 26.00 -42.99 9.17
N HIS A 105 26.04 -42.91 7.84
CA HIS A 105 27.26 -42.51 7.14
C HIS A 105 26.99 -41.45 6.08
N ALA A 106 26.03 -40.57 6.37
CA ALA A 106 25.68 -39.46 5.48
C ALA A 106 25.39 -39.92 4.06
N GLY A 107 24.33 -40.72 3.90
CA GLY A 107 23.98 -41.25 2.60
C GLY A 107 22.49 -41.35 2.37
N SER A 108 22.13 -41.71 1.14
CA SER A 108 20.73 -41.88 0.76
C SER A 108 20.61 -42.86 -0.39
N SER A 109 19.41 -43.35 -0.63
CA SER A 109 19.18 -44.31 -1.70
C SER A 109 17.75 -44.24 -2.23
N ASN A 110 17.58 -44.54 -3.51
CA ASN A 110 16.27 -44.59 -4.14
C ASN A 110 16.30 -45.49 -5.37
N ALA A 111 15.12 -45.83 -5.86
CA ALA A 111 15.01 -46.70 -7.03
C ALA A 111 13.73 -46.41 -7.80
N PHE A 112 13.73 -46.75 -9.10
CA PHE A 112 12.53 -46.56 -9.92
C PHE A 112 12.49 -47.57 -11.07
N THR A 113 11.29 -48.01 -11.41
CA THR A 113 11.10 -48.94 -12.52
C THR A 113 10.42 -48.24 -13.71
N SER A 114 11.12 -48.19 -14.84
CA SER A 114 10.59 -47.58 -16.04
C SER A 114 9.87 -48.62 -16.89
N GLY A 115 9.59 -48.27 -18.14
CA GLY A 115 8.92 -49.17 -19.06
C GLY A 115 9.72 -50.44 -19.28
N GLU A 116 10.96 -50.30 -19.72
CA GLU A 116 11.85 -51.42 -19.91
C GLU A 116 13.15 -51.24 -19.14
N HIS A 117 13.07 -50.52 -18.02
CA HIS A 117 14.23 -50.25 -17.18
C HIS A 117 13.91 -50.42 -15.70
N THR A 118 14.96 -50.69 -14.92
CA THR A 118 14.85 -50.76 -13.46
C THR A 118 16.16 -50.29 -12.85
N ASN A 119 16.13 -49.10 -12.25
CA ASN A 119 17.36 -48.48 -11.76
C ASN A 119 17.45 -48.44 -10.23
N TYR A 120 18.60 -48.84 -9.71
CA TYR A 120 18.88 -48.77 -8.28
C TYR A 120 20.15 -47.94 -8.05
N TYR A 121 20.02 -46.83 -7.33
CA TYR A 121 21.16 -45.95 -7.08
C TYR A 121 21.26 -45.51 -5.63
N PHE A 122 22.45 -45.09 -5.23
CA PHE A 122 22.68 -44.63 -3.86
C PHE A 122 23.97 -43.82 -3.75
N ASP A 123 23.99 -42.88 -2.80
CA ASP A 123 25.21 -42.14 -2.49
C ASP A 123 25.56 -42.33 -1.01
N VAL A 124 26.83 -42.13 -0.67
CA VAL A 124 27.31 -42.33 0.68
C VAL A 124 28.68 -41.68 0.85
N SER A 125 29.14 -41.55 2.09
CA SER A 125 30.45 -40.96 2.37
C SER A 125 31.56 -41.69 1.64
N HIS A 126 32.63 -40.97 1.33
CA HIS A 126 33.72 -41.53 0.52
C HIS A 126 34.54 -42.57 1.26
N GLU A 127 34.33 -42.69 2.57
CA GLU A 127 35.07 -43.64 3.39
C GLU A 127 34.42 -45.01 3.43
N HIS A 128 33.10 -45.04 3.41
CA HIS A 128 32.35 -46.29 3.55
C HIS A 128 31.71 -46.74 2.25
N LEU A 129 32.39 -46.51 1.14
CA LEU A 129 31.88 -46.91 -0.17
C LEU A 129 31.88 -48.42 -0.34
N GLU A 130 32.98 -49.06 0.04
CA GLU A 130 33.13 -50.50 -0.11
C GLU A 130 32.11 -51.26 0.74
N GLY A 131 31.90 -50.79 1.96
CA GLY A 131 30.93 -51.40 2.85
C GLY A 131 29.51 -51.25 2.34
N ALA A 132 29.24 -50.13 1.69
CA ALA A 132 27.92 -49.85 1.14
C ALA A 132 27.71 -50.57 -0.19
N LEU A 133 28.78 -50.69 -0.97
CA LEU A 133 28.70 -51.36 -2.26
C LEU A 133 28.49 -52.87 -2.08
N ASP A 134 29.00 -53.41 -0.99
CA ASP A 134 28.83 -54.82 -0.68
C ASP A 134 27.38 -55.13 -0.33
N ARG A 135 26.77 -54.24 0.45
CA ARG A 135 25.37 -54.40 0.84
C ARG A 135 24.44 -54.22 -0.35
N PHE A 136 24.85 -53.37 -1.28
CA PHE A 136 24.08 -53.12 -2.49
C PHE A 136 24.16 -54.30 -3.45
N ALA A 137 25.29 -54.98 -3.44
CA ALA A 137 25.52 -56.12 -4.32
C ALA A 137 24.68 -57.33 -3.91
N GLN A 138 24.26 -57.35 -2.65
CA GLN A 138 23.51 -58.47 -2.11
C GLN A 138 22.06 -58.48 -2.58
N PHE A 139 21.66 -57.43 -3.28
CA PHE A 139 20.29 -57.31 -3.76
C PHE A 139 20.04 -58.17 -5.00
N PHE A 140 21.09 -58.48 -5.75
CA PHE A 140 20.95 -59.17 -7.02
C PHE A 140 21.44 -60.62 -6.95
N LEU A 141 22.34 -60.89 -6.01
CA LEU A 141 22.87 -62.23 -5.83
C LEU A 141 21.73 -63.08 -5.29
N SER A 142 21.35 -62.82 -4.04
CA SER A 142 20.27 -63.56 -3.40
C SER A 142 19.51 -62.69 -2.40
N PRO A 143 18.23 -62.43 -2.70
CA PRO A 143 17.33 -61.63 -1.87
C PRO A 143 16.32 -62.47 -1.09
N LEU A 144 16.22 -62.24 0.21
CA LEU A 144 15.25 -62.96 1.03
C LEU A 144 13.93 -62.19 1.12
N PHE A 145 12.89 -62.78 0.52
CA PHE A 145 11.56 -62.17 0.54
C PHE A 145 10.76 -62.70 1.71
N ASP A 146 10.68 -61.91 2.78
CA ASP A 146 10.00 -62.33 4.01
C ASP A 146 8.50 -62.47 3.79
N GLU A 147 7.86 -63.31 4.60
CA GLU A 147 6.43 -63.57 4.47
C GLU A 147 5.59 -62.42 5.02
N SER A 148 6.15 -61.65 5.94
CA SER A 148 5.43 -60.54 6.55
C SER A 148 5.81 -59.22 5.91
N ALA A 149 7.03 -59.16 5.37
CA ALA A 149 7.49 -57.95 4.68
C ALA A 149 6.70 -57.74 3.39
N LYS A 150 6.27 -58.84 2.80
CA LYS A 150 5.43 -58.79 1.61
C LYS A 150 4.06 -58.20 1.92
N ASP A 151 3.46 -58.66 3.03
CA ASP A 151 2.12 -58.23 3.42
C ASP A 151 2.07 -56.75 3.81
N ARG A 152 3.24 -56.17 4.09
CA ARG A 152 3.31 -54.76 4.46
C ARG A 152 3.71 -53.89 3.28
N GLU A 153 4.59 -54.42 2.44
CA GLU A 153 5.07 -53.68 1.28
C GLU A 153 4.02 -53.60 0.19
N VAL A 154 3.11 -54.57 0.18
CA VAL A 154 1.99 -54.56 -0.78
C VAL A 154 1.07 -53.37 -0.47
N ASN A 155 1.05 -52.95 0.79
CA ASN A 155 0.31 -51.77 1.19
C ASN A 155 1.06 -50.50 0.83
N ALA A 156 2.38 -50.58 0.82
CA ALA A 156 3.22 -49.46 0.45
C ALA A 156 3.11 -49.17 -1.04
N VAL A 157 2.99 -50.23 -1.84
CA VAL A 157 2.81 -50.10 -3.28
C VAL A 157 1.39 -49.64 -3.60
N ASP A 158 0.44 -50.10 -2.80
CA ASP A 158 -0.96 -49.72 -2.98
C ASP A 158 -1.19 -48.27 -2.58
N SER A 159 -0.29 -47.74 -1.73
CA SER A 159 -0.42 -46.37 -1.26
C SER A 159 0.30 -45.38 -2.17
N GLU A 160 1.39 -45.81 -2.78
CA GLU A 160 2.14 -44.94 -3.69
C GLU A 160 1.40 -44.79 -5.01
N HIS A 161 0.50 -45.73 -5.29
CA HIS A 161 -0.36 -45.64 -6.46
C HIS A 161 -1.63 -44.86 -6.14
N GLU A 162 -2.06 -44.95 -4.89
CA GLU A 162 -3.27 -44.26 -4.44
C GLU A 162 -3.10 -42.75 -4.49
N LYS A 163 -1.88 -42.28 -4.29
CA LYS A 163 -1.60 -40.85 -4.28
C LYS A 163 -1.53 -40.28 -5.71
N ASN A 164 -1.52 -41.18 -6.69
CA ASN A 164 -1.43 -40.77 -8.09
C ASN A 164 -2.72 -41.02 -8.85
N VAL A 165 -3.75 -41.50 -8.14
CA VAL A 165 -5.04 -41.79 -8.76
C VAL A 165 -5.70 -40.52 -9.28
N MET A 166 -5.75 -39.49 -8.44
CA MET A 166 -6.39 -38.23 -8.81
C MET A 166 -5.41 -37.26 -9.45
N ASN A 167 -4.31 -37.78 -9.97
CA ASN A 167 -3.32 -36.96 -10.65
C ASN A 167 -3.47 -37.04 -12.16
N ASP A 168 -3.66 -35.90 -12.81
CA ASP A 168 -3.97 -35.84 -14.23
C ASP A 168 -2.86 -36.39 -15.12
N ALA A 169 -1.63 -36.33 -14.63
CA ALA A 169 -0.49 -36.83 -15.41
C ALA A 169 -0.54 -38.36 -15.55
N TRP A 170 -0.75 -39.04 -14.43
CA TRP A 170 -0.82 -40.50 -14.43
C TRP A 170 -2.10 -41.00 -15.09
N ARG A 171 -3.17 -40.23 -14.96
CA ARG A 171 -4.45 -40.59 -15.56
C ARG A 171 -4.35 -40.57 -17.09
N LEU A 172 -3.71 -39.55 -17.63
CA LEU A 172 -3.56 -39.43 -19.08
C LEU A 172 -2.47 -40.38 -19.61
N PHE A 173 -1.55 -40.75 -18.74
CA PHE A 173 -0.46 -41.64 -19.13
C PHE A 173 -0.92 -43.08 -19.26
N GLN A 174 -1.79 -43.50 -18.34
CA GLN A 174 -2.31 -44.86 -18.37
C GLN A 174 -3.48 -44.98 -19.34
N LEU A 175 -4.05 -43.84 -19.71
CA LEU A 175 -5.18 -43.82 -20.63
C LEU A 175 -4.70 -44.04 -22.07
N GLU A 176 -3.57 -43.45 -22.43
CA GLU A 176 -3.01 -43.63 -23.76
C GLU A 176 -2.52 -45.07 -23.90
N LYS A 177 -2.30 -45.73 -22.77
CA LYS A 177 -1.97 -47.15 -22.74
C LYS A 177 -3.22 -47.99 -22.97
N ALA A 178 -4.29 -47.63 -22.27
CA ALA A 178 -5.54 -48.39 -22.31
C ALA A 178 -6.26 -48.22 -23.65
N THR A 179 -6.21 -47.01 -24.20
CA THR A 179 -6.88 -46.73 -25.47
C THR A 179 -6.17 -47.37 -26.64
N GLY A 180 -4.95 -47.85 -26.40
CA GLY A 180 -4.17 -48.50 -27.43
C GLY A 180 -4.62 -49.93 -27.69
N ASN A 181 -3.67 -50.85 -27.78
CA ASN A 181 -3.97 -52.25 -28.07
C ASN A 181 -3.94 -53.11 -26.81
N PRO A 182 -5.06 -53.76 -26.50
CA PRO A 182 -5.18 -54.65 -25.33
C PRO A 182 -4.21 -55.83 -25.39
N LYS A 183 -3.80 -56.19 -26.61
CA LYS A 183 -2.88 -57.32 -26.81
C LYS A 183 -1.45 -56.93 -26.46
N HIS A 184 -1.05 -55.74 -26.90
CA HIS A 184 0.31 -55.25 -26.69
C HIS A 184 0.60 -54.99 -25.23
N PRO A 185 1.81 -55.36 -24.77
CA PRO A 185 2.25 -55.15 -23.38
C PRO A 185 2.27 -53.67 -22.96
N PHE A 186 2.11 -52.77 -23.92
CA PHE A 186 2.09 -51.34 -23.63
C PHE A 186 0.84 -50.95 -22.84
N SER A 187 -0.18 -51.80 -22.89
CA SER A 187 -1.43 -51.53 -22.20
C SER A 187 -1.43 -52.07 -20.77
N LYS A 188 -0.37 -52.80 -20.43
CA LYS A 188 -0.25 -53.39 -19.10
C LYS A 188 -0.09 -52.32 -18.02
N PHE A 189 -0.51 -52.66 -16.80
CA PHE A 189 -0.37 -51.76 -15.66
C PHE A 189 1.08 -51.71 -15.19
N GLY A 190 1.64 -50.50 -15.14
CA GLY A 190 3.03 -50.32 -14.75
C GLY A 190 3.23 -50.32 -13.24
N THR A 191 2.44 -49.51 -12.55
CA THR A 191 2.56 -49.37 -11.10
C THR A 191 2.02 -50.58 -10.37
N GLY A 192 0.71 -50.77 -10.41
CA GLY A 192 0.06 -51.89 -9.74
C GLY A 192 -0.34 -51.56 -8.32
N ASN A 193 -1.45 -52.15 -7.87
CA ASN A 193 -1.92 -51.96 -6.51
C ASN A 193 -2.17 -53.28 -5.79
N LYS A 194 -2.79 -53.20 -4.62
CA LYS A 194 -3.08 -54.37 -3.79
C LYS A 194 -3.91 -55.40 -4.54
N TYR A 195 -4.80 -54.93 -5.42
CA TYR A 195 -5.66 -55.82 -6.18
C TYR A 195 -4.87 -56.77 -7.08
N THR A 196 -3.89 -56.23 -7.79
CA THR A 196 -3.11 -57.02 -8.74
C THR A 196 -2.01 -57.82 -8.05
N LEU A 197 -1.66 -57.43 -6.83
CA LEU A 197 -0.54 -58.05 -6.11
C LEU A 197 -0.99 -59.02 -5.03
N GLU A 198 -2.13 -58.74 -4.41
CA GLU A 198 -2.60 -59.56 -3.30
C GLU A 198 -3.98 -60.18 -3.55
N THR A 199 -4.92 -59.36 -4.01
CA THR A 199 -6.30 -59.79 -4.20
C THR A 199 -6.43 -60.83 -5.31
N ARG A 200 -6.12 -60.42 -6.55
CA ARG A 200 -6.24 -61.31 -7.70
C ARG A 200 -5.42 -62.61 -7.60
N PRO A 201 -4.16 -62.54 -7.11
CA PRO A 201 -3.45 -63.82 -6.96
C PRO A 201 -4.09 -64.76 -5.95
N ASN A 202 -4.78 -64.22 -4.95
CA ASN A 202 -5.47 -65.04 -3.96
C ASN A 202 -6.80 -65.58 -4.50
N GLN A 203 -7.39 -64.85 -5.43
CA GLN A 203 -8.64 -65.26 -6.04
C GLN A 203 -8.43 -66.36 -7.07
N GLU A 204 -7.18 -66.50 -7.51
CA GLU A 204 -6.83 -67.52 -8.50
C GLU A 204 -5.80 -68.50 -7.94
N GLY A 205 -5.46 -68.33 -6.67
CA GLY A 205 -4.53 -69.23 -6.00
C GLY A 205 -3.12 -69.13 -6.52
N ILE A 206 -2.50 -67.96 -6.35
CA ILE A 206 -1.12 -67.77 -6.78
C ILE A 206 -0.26 -67.25 -5.62
N VAL A 208 2.58 -66.01 -4.57
CA VAL A 208 3.05 -64.68 -4.93
C VAL A 208 4.55 -64.55 -4.67
N ARG A 209 5.00 -65.08 -3.55
CA ARG A 209 6.42 -65.07 -3.21
C ARG A 209 7.21 -65.94 -4.18
N GLN A 210 6.57 -67.01 -4.66
CA GLN A 210 7.20 -67.90 -5.62
C GLN A 210 7.33 -67.21 -6.98
N GLU A 211 6.42 -66.28 -7.25
CA GLU A 211 6.45 -65.52 -8.49
C GLU A 211 7.56 -64.47 -8.46
N LEU A 212 7.84 -63.94 -7.28
CA LEU A 212 8.93 -62.99 -7.09
C LEU A 212 10.28 -63.67 -7.33
N LEU A 213 10.37 -64.92 -6.90
CA LEU A 213 11.60 -65.68 -7.08
C LEU A 213 11.83 -66.03 -8.55
N LYS A 214 10.75 -66.42 -9.23
CA LYS A 214 10.84 -66.80 -10.64
C LYS A 214 11.13 -65.61 -11.54
N PHE A 215 10.65 -64.43 -11.14
CA PHE A 215 10.86 -63.23 -11.94
C PHE A 215 12.26 -62.69 -11.75
N HIS A 216 12.79 -62.83 -10.55
CA HIS A 216 14.13 -62.35 -10.22
C HIS A 216 15.20 -63.29 -10.78
N SER A 217 14.79 -64.50 -11.14
CA SER A 217 15.73 -65.50 -11.62
C SER A 217 15.58 -65.74 -13.13
N ALA A 218 14.75 -64.94 -13.78
CA ALA A 218 14.51 -65.11 -15.21
C ALA A 218 14.80 -63.84 -15.99
N TYR A 219 14.71 -62.69 -15.31
CA TYR A 219 14.91 -61.41 -15.98
C TYR A 219 16.07 -60.62 -15.38
N TYR A 220 16.27 -60.74 -14.07
CA TYR A 220 17.41 -60.11 -13.42
C TYR A 220 18.68 -60.90 -13.69
N SER A 221 19.12 -60.87 -14.95
CA SER A 221 20.33 -61.57 -15.37
C SER A 221 21.47 -60.58 -15.59
N SER A 222 22.70 -61.09 -15.51
CA SER A 222 23.89 -60.23 -15.61
C SER A 222 24.03 -59.60 -16.99
N ASN A 223 23.54 -60.28 -18.03
CA ASN A 223 23.67 -59.78 -19.39
C ASN A 223 22.74 -58.60 -19.66
N LEU A 224 21.83 -58.34 -18.73
CA LEU A 224 20.92 -57.21 -18.86
C LEU A 224 21.12 -56.20 -17.72
N MET A 225 22.35 -56.12 -17.23
CA MET A 225 22.67 -55.19 -16.14
C MET A 225 23.87 -54.32 -16.47
N ALA A 226 23.89 -53.12 -15.89
CA ALA A 226 24.98 -52.18 -16.09
C ALA A 226 25.34 -51.50 -14.77
N VAL A 227 26.62 -51.58 -14.40
CA VAL A 227 27.07 -51.03 -13.13
C VAL A 227 27.97 -49.82 -13.34
N VAL A 228 27.68 -48.74 -12.61
CA VAL A 228 28.51 -47.55 -12.64
C VAL A 228 28.87 -47.11 -11.22
N VAL A 229 30.16 -47.09 -10.92
CA VAL A 229 30.64 -46.79 -9.57
C VAL A 229 31.53 -45.55 -9.55
N LEU A 230 31.26 -44.64 -8.61
CA LEU A 230 32.05 -43.44 -8.44
C LEU A 230 32.60 -43.36 -7.02
N GLY A 231 33.86 -42.96 -6.90
CA GLY A 231 34.50 -42.85 -5.60
C GLY A 231 35.84 -42.14 -5.63
N ARG A 232 36.47 -42.04 -4.46
CA ARG A 232 37.78 -41.41 -4.35
C ARG A 232 38.90 -42.39 -4.69
N GLU A 233 38.57 -43.68 -4.66
CA GLU A 233 39.56 -44.73 -4.94
C GLU A 233 40.03 -44.67 -6.39
N SER A 234 41.21 -45.23 -6.66
CA SER A 234 41.76 -45.24 -8.00
C SER A 234 41.01 -46.24 -8.88
N LEU A 235 41.33 -46.24 -10.17
CA LEU A 235 40.62 -47.09 -11.13
C LEU A 235 40.87 -48.57 -10.88
N ASP A 236 42.08 -48.92 -10.47
CA ASP A 236 42.44 -50.32 -10.24
C ASP A 236 41.77 -50.87 -8.99
N ASP A 237 41.66 -50.03 -7.96
CA ASP A 237 41.02 -50.44 -6.71
C ASP A 237 39.52 -50.59 -6.88
N LEU A 238 38.94 -49.73 -7.72
CA LEU A 238 37.51 -49.84 -8.03
C LEU A 238 37.24 -51.06 -8.90
N THR A 239 38.20 -51.39 -9.76
CA THR A 239 38.09 -52.57 -10.62
C THR A 239 38.10 -53.84 -9.79
N ASN A 240 39.03 -53.92 -8.85
CA ASN A 240 39.17 -55.10 -7.99
C ASN A 240 38.00 -55.24 -7.02
N LEU A 241 37.24 -54.17 -6.84
CA LEU A 241 36.10 -54.19 -5.93
C LEU A 241 34.82 -54.62 -6.64
N VAL A 242 34.64 -54.14 -7.87
CA VAL A 242 33.48 -54.53 -8.66
C VAL A 242 33.58 -55.99 -9.08
N VAL A 243 34.78 -56.41 -9.47
CA VAL A 243 35.04 -57.80 -9.80
C VAL A 243 34.78 -58.70 -8.59
N LYS A 244 35.13 -58.19 -7.41
CA LYS A 244 34.90 -58.91 -6.16
C LYS A 244 33.41 -59.16 -5.91
N LEU A 245 32.57 -58.18 -6.26
CA LEU A 245 31.17 -58.20 -5.86
C LEU A 245 30.19 -58.52 -7.00
N PHE A 246 30.59 -58.24 -8.24
CA PHE A 246 29.65 -58.36 -9.36
C PHE A 246 30.04 -59.40 -10.42
N SER A 247 31.16 -60.08 -10.22
CA SER A 247 31.55 -61.14 -11.14
C SER A 247 30.92 -62.46 -10.70
N GLU A 248 30.21 -62.42 -9.58
CA GLU A 248 29.54 -63.60 -9.05
C GLU A 248 28.06 -63.62 -9.45
N VAL A 249 27.63 -62.58 -10.15
CA VAL A 249 26.26 -62.49 -10.62
C VAL A 249 25.97 -63.56 -11.66
N GLU A 250 24.87 -64.29 -11.47
CA GLU A 250 24.52 -65.39 -12.36
C GLU A 250 24.15 -64.91 -13.75
N ASN A 251 24.74 -65.53 -14.76
CA ASN A 251 24.41 -65.23 -16.16
C ASN A 251 23.49 -66.30 -16.75
N LYS A 252 22.54 -65.86 -17.55
CA LYS A 252 21.58 -66.78 -18.15
C LYS A 252 21.31 -66.44 -19.62
N ASN A 253 21.97 -65.39 -20.10
CA ASN A 253 21.86 -64.95 -21.49
C ASN A 253 20.41 -64.77 -21.93
N VAL A 254 19.67 -64.00 -21.16
CA VAL A 254 18.26 -63.75 -21.45
C VAL A 254 18.11 -62.79 -22.62
N PRO A 255 17.41 -63.23 -23.68
CA PRO A 255 17.15 -62.40 -24.86
C PRO A 255 16.46 -61.09 -24.49
N LEU A 256 17.06 -59.97 -24.88
CA LEU A 256 16.52 -58.65 -24.58
C LEU A 256 15.12 -58.49 -25.18
N PRO A 257 14.12 -58.21 -24.33
CA PRO A 257 12.74 -58.01 -24.77
C PRO A 257 12.69 -56.91 -25.83
N GLU A 258 12.29 -57.27 -27.04
CA GLU A 258 12.16 -56.29 -28.11
C GLU A 258 10.69 -56.23 -28.50
N PHE A 259 10.21 -55.06 -28.87
CA PHE A 259 8.82 -54.88 -29.27
C PHE A 259 8.73 -54.25 -30.67
N PRO A 260 9.00 -55.05 -31.71
CA PRO A 260 8.93 -54.55 -33.09
C PRO A 260 7.50 -54.19 -33.48
N GLU A 261 6.55 -54.79 -32.78
CA GLU A 261 5.15 -54.48 -32.96
C GLU A 261 4.82 -53.09 -32.40
N HIS A 262 3.79 -52.46 -32.94
CA HIS A 262 3.38 -51.14 -32.48
C HIS A 262 1.96 -51.18 -31.91
N PRO A 263 1.77 -50.61 -30.71
CA PRO A 263 0.48 -50.58 -30.01
C PRO A 263 -0.62 -49.90 -30.81
N PHE A 264 -0.24 -49.06 -31.77
CA PHE A 264 -1.24 -48.37 -32.58
C PHE A 264 -1.35 -49.00 -33.95
N GLN A 265 -2.58 -49.08 -34.45
CA GLN A 265 -2.82 -49.63 -35.77
C GLN A 265 -4.02 -48.97 -36.39
N GLU A 266 -4.49 -49.58 -37.49
CA GLU A 266 -5.66 -49.12 -38.24
C GLU A 266 -6.89 -48.80 -37.38
N GLU A 267 -7.12 -49.59 -36.34
CA GLU A 267 -8.30 -49.44 -35.49
C GLU A 267 -7.96 -48.55 -34.29
N HIS A 268 -6.75 -48.01 -34.32
CA HIS A 268 -6.29 -47.16 -33.23
C HIS A 268 -5.79 -45.79 -33.74
N LEU A 269 -5.82 -45.58 -35.04
CA LEU A 269 -5.39 -44.32 -35.62
C LEU A 269 -6.60 -43.46 -35.97
N LYS A 270 -6.33 -42.16 -36.15
CA LYS A 270 -7.35 -41.20 -36.51
C LYS A 270 -8.53 -41.21 -35.53
N GLN A 271 -8.23 -40.93 -34.26
CA GLN A 271 -9.23 -41.01 -33.22
C GLN A 271 -9.35 -39.71 -32.43
N LEU A 272 -10.47 -39.56 -31.73
CA LEU A 272 -10.68 -38.41 -30.84
C LEU A 272 -10.99 -38.89 -29.43
N TYR A 273 -10.08 -38.62 -28.50
CA TYR A 273 -10.28 -39.02 -27.11
C TYR A 273 -10.60 -37.81 -26.24
N LYS A 274 -11.89 -37.50 -26.12
CA LYS A 274 -12.34 -36.41 -25.27
C LYS A 274 -12.25 -36.83 -23.80
N ILE A 275 -11.30 -36.25 -23.07
CA ILE A 275 -11.01 -36.68 -21.71
C ILE A 275 -11.35 -35.60 -20.68
N VAL A 276 -12.02 -36.01 -19.60
CA VAL A 276 -12.36 -35.10 -18.52
C VAL A 276 -11.29 -35.13 -17.43
N PRO A 277 -10.59 -34.01 -17.24
CA PRO A 277 -9.53 -33.91 -16.23
C PRO A 277 -10.07 -33.57 -14.85
N ILE A 278 -9.24 -33.77 -13.83
CA ILE A 278 -9.63 -33.40 -12.47
C ILE A 278 -9.50 -31.90 -12.29
N LYS A 279 -8.33 -31.36 -12.65
CA LYS A 279 -8.10 -29.92 -12.58
C LYS A 279 -8.82 -29.19 -13.71
N ASP A 280 -8.90 -27.87 -13.60
CA ASP A 280 -9.56 -27.05 -14.61
C ASP A 280 -8.58 -26.64 -15.69
N ILE A 281 -8.10 -27.61 -16.46
CA ILE A 281 -7.16 -27.35 -17.54
C ILE A 281 -7.69 -27.89 -18.87
N ARG A 282 -7.15 -27.37 -19.97
CA ARG A 282 -7.57 -27.80 -21.30
C ARG A 282 -6.37 -28.04 -22.21
N ASN A 283 -5.89 -29.27 -22.25
CA ASN A 283 -4.71 -29.62 -23.04
C ASN A 283 -5.05 -30.51 -24.24
N LEU A 284 -4.48 -30.16 -25.39
CA LEU A 284 -4.66 -30.96 -26.60
C LEU A 284 -3.40 -31.78 -26.87
N TYR A 285 -3.57 -33.07 -27.13
CA TYR A 285 -2.43 -33.95 -27.34
C TYR A 285 -2.46 -34.58 -28.73
N VAL A 286 -1.48 -34.22 -29.56
CA VAL A 286 -1.33 -34.82 -30.89
C VAL A 286 -0.21 -35.84 -30.86
N THR A 287 -0.51 -37.08 -31.23
CA THR A 287 0.47 -38.15 -31.16
C THR A 287 0.71 -38.83 -32.50
N PHE A 288 1.99 -38.90 -32.89
CA PHE A 288 2.39 -39.58 -34.12
C PHE A 288 3.19 -40.84 -33.83
N PRO A 289 2.61 -42.01 -34.14
CA PRO A 289 3.30 -43.30 -33.96
C PRO A 289 4.47 -43.46 -34.92
N ILE A 290 5.69 -43.45 -34.37
CA ILE A 290 6.89 -43.56 -35.19
C ILE A 290 7.74 -44.76 -34.78
N PRO A 291 8.54 -45.29 -35.73
CA PRO A 291 9.47 -46.39 -35.42
C PRO A 291 10.54 -45.98 -34.40
N ASP A 292 11.24 -46.97 -33.86
CA ASP A 292 12.28 -46.72 -32.87
C ASP A 292 13.45 -45.96 -33.48
N LEU A 293 13.74 -44.77 -32.94
CA LEU A 293 14.80 -43.92 -33.47
C LEU A 293 16.04 -43.96 -32.58
N GLN A 294 16.10 -44.96 -31.70
CA GLN A 294 17.21 -45.09 -30.76
C GLN A 294 18.53 -45.42 -31.46
N LYS A 295 18.43 -46.13 -32.58
CA LYS A 295 19.63 -46.56 -33.31
C LYS A 295 20.15 -45.48 -34.25
N TYR A 296 19.44 -44.36 -34.33
CA TYR A 296 19.87 -43.24 -35.18
C TYR A 296 20.42 -42.10 -34.34
N TYR A 297 21.01 -42.42 -33.19
CA TYR A 297 21.46 -41.41 -32.24
C TYR A 297 22.57 -40.52 -32.79
N LYS A 298 23.30 -41.03 -33.79
CA LYS A 298 24.40 -40.27 -34.38
C LYS A 298 23.91 -39.08 -35.18
N SER A 299 22.68 -39.17 -35.69
CA SER A 299 22.06 -38.06 -36.42
C SER A 299 20.87 -37.51 -35.64
N ASN A 300 20.13 -38.42 -35.02
CA ASN A 300 18.97 -38.07 -34.20
C ASN A 300 17.86 -37.25 -34.84
N PRO A 301 17.30 -37.76 -35.95
CA PRO A 301 16.26 -37.03 -36.69
C PRO A 301 15.07 -36.52 -35.86
N GLY A 302 14.83 -37.14 -34.72
CA GLY A 302 13.74 -36.72 -33.84
C GLY A 302 14.08 -35.43 -33.11
N HIS A 303 15.37 -35.24 -32.83
CA HIS A 303 15.84 -34.03 -32.19
C HIS A 303 15.87 -32.88 -33.20
N TYR A 304 16.04 -33.22 -34.46
CA TYR A 304 16.03 -32.24 -35.53
C TYR A 304 14.63 -31.67 -35.75
N LEU A 305 13.68 -32.55 -36.01
CA LEU A 305 12.30 -32.15 -36.26
C LEU A 305 11.65 -31.55 -35.02
N GLY A 306 12.08 -32.02 -33.85
CA GLY A 306 11.57 -31.49 -32.60
C GLY A 306 12.04 -30.07 -32.38
N HIS A 307 13.23 -29.77 -32.90
CA HIS A 307 13.81 -28.44 -32.77
C HIS A 307 13.11 -27.42 -33.66
N LEU A 308 12.66 -27.87 -34.82
CA LEU A 308 12.00 -26.98 -35.78
C LEU A 308 10.53 -26.77 -35.45
N ILE A 309 9.82 -27.86 -35.18
CA ILE A 309 8.39 -27.80 -34.91
C ILE A 309 8.08 -27.07 -33.61
N GLY A 310 8.77 -27.46 -32.54
CA GLY A 310 8.51 -26.89 -31.23
C GLY A 310 9.20 -25.56 -30.99
N HIS A 311 9.76 -24.97 -32.05
CA HIS A 311 10.48 -23.71 -31.92
C HIS A 311 9.55 -22.59 -31.46
N GLU A 312 10.06 -21.70 -30.62
CA GLU A 312 9.25 -20.63 -30.04
C GLU A 312 9.64 -19.26 -30.59
N GLY A 313 10.56 -19.25 -31.56
CA GLY A 313 11.03 -18.02 -32.16
C GLY A 313 10.00 -17.39 -33.09
N PRO A 314 10.34 -16.24 -33.68
CA PRO A 314 9.46 -15.52 -34.59
C PRO A 314 9.12 -16.33 -35.84
N GLY A 315 7.84 -16.33 -36.23
CA GLY A 315 7.41 -17.01 -37.42
C GLY A 315 7.37 -18.52 -37.29
N SER A 316 7.22 -19.00 -36.05
CA SER A 316 7.15 -20.44 -35.80
C SER A 316 5.71 -20.88 -35.59
N LEU A 317 5.52 -22.12 -35.17
CA LEU A 317 4.19 -22.67 -34.96
C LEU A 317 3.54 -22.08 -33.72
N LEU A 318 4.34 -21.81 -32.70
CA LEU A 318 3.84 -21.25 -31.45
C LEU A 318 3.39 -19.80 -31.62
N SER A 319 4.18 -19.02 -32.36
CA SER A 319 3.89 -17.61 -32.57
C SER A 319 2.58 -17.41 -33.33
N GLU A 320 2.34 -18.27 -34.31
CA GLU A 320 1.10 -18.22 -35.08
C GLU A 320 -0.11 -18.59 -34.22
N LEU A 321 0.04 -19.63 -33.41
CA LEU A 321 -1.04 -20.09 -32.56
C LEU A 321 -1.26 -19.17 -31.36
N LYS A 322 -0.34 -18.23 -31.16
CA LYS A 322 -0.47 -17.25 -30.09
C LYS A 322 -1.22 -16.01 -30.56
N SER A 323 -0.88 -15.54 -31.75
CA SER A 323 -1.49 -14.33 -32.31
C SER A 323 -2.96 -14.55 -32.64
N LYS A 324 -3.34 -15.82 -32.87
CA LYS A 324 -4.73 -16.17 -33.12
C LYS A 324 -5.50 -16.27 -31.81
N GLY A 325 -4.77 -16.23 -30.70
CA GLY A 325 -5.37 -16.33 -29.39
C GLY A 325 -6.00 -17.70 -29.16
N TRP A 326 -5.19 -18.74 -29.36
CA TRP A 326 -5.68 -20.12 -29.28
C TRP A 326 -4.94 -20.94 -28.23
N VAL A 327 -3.63 -20.75 -28.14
CA VAL A 327 -2.81 -21.53 -27.21
C VAL A 327 -1.78 -20.65 -26.50
N ASN A 328 -1.17 -21.21 -25.45
CA ASN A 328 -0.14 -20.48 -24.71
C ASN A 328 1.22 -21.16 -24.79
N THR A 329 1.23 -22.49 -24.69
CA THR A 329 2.48 -23.25 -24.75
C THR A 329 2.46 -24.27 -25.89
N LEU A 330 3.65 -24.65 -26.36
CA LEU A 330 3.77 -25.61 -27.45
C LEU A 330 4.98 -26.53 -27.27
N VAL A 331 4.70 -27.83 -27.12
CA VAL A 331 5.70 -28.86 -26.93
C VAL A 331 5.20 -30.13 -27.61
N GLY A 332 6.02 -30.79 -28.44
CA GLY A 332 7.40 -30.45 -28.67
C GLY A 332 8.21 -31.75 -28.71
N GLY A 333 8.98 -31.95 -29.78
CA GLY A 333 9.86 -33.09 -29.87
C GLY A 333 9.24 -34.47 -29.90
N GLN A 334 10.08 -35.49 -29.74
CA GLN A 334 9.65 -36.89 -29.75
C GLN A 334 9.51 -37.44 -28.34
N LYS A 335 8.71 -38.49 -28.19
CA LYS A 335 8.50 -39.13 -26.90
C LYS A 335 9.16 -40.50 -26.86
N GLU A 336 9.33 -41.05 -25.66
CA GLU A 336 9.95 -42.36 -25.50
C GLU A 336 8.91 -43.45 -25.24
N GLY A 337 9.15 -44.63 -25.79
CA GLY A 337 8.26 -45.76 -25.60
C GLY A 337 9.02 -46.99 -25.14
N ALA A 338 9.51 -47.76 -26.10
CA ALA A 338 10.30 -48.96 -25.80
C ALA A 338 11.17 -49.33 -27.00
N ARG A 339 11.94 -50.41 -26.86
CA ARG A 339 12.79 -50.88 -27.93
C ARG A 339 11.96 -51.46 -29.08
N GLY A 340 11.70 -50.63 -30.09
CA GLY A 340 10.92 -51.05 -31.23
C GLY A 340 9.94 -50.00 -31.70
N PHE A 341 9.54 -49.11 -30.80
CA PHE A 341 8.59 -48.05 -31.13
C PHE A 341 8.77 -46.81 -30.27
N MET A 342 8.50 -45.65 -30.86
CA MET A 342 8.51 -44.38 -30.13
C MET A 342 7.30 -43.54 -30.51
N PHE A 343 7.22 -42.33 -29.96
CA PHE A 343 6.14 -41.42 -30.28
C PHE A 343 6.67 -40.03 -30.61
N PHE A 344 6.05 -39.37 -31.59
CA PHE A 344 6.39 -38.00 -31.91
C PHE A 344 5.19 -37.10 -31.61
N ILE A 345 5.19 -36.52 -30.42
CA ILE A 345 4.02 -35.77 -29.93
C ILE A 345 4.16 -34.26 -30.10
N ILE A 346 3.02 -33.61 -30.35
CA ILE A 346 2.94 -32.16 -30.40
C ILE A 346 1.79 -31.69 -29.53
N ASN A 347 2.06 -31.55 -28.24
CA ASN A 347 1.03 -31.16 -27.27
C ASN A 347 0.83 -29.66 -27.25
N VAL A 348 -0.41 -29.23 -27.04
CA VAL A 348 -0.72 -27.81 -27.04
C VAL A 348 -1.94 -27.54 -26.15
N ASP A 349 -1.93 -26.39 -25.47
CA ASP A 349 -3.00 -26.09 -24.52
C ASP A 349 -4.13 -25.31 -25.15
N LEU A 350 -5.36 -25.75 -24.91
CA LEU A 350 -6.54 -25.11 -25.47
C LEU A 350 -7.01 -23.95 -24.60
N THR A 351 -7.17 -22.78 -25.22
CA THR A 351 -7.70 -21.61 -24.52
C THR A 351 -9.17 -21.41 -24.91
N GLU A 352 -9.76 -20.31 -24.43
CA GLU A 352 -11.12 -19.91 -24.78
C GLU A 352 -11.50 -20.21 -26.23
N GLU A 353 -10.71 -19.70 -27.17
CA GLU A 353 -10.97 -19.89 -28.59
C GLU A 353 -10.29 -21.13 -29.15
N GLY A 354 -9.23 -21.58 -28.49
CA GLY A 354 -8.51 -22.76 -28.91
C GLY A 354 -9.35 -24.02 -28.79
N LEU A 355 -10.28 -24.01 -27.83
CA LEU A 355 -11.16 -25.15 -27.61
C LEU A 355 -12.22 -25.24 -28.71
N LEU A 356 -12.61 -24.08 -29.25
CA LEU A 356 -13.61 -24.03 -30.30
C LEU A 356 -12.98 -24.18 -31.69
N HIS A 357 -11.66 -23.95 -31.75
CA HIS A 357 -10.93 -24.04 -33.01
C HIS A 357 -9.83 -25.08 -32.95
N VAL A 358 -10.13 -26.24 -32.35
CA VAL A 358 -9.17 -27.33 -32.24
C VAL A 358 -8.74 -27.82 -33.63
N GLU A 359 -9.72 -27.97 -34.52
CA GLU A 359 -9.46 -28.43 -35.87
C GLU A 359 -8.54 -27.47 -36.62
N ASP A 360 -8.69 -26.17 -36.34
CA ASP A 360 -7.89 -25.15 -37.00
C ASP A 360 -6.46 -25.11 -36.45
N ILE A 361 -6.31 -25.47 -35.19
CA ILE A 361 -4.99 -25.55 -34.56
C ILE A 361 -4.16 -26.65 -35.20
N ILE A 362 -4.76 -27.84 -35.32
CA ILE A 362 -4.11 -28.98 -35.94
C ILE A 362 -3.86 -28.71 -37.43
N LEU A 363 -4.73 -27.92 -38.04
CA LEU A 363 -4.55 -27.52 -39.43
C LEU A 363 -3.26 -26.72 -39.59
N HIS A 364 -3.05 -25.77 -38.68
CA HIS A 364 -1.83 -24.96 -38.70
C HIS A 364 -0.60 -25.81 -38.46
N MET A 365 -0.75 -26.83 -37.62
CA MET A 365 0.36 -27.75 -37.33
C MET A 365 0.84 -28.45 -38.59
N PHE A 366 -0.10 -28.94 -39.39
CA PHE A 366 0.23 -29.60 -40.64
C PHE A 366 0.74 -28.61 -41.68
N GLN A 367 0.31 -27.36 -41.55
CA GLN A 367 0.80 -26.29 -42.42
C GLN A 367 2.28 -26.02 -42.13
N TYR A 368 2.69 -26.28 -40.90
CA TYR A 368 4.09 -26.12 -40.51
C TYR A 368 4.88 -27.36 -40.90
N ILE A 369 4.25 -28.52 -40.80
CA ILE A 369 4.87 -29.77 -41.23
C ILE A 369 5.05 -29.78 -42.74
N GLN A 370 4.04 -29.29 -43.45
CA GLN A 370 4.13 -29.17 -44.91
C GLN A 370 5.18 -28.14 -45.29
N LYS A 371 5.38 -27.14 -44.43
CA LYS A 371 6.41 -26.12 -44.64
C LYS A 371 7.80 -26.73 -44.55
N LEU A 372 7.95 -27.72 -43.67
CA LEU A 372 9.23 -28.41 -43.51
C LEU A 372 9.49 -29.37 -44.66
N ARG A 373 8.44 -30.04 -45.13
CA ARG A 373 8.56 -30.94 -46.26
C ARG A 373 8.87 -30.19 -47.55
N ALA A 374 8.38 -28.96 -47.63
CA ALA A 374 8.58 -28.12 -48.81
C ALA A 374 10.04 -27.69 -48.94
N GLU A 375 10.54 -27.02 -47.90
CA GLU A 375 11.91 -26.51 -47.92
C GLU A 375 12.93 -27.64 -47.78
N GLY A 376 12.47 -28.79 -47.30
CA GLY A 376 13.31 -29.97 -47.19
C GLY A 376 14.32 -29.90 -46.06
N PRO A 377 15.09 -30.98 -45.88
CA PRO A 377 16.13 -31.08 -44.84
C PRO A 377 17.23 -30.05 -45.03
N GLN A 378 17.52 -29.28 -43.99
CA GLN A 378 18.56 -28.26 -44.06
C GLN A 378 19.82 -28.72 -43.34
N GLU A 379 20.96 -28.62 -44.03
CA GLU A 379 22.23 -29.07 -43.48
C GLU A 379 22.79 -28.06 -42.48
N TRP A 380 22.50 -26.78 -42.69
CA TRP A 380 23.00 -25.73 -41.82
C TRP A 380 22.29 -25.74 -40.47
N VAL A 381 21.07 -26.24 -40.45
CA VAL A 381 20.31 -26.39 -39.21
C VAL A 381 20.92 -27.49 -38.35
N PHE A 382 21.19 -28.63 -38.99
CA PHE A 382 21.83 -29.77 -38.33
C PHE A 382 23.21 -29.38 -37.82
N GLN A 383 23.93 -28.59 -38.60
CA GLN A 383 25.25 -28.11 -38.22
C GLN A 383 25.17 -27.20 -37.00
N GLU A 384 24.12 -26.39 -36.95
CA GLU A 384 23.89 -25.50 -35.81
C GLU A 384 23.63 -26.31 -34.55
N LEU A 385 22.87 -27.39 -34.71
CA LEU A 385 22.60 -28.29 -33.58
C LEU A 385 23.87 -29.01 -33.15
N LYS A 386 24.76 -29.28 -34.09
CA LYS A 386 26.02 -29.95 -33.80
C LYS A 386 26.92 -29.06 -32.93
N ASP A 387 27.01 -27.79 -33.29
CA ASP A 387 27.84 -26.84 -32.56
C ASP A 387 27.26 -26.53 -31.18
N LEU A 388 25.95 -26.28 -31.12
CA LEU A 388 25.27 -26.00 -29.87
C LEU A 388 25.45 -27.14 -28.87
N ASN A 389 25.41 -28.36 -29.37
CA ASN A 389 25.58 -29.54 -28.53
C ASN A 389 27.03 -29.77 -28.15
N ALA A 390 27.94 -29.48 -29.07
CA ALA A 390 29.37 -29.66 -28.82
C ALA A 390 29.87 -28.66 -27.79
N VAL A 391 29.39 -27.42 -27.88
CA VAL A 391 29.76 -26.38 -26.92
C VAL A 391 29.16 -26.68 -25.55
N ALA A 392 27.92 -27.16 -25.54
CA ALA A 392 27.25 -27.50 -24.29
C ALA A 392 27.93 -28.68 -23.60
N PHE A 393 28.58 -29.53 -24.38
CA PHE A 393 29.25 -30.71 -23.85
C PHE A 393 30.62 -30.39 -23.28
N ARG A 394 31.33 -29.46 -23.92
CA ARG A 394 32.65 -29.04 -23.48
C ARG A 394 32.53 -28.26 -22.17
N PHE A 395 31.80 -27.15 -22.19
CA PHE A 395 31.53 -26.41 -20.96
C PHE A 395 30.29 -26.98 -20.26
N LYS A 396 30.45 -28.19 -19.72
CA LYS A 396 29.38 -28.96 -19.04
C LYS A 396 29.65 -29.01 -17.56
N ASP A 397 28.64 -28.68 -16.75
CA ASP A 397 28.78 -28.61 -15.30
C ASP A 397 28.94 -29.99 -14.67
N LYS A 398 29.79 -30.06 -13.63
CA LYS A 398 30.03 -31.29 -12.89
C LYS A 398 28.80 -31.67 -12.08
N GLU A 399 28.26 -32.85 -12.35
CA GLU A 399 27.02 -33.30 -11.73
C GLU A 399 27.26 -33.94 -10.38
N ARG A 400 26.21 -34.01 -9.56
CA ARG A 400 26.27 -34.70 -8.28
C ARG A 400 26.31 -36.21 -8.51
N PRO A 401 27.25 -36.90 -7.86
CA PRO A 401 27.54 -38.33 -8.02
C PRO A 401 26.32 -39.25 -8.10
N ARG A 402 25.29 -39.02 -7.30
CA ARG A 402 24.15 -39.93 -7.25
C ARG A 402 23.37 -39.95 -8.57
N GLY A 403 22.86 -38.80 -8.97
CA GLY A 403 22.07 -38.69 -10.19
C GLY A 403 22.88 -38.94 -11.44
N TYR A 404 24.19 -38.72 -11.34
CA TYR A 404 25.09 -38.91 -12.47
C TYR A 404 25.25 -40.39 -12.80
N THR A 405 25.55 -41.18 -11.77
CA THR A 405 25.72 -42.62 -11.94
C THR A 405 24.42 -43.31 -12.31
N SER A 406 23.30 -42.72 -11.90
CA SER A 406 21.99 -43.30 -12.16
C SER A 406 21.64 -43.24 -13.65
N LYS A 407 21.87 -42.08 -14.27
CA LYS A 407 21.51 -41.87 -15.66
C LYS A 407 22.48 -42.56 -16.61
N ILE A 408 23.76 -42.62 -16.21
CA ILE A 408 24.78 -43.26 -17.03
C ILE A 408 24.55 -44.77 -17.10
N ALA A 409 24.20 -45.37 -15.97
CA ALA A 409 23.94 -46.80 -15.90
C ALA A 409 22.74 -47.17 -16.76
N GLY A 410 21.79 -46.24 -16.91
CA GLY A 410 20.61 -46.46 -17.71
C GLY A 410 20.89 -46.46 -19.19
N ILE A 411 21.80 -45.59 -19.62
CA ILE A 411 22.13 -45.45 -21.03
C ILE A 411 23.38 -46.25 -21.40
N LEU A 412 23.80 -47.14 -20.50
CA LEU A 412 24.99 -47.95 -20.72
C LEU A 412 24.70 -49.16 -21.61
N HIS A 413 23.42 -49.50 -21.72
CA HIS A 413 22.99 -50.65 -22.51
C HIS A 413 22.88 -50.31 -23.99
N TYR A 414 22.69 -49.02 -24.28
CA TYR A 414 22.43 -48.57 -25.64
C TYR A 414 23.71 -48.23 -26.39
N TYR A 415 24.60 -47.50 -25.74
CA TYR A 415 25.79 -46.99 -26.40
C TYR A 415 27.04 -47.78 -26.04
N PRO A 416 28.01 -47.82 -26.97
CA PRO A 416 29.30 -48.48 -26.71
C PRO A 416 29.99 -47.90 -25.48
N LEU A 417 30.86 -48.69 -24.85
CA LEU A 417 31.53 -48.30 -23.61
C LEU A 417 32.37 -47.02 -23.75
N GLU A 418 32.95 -46.83 -24.92
CA GLU A 418 33.87 -45.71 -25.15
C GLU A 418 33.16 -44.44 -25.62
N GLU A 419 31.87 -44.54 -25.91
CA GLU A 419 31.13 -43.40 -26.44
C GLU A 419 29.89 -43.09 -25.62
N VAL A 420 29.98 -43.32 -24.30
CA VAL A 420 28.84 -43.10 -23.41
C VAL A 420 28.72 -41.64 -22.98
N LEU A 421 29.81 -41.06 -22.52
CA LEU A 421 29.81 -39.65 -22.11
C LEU A 421 29.50 -38.73 -23.29
N THR A 422 29.81 -39.18 -24.51
CA THR A 422 29.54 -38.42 -25.73
C THR A 422 28.38 -38.99 -26.55
N ALA A 423 27.53 -39.78 -25.91
CA ALA A 423 26.45 -40.45 -26.61
C ALA A 423 25.33 -39.50 -27.05
N GLU A 424 24.75 -38.80 -26.08
CA GLU A 424 23.61 -37.92 -26.35
C GLU A 424 24.03 -36.49 -26.58
N TYR A 425 25.34 -36.26 -26.63
CA TYR A 425 25.86 -34.91 -26.78
C TYR A 425 26.42 -34.59 -28.18
N LEU A 426 27.16 -35.51 -28.78
CA LEU A 426 27.85 -35.20 -30.05
C LEU A 426 27.20 -35.86 -31.26
N LEU A 427 26.99 -35.06 -32.30
CA LEU A 427 26.41 -35.57 -33.54
C LEU A 427 27.30 -35.56 -34.76
N GLU A 428 27.40 -36.70 -35.44
CA GLU A 428 28.43 -36.93 -36.49
C GLU A 428 28.26 -36.73 -38.01
N GLU A 429 27.29 -37.44 -38.58
CA GLU A 429 27.08 -37.48 -40.03
C GLU A 429 25.64 -37.06 -40.34
N PHE A 430 25.49 -35.96 -41.07
CA PHE A 430 24.18 -35.47 -41.49
C PHE A 430 23.46 -36.49 -42.35
N ARG A 431 22.31 -36.93 -41.85
CA ARG A 431 21.50 -37.93 -42.52
C ARG A 431 20.11 -37.38 -42.82
N PRO A 432 19.98 -36.64 -43.94
CA PRO A 432 18.70 -36.04 -44.34
C PRO A 432 17.65 -37.09 -44.68
N ASP A 433 18.09 -38.25 -45.16
CA ASP A 433 17.17 -39.32 -45.53
C ASP A 433 16.46 -39.87 -44.30
N LEU A 434 17.15 -39.87 -43.16
CA LEU A 434 16.55 -40.30 -41.91
C LEU A 434 15.57 -39.25 -41.40
N ILE A 435 15.93 -37.98 -41.60
CA ILE A 435 15.05 -36.87 -41.26
C ILE A 435 13.78 -36.93 -42.09
N GLU A 436 13.95 -37.20 -43.38
CA GLU A 436 12.84 -37.30 -44.31
C GLU A 436 11.96 -38.49 -44.00
N MET A 437 12.56 -39.52 -43.38
CA MET A 437 11.86 -40.75 -43.05
C MET A 437 10.88 -40.54 -41.89
N VAL A 438 11.31 -39.78 -40.89
CA VAL A 438 10.48 -39.49 -39.73
C VAL A 438 9.40 -38.47 -40.08
N LEU A 439 9.78 -37.46 -40.84
CA LEU A 439 8.87 -36.39 -41.23
C LEU A 439 7.73 -36.92 -42.10
N ASP A 440 7.99 -38.00 -42.82
CA ASP A 440 6.96 -38.64 -43.65
C ASP A 440 5.87 -39.27 -42.78
N LYS A 441 6.24 -39.67 -41.57
CA LYS A 441 5.29 -40.28 -40.65
C LYS A 441 4.40 -39.23 -40.01
N LEU A 442 4.71 -37.96 -40.26
CA LEU A 442 3.92 -36.86 -39.72
C LEU A 442 2.85 -36.42 -40.70
N ARG A 443 1.86 -37.28 -40.91
CA ARG A 443 0.77 -36.99 -41.84
C ARG A 443 -0.58 -37.25 -41.19
N PRO A 444 -1.64 -36.57 -41.67
CA PRO A 444 -3.00 -36.74 -41.15
C PRO A 444 -3.50 -38.19 -41.24
N GLU A 445 -2.88 -38.99 -42.10
CA GLU A 445 -3.24 -40.40 -42.23
C GLU A 445 -2.65 -41.21 -41.08
N ASN A 446 -1.77 -40.58 -40.31
CA ASN A 446 -1.07 -41.27 -39.23
C ASN A 446 -1.10 -40.47 -37.93
N VAL A 447 -2.18 -39.71 -37.74
CA VAL A 447 -2.28 -38.82 -36.58
C VAL A 447 -3.22 -39.37 -35.51
N ARG A 448 -2.87 -39.14 -34.25
CA ARG A 448 -3.73 -39.51 -33.14
C ARG A 448 -3.97 -38.31 -32.23
N VAL A 449 -5.20 -37.82 -32.24
CA VAL A 449 -5.55 -36.61 -31.49
C VAL A 449 -6.23 -36.96 -30.16
N ALA A 450 -5.74 -36.35 -29.09
CA ALA A 450 -6.32 -36.55 -27.76
C ALA A 450 -6.61 -35.20 -27.11
N ILE A 451 -7.88 -34.81 -27.09
CA ILE A 451 -8.28 -33.51 -26.57
C ILE A 451 -8.85 -33.61 -25.15
N VAL A 452 -8.25 -32.86 -24.23
CA VAL A 452 -8.66 -32.87 -22.84
C VAL A 452 -9.29 -31.54 -22.45
N SER A 453 -10.49 -31.59 -21.86
CA SER A 453 -11.20 -30.38 -21.46
C SER A 453 -12.22 -30.65 -20.38
N LYS A 454 -12.50 -29.63 -19.57
CA LYS A 454 -13.50 -29.73 -18.50
C LYS A 454 -14.91 -29.54 -19.05
N SER A 455 -15.00 -29.10 -20.30
CA SER A 455 -16.28 -28.86 -20.95
C SER A 455 -16.97 -30.17 -21.31
N PHE A 456 -16.21 -31.26 -21.31
CA PHE A 456 -16.74 -32.57 -21.63
C PHE A 456 -17.35 -33.25 -20.40
N GLU A 457 -17.58 -32.45 -19.35
CA GLU A 457 -18.11 -32.96 -18.10
C GLU A 457 -19.54 -33.49 -18.26
N GLY A 458 -19.71 -34.79 -18.04
CA GLY A 458 -21.02 -35.41 -18.11
C GLY A 458 -21.47 -35.77 -19.51
N LYS A 459 -20.53 -35.70 -20.45
CA LYS A 459 -20.83 -36.07 -21.84
C LYS A 459 -19.89 -37.15 -22.34
N THR A 460 -19.42 -38.00 -21.43
CA THR A 460 -18.52 -39.10 -21.80
C THR A 460 -19.23 -40.44 -21.72
N ASP A 461 -18.73 -41.41 -22.48
CA ASP A 461 -19.38 -42.72 -22.57
C ASP A 461 -18.57 -43.81 -21.90
N ARG A 462 -17.25 -43.75 -22.06
CA ARG A 462 -16.37 -44.81 -21.56
C ARG A 462 -15.67 -44.42 -20.26
N THR A 463 -15.10 -45.42 -19.58
CA THR A 463 -14.42 -45.20 -18.32
C THR A 463 -13.18 -46.09 -18.21
N GLU A 464 -12.05 -45.50 -17.83
CA GLU A 464 -10.81 -46.25 -17.67
C GLU A 464 -10.93 -47.22 -16.50
N GLU A 465 -10.20 -48.31 -16.55
CA GLU A 465 -10.30 -49.37 -15.56
C GLU A 465 -9.63 -49.02 -14.22
N TRP A 466 -8.32 -48.79 -14.26
CA TRP A 466 -7.54 -48.65 -13.05
C TRP A 466 -7.72 -47.31 -12.34
N TYR A 467 -7.82 -46.23 -13.11
CA TYR A 467 -7.94 -44.90 -12.55
C TYR A 467 -9.38 -44.38 -12.54
N GLY A 468 -10.21 -44.97 -13.40
CA GLY A 468 -11.61 -44.57 -13.49
C GLY A 468 -11.78 -43.22 -14.16
N THR A 469 -11.06 -43.01 -15.26
CA THR A 469 -11.11 -41.74 -15.97
C THR A 469 -12.28 -41.70 -16.95
N GLN A 470 -13.09 -40.65 -16.85
CA GLN A 470 -14.21 -40.46 -17.75
C GLN A 470 -13.75 -39.91 -19.09
N TYR A 471 -13.98 -40.68 -20.16
CA TYR A 471 -13.57 -40.24 -21.49
C TYR A 471 -14.50 -40.81 -22.57
N LYS A 472 -14.42 -40.21 -23.76
CA LYS A 472 -15.19 -40.70 -24.91
C LYS A 472 -14.31 -40.80 -26.15
N GLN A 473 -14.40 -41.93 -26.83
CA GLN A 473 -13.61 -42.15 -28.04
C GLN A 473 -14.45 -41.92 -29.29
N GLU A 474 -13.94 -41.09 -30.19
CA GLU A 474 -14.61 -40.80 -31.46
C GLU A 474 -13.64 -40.97 -32.62
N ALA A 475 -14.17 -40.90 -33.84
CA ALA A 475 -13.34 -40.99 -35.03
C ALA A 475 -13.50 -39.75 -35.89
N ILE A 476 -12.38 -39.08 -36.17
CA ILE A 476 -12.40 -37.87 -36.98
C ILE A 476 -12.84 -38.17 -38.42
N PRO A 477 -13.86 -37.42 -38.89
CA PRO A 477 -14.39 -37.57 -40.25
C PRO A 477 -13.31 -37.37 -41.31
N ASP A 478 -13.41 -38.10 -42.42
CA ASP A 478 -12.39 -38.02 -43.47
C ASP A 478 -12.41 -36.67 -44.16
N GLU A 479 -13.51 -35.93 -44.01
CA GLU A 479 -13.63 -34.58 -44.54
C GLU A 479 -12.65 -33.65 -43.83
N VAL A 480 -12.44 -33.90 -42.55
CA VAL A 480 -11.47 -33.13 -41.77
C VAL A 480 -10.05 -33.53 -42.16
N ILE A 481 -9.87 -34.82 -42.45
CA ILE A 481 -8.59 -35.35 -42.89
C ILE A 481 -8.16 -34.70 -44.20
N LYS A 482 -9.11 -34.54 -45.11
CA LYS A 482 -8.85 -33.93 -46.41
C LYS A 482 -8.39 -32.48 -46.25
N LYS A 483 -8.97 -31.78 -45.29
CA LYS A 483 -8.62 -30.40 -45.02
C LYS A 483 -7.18 -30.27 -44.50
N TRP A 484 -6.77 -31.25 -43.69
CA TRP A 484 -5.43 -31.27 -43.12
C TRP A 484 -4.40 -31.67 -44.17
N GLN A 485 -4.77 -32.60 -45.04
CA GLN A 485 -3.89 -33.01 -46.13
C GLN A 485 -3.80 -31.91 -47.18
N ASN A 486 -4.95 -31.47 -47.68
CA ASN A 486 -4.99 -30.37 -48.63
C ASN A 486 -4.97 -29.03 -47.90
N ALA A 487 -3.80 -28.66 -47.37
CA ALA A 487 -3.65 -27.43 -46.62
C ALA A 487 -2.66 -26.48 -47.29
N ASP A 488 -3.10 -25.24 -47.53
CA ASP A 488 -2.22 -24.23 -48.13
C ASP A 488 -1.16 -23.79 -47.15
N LEU A 489 0.04 -23.54 -47.65
CA LEU A 489 1.16 -23.12 -46.81
C LEU A 489 0.92 -21.73 -46.24
N ASN A 490 1.01 -21.61 -44.92
CA ASN A 490 0.84 -20.33 -44.24
C ASN A 490 2.08 -19.47 -44.36
N GLY A 491 1.89 -18.22 -44.72
CA GLY A 491 3.00 -17.29 -44.91
C GLY A 491 3.72 -16.93 -43.63
N LYS A 492 3.00 -17.06 -42.51
CA LYS A 492 3.58 -16.74 -41.20
C LYS A 492 4.66 -17.74 -40.79
N PHE A 493 4.53 -18.97 -41.26
CA PHE A 493 5.48 -20.03 -40.92
C PHE A 493 6.81 -19.85 -41.65
N LYS A 494 7.82 -19.43 -40.91
CA LYS A 494 9.15 -19.22 -41.47
C LYS A 494 10.18 -20.06 -40.70
N LEU A 495 11.18 -20.56 -41.42
CA LEU A 495 12.26 -21.29 -40.78
C LEU A 495 13.12 -20.36 -39.95
N PRO A 496 13.43 -20.76 -38.71
CA PRO A 496 14.25 -19.97 -37.78
C PRO A 496 15.59 -19.57 -38.39
N THR A 497 15.98 -18.31 -38.21
CA THR A 497 17.24 -17.83 -38.76
C THR A 497 18.42 -18.27 -37.91
N LYS A 498 19.60 -17.75 -38.22
CA LYS A 498 20.82 -18.10 -37.50
C LYS A 498 20.75 -17.63 -36.04
N ASN A 499 21.08 -18.53 -35.12
CA ASN A 499 21.08 -18.20 -33.70
C ASN A 499 22.14 -17.15 -33.39
N GLU A 500 21.69 -15.92 -33.17
CA GLU A 500 22.61 -14.81 -32.96
C GLU A 500 22.98 -14.65 -31.48
N PHE A 501 22.60 -15.63 -30.67
CA PHE A 501 22.92 -15.60 -29.26
C PHE A 501 23.95 -16.65 -28.87
N ILE A 502 24.50 -17.33 -29.87
CA ILE A 502 25.54 -18.32 -29.63
C ILE A 502 26.84 -17.67 -29.17
N PRO A 503 27.29 -18.01 -27.96
CA PRO A 503 28.51 -17.42 -27.39
C PRO A 503 29.75 -17.74 -28.21
N THR A 504 30.62 -16.76 -28.39
CA THR A 504 31.85 -16.94 -29.15
C THR A 504 33.08 -16.69 -28.28
N ASN A 505 32.87 -15.97 -27.18
CA ASN A 505 33.96 -15.70 -26.25
C ASN A 505 33.83 -16.52 -24.98
N PHE A 506 34.71 -17.52 -24.83
CA PHE A 506 34.71 -18.38 -23.66
C PHE A 506 35.93 -18.10 -22.80
N GLU A 507 36.47 -16.89 -22.91
CA GLU A 507 37.66 -16.49 -22.18
C GLU A 507 37.36 -16.37 -20.68
N ILE A 508 38.11 -17.12 -19.88
CA ILE A 508 37.97 -17.06 -18.43
C ILE A 508 38.86 -15.98 -17.84
N LEU A 509 38.24 -14.95 -17.27
CA LEU A 509 38.98 -13.84 -16.70
C LEU A 509 39.79 -14.26 -15.47
N PRO A 510 41.10 -13.99 -15.50
CA PRO A 510 42.02 -14.35 -14.40
C PRO A 510 41.60 -13.74 -13.07
N LEU A 511 41.93 -14.41 -11.97
CA LEU A 511 41.59 -13.93 -10.64
C LEU A 511 42.28 -12.62 -10.32
N GLU A 512 41.52 -11.67 -9.78
CA GLU A 512 42.05 -10.37 -9.43
C GLU A 512 42.82 -10.41 -8.11
N LYS A 513 43.55 -9.33 -7.82
CA LYS A 513 44.37 -9.26 -6.62
C LYS A 513 43.53 -9.06 -5.37
N GLU A 514 42.28 -8.62 -5.56
CA GLU A 514 41.38 -8.38 -4.44
C GLU A 514 40.30 -9.45 -4.37
N ALA A 515 40.66 -10.67 -4.78
CA ALA A 515 39.73 -11.79 -4.80
C ALA A 515 39.24 -12.15 -3.40
N THR A 516 38.00 -12.61 -3.31
CA THR A 516 37.40 -12.97 -2.03
C THR A 516 36.83 -14.39 -2.06
N PRO A 517 37.08 -15.16 -0.99
CA PRO A 517 36.56 -16.52 -0.87
C PRO A 517 35.05 -16.54 -0.67
N TYR A 518 34.51 -15.47 -0.12
CA TYR A 518 33.07 -15.34 0.08
C TYR A 518 32.55 -14.05 -0.56
N PRO A 519 31.31 -14.06 -1.07
CA PRO A 519 30.71 -12.89 -1.71
C PRO A 519 30.70 -11.67 -0.80
N ALA A 520 31.28 -10.58 -1.28
CA ALA A 520 31.40 -9.36 -0.48
C ALA A 520 30.45 -8.28 -0.97
N LEU A 521 30.25 -7.25 -0.14
CA LEU A 521 29.40 -6.12 -0.48
C LEU A 521 30.27 -4.97 -1.02
N ILE A 522 30.00 -4.56 -2.24
CA ILE A 522 30.82 -3.52 -2.88
C ILE A 522 30.02 -2.26 -3.19
N LYS A 523 28.70 -2.34 -3.08
CA LYS A 523 27.84 -1.20 -3.38
C LYS A 523 26.66 -1.13 -2.43
N ASP A 524 26.76 -0.24 -1.44
CA ASP A 524 25.70 -0.07 -0.46
C ASP A 524 25.13 1.35 -0.51
N THR A 525 24.06 1.52 -1.29
CA THR A 525 23.40 2.82 -1.41
C THR A 525 21.92 2.70 -1.07
N ALA A 526 21.22 3.83 -1.10
CA ALA A 526 19.80 3.86 -0.79
C ALA A 526 18.99 3.20 -1.91
N MET A 527 19.53 3.23 -3.13
CA MET A 527 18.84 2.66 -4.29
C MET A 527 18.94 1.14 -4.32
N SER A 528 20.16 0.62 -4.22
CA SER A 528 20.37 -0.81 -4.37
C SER A 528 21.62 -1.32 -3.64
N LYS A 529 21.53 -2.55 -3.15
CA LYS A 529 22.66 -3.21 -2.51
C LYS A 529 23.20 -4.31 -3.41
N LEU A 530 24.50 -4.28 -3.67
CA LEU A 530 25.11 -5.21 -4.62
C LEU A 530 26.11 -6.16 -3.96
N TRP A 531 25.96 -7.45 -4.25
CA TRP A 531 26.89 -8.47 -3.77
C TRP A 531 27.66 -9.07 -4.95
N PHE A 532 28.98 -9.15 -4.82
CA PHE A 532 29.82 -9.65 -5.90
C PHE A 532 30.76 -10.76 -5.46
N LYS A 533 30.70 -11.87 -6.19
CA LYS A 533 31.59 -13.01 -5.95
C LYS A 533 32.08 -13.57 -7.28
N GLN A 534 33.31 -13.21 -7.65
CA GLN A 534 33.91 -13.75 -8.86
C GLN A 534 34.24 -15.22 -8.65
N ASP A 535 33.95 -16.04 -9.66
CA ASP A 535 34.12 -17.49 -9.53
C ASP A 535 35.59 -17.90 -9.46
N ASP A 536 35.91 -18.73 -8.48
CA ASP A 536 37.27 -19.22 -8.30
C ASP A 536 37.30 -20.72 -8.03
N LYS A 537 36.22 -21.41 -8.41
CA LYS A 537 36.11 -22.85 -8.16
C LYS A 537 35.88 -23.67 -9.43
N PHE A 538 35.00 -23.19 -10.31
CA PHE A 538 34.58 -24.00 -11.45
C PHE A 538 35.22 -23.54 -12.77
N PHE A 539 35.46 -22.24 -12.90
CA PHE A 539 36.21 -21.68 -14.02
C PHE A 539 35.58 -21.98 -15.38
N LEU A 540 34.29 -21.68 -15.48
CA LEU A 540 33.55 -21.82 -16.72
C LEU A 540 33.31 -20.41 -17.28
N PRO A 541 32.60 -20.29 -18.42
CA PRO A 541 32.42 -18.97 -19.05
C PRO A 541 31.00 -18.53 -18.77
N LYS A 542 30.48 -18.98 -17.63
CA LYS A 542 29.11 -18.70 -17.25
C LYS A 542 29.07 -17.77 -16.05
N ALA A 543 27.88 -17.27 -15.74
CA ALA A 543 27.69 -16.36 -14.63
C ALA A 543 26.21 -16.33 -14.22
N ASN A 544 25.97 -16.26 -12.92
CA ASN A 544 24.61 -16.20 -12.40
C ASN A 544 24.28 -14.80 -11.88
N LEU A 545 23.24 -14.20 -12.46
CA LEU A 545 22.84 -12.84 -12.09
C LEU A 545 21.46 -12.82 -11.45
N ASN A 546 21.43 -12.78 -10.12
CA ASN A 546 20.15 -12.71 -9.40
C ASN A 546 19.83 -11.28 -8.96
N PHE A 547 18.58 -10.88 -9.16
CA PHE A 547 18.14 -9.54 -8.78
C PHE A 547 16.83 -9.58 -8.00
N GLU A 548 16.82 -8.93 -6.84
CA GLU A 548 15.63 -8.89 -5.99
C GLU A 548 15.11 -7.46 -5.85
N PHE A 549 13.94 -7.20 -6.43
CA PHE A 549 13.34 -5.87 -6.40
C PHE A 549 12.34 -5.73 -5.25
N PHE A 550 12.63 -4.83 -4.32
CA PHE A 550 11.74 -4.57 -3.19
C PHE A 550 10.73 -3.47 -3.51
N SER A 551 9.46 -3.72 -3.18
CA SER A 551 8.41 -2.73 -3.38
C SER A 551 7.21 -3.02 -2.48
N PRO A 552 6.74 -1.98 -1.77
CA PRO A 552 5.61 -2.09 -0.83
C PRO A 552 4.28 -2.39 -1.52
N PHE A 553 4.11 -1.92 -2.75
CA PHE A 553 2.84 -2.06 -3.46
C PHE A 553 2.71 -3.39 -4.19
N ALA A 554 3.53 -4.38 -3.80
CA ALA A 554 3.50 -5.68 -4.45
C ALA A 554 2.62 -6.67 -3.70
N TYR A 555 2.64 -6.59 -2.38
CA TYR A 555 1.97 -7.59 -1.55
C TYR A 555 1.15 -6.94 -0.43
N VAL A 556 0.83 -5.66 -0.59
CA VAL A 556 0.08 -4.93 0.42
C VAL A 556 -1.36 -5.45 0.54
N ASP A 557 -1.93 -5.89 -0.58
CA ASP A 557 -3.27 -6.44 -0.60
C ASP A 557 -3.40 -7.45 -1.73
N PRO A 558 -4.34 -8.40 -1.61
CA PRO A 558 -4.57 -9.42 -2.64
C PRO A 558 -4.75 -8.85 -4.04
N LEU A 559 -5.26 -7.63 -4.14
CA LEU A 559 -5.43 -6.97 -5.43
C LEU A 559 -4.09 -6.73 -6.11
N HIS A 560 -3.17 -6.09 -5.39
CA HIS A 560 -1.85 -5.81 -5.92
C HIS A 560 -1.03 -7.08 -6.08
N SER A 561 -1.31 -8.07 -5.24
CA SER A 561 -0.64 -9.36 -5.33
C SER A 561 -0.97 -10.04 -6.65
N ASN A 562 -2.20 -9.87 -7.11
CA ASN A 562 -2.64 -10.42 -8.38
C ASN A 562 -2.10 -9.60 -9.56
N MET A 563 -2.13 -8.28 -9.41
CA MET A 563 -1.65 -7.39 -10.47
C MET A 563 -0.14 -7.48 -10.65
N ALA A 564 0.55 -7.93 -9.60
CA ALA A 564 2.00 -8.12 -9.67
C ALA A 564 2.34 -9.41 -10.41
N TYR A 565 1.57 -10.45 -10.16
CA TYR A 565 1.76 -11.73 -10.84
C TYR A 565 1.42 -11.61 -12.32
N LEU A 566 0.32 -10.91 -12.61
CA LEU A 566 -0.11 -10.70 -13.99
C LEU A 566 0.89 -9.83 -14.75
N TYR A 567 1.59 -8.98 -14.02
CA TYR A 567 2.58 -8.08 -14.62
C TYR A 567 3.79 -8.84 -15.16
N LEU A 568 4.34 -9.73 -14.33
CA LEU A 568 5.53 -10.48 -14.72
C LEU A 568 5.20 -11.58 -15.72
N GLU A 569 3.98 -12.11 -15.65
CA GLU A 569 3.54 -13.14 -16.58
C GLU A 569 3.29 -12.53 -17.97
N LEU A 570 2.81 -11.30 -17.99
CA LEU A 570 2.63 -10.57 -19.25
C LEU A 570 3.98 -10.18 -19.83
N LEU A 571 4.94 -9.93 -18.94
CA LEU A 571 6.28 -9.52 -19.37
C LEU A 571 7.06 -10.71 -19.94
N LYS A 572 6.91 -11.87 -19.32
CA LYS A 572 7.56 -13.08 -19.81
C LYS A 572 6.89 -13.57 -21.08
N ASP A 573 5.62 -13.23 -21.23
CA ASP A 573 4.86 -13.58 -22.43
C ASP A 573 5.29 -12.72 -23.61
N SER A 574 5.61 -11.46 -23.33
CA SER A 574 6.01 -10.52 -24.37
C SER A 574 7.43 -10.78 -24.86
N LEU A 575 8.26 -11.33 -23.98
CA LEU A 575 9.66 -11.59 -24.33
C LEU A 575 9.92 -13.07 -24.57
N ASN A 576 8.86 -13.83 -24.77
CA ASN A 576 8.97 -15.27 -24.97
C ASN A 576 9.79 -15.64 -26.20
N GLU A 577 9.55 -14.96 -27.30
CA GLU A 577 10.25 -15.24 -28.55
C GLU A 577 11.73 -14.86 -28.46
N TYR A 578 12.00 -13.67 -27.93
CA TYR A 578 13.36 -13.14 -27.87
C TYR A 578 14.23 -13.91 -26.88
N ALA A 579 13.60 -14.46 -25.84
CA ALA A 579 14.34 -15.17 -24.80
C ALA A 579 14.63 -16.61 -25.19
N TYR A 580 13.78 -17.17 -26.04
CA TYR A 580 13.93 -18.56 -26.46
C TYR A 580 15.16 -18.75 -27.37
N ALA A 581 15.46 -17.72 -28.15
CA ALA A 581 16.62 -17.77 -29.04
C ALA A 581 17.92 -17.85 -28.25
N ALA A 582 17.89 -17.26 -27.05
CA ALA A 582 19.05 -17.31 -26.15
C ALA A 582 18.94 -18.51 -25.22
N GLU A 583 17.76 -19.09 -25.15
CA GLU A 583 17.53 -20.27 -24.32
C GLU A 583 18.25 -21.48 -24.89
N LEU A 584 18.25 -21.58 -26.22
CA LEU A 584 18.92 -22.68 -26.90
C LEU A 584 20.43 -22.52 -26.82
N ALA A 585 20.89 -21.28 -26.63
CA ALA A 585 22.32 -21.00 -26.55
C ALA A 585 22.82 -21.05 -25.11
N GLY A 586 22.04 -21.68 -24.24
CA GLY A 586 22.44 -21.86 -22.86
C GLY A 586 22.42 -20.59 -22.02
N LEU A 587 21.59 -19.64 -22.43
CA LEU A 587 21.42 -18.40 -21.66
C LEU A 587 19.97 -18.23 -21.25
N SER A 588 19.64 -18.65 -20.03
CA SER A 588 18.27 -18.63 -19.54
C SER A 588 18.02 -17.49 -18.57
N TYR A 589 16.76 -17.32 -18.18
CA TYR A 589 16.38 -16.32 -17.19
C TYR A 589 15.08 -16.72 -16.52
N ASP A 590 14.95 -16.35 -15.24
CA ASP A 590 13.72 -16.64 -14.49
C ASP A 590 13.18 -15.36 -13.87
N LEU A 591 11.88 -15.15 -13.99
CA LEU A 591 11.24 -13.94 -13.47
C LEU A 591 9.95 -14.26 -12.75
N GLN A 592 10.01 -14.34 -11.42
CA GLN A 592 8.84 -14.60 -10.61
C GLN A 592 8.73 -13.59 -9.47
N ASN A 593 7.51 -13.30 -9.04
CA ASN A 593 7.27 -12.35 -7.97
C ASN A 593 7.19 -13.02 -6.61
N THR A 594 7.83 -12.42 -5.61
CA THR A 594 7.82 -12.94 -4.25
C THR A 594 6.99 -12.05 -3.33
N ILE A 595 6.95 -12.40 -2.05
CA ILE A 595 6.17 -11.65 -1.08
C ILE A 595 6.75 -10.26 -0.82
N TYR A 596 8.01 -10.07 -1.21
CA TYR A 596 8.68 -8.78 -1.00
C TYR A 596 8.67 -7.93 -2.27
N GLY A 597 8.53 -8.59 -3.43
CA GLY A 597 8.49 -7.89 -4.70
C GLY A 597 8.75 -8.81 -5.88
N MET A 598 9.76 -8.46 -6.69
CA MET A 598 10.09 -9.24 -7.87
C MET A 598 11.39 -10.02 -7.67
N TYR A 599 11.65 -10.97 -8.57
CA TYR A 599 12.88 -11.75 -8.52
C TYR A 599 13.35 -12.13 -9.91
N LEU A 600 14.42 -11.48 -10.35
CA LEU A 600 15.00 -11.76 -11.66
C LEU A 600 16.29 -12.57 -11.51
N SER A 601 16.42 -13.63 -12.30
CA SER A 601 17.58 -14.50 -12.21
C SER A 601 18.06 -14.96 -13.59
N VAL A 602 19.10 -14.30 -14.09
CA VAL A 602 19.68 -14.66 -15.38
C VAL A 602 20.89 -15.56 -15.20
N LYS A 603 20.78 -16.79 -15.68
CA LYS A 603 21.85 -17.78 -15.53
C LYS A 603 22.26 -18.36 -16.87
N GLY A 604 23.56 -18.30 -17.16
CA GLY A 604 24.09 -18.84 -18.40
C GLY A 604 25.43 -18.23 -18.78
N TYR A 605 25.79 -18.37 -20.06
CA TYR A 605 27.04 -17.81 -20.57
C TYR A 605 27.05 -16.28 -20.46
N ASN A 606 28.16 -15.73 -20.00
CA ASN A 606 28.25 -14.30 -19.77
C ASN A 606 28.70 -13.52 -21.00
N ASP A 607 28.75 -14.20 -22.16
CA ASP A 607 29.19 -13.56 -23.39
C ASP A 607 28.18 -12.53 -23.88
N LYS A 608 26.97 -12.97 -24.16
CA LYS A 608 25.91 -12.08 -24.63
C LYS A 608 24.84 -11.91 -23.56
N GLN A 609 25.25 -12.05 -22.30
CA GLN A 609 24.34 -11.94 -21.17
C GLN A 609 23.88 -10.51 -20.86
N PRO A 610 24.78 -9.51 -20.94
CA PRO A 610 24.28 -8.15 -20.71
C PRO A 610 23.28 -7.68 -21.78
N ILE A 611 23.33 -8.30 -22.95
CA ILE A 611 22.39 -7.97 -24.02
C ILE A 611 20.98 -8.43 -23.67
N LEU A 612 20.88 -9.62 -23.10
CA LEU A 612 19.61 -10.17 -22.69
C LEU A 612 19.04 -9.39 -21.51
N LEU A 613 19.89 -9.08 -20.53
CA LEU A 613 19.47 -8.37 -19.33
C LEU A 613 18.97 -6.97 -19.65
N LYS A 614 19.67 -6.28 -20.55
CA LYS A 614 19.28 -4.93 -20.94
C LYS A 614 17.91 -4.91 -21.60
N LYS A 615 17.65 -5.92 -22.43
CA LYS A 615 16.37 -6.02 -23.14
C LYS A 615 15.24 -6.35 -22.19
N ILE A 616 15.57 -7.09 -21.13
CA ILE A 616 14.59 -7.46 -20.11
C ILE A 616 14.18 -6.24 -19.29
N ILE A 617 15.17 -5.53 -18.76
CA ILE A 617 14.93 -4.36 -17.93
C ILE A 617 14.24 -3.24 -18.71
N GLU A 618 14.65 -3.04 -19.95
CA GLU A 618 14.09 -1.98 -20.79
C GLU A 618 12.63 -2.25 -21.12
N LYS A 619 12.29 -3.51 -21.32
CA LYS A 619 10.92 -3.90 -21.59
C LYS A 619 10.12 -3.99 -20.30
N MET A 620 10.83 -4.08 -19.18
CA MET A 620 10.21 -4.14 -17.87
C MET A 620 9.72 -2.77 -17.42
N ALA A 621 10.55 -1.75 -17.66
CA ALA A 621 10.22 -0.38 -17.29
C ALA A 621 9.09 0.18 -18.14
N THR A 622 9.25 0.07 -19.46
CA THR A 622 8.24 0.55 -20.39
C THR A 622 7.48 -0.61 -21.03
N PHE A 623 6.44 -1.08 -20.35
CA PHE A 623 5.64 -2.18 -20.84
C PHE A 623 4.23 -1.72 -21.19
N GLU A 624 3.83 -1.94 -22.44
CA GLU A 624 2.47 -1.63 -22.88
C GLU A 624 1.63 -2.89 -22.93
N ILE A 625 0.58 -2.92 -22.13
CA ILE A 625 -0.25 -4.12 -21.98
C ILE A 625 -1.22 -4.31 -23.13
N ASP A 626 -1.26 -5.53 -23.68
CA ASP A 626 -2.23 -5.89 -24.69
C ASP A 626 -3.46 -6.50 -24.04
N GLU A 627 -4.63 -5.97 -24.37
CA GLU A 627 -5.88 -6.38 -23.71
C GLU A 627 -6.22 -7.84 -23.96
N LYS A 628 -5.95 -8.33 -25.16
CA LYS A 628 -6.24 -9.72 -25.50
C LYS A 628 -5.39 -10.67 -24.68
N ARG A 629 -4.10 -10.37 -24.59
CA ARG A 629 -3.17 -11.20 -23.80
C ARG A 629 -3.41 -11.01 -22.31
N PHE A 630 -3.97 -9.86 -21.94
CA PHE A 630 -4.32 -9.59 -20.55
C PHE A 630 -5.45 -10.49 -20.07
N GLU A 631 -6.48 -10.62 -20.90
CA GLU A 631 -7.64 -11.44 -20.55
C GLU A 631 -7.28 -12.92 -20.49
N ILE A 632 -6.39 -13.35 -21.37
CA ILE A 632 -5.99 -14.75 -21.45
C ILE A 632 -5.19 -15.18 -20.22
N ILE A 633 -4.17 -14.38 -19.89
CA ILE A 633 -3.33 -14.68 -18.73
C ILE A 633 -4.11 -14.59 -17.43
N LYS A 634 -5.00 -13.59 -17.34
CA LYS A 634 -5.84 -13.42 -16.16
C LYS A 634 -6.76 -14.61 -15.96
N GLU A 635 -7.26 -15.15 -17.07
CA GLU A 635 -8.15 -16.31 -17.03
C GLU A 635 -7.38 -17.57 -16.61
N ALA A 636 -6.19 -17.74 -17.18
CA ALA A 636 -5.35 -18.89 -16.88
C ALA A 636 -4.87 -18.85 -15.44
N TYR A 637 -4.77 -17.65 -14.88
CA TYR A 637 -4.34 -17.48 -13.49
C TYR A 637 -5.48 -17.77 -12.53
N MET A 638 -6.71 -17.48 -12.96
CA MET A 638 -7.88 -17.75 -12.15
C MET A 638 -8.08 -19.26 -11.97
N ARG A 639 -7.99 -19.99 -13.08
CA ARG A 639 -8.13 -21.44 -13.03
C ARG A 639 -6.98 -22.08 -12.25
N SER A 640 -5.81 -21.47 -12.34
CA SER A 640 -4.64 -21.96 -11.63
C SER A 640 -4.82 -21.90 -10.12
N LEU A 641 -5.58 -20.89 -9.66
CA LEU A 641 -5.89 -20.77 -8.24
C LEU A 641 -7.00 -21.75 -7.85
N ASN A 642 -7.75 -22.19 -8.86
CA ASN A 642 -8.78 -23.20 -8.64
C ASN A 642 -8.21 -24.60 -8.85
N ASN A 643 -7.04 -24.68 -9.47
CA ASN A 643 -6.35 -25.96 -9.65
C ASN A 643 -5.60 -26.34 -8.39
N PHE A 644 -5.38 -25.37 -7.51
CA PHE A 644 -4.75 -25.62 -6.22
C PHE A 644 -5.67 -26.45 -5.34
N ARG A 645 -6.95 -26.46 -5.70
CA ARG A 645 -7.98 -27.20 -4.98
C ARG A 645 -7.74 -28.71 -5.01
N ALA A 646 -7.08 -29.19 -6.05
CA ALA A 646 -6.97 -30.63 -6.28
C ALA A 646 -5.58 -31.18 -6.00
N GLU A 647 -4.80 -30.49 -5.18
CA GLU A 647 -3.44 -30.92 -4.88
C GLU A 647 -3.41 -31.94 -3.74
N GLN A 648 -2.28 -32.62 -3.59
CA GLN A 648 -2.14 -33.67 -2.57
C GLN A 648 -2.16 -33.07 -1.16
N PRO A 649 -2.71 -33.82 -0.19
CA PRO A 649 -2.92 -33.38 1.19
C PRO A 649 -1.68 -32.82 1.89
N HIS A 650 -0.53 -33.47 1.73
CA HIS A 650 0.68 -33.06 2.43
C HIS A 650 1.15 -31.68 1.97
N GLN A 651 0.85 -31.34 0.72
CA GLN A 651 1.20 -30.03 0.17
C GLN A 651 0.28 -28.95 0.74
N HIS A 652 -0.95 -29.33 1.06
CA HIS A 652 -1.89 -28.40 1.67
C HIS A 652 -1.52 -28.14 3.13
N ALA A 653 -1.00 -29.16 3.80
CA ALA A 653 -0.55 -29.03 5.17
C ALA A 653 0.63 -28.06 5.26
N MET A 654 1.55 -28.17 4.30
CA MET A 654 2.70 -27.29 4.24
C MET A 654 2.29 -25.89 3.83
N TYR A 655 1.25 -25.80 3.00
CA TYR A 655 0.72 -24.52 2.57
C TYR A 655 0.01 -23.80 3.71
N TYR A 656 -0.78 -24.55 4.47
CA TYR A 656 -1.53 -23.97 5.58
C TYR A 656 -0.61 -23.54 6.71
N LEU A 657 0.46 -24.31 6.94
CA LEU A 657 1.42 -23.99 7.98
C LEU A 657 2.16 -22.69 7.65
N ARG A 658 2.45 -22.49 6.37
CA ARG A 658 3.09 -21.26 5.92
C ARG A 658 2.15 -20.09 6.13
N LEU A 659 0.86 -20.32 5.94
CA LEU A 659 -0.16 -19.28 6.13
C LEU A 659 -0.26 -18.89 7.60
N LEU A 660 -0.28 -19.89 8.47
CA LEU A 660 -0.46 -19.66 9.91
C LEU A 660 0.69 -18.88 10.53
N MET A 661 1.91 -19.39 10.38
CA MET A 661 3.06 -18.86 11.09
C MET A 661 3.52 -17.50 10.56
N THR A 662 3.14 -17.18 9.32
CA THR A 662 3.57 -15.93 8.71
C THR A 662 2.68 -14.75 9.13
N GLU A 663 3.28 -13.58 9.31
CA GLU A 663 2.56 -12.39 9.71
C GLU A 663 1.49 -12.00 8.69
N VAL A 664 1.89 -11.95 7.41
CA VAL A 664 0.96 -11.60 6.34
C VAL A 664 1.01 -12.60 5.20
N ALA A 665 -0.15 -13.16 4.87
CA ALA A 665 -0.27 -14.12 3.77
C ALA A 665 -1.69 -14.13 3.22
N TRP A 666 -1.82 -14.22 1.90
CA TRP A 666 -3.13 -14.21 1.26
C TRP A 666 -3.49 -15.58 0.71
N THR A 667 -4.68 -16.07 1.08
CA THR A 667 -5.15 -17.36 0.62
C THR A 667 -5.58 -17.30 -0.84
N LYS A 668 -5.70 -18.47 -1.46
CA LYS A 668 -6.06 -18.57 -2.87
C LYS A 668 -7.45 -18.03 -3.16
N ASP A 669 -8.37 -18.25 -2.23
CA ASP A 669 -9.78 -17.89 -2.43
C ASP A 669 -10.00 -16.37 -2.48
N GLU A 670 -9.26 -15.63 -1.68
CA GLU A 670 -9.40 -14.18 -1.66
C GLU A 670 -8.49 -13.52 -2.68
N LEU A 671 -7.71 -14.33 -3.39
CA LEU A 671 -6.90 -13.84 -4.49
C LEU A 671 -7.71 -13.80 -5.78
N LYS A 672 -8.57 -14.80 -5.97
CA LYS A 672 -9.43 -14.84 -7.14
C LYS A 672 -10.61 -13.90 -6.98
N GLU A 673 -10.95 -13.60 -5.72
CA GLU A 673 -12.01 -12.64 -5.43
C GLU A 673 -11.56 -11.23 -5.79
N ALA A 674 -10.29 -10.94 -5.51
CA ALA A 674 -9.70 -9.65 -5.86
C ALA A 674 -9.37 -9.60 -7.34
N LEU A 675 -9.14 -10.77 -7.92
CA LEU A 675 -8.82 -10.88 -9.34
C LEU A 675 -10.00 -10.47 -10.22
N ASP A 676 -11.20 -10.65 -9.68
CA ASP A 676 -12.43 -10.29 -10.40
C ASP A 676 -12.65 -8.79 -10.44
N ASP A 677 -11.77 -8.05 -9.77
CA ASP A 677 -11.84 -6.59 -9.74
C ASP A 677 -10.65 -5.97 -10.45
N VAL A 678 -9.80 -6.80 -11.04
CA VAL A 678 -8.64 -6.32 -11.77
C VAL A 678 -9.01 -5.94 -13.20
N THR A 679 -9.02 -4.65 -13.48
CA THR A 679 -9.33 -4.17 -14.83
C THR A 679 -8.06 -3.74 -15.56
N LEU A 680 -8.16 -3.57 -16.87
CA LEU A 680 -7.02 -3.17 -17.69
C LEU A 680 -6.49 -1.76 -17.38
N PRO A 681 -7.39 -0.76 -17.26
CA PRO A 681 -6.83 0.57 -16.94
C PRO A 681 -6.19 0.63 -15.55
N ARG A 682 -6.66 -0.21 -14.64
CA ARG A 682 -6.13 -0.25 -13.29
C ARG A 682 -4.71 -0.80 -13.28
N LEU A 683 -4.45 -1.80 -14.11
CA LEU A 683 -3.13 -2.40 -14.22
C LEU A 683 -2.15 -1.44 -14.91
N LYS A 684 -2.65 -0.71 -15.91
CA LYS A 684 -1.83 0.23 -16.64
C LYS A 684 -1.33 1.35 -15.73
N ALA A 685 -2.13 1.68 -14.72
CA ALA A 685 -1.77 2.73 -13.76
C ALA A 685 -1.02 2.14 -12.57
N PHE A 686 -0.99 0.81 -12.49
CA PHE A 686 -0.34 0.11 -11.38
C PHE A 686 1.14 -0.11 -11.66
N ILE A 687 1.50 -0.28 -12.92
CA ILE A 687 2.89 -0.53 -13.30
C ILE A 687 3.83 0.63 -12.96
N PRO A 688 3.48 1.87 -13.32
CA PRO A 688 4.42 2.94 -12.94
C PRO A 688 4.44 3.19 -11.43
N GLN A 689 3.30 2.96 -10.78
CA GLN A 689 3.20 3.11 -9.34
C GLN A 689 4.05 2.06 -8.63
N LEU A 690 4.10 0.86 -9.21
CA LEU A 690 4.90 -0.23 -8.65
C LEU A 690 6.39 0.02 -8.86
N LEU A 691 6.73 0.54 -10.04
CA LEU A 691 8.12 0.83 -10.38
C LEU A 691 8.53 2.22 -9.90
N SER A 692 7.65 2.88 -9.16
CA SER A 692 7.93 4.22 -8.67
C SER A 692 9.10 4.24 -7.70
N ARG A 693 9.05 3.36 -6.70
CA ARG A 693 10.11 3.27 -5.69
C ARG A 693 10.53 1.83 -5.48
N LEU A 694 11.83 1.56 -5.63
CA LEU A 694 12.34 0.20 -5.54
C LEU A 694 13.62 0.10 -4.71
N HIS A 695 14.07 -1.12 -4.49
CA HIS A 695 15.34 -1.40 -3.82
C HIS A 695 15.87 -2.75 -4.28
N ILE A 696 17.06 -2.76 -4.87
CA ILE A 696 17.57 -3.97 -5.52
C ILE A 696 18.72 -4.64 -4.75
N GLU A 697 18.43 -5.81 -4.18
CA GLU A 697 19.47 -6.65 -3.63
C GLU A 697 19.87 -7.69 -4.68
N ALA A 698 21.13 -7.65 -5.11
CA ALA A 698 21.59 -8.52 -6.18
C ALA A 698 22.72 -9.44 -5.76
N LEU A 699 23.06 -10.37 -6.63
CA LEU A 699 24.17 -11.28 -6.43
C LEU A 699 24.77 -11.65 -7.78
N LEU A 700 25.93 -11.10 -8.09
CA LEU A 700 26.60 -11.40 -9.34
C LEU A 700 27.74 -12.36 -9.11
N HIS A 701 27.54 -13.62 -9.52
CA HIS A 701 28.49 -14.69 -9.25
C HIS A 701 28.85 -15.44 -10.53
N GLY A 702 30.05 -15.20 -11.05
CA GLY A 702 30.49 -15.85 -12.27
C GLY A 702 31.85 -15.42 -12.77
N ASN A 703 31.97 -15.30 -14.09
CA ASN A 703 33.24 -15.02 -14.75
C ASN A 703 33.55 -13.52 -14.82
N ILE A 704 32.62 -12.70 -14.36
CA ILE A 704 32.74 -11.25 -14.49
C ILE A 704 33.66 -10.62 -13.44
N THR A 705 34.21 -9.45 -13.78
CA THR A 705 35.06 -8.71 -12.85
C THR A 705 34.24 -7.77 -11.99
N LYS A 706 34.92 -6.98 -11.16
CA LYS A 706 34.24 -6.05 -10.26
C LYS A 706 33.63 -4.89 -11.01
N GLN A 707 34.42 -4.30 -11.92
CA GLN A 707 33.94 -3.19 -12.73
C GLN A 707 32.80 -3.63 -13.64
N ALA A 708 32.89 -4.88 -14.10
CA ALA A 708 31.83 -5.47 -14.92
C ALA A 708 30.54 -5.57 -14.12
N ALA A 709 30.67 -5.98 -12.85
CA ALA A 709 29.52 -6.12 -11.97
C ALA A 709 28.92 -4.76 -11.65
N LEU A 710 29.77 -3.78 -11.40
CA LEU A 710 29.32 -2.41 -11.13
C LEU A 710 28.65 -1.82 -12.37
N GLY A 711 29.20 -2.12 -13.53
CA GLY A 711 28.64 -1.64 -14.79
C GLY A 711 27.27 -2.23 -15.06
N ILE A 712 27.10 -3.51 -14.72
CA ILE A 712 25.81 -4.18 -14.87
C ILE A 712 24.78 -3.56 -13.94
N MET A 713 25.16 -3.35 -12.69
CA MET A 713 24.29 -2.72 -11.71
C MET A 713 23.98 -1.29 -12.12
N GLN A 714 24.98 -0.60 -12.65
CA GLN A 714 24.81 0.76 -13.13
C GLN A 714 23.84 0.80 -14.31
N MET A 715 23.90 -0.23 -15.15
CA MET A 715 23.02 -0.33 -16.30
C MET A 715 21.57 -0.51 -15.87
N VAL A 716 21.35 -1.38 -14.89
CA VAL A 716 20.01 -1.65 -14.39
C VAL A 716 19.40 -0.41 -13.74
N GLU A 717 20.18 0.29 -12.93
CA GLU A 717 19.71 1.48 -12.25
C GLU A 717 19.41 2.62 -13.22
N ASP A 718 20.36 2.89 -14.12
CA ASP A 718 20.22 3.99 -15.07
C ASP A 718 19.06 3.77 -16.05
N THR A 719 18.76 2.52 -16.33
CA THR A 719 17.65 2.18 -17.22
C THR A 719 16.31 2.37 -16.52
N LEU A 720 16.25 1.94 -15.26
CA LEU A 720 15.04 2.07 -14.46
C LEU A 720 14.72 3.53 -14.14
N ILE A 721 15.77 4.32 -13.91
CA ILE A 721 15.61 5.74 -13.59
C ILE A 721 15.14 6.53 -14.81
N GLU A 722 15.68 6.21 -15.98
CA GLU A 722 15.37 6.92 -17.20
C GLU A 722 13.93 6.68 -17.68
N HIS A 723 13.50 5.42 -17.66
CA HIS A 723 12.21 5.06 -18.23
C HIS A 723 11.08 5.00 -17.19
N ALA A 724 11.40 4.54 -15.98
CA ALA A 724 10.37 4.34 -14.97
C ALA A 724 10.45 5.35 -13.83
N HIS A 725 11.46 6.22 -13.88
CA HIS A 725 11.66 7.25 -12.86
C HIS A 725 11.74 6.65 -11.46
N THR A 726 12.61 5.68 -11.27
CA THR A 726 12.72 4.98 -10.00
C THR A 726 13.51 5.80 -8.97
N LYS A 727 12.87 6.09 -7.85
CA LYS A 727 13.53 6.78 -6.74
C LYS A 727 13.63 5.83 -5.55
N PRO A 728 14.78 5.82 -4.87
CA PRO A 728 15.09 4.86 -3.81
C PRO A 728 14.08 4.86 -2.66
N LEU A 729 13.93 3.71 -2.00
CA LEU A 729 13.04 3.57 -0.85
C LEU A 729 13.70 4.10 0.42
N LEU A 730 12.99 3.95 1.54
CA LEU A 730 13.53 4.34 2.84
C LEU A 730 14.01 3.10 3.59
N PRO A 731 15.10 3.24 4.36
CA PRO A 731 15.64 2.15 5.17
C PRO A 731 14.60 1.58 6.14
N SER A 732 13.70 2.43 6.62
CA SER A 732 12.66 2.01 7.55
C SER A 732 11.44 1.46 6.81
N GLN A 733 11.51 1.47 5.48
CA GLN A 733 10.40 1.01 4.66
C GLN A 733 10.62 -0.43 4.19
N LEU A 734 11.86 -0.90 4.34
CA LEU A 734 12.19 -2.27 3.98
C LEU A 734 11.85 -3.23 5.13
N VAL A 735 10.65 -3.78 5.10
CA VAL A 735 10.17 -4.64 6.18
C VAL A 735 10.11 -6.10 5.77
N ARG A 736 10.64 -6.98 6.62
CA ARG A 736 10.56 -8.42 6.41
C ARG A 736 9.55 -9.03 7.38
N TYR A 737 8.77 -9.99 6.89
CA TYR A 737 7.71 -10.59 7.70
C TYR A 737 8.29 -11.49 8.80
N ARG A 738 7.54 -11.60 9.89
CA ARG A 738 7.99 -12.36 11.06
C ARG A 738 7.19 -13.67 11.21
N GLU A 739 7.73 -14.60 11.98
CA GLU A 739 6.99 -15.81 12.30
C GLU A 739 6.30 -15.68 13.65
N VAL A 740 5.05 -16.12 13.71
CA VAL A 740 4.24 -16.02 14.93
C VAL A 740 4.88 -16.76 16.09
N GLN A 741 5.01 -16.08 17.23
CA GLN A 741 5.62 -16.66 18.42
C GLN A 741 4.63 -17.49 19.22
N LEU A 742 4.83 -18.80 19.23
CA LEU A 742 3.97 -19.70 19.97
C LEU A 742 4.30 -19.67 21.46
N PRO A 743 3.27 -19.76 22.32
CA PRO A 743 3.46 -19.81 23.77
C PRO A 743 3.92 -21.18 24.26
N ASP A 744 4.31 -21.25 25.53
CA ASP A 744 4.77 -22.51 26.12
C ASP A 744 3.61 -23.42 26.48
N ARG A 745 3.79 -24.72 26.25
CA ARG A 745 2.76 -25.73 26.49
C ARG A 745 1.46 -25.37 25.79
N GLY A 746 1.58 -24.84 24.58
CA GLY A 746 0.43 -24.45 23.80
C GLY A 746 0.27 -25.29 22.55
N TRP A 747 -0.84 -26.02 22.47
CA TRP A 747 -1.10 -26.87 21.32
C TRP A 747 -2.19 -26.25 20.44
N PHE A 748 -1.87 -26.03 19.17
CA PHE A 748 -2.80 -25.42 18.23
C PHE A 748 -3.01 -26.33 17.02
N VAL A 749 -4.26 -26.43 16.58
CA VAL A 749 -4.61 -27.31 15.46
C VAL A 749 -5.49 -26.59 14.43
N TYR A 750 -5.05 -26.60 13.18
CA TYR A 750 -5.86 -26.10 12.07
C TYR A 750 -6.41 -27.28 11.27
N GLN A 751 -7.71 -27.26 11.02
CA GLN A 751 -8.36 -28.39 10.36
C GLN A 751 -9.19 -27.99 9.15
N GLN A 752 -8.77 -28.46 7.97
CA GLN A 752 -9.55 -28.32 6.76
C GLN A 752 -9.54 -29.63 5.99
N ARG A 753 -10.27 -29.66 4.86
CA ARG A 753 -10.48 -30.90 4.14
C ARG A 753 -9.89 -30.87 2.73
N ASN A 754 -9.28 -31.98 2.34
CA ASN A 754 -8.85 -32.15 0.95
C ASN A 754 -10.04 -32.65 0.13
N GLU A 755 -10.55 -31.78 -0.73
CA GLU A 755 -11.82 -32.03 -1.41
C GLU A 755 -11.72 -33.05 -2.54
N VAL A 756 -10.50 -33.48 -2.86
CA VAL A 756 -10.29 -34.37 -3.99
C VAL A 756 -9.73 -35.73 -3.59
N HIS A 757 -8.53 -35.73 -3.02
CA HIS A 757 -7.86 -36.97 -2.63
C HIS A 757 -8.59 -37.66 -1.48
N ASN A 758 -8.63 -38.99 -1.54
CA ASN A 758 -9.30 -39.77 -0.51
C ASN A 758 -8.34 -40.15 0.63
N ASN A 759 -7.20 -39.46 0.67
CA ASN A 759 -6.22 -39.67 1.73
C ASN A 759 -6.06 -38.42 2.59
N SER A 760 -5.53 -38.59 3.79
CA SER A 760 -5.39 -37.48 4.72
C SER A 760 -3.92 -37.14 4.98
N GLY A 761 -3.62 -35.84 5.07
CA GLY A 761 -2.28 -35.38 5.35
C GLY A 761 -2.20 -34.69 6.70
N ILE A 762 -1.00 -34.58 7.24
CA ILE A 762 -0.79 -33.96 8.54
C ILE A 762 0.62 -33.41 8.68
N GLU A 763 0.76 -32.26 9.31
CA GLU A 763 2.07 -31.70 9.61
C GLU A 763 2.15 -31.24 11.06
N ILE A 764 3.15 -31.75 11.79
CA ILE A 764 3.35 -31.40 13.18
C ILE A 764 4.61 -30.56 13.34
N TYR A 765 4.45 -29.30 13.73
CA TYR A 765 5.58 -28.38 13.81
C TYR A 765 5.91 -27.99 15.26
N TYR A 766 7.01 -28.52 15.76
CA TYR A 766 7.52 -28.15 17.08
C TYR A 766 8.48 -26.96 16.95
N GLN A 767 8.02 -25.78 17.34
CA GLN A 767 8.78 -24.55 17.12
C GLN A 767 9.92 -24.36 18.12
N THR A 768 11.11 -24.06 17.61
CA THR A 768 12.27 -23.81 18.46
C THR A 768 12.74 -22.36 18.29
N ASP A 769 13.89 -22.02 18.87
CA ASP A 769 14.21 -20.62 19.16
C ASP A 769 15.23 -19.91 18.26
N MET A 770 14.73 -19.16 17.29
CA MET A 770 15.43 -18.05 16.65
C MET A 770 16.78 -18.30 15.95
N GLN A 771 16.98 -19.49 15.39
CA GLN A 771 18.14 -19.77 14.53
C GLN A 771 19.50 -19.31 15.07
N SER A 772 19.86 -19.75 16.27
CA SER A 772 21.19 -19.46 16.80
C SER A 772 22.07 -20.71 16.65
N THR A 773 23.39 -20.50 16.65
CA THR A 773 24.35 -21.59 16.46
C THR A 773 24.09 -22.76 17.40
N SER A 774 23.78 -22.44 18.66
CA SER A 774 23.46 -23.46 19.64
C SER A 774 22.15 -24.16 19.29
N GLU A 775 21.11 -23.37 19.04
CA GLU A 775 19.78 -23.92 18.75
C GLU A 775 19.73 -24.62 17.40
N ASN A 776 20.57 -24.17 16.46
CA ASN A 776 20.60 -24.77 15.13
C ASN A 776 21.09 -26.22 15.17
N MET A 777 22.20 -26.44 15.88
CA MET A 777 22.83 -27.76 15.89
C MET A 777 22.14 -28.71 16.86
N PHE A 778 21.44 -28.17 17.84
CA PHE A 778 20.64 -29.00 18.75
C PHE A 778 19.47 -29.62 17.99
N LEU A 779 18.98 -28.88 17.01
CA LEU A 779 17.83 -29.32 16.22
C LEU A 779 18.23 -30.26 15.09
N GLU A 780 19.27 -29.89 14.35
CA GLU A 780 19.69 -30.67 13.18
C GLU A 780 20.31 -32.00 13.57
N LEU A 781 21.06 -32.02 14.66
CA LEU A 781 21.64 -33.26 15.16
C LEU A 781 20.55 -34.20 15.65
N PHE A 782 19.56 -33.64 16.33
CA PHE A 782 18.41 -34.42 16.81
C PHE A 782 17.61 -34.94 15.62
N ALA A 783 17.51 -34.12 14.58
CA ALA A 783 16.82 -34.50 13.36
C ALA A 783 17.59 -35.59 12.62
N GLN A 784 18.90 -35.58 12.78
CA GLN A 784 19.76 -36.59 12.18
C GLN A 784 19.57 -37.95 12.85
N ILE A 785 19.51 -37.93 14.18
CA ILE A 785 19.34 -39.16 14.96
C ILE A 785 17.99 -39.81 14.67
N ILE A 786 16.96 -39.00 14.50
CA ILE A 786 15.61 -39.51 14.28
C ILE A 786 15.24 -39.56 12.80
N SER A 787 16.20 -39.27 11.93
CA SER A 787 15.96 -39.22 10.49
C SER A 787 15.53 -40.58 9.93
N GLU A 788 16.41 -41.58 10.07
CA GLU A 788 16.12 -42.92 9.59
C GLU A 788 15.09 -43.69 10.44
N PRO A 789 15.19 -43.62 11.78
CA PRO A 789 14.17 -44.34 12.57
C PRO A 789 12.73 -43.92 12.27
N ALA A 790 12.54 -42.67 11.84
CA ALA A 790 11.21 -42.20 11.46
C ALA A 790 10.73 -42.96 10.22
N PHE A 791 11.58 -43.04 9.21
CA PHE A 791 11.25 -43.73 7.98
C PHE A 791 11.04 -45.23 8.20
N ASN A 792 11.72 -45.77 9.19
CA ASN A 792 11.65 -47.20 9.49
C ASN A 792 10.46 -47.57 10.37
N THR A 793 10.26 -46.80 11.45
CA THR A 793 9.19 -47.09 12.40
C THR A 793 7.82 -46.75 11.82
N LEU A 794 7.70 -45.56 11.26
CA LEU A 794 6.40 -45.06 10.81
C LEU A 794 5.93 -45.67 9.49
N ARG A 795 6.87 -45.95 8.58
CA ARG A 795 6.52 -46.47 7.26
C ARG A 795 6.82 -47.95 7.08
N THR A 796 8.04 -48.35 7.41
CA THR A 796 8.48 -49.72 7.15
C THR A 796 7.87 -50.71 8.14
N LYS A 797 7.65 -50.25 9.37
CA LYS A 797 7.19 -51.15 10.44
C LYS A 797 5.70 -50.98 10.76
N GLU A 798 5.27 -49.74 10.95
CA GLU A 798 3.87 -49.48 11.31
C GLU A 798 3.01 -49.29 10.07
N GLN A 799 3.64 -48.99 8.94
CA GLN A 799 2.96 -48.82 7.66
C GLN A 799 1.82 -47.79 7.71
N LEU A 800 2.15 -46.59 8.20
CA LEU A 800 1.17 -45.51 8.25
C LEU A 800 0.82 -45.05 6.84
N GLY A 801 1.84 -44.60 6.09
CA GLY A 801 1.63 -44.15 4.73
C GLY A 801 2.90 -44.16 3.92
N TYR A 802 2.77 -43.93 2.61
CA TYR A 802 3.92 -43.89 1.72
C TYR A 802 4.80 -42.69 1.99
N ILE A 803 4.16 -41.55 2.27
CA ILE A 803 4.88 -40.31 2.50
C ILE A 803 5.13 -40.07 3.99
N VAL A 804 6.36 -40.31 4.43
CA VAL A 804 6.75 -40.05 5.81
C VAL A 804 8.02 -39.22 5.85
N PHE A 805 7.93 -38.01 6.41
CA PHE A 805 9.06 -37.10 6.43
C PHE A 805 9.25 -36.44 7.79
N SER A 806 10.52 -36.19 8.15
CA SER A 806 10.85 -35.53 9.39
C SER A 806 12.17 -34.77 9.25
N GLY A 807 12.18 -33.52 9.69
CA GLY A 807 13.37 -32.70 9.60
C GLY A 807 13.15 -31.29 10.10
N PRO A 808 14.21 -30.46 10.09
CA PRO A 808 14.12 -29.06 10.53
C PRO A 808 13.30 -28.20 9.58
N ARG A 809 12.63 -27.18 10.13
CA ARG A 809 11.90 -26.22 9.33
C ARG A 809 12.33 -24.80 9.66
N ARG A 810 12.99 -24.14 8.71
CA ARG A 810 13.44 -22.77 8.89
C ARG A 810 12.56 -21.80 8.13
N ALA A 811 12.10 -20.75 8.82
CA ALA A 811 11.25 -19.75 8.20
C ALA A 811 11.33 -18.42 8.95
N ASN A 812 11.69 -17.36 8.23
CA ASN A 812 11.80 -16.01 8.78
C ASN A 812 12.73 -15.94 10.00
N GLY A 813 13.82 -16.69 9.94
CA GLY A 813 14.80 -16.69 11.02
C GLY A 813 14.37 -17.53 12.21
N ILE A 814 13.28 -18.26 12.07
CA ILE A 814 12.76 -19.12 13.13
C ILE A 814 12.76 -20.57 12.68
N GLN A 815 13.26 -21.45 13.55
CA GLN A 815 13.38 -22.86 13.20
C GLN A 815 12.53 -23.76 14.08
N GLY A 816 12.55 -25.06 13.79
CA GLY A 816 11.79 -26.04 14.53
C GLY A 816 11.80 -27.41 13.89
N LEU A 817 11.16 -28.38 14.54
CA LEU A 817 11.11 -29.74 14.04
C LEU A 817 9.74 -30.06 13.44
N ARG A 818 9.72 -30.44 12.17
CA ARG A 818 8.45 -30.74 11.49
C ARG A 818 8.33 -32.20 11.08
N PHE A 819 7.12 -32.73 11.19
CA PHE A 819 6.80 -34.08 10.73
C PHE A 819 5.72 -34.02 9.68
N ILE A 820 5.95 -34.65 8.53
CA ILE A 820 4.98 -34.64 7.44
C ILE A 820 4.59 -36.05 7.03
N ILE A 821 3.32 -36.40 7.24
CA ILE A 821 2.82 -37.73 6.90
C ILE A 821 1.51 -37.67 6.11
N GLN A 822 1.47 -38.37 4.98
CA GLN A 822 0.24 -38.49 4.22
C GLN A 822 -0.23 -39.95 4.20
N SER A 823 -1.47 -40.17 4.61
CA SER A 823 -2.01 -41.53 4.70
C SER A 823 -3.54 -41.53 4.63
N GLU A 824 -4.14 -42.65 5.00
CA GLU A 824 -5.59 -42.78 5.01
C GLU A 824 -6.10 -43.00 6.44
N LYS A 825 -5.19 -42.87 7.40
CA LYS A 825 -5.53 -43.06 8.81
C LYS A 825 -5.87 -41.72 9.47
N PRO A 826 -6.68 -41.75 10.54
CA PRO A 826 -7.04 -40.55 11.30
C PRO A 826 -5.82 -39.75 11.77
N PRO A 827 -5.85 -38.43 11.58
CA PRO A 827 -4.76 -37.53 11.96
C PRO A 827 -4.44 -37.57 13.45
N HIS A 828 -5.47 -37.73 14.28
CA HIS A 828 -5.27 -37.80 15.73
C HIS A 828 -4.54 -39.08 16.10
N TYR A 829 -4.76 -40.13 15.32
CA TYR A 829 -4.04 -41.38 15.52
C TYR A 829 -2.58 -41.20 15.11
N LEU A 830 -2.36 -40.43 14.05
CA LEU A 830 -1.01 -40.13 13.58
C LEU A 830 -0.26 -39.26 14.58
N GLU A 831 -0.99 -38.36 15.23
CA GLU A 831 -0.42 -37.51 16.28
C GLU A 831 0.12 -38.37 17.42
N SER A 832 -0.66 -39.36 17.82
CA SER A 832 -0.28 -40.25 18.91
C SER A 832 0.94 -41.09 18.56
N ARG A 833 0.97 -41.59 17.33
CA ARG A 833 2.07 -42.45 16.88
C ARG A 833 3.38 -41.68 16.78
N VAL A 834 3.29 -40.40 16.44
CA VAL A 834 4.47 -39.55 16.39
C VAL A 834 4.96 -39.24 17.81
N GLU A 835 4.02 -38.93 18.69
CA GLU A 835 4.34 -38.68 20.10
C GLU A 835 4.93 -39.93 20.75
N ALA A 836 4.40 -41.10 20.39
CA ALA A 836 4.93 -42.36 20.88
C ALA A 836 6.30 -42.64 20.27
N PHE A 837 6.53 -42.10 19.09
CA PHE A 837 7.82 -42.23 18.41
C PHE A 837 8.87 -41.34 19.06
N LEU A 838 8.43 -40.20 19.58
CA LEU A 838 9.34 -39.26 20.24
C LEU A 838 9.84 -39.81 21.58
N ILE A 839 8.97 -40.54 22.28
CA ILE A 839 9.33 -41.13 23.57
C ILE A 839 10.32 -42.27 23.40
N THR A 840 10.05 -43.15 22.44
CA THR A 840 10.90 -44.31 22.22
C THR A 840 12.24 -43.92 21.58
N MET A 841 12.31 -42.71 21.03
CA MET A 841 13.55 -42.20 20.48
C MET A 841 14.38 -41.52 21.57
N GLU A 842 13.71 -40.87 22.51
CA GLU A 842 14.38 -40.29 23.66
C GLU A 842 14.97 -41.40 24.52
N LYS A 843 14.31 -42.55 24.51
CA LYS A 843 14.78 -43.72 25.22
C LYS A 843 15.98 -44.32 24.48
N SER A 844 16.00 -44.15 23.16
CA SER A 844 17.08 -44.67 22.33
C SER A 844 18.36 -43.87 22.50
N ILE A 845 18.24 -42.54 22.46
CA ILE A 845 19.38 -41.65 22.63
C ILE A 845 19.97 -41.80 24.02
N GLU A 846 19.10 -42.01 25.01
CA GLU A 846 19.52 -42.12 26.40
C GLU A 846 20.36 -43.38 26.66
N ASP A 847 20.11 -44.43 25.88
CA ASP A 847 20.75 -45.72 26.12
C ASP A 847 21.69 -46.18 25.01
N MET A 848 22.28 -45.24 24.28
CA MET A 848 23.26 -45.59 23.26
C MET A 848 24.67 -45.15 23.66
N THR A 849 25.67 -45.85 23.16
CA THR A 849 27.06 -45.61 23.54
C THR A 849 27.61 -44.31 22.95
N GLU A 850 28.84 -43.98 23.32
CA GLU A 850 29.50 -42.78 22.83
C GLU A 850 29.77 -42.86 21.34
N GLU A 851 30.11 -44.07 20.87
CA GLU A 851 30.36 -44.31 19.45
C GLU A 851 29.08 -44.08 18.64
N ALA A 852 27.95 -44.49 19.19
CA ALA A 852 26.66 -44.36 18.52
C ALA A 852 26.22 -42.90 18.42
N PHE A 853 26.96 -42.02 19.08
CA PHE A 853 26.67 -40.59 19.03
C PHE A 853 27.59 -39.88 18.05
N GLN A 854 28.85 -40.30 18.02
CA GLN A 854 29.83 -39.73 17.09
C GLN A 854 29.51 -40.13 15.66
N LYS A 855 28.76 -41.22 15.51
CA LYS A 855 28.30 -41.68 14.20
C LYS A 855 27.38 -40.66 13.55
N HIS A 856 26.42 -40.15 14.34
CA HIS A 856 25.45 -39.18 13.83
C HIS A 856 26.07 -37.78 13.70
N ILE A 857 27.06 -37.48 14.52
CA ILE A 857 27.77 -36.21 14.43
C ILE A 857 28.57 -36.15 13.14
N GLN A 858 29.37 -37.18 12.89
CA GLN A 858 30.20 -37.24 11.69
C GLN A 858 29.34 -37.30 10.43
N ALA A 859 28.19 -37.96 10.53
CA ALA A 859 27.28 -38.07 9.39
C ALA A 859 26.72 -36.71 9.01
N LEU A 860 26.24 -35.97 10.00
CA LEU A 860 25.70 -34.63 9.75
C LEU A 860 26.80 -33.68 9.28
N ALA A 861 28.00 -33.88 9.81
CA ALA A 861 29.14 -33.03 9.47
C ALA A 861 29.49 -33.12 7.99
N ILE A 862 29.61 -34.35 7.48
CA ILE A 862 29.92 -34.57 6.08
C ILE A 862 28.79 -34.06 5.19
N ARG A 863 27.56 -34.20 5.67
CA ARG A 863 26.38 -33.75 4.93
C ARG A 863 26.37 -32.23 4.79
N ARG A 864 26.76 -31.53 5.85
CA ARG A 864 26.78 -30.07 5.85
C ARG A 864 27.97 -29.52 5.07
N LEU A 865 29.05 -30.28 5.03
CA LEU A 865 30.28 -29.83 4.37
C LEU A 865 30.34 -30.28 2.91
N ASP A 866 29.24 -30.81 2.40
CA ASP A 866 29.17 -31.22 1.00
C ASP A 866 29.15 -30.00 0.10
N LYS A 867 30.32 -29.61 -0.40
CA LYS A 867 30.46 -28.41 -1.23
C LYS A 867 29.69 -28.54 -2.54
N PRO A 868 29.17 -27.41 -3.04
CA PRO A 868 28.37 -27.35 -4.28
C PRO A 868 29.05 -28.01 -5.47
N LYS A 869 28.23 -28.52 -6.40
CA LYS A 869 28.73 -29.25 -7.55
C LYS A 869 29.05 -28.31 -8.70
N LYS A 870 28.14 -27.37 -8.95
CA LYS A 870 28.32 -26.40 -10.03
C LYS A 870 28.10 -24.97 -9.52
N LEU A 871 28.16 -24.02 -10.45
CA LEU A 871 28.03 -22.60 -10.09
C LEU A 871 26.64 -22.26 -9.59
N SER A 872 25.62 -22.83 -10.22
CA SER A 872 24.24 -22.56 -9.84
C SER A 872 23.92 -23.10 -8.45
N ALA A 873 24.66 -24.13 -8.03
CA ALA A 873 24.48 -24.71 -6.72
C ALA A 873 25.06 -23.82 -5.63
N GLU A 874 26.24 -23.25 -5.89
CA GLU A 874 26.89 -22.36 -4.94
C GLU A 874 26.18 -21.02 -4.90
N SER A 875 25.66 -20.60 -6.05
CA SER A 875 24.90 -19.35 -6.15
C SER A 875 23.61 -19.45 -5.34
N ALA A 876 23.05 -20.65 -5.30
CA ALA A 876 21.81 -20.87 -4.56
C ALA A 876 22.03 -20.78 -3.05
N LYS A 877 23.19 -21.22 -2.60
CA LYS A 877 23.55 -21.16 -1.18
C LYS A 877 23.75 -19.71 -0.74
N TYR A 878 24.50 -18.96 -1.52
CA TYR A 878 24.78 -17.56 -1.22
C TYR A 878 23.50 -16.72 -1.26
N TRP A 879 22.65 -17.00 -2.24
CA TRP A 879 21.41 -16.25 -2.41
C TRP A 879 20.45 -16.52 -1.26
N GLY A 880 20.47 -17.75 -0.76
CA GLY A 880 19.65 -18.12 0.37
C GLY A 880 20.10 -17.42 1.64
N GLU A 881 21.40 -17.16 1.73
CA GLU A 881 21.96 -16.45 2.88
C GLU A 881 21.75 -14.95 2.75
N ILE A 882 21.30 -14.52 1.58
CA ILE A 882 21.06 -13.11 1.32
C ILE A 882 19.58 -12.76 1.48
N ILE A 883 18.70 -13.60 0.93
CA ILE A 883 17.27 -13.39 1.04
C ILE A 883 16.81 -13.57 2.49
N SER A 884 17.59 -14.31 3.27
CA SER A 884 17.31 -14.48 4.69
C SER A 884 17.88 -13.31 5.48
N GLN A 885 18.64 -12.46 4.79
CA GLN A 885 19.24 -11.26 5.36
C GLN A 885 20.09 -11.57 6.60
N GLN A 886 20.81 -12.68 6.55
CA GLN A 886 21.72 -13.06 7.62
C GLN A 886 23.16 -12.93 7.15
N TYR A 887 23.37 -13.19 5.86
CA TYR A 887 24.67 -13.04 5.22
C TYR A 887 25.76 -13.84 5.92
N ASN A 888 25.39 -14.99 6.46
CA ASN A 888 26.34 -15.86 7.13
C ASN A 888 26.94 -16.87 6.14
N PHE A 889 27.87 -16.41 5.32
CA PHE A 889 28.46 -17.25 4.29
C PHE A 889 29.43 -18.27 4.86
N ASP A 890 29.87 -18.03 6.09
CA ASP A 890 30.80 -18.94 6.78
C ASP A 890 30.05 -19.80 7.79
N ARG A 891 28.77 -20.02 7.53
CA ARG A 891 27.89 -20.74 8.46
C ARG A 891 28.29 -22.20 8.64
N ASP A 892 28.58 -22.87 7.52
CA ASP A 892 28.85 -24.31 7.53
C ASP A 892 30.09 -24.67 8.36
N ASN A 893 31.14 -23.86 8.25
CA ASN A 893 32.39 -24.14 8.95
C ASN A 893 32.25 -23.94 10.47
N THR A 894 31.58 -22.87 10.86
CA THR A 894 31.43 -22.53 12.27
C THR A 894 30.52 -23.50 13.00
N GLU A 895 29.42 -23.87 12.35
CA GLU A 895 28.42 -24.74 12.98
C GLU A 895 28.92 -26.17 13.15
N VAL A 896 29.58 -26.71 12.14
CA VAL A 896 30.11 -28.07 12.21
C VAL A 896 31.18 -28.17 13.30
N ALA A 897 31.99 -27.12 13.43
CA ALA A 897 33.01 -27.07 14.47
C ALA A 897 32.38 -27.12 15.85
N TYR A 898 31.23 -26.47 15.99
CA TYR A 898 30.50 -26.47 17.26
C TYR A 898 29.72 -27.78 17.42
N LEU A 899 29.41 -28.41 16.30
CA LEU A 899 28.66 -29.67 16.30
C LEU A 899 29.48 -30.82 16.88
N LYS A 900 30.77 -30.85 16.56
CA LYS A 900 31.65 -31.91 16.99
C LYS A 900 32.03 -31.76 18.46
N THR A 901 31.65 -30.63 19.06
CA THR A 901 31.93 -30.36 20.46
C THR A 901 30.70 -30.59 21.33
N LEU A 902 29.65 -31.15 20.74
CA LEU A 902 28.40 -31.40 21.45
C LEU A 902 28.40 -32.77 22.14
N THR A 903 27.68 -32.85 23.25
CA THR A 903 27.54 -34.10 23.98
C THR A 903 26.12 -34.63 23.88
N LYS A 904 25.83 -35.72 24.60
CA LYS A 904 24.51 -36.30 24.59
C LYS A 904 23.60 -35.65 25.62
N GLU A 905 24.20 -35.13 26.69
CA GLU A 905 23.45 -34.48 27.75
C GLU A 905 22.77 -33.22 27.25
N ASP A 906 23.39 -32.58 26.26
CA ASP A 906 22.84 -31.36 25.68
C ASP A 906 21.58 -31.65 24.87
N ILE A 907 21.56 -32.79 24.21
CA ILE A 907 20.41 -33.21 23.41
C ILE A 907 19.23 -33.59 24.30
N ILE A 908 19.52 -34.27 25.40
CA ILE A 908 18.50 -34.65 26.36
C ILE A 908 17.84 -33.41 26.96
N LYS A 909 18.65 -32.41 27.29
CA LYS A 909 18.15 -31.14 27.79
C LYS A 909 17.34 -30.43 26.72
N PHE A 910 17.76 -30.57 25.47
CA PHE A 910 17.06 -29.95 24.35
C PHE A 910 15.70 -30.60 24.13
N TYR A 911 15.62 -31.90 24.38
CA TYR A 911 14.37 -32.63 24.23
C TYR A 911 13.42 -32.33 25.38
N LYS A 912 13.96 -32.33 26.60
CA LYS A 912 13.15 -32.11 27.79
C LYS A 912 12.59 -30.69 27.83
N GLU A 913 13.34 -29.74 27.28
CA GLU A 913 12.95 -28.34 27.32
C GLU A 913 12.03 -27.95 26.17
N MET A 914 12.26 -28.53 24.99
CA MET A 914 11.57 -28.09 23.78
C MET A 914 10.64 -29.14 23.16
N LEU A 915 11.02 -30.40 23.25
CA LEU A 915 10.31 -31.45 22.51
C LEU A 915 9.68 -32.52 23.39
N ALA A 916 9.80 -32.39 24.70
CA ALA A 916 9.23 -33.37 25.63
C ALA A 916 7.71 -33.28 25.63
N VAL A 917 7.06 -34.35 26.09
CA VAL A 917 5.60 -34.37 26.19
C VAL A 917 5.12 -33.38 27.26
N ASP A 918 6.00 -33.11 28.23
CA ASP A 918 5.70 -32.15 29.29
C ASP A 918 6.78 -31.09 29.36
N ALA A 919 7.25 -30.65 28.20
CA ALA A 919 8.31 -29.65 28.12
C ALA A 919 7.83 -28.29 28.61
N PRO A 920 8.67 -27.60 29.39
CA PRO A 920 8.34 -26.26 29.91
C PRO A 920 8.29 -25.21 28.79
N ARG A 921 8.91 -25.52 27.65
CA ARG A 921 8.91 -24.61 26.51
C ARG A 921 8.51 -25.34 25.23
N ARG A 922 7.42 -26.08 25.28
CA ARG A 922 6.96 -26.81 24.10
C ARG A 922 6.05 -25.96 23.23
N HIS A 923 6.59 -25.50 22.10
CA HIS A 923 5.81 -24.76 21.12
C HIS A 923 5.35 -25.70 20.02
N LYS A 924 4.19 -26.31 20.22
CA LYS A 924 3.71 -27.33 19.28
C LYS A 924 2.43 -26.90 18.56
N VAL A 925 2.51 -26.81 17.24
CA VAL A 925 1.35 -26.50 16.42
C VAL A 925 1.15 -27.59 15.37
N SER A 926 -0.10 -28.00 15.16
CA SER A 926 -0.40 -29.08 14.24
C SER A 926 -1.37 -28.64 13.14
N VAL A 927 -1.25 -29.29 11.98
CA VAL A 927 -2.16 -29.01 10.85
C VAL A 927 -2.78 -30.29 10.34
N HIS A 928 -4.09 -30.42 10.52
CA HIS A 928 -4.82 -31.61 10.11
C HIS A 928 -5.55 -31.42 8.78
N VAL A 929 -5.17 -32.21 7.78
CA VAL A 929 -5.85 -32.20 6.49
C VAL A 929 -6.59 -33.52 6.28
N LEU A 930 -7.91 -33.48 6.43
CA LEU A 930 -8.72 -34.69 6.33
C LEU A 930 -8.89 -35.16 4.90
N ALA A 931 -9.29 -36.42 4.74
CA ALA A 931 -9.63 -36.96 3.43
C ALA A 931 -10.98 -36.44 2.99
N ARG A 932 -11.41 -36.80 1.77
CA ARG A 932 -12.65 -36.28 1.21
C ARG A 932 -13.87 -36.67 2.02
N GLU A 933 -14.13 -37.96 2.13
CA GLU A 933 -15.33 -38.44 2.82
C GLU A 933 -15.02 -38.93 4.23
N MET A 934 -14.13 -38.23 4.92
CA MET A 934 -13.76 -38.60 6.28
C MET A 934 -14.45 -37.69 7.30
N ASP A 935 -14.84 -38.27 8.43
CA ASP A 935 -15.55 -37.52 9.47
C ASP A 935 -14.63 -36.55 10.20
N SER A 936 -15.22 -35.54 10.83
CA SER A 936 -14.46 -34.47 11.47
C SER A 936 -14.47 -34.56 12.99
N ASN A 937 -15.64 -34.85 13.55
CA ASN A 937 -15.82 -34.88 15.00
C ASN A 937 -14.90 -35.85 15.76
N PRO A 938 -14.84 -37.13 15.33
CA PRO A 938 -13.97 -38.01 16.12
C PRO A 938 -12.54 -38.01 15.60
N ASN A 950 0.64 -55.41 21.21
CA ASN A 950 0.55 -54.23 20.36
C ASN A 950 1.92 -53.63 20.07
N LEU A 951 2.00 -52.31 20.15
CA LEU A 951 3.27 -51.60 19.98
C LEU A 951 3.43 -50.60 21.13
N SER A 952 4.33 -49.65 20.94
CA SER A 952 4.55 -48.61 21.93
C SER A 952 3.30 -47.76 22.10
N GLN A 953 2.80 -47.67 23.33
CA GLN A 953 1.59 -46.91 23.61
C GLN A 953 1.90 -45.42 23.76
N ALA A 954 1.05 -44.60 23.15
CA ALA A 954 1.22 -43.15 23.17
C ALA A 954 0.83 -42.55 24.51
N PRO A 955 1.53 -41.50 24.93
CA PRO A 955 1.21 -40.80 26.19
C PRO A 955 -0.08 -40.00 26.08
N ALA A 956 -0.61 -39.56 27.22
CA ALA A 956 -1.81 -38.73 27.23
C ALA A 956 -1.49 -37.32 26.74
N LEU A 957 -2.19 -36.89 25.70
CA LEU A 957 -1.97 -35.56 25.13
C LEU A 957 -3.01 -34.57 25.63
N PRO A 958 -2.58 -33.35 25.95
CA PRO A 958 -3.46 -32.27 26.43
C PRO A 958 -4.50 -31.87 25.40
N GLN A 959 -5.52 -31.12 25.83
CA GLN A 959 -6.55 -30.66 24.92
C GLN A 959 -6.05 -29.50 24.06
N PRO A 960 -6.04 -29.69 22.73
CA PRO A 960 -5.54 -28.69 21.79
C PRO A 960 -6.55 -27.57 21.53
N GLU A 961 -6.12 -26.53 20.84
CA GLU A 961 -6.98 -25.42 20.49
C GLU A 961 -7.31 -25.42 19.00
N VAL A 962 -8.58 -25.28 18.68
CA VAL A 962 -9.02 -25.27 17.28
C VAL A 962 -8.87 -23.87 16.66
N ILE A 963 -8.24 -23.82 15.50
CA ILE A 963 -8.06 -22.56 14.78
C ILE A 963 -9.04 -22.47 13.63
N GLN A 964 -10.04 -21.61 13.77
CA GLN A 964 -11.06 -21.44 12.73
C GLN A 964 -10.82 -20.19 11.90
N ASN A 965 -10.40 -19.11 12.56
CA ASN A 965 -10.07 -17.87 11.87
C ASN A 965 -8.60 -17.53 12.06
N MET A 966 -7.88 -17.39 10.96
CA MET A 966 -6.45 -17.12 11.01
C MET A 966 -6.12 -15.72 11.51
N THR A 967 -6.98 -14.76 11.17
CA THR A 967 -6.78 -13.37 11.58
C THR A 967 -6.87 -13.23 13.09
N GLU A 968 -7.90 -13.84 13.68
CA GLU A 968 -8.11 -13.79 15.12
C GLU A 968 -7.04 -14.60 15.86
N PHE A 969 -6.38 -15.50 15.13
CA PHE A 969 -5.32 -16.33 15.69
C PHE A 969 -4.01 -15.56 15.81
N LYS A 970 -3.64 -14.86 14.73
CA LYS A 970 -2.38 -14.12 14.69
C LYS A 970 -2.43 -12.87 15.56
N ARG A 971 -3.60 -12.26 15.66
CA ARG A 971 -3.78 -11.07 16.47
C ARG A 971 -3.62 -11.37 17.96
N GLY A 972 -3.87 -12.62 18.34
CA GLY A 972 -3.83 -13.02 19.73
C GLY A 972 -2.48 -13.59 20.15
N LEU A 973 -1.51 -13.57 19.24
CA LEU A 973 -0.19 -14.10 19.53
C LEU A 973 0.91 -13.09 19.16
N PRO A 974 2.02 -13.10 19.92
CA PRO A 974 3.15 -12.20 19.65
C PRO A 974 3.85 -12.53 18.34
N LEU A 975 4.88 -11.77 18.02
CA LEU A 975 5.68 -12.02 16.82
C LEU A 975 7.16 -12.08 17.13
N PHE A 976 7.86 -13.03 16.54
CA PHE A 976 9.30 -13.18 16.72
C PHE A 976 10.05 -12.02 16.10
N PRO A 977 11.19 -11.65 16.70
CA PRO A 977 12.09 -10.64 16.12
C PRO A 977 12.85 -11.20 14.93
N LEU A 978 13.54 -10.34 14.20
CA LEU A 978 14.29 -10.77 13.02
C LEU A 978 15.76 -10.99 13.36
N VAL A 979 16.37 -11.98 12.70
CA VAL A 979 17.78 -12.28 12.91
C VAL A 979 18.66 -11.17 12.34
N LYS A 980 19.49 -10.59 13.20
CA LYS A 980 20.38 -9.52 12.80
C LYS A 980 21.53 -10.05 11.93
N PRO A 981 21.82 -9.35 10.81
CA PRO A 981 22.87 -9.75 9.87
C PRO A 981 24.27 -9.75 10.49
N HIS A 982 25.25 -10.22 9.73
CA HIS A 982 26.63 -10.25 10.18
C HIS A 982 27.39 -9.00 9.72
N MET B 13 -32.10 39.65 55.13
CA MET B 13 -31.26 40.40 56.07
C MET B 13 -31.27 39.76 57.45
N ASN B 14 -31.29 38.44 57.49
CA ASN B 14 -31.29 37.71 58.75
C ASN B 14 -29.88 37.45 59.26
N ASN B 15 -29.05 36.83 58.42
CA ASN B 15 -27.67 36.55 58.77
C ASN B 15 -26.81 37.79 58.58
N PRO B 16 -26.20 38.29 59.67
CA PRO B 16 -25.41 39.52 59.71
C PRO B 16 -24.26 39.55 58.70
N ALA B 17 -23.73 38.37 58.36
CA ALA B 17 -22.61 38.29 57.43
C ALA B 17 -23.07 38.47 55.99
N ILE B 18 -24.38 38.52 55.78
CA ILE B 18 -24.95 38.67 54.45
C ILE B 18 -25.55 40.06 54.24
N LYS B 19 -25.06 40.76 53.22
CA LYS B 19 -25.58 42.09 52.89
C LYS B 19 -26.92 41.98 52.18
N ARG B 20 -26.95 41.20 51.11
CA ARG B 20 -28.19 40.96 50.37
C ARG B 20 -28.15 39.61 49.67
N ILE B 21 -29.33 39.10 49.31
CA ILE B 21 -29.44 37.81 48.63
C ILE B 21 -30.19 37.96 47.32
N GLY B 22 -29.60 37.45 46.24
CA GLY B 22 -30.25 37.45 44.95
C GLY B 22 -31.48 36.57 44.95
N ASN B 23 -32.63 37.18 44.65
CA ASN B 23 -33.91 36.48 44.68
C ASN B 23 -33.98 35.34 43.67
N HIS B 24 -33.96 35.68 42.39
CA HIS B 24 -34.07 34.68 41.33
C HIS B 24 -32.97 34.85 40.29
N ILE B 25 -32.09 33.86 40.21
CA ILE B 25 -31.01 33.87 39.22
C ILE B 25 -31.49 33.26 37.91
N THR B 26 -31.45 34.05 36.84
CA THR B 26 -31.92 33.62 35.54
C THR B 26 -31.04 32.51 34.97
N LYS B 27 -31.66 31.41 34.58
CA LYS B 27 -30.92 30.27 34.03
C LYS B 27 -31.60 29.72 32.77
N SER B 28 -30.92 28.80 32.10
CA SER B 28 -31.45 28.16 30.91
C SER B 28 -32.59 27.21 31.26
N PRO B 29 -33.63 27.15 30.42
CA PRO B 29 -34.77 26.26 30.65
C PRO B 29 -34.38 24.79 30.53
N GLU B 30 -33.21 24.51 29.97
CA GLU B 30 -32.71 23.15 29.87
C GLU B 30 -31.77 22.82 31.03
N ASP B 31 -31.47 23.84 31.83
CA ASP B 31 -30.61 23.67 33.00
C ASP B 31 -31.44 23.29 34.22
N LYS B 32 -31.02 22.22 34.90
CA LYS B 32 -31.74 21.73 36.06
C LYS B 32 -31.03 22.09 37.36
N ARG B 33 -29.84 22.67 37.24
CA ARG B 33 -29.08 23.10 38.40
C ARG B 33 -29.68 24.37 39.00
N GLU B 34 -29.91 24.36 40.31
CA GLU B 34 -30.49 25.52 40.98
C GLU B 34 -29.41 26.52 41.39
N TYR B 35 -29.66 27.79 41.10
CA TYR B 35 -28.71 28.85 41.40
C TYR B 35 -29.23 29.78 42.50
N ARG B 36 -28.30 30.35 43.26
CA ARG B 36 -28.63 31.36 44.26
C ARG B 36 -27.45 32.30 44.50
N GLY B 37 -27.59 33.54 44.04
CA GLY B 37 -26.55 34.53 44.22
C GLY B 37 -26.78 35.36 45.47
N LEU B 38 -25.69 35.86 46.05
CA LEU B 38 -25.77 36.68 47.25
C LEU B 38 -24.51 37.49 47.46
N GLU B 39 -24.65 38.63 48.14
CA GLU B 39 -23.51 39.48 48.46
C GLU B 39 -23.29 39.53 49.96
N LEU B 40 -22.09 39.16 50.40
CA LEU B 40 -21.77 39.14 51.82
C LEU B 40 -21.61 40.55 52.37
N ALA B 41 -21.47 40.65 53.69
CA ALA B 41 -21.37 41.94 54.36
C ALA B 41 -20.08 42.68 54.01
N ASN B 42 -19.04 41.92 53.67
CA ASN B 42 -17.74 42.51 53.35
C ASN B 42 -17.55 42.77 51.86
N GLY B 43 -18.62 42.60 51.10
CA GLY B 43 -18.63 42.99 49.69
C GLY B 43 -18.29 41.87 48.71
N ILE B 44 -18.27 40.64 49.18
CA ILE B 44 -17.97 39.50 48.30
C ILE B 44 -19.23 38.97 47.63
N LYS B 45 -19.27 39.06 46.30
CA LYS B 45 -20.39 38.53 45.53
C LYS B 45 -20.25 37.02 45.36
N VAL B 46 -21.17 36.27 45.94
CA VAL B 46 -21.10 34.82 45.92
C VAL B 46 -22.28 34.20 45.19
N LEU B 47 -22.00 33.29 44.26
CA LEU B 47 -23.04 32.55 43.56
C LEU B 47 -22.97 31.07 43.94
N LEU B 48 -24.08 30.53 44.42
CA LEU B 48 -24.13 29.15 44.88
C LEU B 48 -24.88 28.25 43.90
N ILE B 49 -24.27 27.12 43.57
CA ILE B 49 -24.86 26.18 42.62
C ILE B 49 -25.08 24.81 43.26
N SER B 50 -26.35 24.40 43.35
CA SER B 50 -26.69 23.11 43.93
C SER B 50 -27.00 22.07 42.85
N ASP B 51 -26.09 21.11 42.69
CA ASP B 51 -26.26 20.05 41.71
C ASP B 51 -26.19 18.69 42.40
N PRO B 52 -27.36 18.11 42.71
CA PRO B 52 -27.46 16.81 43.39
C PRO B 52 -27.09 15.62 42.48
N THR B 53 -26.60 15.91 41.28
CA THR B 53 -26.30 14.85 40.32
C THR B 53 -24.81 14.78 39.98
N THR B 54 -24.05 15.78 40.43
CA THR B 54 -22.62 15.84 40.12
C THR B 54 -21.82 14.82 40.92
N ASP B 55 -20.68 14.41 40.36
CA ASP B 55 -19.80 13.47 41.03
C ASP B 55 -18.61 14.19 41.65
N LYS B 56 -18.43 15.46 41.24
CA LYS B 56 -17.33 16.27 41.77
C LYS B 56 -17.81 17.68 42.11
N SER B 57 -17.75 18.02 43.39
CA SER B 57 -18.08 19.38 43.83
C SER B 57 -16.90 20.31 43.60
N SER B 58 -17.19 21.53 43.15
CA SER B 58 -16.14 22.48 42.80
C SER B 58 -16.36 23.83 43.45
N ALA B 59 -15.30 24.65 43.43
CA ALA B 59 -15.37 26.01 43.96
C ALA B 59 -14.29 26.87 43.31
N ALA B 60 -14.54 28.17 43.20
CA ALA B 60 -13.59 29.07 42.56
C ALA B 60 -13.67 30.49 43.12
N LEU B 61 -12.55 31.18 43.09
CA LEU B 61 -12.48 32.57 43.54
C LEU B 61 -11.67 33.40 42.56
N ASP B 62 -12.18 34.56 42.18
CA ASP B 62 -11.50 35.43 41.24
C ASP B 62 -11.28 36.83 41.81
N VAL B 63 -10.02 37.20 41.96
CA VAL B 63 -9.65 38.54 42.41
C VAL B 63 -9.50 39.46 41.20
N HIS B 64 -10.00 40.68 41.31
CA HIS B 64 -9.99 41.62 40.20
C HIS B 64 -8.64 42.36 40.08
N ILE B 65 -7.59 41.75 40.65
CA ILE B 65 -6.26 42.32 40.58
C ILE B 65 -5.35 41.45 39.72
N GLY B 66 -4.78 42.04 38.67
CA GLY B 66 -3.94 41.29 37.75
C GLY B 66 -2.48 41.72 37.79
N SER B 67 -1.75 41.37 36.74
CA SER B 67 -0.32 41.67 36.67
C SER B 67 -0.05 43.13 36.29
N LEU B 68 -1.11 43.85 35.95
CA LEU B 68 -0.99 45.27 35.64
C LEU B 68 -0.95 46.10 36.93
N SER B 69 -1.26 45.45 38.04
CA SER B 69 -1.22 46.11 39.34
C SER B 69 0.10 45.83 40.04
N ASP B 70 1.00 45.14 39.35
CA ASP B 70 2.33 44.83 39.87
C ASP B 70 3.15 46.10 40.04
N PRO B 71 4.01 46.14 41.07
CA PRO B 71 4.92 47.27 41.26
C PRO B 71 5.90 47.39 40.10
N PRO B 72 6.43 48.59 39.86
CA PRO B 72 7.37 48.84 38.75
C PRO B 72 8.67 48.06 38.88
N ASN B 73 8.88 47.39 40.01
CA ASN B 73 10.10 46.64 40.27
C ASN B 73 9.94 45.16 40.01
N ILE B 74 8.79 44.60 40.40
CA ILE B 74 8.58 43.17 40.39
C ILE B 74 7.26 42.73 39.74
N LEU B 77 4.77 40.63 40.23
CA LEU B 77 4.48 39.97 41.50
C LEU B 77 3.22 39.11 41.51
N SER B 78 2.19 39.53 40.78
CA SER B 78 0.90 38.85 40.78
C SER B 78 1.01 37.38 40.35
N HIS B 79 1.86 37.13 39.35
CA HIS B 79 2.01 35.78 38.83
C HIS B 79 2.82 34.91 39.78
N PHE B 80 3.60 35.54 40.65
CA PHE B 80 4.42 34.82 41.62
C PHE B 80 3.68 34.58 42.93
N LEU B 81 2.83 35.53 43.31
CA LEU B 81 2.03 35.39 44.52
C LEU B 81 0.98 34.30 44.32
N GLN B 82 0.55 34.13 43.07
CA GLN B 82 -0.39 33.08 42.71
C GLN B 82 0.16 31.69 43.05
N HIS B 83 1.34 31.39 42.53
CA HIS B 83 1.99 30.12 42.79
C HIS B 83 2.37 29.96 44.25
N MET B 84 2.55 31.09 44.93
CA MET B 84 3.04 31.08 46.31
C MET B 84 1.93 30.77 47.31
N LEU B 85 0.68 31.04 46.94
CA LEU B 85 -0.45 30.79 47.82
C LEU B 85 -0.68 29.30 48.04
N PHE B 86 -0.32 28.49 47.05
CA PHE B 86 -0.52 27.05 47.11
C PHE B 86 0.48 26.35 48.04
N LEU B 87 1.40 27.12 48.62
CA LEU B 87 2.50 26.52 49.36
C LEU B 87 2.38 26.62 50.88
N GLY B 88 1.16 26.83 51.38
CA GLY B 88 0.92 26.84 52.81
C GLY B 88 0.24 28.10 53.31
N THR B 89 -0.56 27.94 54.35
CA THR B 89 -1.27 29.06 54.97
C THR B 89 -1.07 29.08 56.47
N LYS B 90 -1.79 29.96 57.16
CA LYS B 90 -1.68 30.07 58.61
C LYS B 90 -2.17 28.81 59.30
N LYS B 91 -3.38 28.38 58.97
CA LYS B 91 -3.96 27.20 59.59
C LYS B 91 -3.31 25.92 59.05
N TYR B 92 -2.90 25.95 57.80
CA TYR B 92 -2.24 24.81 57.18
C TYR B 92 -0.85 25.19 56.66
N PRO B 93 0.16 25.15 57.55
CA PRO B 93 1.54 25.52 57.21
C PRO B 93 2.27 24.45 56.42
N LYS B 94 1.62 23.31 56.19
CA LYS B 94 2.22 22.25 55.38
C LYS B 94 2.34 22.72 53.93
N GLU B 95 3.49 22.46 53.33
CA GLU B 95 3.80 22.99 52.00
C GLU B 95 2.87 22.45 50.92
N ASN B 96 2.40 21.22 51.09
CA ASN B 96 1.55 20.59 50.09
C ASN B 96 0.26 19.99 50.67
N GLU B 97 -0.27 20.64 51.70
CA GLU B 97 -1.52 20.18 52.33
C GLU B 97 -2.69 20.30 51.36
N TYR B 98 -2.65 21.32 50.52
CA TYR B 98 -3.73 21.59 49.58
C TYR B 98 -3.77 20.59 48.43
N SER B 99 -2.60 20.30 47.85
CA SER B 99 -2.52 19.38 46.72
C SER B 99 -2.75 17.93 47.14
N GLN B 100 -2.24 17.56 48.31
CA GLN B 100 -2.39 16.20 48.80
C GLN B 100 -3.84 15.86 49.12
N PHE B 101 -4.56 16.83 49.69
CA PHE B 101 -5.94 16.61 50.08
C PHE B 101 -6.83 16.37 48.86
N LEU B 102 -6.65 17.17 47.82
CA LEU B 102 -7.46 17.06 46.62
C LEU B 102 -7.14 15.77 45.87
N SER B 103 -5.86 15.39 45.86
CA SER B 103 -5.42 14.19 45.16
C SER B 103 -5.97 12.93 45.83
N GLU B 104 -6.06 12.96 47.16
CA GLU B 104 -6.58 11.81 47.91
C GLU B 104 -8.10 11.81 47.96
N HIS B 105 -8.72 12.76 47.27
CA HIS B 105 -10.18 12.84 47.24
C HIS B 105 -10.69 13.12 45.84
N ALA B 106 -9.99 12.58 44.84
CA ALA B 106 -10.39 12.65 43.44
C ALA B 106 -10.59 14.09 42.96
N GLY B 107 -9.58 14.92 43.19
CA GLY B 107 -9.68 16.32 42.80
C GLY B 107 -8.37 16.92 42.31
N SER B 108 -8.47 18.10 41.70
CA SER B 108 -7.31 18.80 41.19
C SER B 108 -7.47 20.30 41.40
N SER B 109 -6.43 21.07 41.07
CA SER B 109 -6.48 22.51 41.22
C SER B 109 -5.50 23.21 40.28
N ASN B 110 -5.84 24.43 39.89
CA ASN B 110 -4.99 25.23 39.02
C ASN B 110 -5.39 26.70 39.09
N ALA B 111 -4.49 27.59 38.69
CA ALA B 111 -4.75 29.02 38.75
C ALA B 111 -4.04 29.76 37.61
N PHE B 112 -4.46 30.99 37.37
CA PHE B 112 -3.83 31.83 36.35
C PHE B 112 -3.97 33.31 36.68
N THR B 113 -3.05 34.12 36.16
CA THR B 113 -3.07 35.56 36.41
C THR B 113 -3.21 36.34 35.11
N SER B 114 -4.33 37.04 34.98
CA SER B 114 -4.59 37.86 33.80
C SER B 114 -4.12 39.29 34.01
N GLY B 115 -4.50 40.18 33.11
CA GLY B 115 -4.12 41.58 33.21
C GLY B 115 -4.77 42.28 34.39
N GLU B 116 -6.04 41.96 34.63
CA GLU B 116 -6.77 42.52 35.76
C GLU B 116 -7.58 41.44 36.46
N HIS B 117 -7.09 40.21 36.42
CA HIS B 117 -7.79 39.08 37.03
C HIS B 117 -6.82 38.01 37.55
N THR B 118 -6.99 37.65 38.82
CA THR B 118 -6.26 36.53 39.39
C THR B 118 -7.24 35.47 39.84
N ASN B 119 -7.33 34.38 39.09
CA ASN B 119 -8.36 33.37 39.32
C ASN B 119 -7.81 32.09 39.95
N TYR B 120 -8.47 31.64 41.01
CA TYR B 120 -8.12 30.38 41.66
C TYR B 120 -9.33 29.44 41.61
N TYR B 121 -9.08 28.17 41.32
CA TYR B 121 -10.17 27.21 41.19
C TYR B 121 -9.75 25.79 41.50
N PHE B 122 -10.72 24.92 41.76
CA PHE B 122 -10.46 23.52 42.05
C PHE B 122 -11.74 22.69 42.01
N ASP B 123 -11.58 21.37 41.95
CA ASP B 123 -12.70 20.45 42.12
C ASP B 123 -12.27 19.30 43.04
N VAL B 124 -13.25 18.57 43.55
CA VAL B 124 -13.00 17.50 44.50
C VAL B 124 -14.25 16.64 44.66
N SER B 125 -14.12 15.49 45.32
CA SER B 125 -15.27 14.63 45.58
C SER B 125 -16.37 15.37 46.33
N HIS B 126 -17.62 15.06 46.02
CA HIS B 126 -18.76 15.79 46.56
C HIS B 126 -18.95 15.60 48.05
N GLU B 127 -18.24 14.63 48.62
CA GLU B 127 -18.36 14.34 50.05
C GLU B 127 -17.36 15.14 50.88
N HIS B 128 -16.29 15.60 50.23
CA HIS B 128 -15.24 16.32 50.94
C HIS B 128 -15.07 17.75 50.42
N LEU B 129 -16.19 18.39 50.07
CA LEU B 129 -16.16 19.75 49.58
C LEU B 129 -15.83 20.75 50.69
N GLU B 130 -16.37 20.50 51.88
CA GLU B 130 -16.21 21.40 53.01
C GLU B 130 -14.77 21.55 53.43
N GLY B 131 -14.05 20.43 53.52
CA GLY B 131 -12.65 20.45 53.91
C GLY B 131 -11.77 21.09 52.85
N ALA B 132 -12.11 20.85 51.59
CA ALA B 132 -11.35 21.41 50.48
C ALA B 132 -11.56 22.92 50.38
N LEU B 133 -12.80 23.34 50.58
CA LEU B 133 -13.14 24.77 50.53
C LEU B 133 -12.53 25.52 51.71
N ASP B 134 -12.35 24.81 52.82
CA ASP B 134 -11.75 25.39 54.01
C ASP B 134 -10.29 25.76 53.77
N ARG B 135 -9.55 24.82 53.19
CA ARG B 135 -8.14 25.05 52.86
C ARG B 135 -8.00 26.09 51.76
N PHE B 136 -8.99 26.13 50.88
CA PHE B 136 -9.00 27.09 49.78
C PHE B 136 -9.27 28.50 50.28
N ALA B 137 -10.07 28.59 51.34
CA ALA B 137 -10.41 29.88 51.94
C ALA B 137 -9.20 30.48 52.65
N GLN B 138 -8.32 29.62 53.14
CA GLN B 138 -7.14 30.05 53.88
C GLN B 138 -6.12 30.73 52.97
N PHE B 139 -6.23 30.50 51.67
CA PHE B 139 -5.36 31.15 50.69
C PHE B 139 -5.54 32.66 50.72
N PHE B 140 -6.73 33.10 51.08
CA PHE B 140 -7.08 34.51 51.07
C PHE B 140 -7.20 35.02 52.50
N LEU B 141 -6.97 34.12 53.45
CA LEU B 141 -6.91 34.46 54.87
C LEU B 141 -5.51 34.18 55.41
N SER B 142 -4.66 35.19 55.42
CA SER B 142 -3.32 35.10 56.04
C SER B 142 -2.35 33.98 55.63
N PRO B 143 -2.05 33.85 54.33
CA PRO B 143 -0.98 32.93 53.92
C PRO B 143 0.39 33.17 54.52
N LEU B 144 1.19 32.12 54.65
CA LEU B 144 2.49 32.21 55.31
C LEU B 144 3.55 32.91 54.50
N PHE B 145 3.68 32.51 53.22
CA PHE B 145 4.76 32.98 52.36
C PHE B 145 6.12 32.66 52.97
N ASP B 146 6.43 31.36 53.06
CA ASP B 146 7.68 30.91 53.66
C ASP B 146 8.89 31.40 52.88
N GLU B 147 10.01 31.58 53.58
CA GLU B 147 11.23 32.06 52.95
C GLU B 147 11.83 31.00 52.04
N SER B 148 11.86 29.76 52.52
CA SER B 148 12.42 28.65 51.74
C SER B 148 11.52 28.29 50.57
N ALA B 149 10.21 28.37 50.78
CA ALA B 149 9.24 28.06 49.73
C ALA B 149 9.26 29.15 48.66
N LYS B 150 9.75 30.32 49.03
CA LYS B 150 9.86 31.44 48.09
C LYS B 150 11.13 31.32 47.25
N ASP B 151 12.19 30.82 47.87
CA ASP B 151 13.48 30.66 47.20
C ASP B 151 13.48 29.50 46.21
N ARG B 152 12.43 28.69 46.26
CA ARG B 152 12.31 27.55 45.35
C ARG B 152 11.27 27.80 44.26
N GLU B 153 10.13 28.36 44.65
CA GLU B 153 9.04 28.61 43.71
C GLU B 153 9.41 29.68 42.68
N VAL B 154 10.42 30.50 43.02
CA VAL B 154 10.92 31.50 42.08
C VAL B 154 11.52 30.82 40.86
N ASN B 155 12.12 29.65 41.06
CA ASN B 155 12.68 28.88 39.97
C ASN B 155 11.59 28.25 39.11
N ALA B 156 10.46 27.94 39.73
CA ALA B 156 9.32 27.35 39.02
C ALA B 156 8.67 28.39 38.12
N VAL B 157 8.63 29.64 38.58
CA VAL B 157 8.09 30.73 37.79
C VAL B 157 9.05 31.09 36.66
N ASP B 158 10.34 31.03 36.96
CA ASP B 158 11.38 31.29 35.96
C ASP B 158 11.38 30.19 34.91
N SER B 159 11.10 28.96 35.34
CA SER B 159 11.00 27.83 34.42
C SER B 159 9.74 27.94 33.57
N GLU B 160 8.70 28.56 34.14
CA GLU B 160 7.45 28.76 33.43
C GLU B 160 7.62 29.78 32.31
N HIS B 161 8.49 30.76 32.54
CA HIS B 161 8.76 31.79 31.54
C HIS B 161 9.67 31.26 30.43
N GLU B 162 10.73 30.54 30.83
CA GLU B 162 11.66 29.96 29.87
C GLU B 162 10.95 28.99 28.92
N LYS B 163 9.84 28.44 29.39
CA LYS B 163 9.01 27.55 28.59
C LYS B 163 8.32 28.34 27.46
N ASN B 164 8.10 29.62 27.70
CA ASN B 164 7.38 30.46 26.74
C ASN B 164 8.29 31.45 26.00
N VAL B 165 9.59 31.40 26.27
CA VAL B 165 10.53 32.33 25.65
C VAL B 165 10.66 32.10 24.15
N MET B 166 10.88 30.84 23.76
CA MET B 166 11.06 30.51 22.35
C MET B 166 9.73 30.31 21.64
N ASN B 167 8.63 30.65 22.31
CA ASN B 167 7.31 30.55 21.72
C ASN B 167 6.93 31.86 21.04
N ASP B 168 6.55 31.76 19.76
CA ASP B 168 6.27 32.94 18.94
C ASP B 168 5.10 33.77 19.47
N ALA B 169 4.10 33.10 20.04
CA ALA B 169 2.91 33.79 20.53
C ALA B 169 3.24 34.74 21.68
N TRP B 170 4.03 34.26 22.64
CA TRP B 170 4.41 35.09 23.79
C TRP B 170 5.37 36.20 23.40
N ARG B 171 6.16 35.96 22.36
CA ARG B 171 7.10 36.97 21.86
C ARG B 171 6.34 38.14 21.24
N LEU B 172 5.33 37.81 20.43
CA LEU B 172 4.50 38.83 19.79
C LEU B 172 3.60 39.50 20.81
N PHE B 173 3.27 38.78 21.88
CA PHE B 173 2.43 39.29 22.94
C PHE B 173 3.12 40.39 23.73
N GLN B 174 4.37 40.14 24.12
CA GLN B 174 5.12 41.08 24.94
C GLN B 174 5.70 42.22 24.11
N LEU B 175 5.94 41.96 22.83
CA LEU B 175 6.49 42.99 21.96
C LEU B 175 5.44 44.05 21.62
N GLU B 176 4.17 43.63 21.57
CA GLU B 176 3.08 44.54 21.29
C GLU B 176 2.94 45.59 22.38
N LYS B 177 3.10 45.16 23.62
CA LYS B 177 3.01 46.07 24.76
C LYS B 177 4.35 46.77 25.01
N ALA B 178 5.39 46.33 24.32
CA ALA B 178 6.70 46.92 24.47
C ALA B 178 6.84 48.17 23.59
N THR B 179 6.06 48.22 22.53
CA THR B 179 6.10 49.34 21.59
C THR B 179 5.12 50.44 21.97
N GLY B 180 4.65 50.40 23.22
CA GLY B 180 3.71 51.40 23.70
C GLY B 180 4.36 52.38 24.65
N ASN B 181 3.54 53.07 25.46
CA ASN B 181 4.06 54.01 26.45
C ASN B 181 4.78 53.27 27.57
N PRO B 182 6.09 53.54 27.71
CA PRO B 182 6.92 52.89 28.73
C PRO B 182 6.44 53.14 30.16
N LYS B 183 5.80 54.28 30.38
CA LYS B 183 5.31 54.64 31.71
C LYS B 183 3.90 54.11 31.96
N HIS B 184 3.33 53.45 30.96
CA HIS B 184 1.99 52.87 31.09
C HIS B 184 2.10 51.44 31.63
N PRO B 185 1.25 51.11 32.62
CA PRO B 185 1.23 49.80 33.27
C PRO B 185 1.03 48.63 32.32
N PHE B 186 0.49 48.89 31.13
CA PHE B 186 0.28 47.86 30.12
C PHE B 186 1.61 47.39 29.55
N SER B 187 2.64 48.22 29.67
CA SER B 187 3.97 47.90 29.16
C SER B 187 4.81 47.19 30.21
N LYS B 188 4.17 46.48 31.12
CA LYS B 188 4.88 45.77 32.18
C LYS B 188 5.00 44.28 31.87
N PHE B 189 5.96 43.63 32.54
CA PHE B 189 6.18 42.19 32.38
C PHE B 189 5.15 41.41 33.18
N GLY B 190 4.31 40.67 32.48
CA GLY B 190 3.25 39.90 33.11
C GLY B 190 3.71 38.64 33.80
N THR B 191 4.54 37.86 33.11
CA THR B 191 5.02 36.59 33.63
C THR B 191 6.05 36.77 34.73
N GLY B 192 7.16 37.42 34.39
CA GLY B 192 8.26 37.59 35.32
C GLY B 192 9.14 36.36 35.39
N ASN B 193 10.33 36.52 35.95
CA ASN B 193 11.24 35.40 36.14
C ASN B 193 12.14 35.59 37.35
N LYS B 194 13.20 34.80 37.44
CA LYS B 194 14.12 34.85 38.57
C LYS B 194 14.80 36.21 38.70
N TYR B 195 15.07 36.85 37.58
CA TYR B 195 15.75 38.13 37.58
C TYR B 195 14.89 39.23 38.21
N THR B 196 13.60 39.19 37.96
CA THR B 196 12.68 40.21 38.48
C THR B 196 12.22 39.87 39.90
N LEU B 197 12.38 38.61 40.29
CA LEU B 197 11.89 38.14 41.58
C LEU B 197 13.00 37.97 42.61
N GLU B 198 14.21 37.66 42.15
CA GLU B 198 15.30 37.35 43.06
C GLU B 198 16.54 38.21 42.84
N THR B 199 16.97 38.34 41.60
CA THR B 199 18.21 39.05 41.28
C THR B 199 18.10 40.56 41.53
N ARG B 200 17.11 41.19 40.90
CA ARG B 200 16.92 42.64 41.06
C ARG B 200 16.56 43.07 42.48
N PRO B 201 15.65 42.36 43.17
CA PRO B 201 15.38 42.77 44.56
C PRO B 201 16.60 42.68 45.47
N ASN B 202 17.53 41.77 45.17
CA ASN B 202 18.73 41.63 45.97
C ASN B 202 19.75 42.73 45.66
N GLN B 203 19.81 43.14 44.41
CA GLN B 203 20.70 44.24 44.00
C GLN B 203 20.18 45.57 44.49
N GLU B 204 18.87 45.64 44.74
CA GLU B 204 18.24 46.87 45.19
C GLU B 204 17.87 46.81 46.68
N GLY B 205 18.14 45.66 47.29
CA GLY B 205 17.85 45.48 48.71
C GLY B 205 16.36 45.50 49.01
N ILE B 206 15.64 44.51 48.49
CA ILE B 206 14.20 44.42 48.69
C ILE B 206 13.79 43.06 49.24
N ASP B 207 13.09 43.07 50.38
CA ASP B 207 12.59 41.84 50.96
C ASP B 207 11.39 41.33 50.18
N VAL B 208 11.61 40.29 49.38
CA VAL B 208 10.56 39.75 48.51
C VAL B 208 9.41 39.16 49.32
N ARG B 209 9.72 38.68 50.52
CA ARG B 209 8.71 38.08 51.38
C ARG B 209 7.65 39.09 51.84
N GLN B 210 8.11 40.20 52.41
CA GLN B 210 7.19 41.23 52.89
C GLN B 210 6.48 41.94 51.76
N GLU B 211 7.08 41.91 50.57
CA GLU B 211 6.43 42.49 49.38
C GLU B 211 5.22 41.65 48.99
N LEU B 212 5.35 40.33 49.15
CA LEU B 212 4.23 39.43 48.95
C LEU B 212 3.17 39.68 50.03
N LEU B 213 3.64 39.93 51.25
CA LEU B 213 2.76 40.22 52.37
C LEU B 213 2.01 41.52 52.16
N LYS B 214 2.72 42.54 51.69
CA LYS B 214 2.13 43.85 51.46
C LYS B 214 1.15 43.83 50.28
N PHE B 215 1.42 42.96 49.32
CA PHE B 215 0.57 42.86 48.12
C PHE B 215 -0.75 42.17 48.44
N HIS B 216 -0.67 41.10 49.24
CA HIS B 216 -1.84 40.33 49.61
C HIS B 216 -2.69 41.05 50.65
N SER B 217 -2.08 41.97 51.38
CA SER B 217 -2.77 42.70 52.44
C SER B 217 -3.34 44.02 51.92
N ALA B 218 -3.09 44.32 50.64
CA ALA B 218 -3.57 45.56 50.07
C ALA B 218 -4.55 45.33 48.92
N TYR B 219 -4.15 44.52 47.95
CA TYR B 219 -4.96 44.30 46.76
C TYR B 219 -5.98 43.18 46.94
N TYR B 220 -5.64 42.19 47.75
CA TYR B 220 -6.54 41.07 48.00
C TYR B 220 -7.57 41.42 49.07
N SER B 221 -8.46 42.36 48.75
CA SER B 221 -9.52 42.75 49.66
C SER B 221 -10.82 42.04 49.28
N SER B 222 -11.81 42.11 50.17
CA SER B 222 -13.06 41.40 49.96
C SER B 222 -13.96 42.12 48.96
N ASN B 223 -13.68 43.39 48.69
CA ASN B 223 -14.50 44.18 47.78
C ASN B 223 -14.12 43.93 46.32
N LEU B 224 -13.14 43.07 46.10
CA LEU B 224 -12.67 42.76 44.75
C LEU B 224 -12.62 41.25 44.52
N MET B 225 -13.51 40.51 45.19
CA MET B 225 -13.52 39.06 45.08
C MET B 225 -14.88 38.52 44.67
N ALA B 226 -14.86 37.42 43.92
CA ALA B 226 -16.09 36.75 43.50
C ALA B 226 -15.96 35.24 43.68
N VAL B 227 -16.85 34.67 44.50
CA VAL B 227 -16.76 33.26 44.85
C VAL B 227 -17.93 32.46 44.30
N VAL B 228 -17.63 31.34 43.65
CA VAL B 228 -18.65 30.42 43.15
C VAL B 228 -18.42 29.03 43.71
N VAL B 229 -19.44 28.48 44.39
CA VAL B 229 -19.35 27.16 44.99
C VAL B 229 -20.40 26.21 44.41
N LEU B 230 -19.95 25.05 43.94
CA LEU B 230 -20.84 24.06 43.35
C LEU B 230 -20.77 22.75 44.11
N GLY B 231 -21.92 22.17 44.44
CA GLY B 231 -21.97 20.92 45.16
C GLY B 231 -23.36 20.31 45.25
N ARG B 232 -23.44 19.10 45.81
CA ARG B 232 -24.72 18.43 46.00
C ARG B 232 -25.50 19.03 47.16
N GLU B 233 -24.78 19.70 48.07
CA GLU B 233 -25.38 20.28 49.26
C GLU B 233 -26.44 21.32 48.91
N SER B 234 -27.38 21.52 49.83
CA SER B 234 -28.46 22.47 49.62
C SER B 234 -27.95 23.91 49.60
N LEU B 235 -28.79 24.83 49.12
CA LEU B 235 -28.42 26.22 49.01
C LEU B 235 -28.20 26.86 50.38
N ASP B 236 -28.99 26.44 51.36
CA ASP B 236 -28.89 26.98 52.71
C ASP B 236 -27.63 26.47 53.39
N ASP B 237 -27.29 25.20 53.15
CA ASP B 237 -26.10 24.60 53.73
C ASP B 237 -24.83 25.24 53.18
N LEU B 238 -24.83 25.52 51.88
CA LEU B 238 -23.70 26.16 51.23
C LEU B 238 -23.62 27.63 51.65
N THR B 239 -24.77 28.23 51.90
CA THR B 239 -24.83 29.63 52.34
C THR B 239 -24.14 29.78 53.69
N ASN B 240 -24.51 28.93 54.64
CA ASN B 240 -23.90 28.95 55.96
C ASN B 240 -22.44 28.52 55.93
N LEU B 241 -22.06 27.84 54.85
CA LEU B 241 -20.69 27.38 54.67
C LEU B 241 -19.78 28.51 54.19
N VAL B 242 -20.24 29.26 53.19
CA VAL B 242 -19.50 30.40 52.68
C VAL B 242 -19.45 31.52 53.72
N VAL B 243 -20.58 31.72 54.41
CA VAL B 243 -20.65 32.69 55.49
C VAL B 243 -19.65 32.35 56.59
N LYS B 244 -19.53 31.07 56.92
CA LYS B 244 -18.61 30.62 57.96
C LYS B 244 -17.16 30.95 57.61
N LEU B 245 -16.82 30.82 56.33
CA LEU B 245 -15.43 30.96 55.89
C LEU B 245 -15.09 32.33 55.30
N PHE B 246 -15.90 32.78 54.34
CA PHE B 246 -15.56 33.97 53.57
C PHE B 246 -16.15 35.27 54.13
N SER B 247 -16.58 35.24 55.38
CA SER B 247 -17.02 36.48 56.04
C SER B 247 -15.90 37.02 56.91
N GLU B 248 -14.91 36.17 57.18
CA GLU B 248 -13.75 36.57 57.96
C GLU B 248 -12.75 37.33 57.09
N VAL B 249 -13.03 37.39 55.79
CA VAL B 249 -12.19 38.14 54.87
C VAL B 249 -12.34 39.64 55.14
N GLU B 250 -11.22 40.30 55.43
CA GLU B 250 -11.23 41.71 55.78
C GLU B 250 -11.57 42.59 54.59
N ASN B 251 -12.41 43.60 54.83
CA ASN B 251 -12.78 44.56 53.80
C ASN B 251 -11.94 45.83 53.91
N LYS B 252 -11.43 46.29 52.77
CA LYS B 252 -10.59 47.49 52.76
C LYS B 252 -11.13 48.56 51.83
N ASN B 253 -12.17 48.21 51.07
CA ASN B 253 -12.78 49.11 50.09
C ASN B 253 -11.75 49.67 49.12
N VAL B 254 -10.97 48.78 48.52
CA VAL B 254 -9.92 49.17 47.59
C VAL B 254 -10.49 49.58 46.23
N PRO B 255 -10.15 50.79 45.76
CA PRO B 255 -10.58 51.30 44.46
C PRO B 255 -10.10 50.42 43.30
N LEU B 256 -11.01 50.09 42.40
CA LEU B 256 -10.69 49.25 41.25
C LEU B 256 -9.74 49.99 40.30
N PRO B 257 -8.57 49.38 40.03
CA PRO B 257 -7.54 49.96 39.15
C PRO B 257 -8.08 50.34 37.77
N GLU B 258 -8.05 51.62 37.45
CA GLU B 258 -8.54 52.10 36.17
C GLU B 258 -7.40 52.62 35.30
N PHE B 259 -7.46 52.31 34.01
CA PHE B 259 -6.46 52.76 33.06
C PHE B 259 -7.14 53.51 31.91
N PRO B 260 -7.53 54.76 32.15
CA PRO B 260 -8.35 55.57 31.24
C PRO B 260 -7.79 55.69 29.82
N GLU B 261 -6.61 56.29 29.68
CA GLU B 261 -6.06 56.54 28.36
C GLU B 261 -5.30 55.34 27.80
N HIS B 262 -5.39 55.17 26.48
CA HIS B 262 -4.72 54.06 25.78
C HIS B 262 -3.21 54.16 25.89
N PRO B 263 -2.55 52.99 26.04
CA PRO B 263 -1.08 52.91 26.10
C PRO B 263 -0.43 53.42 24.83
N PHE B 264 -1.10 53.22 23.70
CA PHE B 264 -0.60 53.69 22.42
C PHE B 264 -1.02 55.12 22.16
N GLN B 265 -0.13 56.06 22.47
CA GLN B 265 -0.39 57.48 22.24
C GLN B 265 -0.23 57.80 20.76
N GLU B 266 -0.23 59.07 20.40
CA GLU B 266 -0.07 59.50 19.02
C GLU B 266 1.31 59.13 18.50
N GLU B 267 2.26 58.99 19.42
CA GLU B 267 3.63 58.61 19.07
C GLU B 267 3.70 57.16 18.59
N HIS B 268 2.74 56.36 19.02
CA HIS B 268 2.78 54.93 18.75
C HIS B 268 1.75 54.50 17.70
N LEU B 269 1.16 55.47 17.01
CA LEU B 269 0.18 55.19 15.97
C LEU B 269 0.84 55.20 14.60
N LYS B 270 0.23 54.49 13.65
CA LYS B 270 0.76 54.36 12.29
C LYS B 270 2.21 53.90 12.29
N GLN B 271 2.45 52.67 12.73
CA GLN B 271 3.81 52.14 12.86
C GLN B 271 3.94 50.75 12.24
N LEU B 272 5.07 50.52 11.57
CA LEU B 272 5.40 49.21 11.03
C LEU B 272 6.47 48.57 11.91
N TYR B 273 6.47 47.25 12.03
CA TYR B 273 7.35 46.59 12.99
C TYR B 273 8.25 45.50 12.39
N LYS B 274 7.72 44.75 11.43
CA LYS B 274 8.51 43.72 10.74
C LYS B 274 9.22 42.77 11.69
N ILE B 275 8.44 42.04 12.49
CA ILE B 275 8.98 41.16 13.53
C ILE B 275 9.52 39.85 12.96
N VAL B 276 10.64 39.38 13.50
CA VAL B 276 11.23 38.11 13.09
C VAL B 276 10.83 36.99 14.04
N PRO B 277 10.13 35.97 13.52
CA PRO B 277 9.64 34.84 14.31
C PRO B 277 10.67 33.72 14.45
N ILE B 278 10.33 32.70 15.26
CA ILE B 278 11.18 31.53 15.42
C ILE B 278 10.79 30.46 14.40
N LYS B 279 9.51 30.14 14.34
CA LYS B 279 8.99 29.22 13.34
C LYS B 279 8.95 29.90 11.97
N ASP B 280 8.81 29.10 10.93
CA ASP B 280 8.70 29.64 9.57
C ASP B 280 7.25 30.03 9.28
N ILE B 281 6.82 31.15 9.85
CA ILE B 281 5.47 31.63 9.67
C ILE B 281 5.45 33.04 9.06
N ARG B 282 4.36 33.36 8.37
CA ARG B 282 4.20 34.68 7.76
C ARG B 282 2.82 35.24 8.07
N ASN B 283 2.75 36.13 9.06
CA ASN B 283 1.48 36.67 9.51
C ASN B 283 1.41 38.19 9.41
N LEU B 284 0.19 38.73 9.51
CA LEU B 284 -0.04 40.16 9.52
C LEU B 284 -0.98 40.53 10.65
N TYR B 285 -0.56 41.49 11.48
CA TYR B 285 -1.36 41.88 12.64
C TYR B 285 -1.77 43.34 12.59
N VAL B 286 -3.05 43.59 12.32
CA VAL B 286 -3.60 44.95 12.31
C VAL B 286 -4.30 45.24 13.63
N THR B 287 -3.98 46.37 14.24
CA THR B 287 -4.52 46.70 15.56
C THR B 287 -5.15 48.10 15.60
N PHE B 288 -6.37 48.18 16.11
CA PHE B 288 -7.07 49.44 16.27
C PHE B 288 -7.38 49.73 17.73
N PRO B 289 -6.73 50.77 18.30
CA PRO B 289 -6.98 51.19 19.68
C PRO B 289 -8.39 51.76 19.86
N ILE B 290 -9.20 51.08 20.67
CA ILE B 290 -10.58 51.49 20.90
C ILE B 290 -10.85 51.64 22.40
N PRO B 291 -11.84 52.50 22.76
CA PRO B 291 -12.23 52.65 24.17
C PRO B 291 -12.73 51.36 24.80
N ASP B 292 -12.83 51.33 26.12
CA ASP B 292 -13.30 50.16 26.84
C ASP B 292 -14.79 49.92 26.56
N LEU B 293 -15.09 48.84 25.85
CA LEU B 293 -16.46 48.54 25.45
C LEU B 293 -17.08 47.46 26.32
N GLN B 294 -16.79 47.50 27.61
CA GLN B 294 -17.26 46.46 28.53
C GLN B 294 -18.69 46.72 29.01
N LYS B 295 -19.03 47.98 29.21
CA LYS B 295 -20.34 48.33 29.77
C LYS B 295 -21.41 48.42 28.67
N TYR B 296 -21.04 48.05 27.45
CA TYR B 296 -22.00 47.98 26.36
C TYR B 296 -22.37 46.52 26.07
N TYR B 297 -22.28 45.68 27.09
CA TYR B 297 -22.47 44.24 26.93
C TYR B 297 -23.89 43.90 26.47
N LYS B 298 -24.84 44.74 26.82
CA LYS B 298 -26.24 44.52 26.46
C LYS B 298 -26.45 44.68 24.95
N SER B 299 -25.63 45.52 24.33
CA SER B 299 -25.67 45.73 22.89
C SER B 299 -24.51 45.01 22.20
N ASN B 300 -23.37 45.00 22.87
CA ASN B 300 -22.17 44.32 22.40
C ASN B 300 -21.66 44.62 20.99
N PRO B 301 -21.42 45.91 20.69
CA PRO B 301 -20.94 46.28 19.36
C PRO B 301 -19.70 45.56 18.85
N GLY B 302 -18.85 45.12 19.78
CA GLY B 302 -17.63 44.41 19.41
C GLY B 302 -17.91 43.10 18.71
N HIS B 303 -18.90 42.38 19.19
CA HIS B 303 -19.31 41.12 18.58
C HIS B 303 -20.00 41.37 17.24
N TYR B 304 -20.65 42.53 17.13
CA TYR B 304 -21.34 42.91 15.90
C TYR B 304 -20.34 43.09 14.76
N LEU B 305 -19.43 44.04 14.94
CA LEU B 305 -18.41 44.33 13.94
C LEU B 305 -17.46 43.15 13.77
N GLY B 306 -17.28 42.38 14.84
CA GLY B 306 -16.45 41.20 14.79
C GLY B 306 -17.04 40.12 13.90
N HIS B 307 -18.37 40.10 13.82
CA HIS B 307 -19.07 39.12 13.01
C HIS B 307 -18.99 39.45 11.52
N LEU B 308 -19.11 40.72 11.18
CA LEU B 308 -19.09 41.15 9.79
C LEU B 308 -17.69 41.11 9.20
N ILE B 309 -16.73 41.72 9.91
CA ILE B 309 -15.35 41.74 9.45
C ILE B 309 -14.73 40.35 9.54
N GLY B 310 -15.07 39.62 10.59
CA GLY B 310 -14.54 38.29 10.80
C GLY B 310 -15.36 37.20 10.10
N HIS B 311 -16.29 37.62 9.25
CA HIS B 311 -17.11 36.68 8.50
C HIS B 311 -16.25 35.93 7.48
N GLU B 312 -16.75 34.79 7.01
CA GLU B 312 -15.97 33.93 6.13
C GLU B 312 -16.79 33.46 4.93
N GLY B 313 -18.07 33.85 4.90
CA GLY B 313 -18.95 33.44 3.83
C GLY B 313 -18.67 34.13 2.50
N PRO B 314 -19.56 33.93 1.53
CA PRO B 314 -19.43 34.53 0.19
C PRO B 314 -19.50 36.06 0.22
N GLY B 315 -18.66 36.70 -0.58
CA GLY B 315 -18.66 38.15 -0.68
C GLY B 315 -18.02 38.83 0.51
N SER B 316 -17.35 38.05 1.35
CA SER B 316 -16.69 38.60 2.54
C SER B 316 -15.27 39.04 2.23
N LEU B 317 -14.53 39.44 3.26
CA LEU B 317 -13.16 39.90 3.11
C LEU B 317 -12.22 38.74 2.81
N LEU B 318 -12.36 37.66 3.55
CA LEU B 318 -11.49 36.50 3.40
C LEU B 318 -11.71 35.79 2.07
N SER B 319 -12.94 35.81 1.58
CA SER B 319 -13.29 35.17 0.32
C SER B 319 -12.56 35.83 -0.86
N GLU B 320 -12.42 37.14 -0.79
CA GLU B 320 -11.74 37.90 -1.84
C GLU B 320 -10.22 37.82 -1.70
N LEU B 321 -9.73 37.95 -0.47
CA LEU B 321 -8.30 37.91 -0.21
C LEU B 321 -7.71 36.51 -0.46
N LYS B 322 -8.57 35.50 -0.51
CA LYS B 322 -8.15 34.15 -0.83
C LYS B 322 -8.13 33.96 -2.35
N SER B 323 -9.09 34.58 -3.02
CA SER B 323 -9.19 34.50 -4.48
C SER B 323 -8.06 35.27 -5.15
N LYS B 324 -7.45 36.18 -4.40
CA LYS B 324 -6.29 36.93 -4.88
C LYS B 324 -5.01 36.15 -4.63
N GLY B 325 -5.13 35.04 -3.91
CA GLY B 325 -3.99 34.20 -3.59
C GLY B 325 -3.01 34.90 -2.67
N TRP B 326 -3.53 35.59 -1.66
CA TRP B 326 -2.69 36.33 -0.73
C TRP B 326 -2.68 35.70 0.66
N VAL B 327 -3.86 35.47 1.22
CA VAL B 327 -3.96 34.88 2.55
C VAL B 327 -4.69 33.53 2.52
N ASN B 328 -4.77 32.89 3.68
CA ASN B 328 -5.43 31.60 3.78
C ASN B 328 -6.50 31.58 4.87
N THR B 329 -6.25 32.30 5.97
CA THR B 329 -7.19 32.36 7.08
C THR B 329 -7.32 33.78 7.61
N LEU B 330 -8.31 34.00 8.47
CA LEU B 330 -8.57 35.33 9.01
C LEU B 330 -9.31 35.25 10.34
N VAL B 331 -8.70 35.83 11.37
CA VAL B 331 -9.36 35.99 12.66
C VAL B 331 -9.34 37.46 13.05
N GLY B 332 -10.49 38.11 12.96
CA GLY B 332 -10.59 39.53 13.23
C GLY B 332 -11.35 39.82 14.52
N GLY B 333 -12.21 40.83 14.47
CA GLY B 333 -13.01 41.19 15.62
C GLY B 333 -12.27 42.09 16.59
N GLN B 334 -12.57 41.92 17.88
CA GLN B 334 -11.96 42.75 18.91
C GLN B 334 -11.16 41.92 19.91
N LYS B 335 -10.20 42.56 20.57
CA LYS B 335 -9.47 41.94 21.64
C LYS B 335 -9.82 42.66 22.94
N GLU B 336 -9.23 42.23 24.05
CA GLU B 336 -9.59 42.80 25.35
C GLU B 336 -8.41 43.45 26.04
N GLY B 337 -8.65 44.65 26.57
CA GLY B 337 -7.68 45.34 27.40
C GLY B 337 -8.24 45.54 28.78
N ALA B 338 -7.47 46.16 29.67
CA ALA B 338 -7.91 46.39 31.04
C ALA B 338 -8.99 47.45 31.11
N ARG B 339 -9.39 47.80 32.34
CA ARG B 339 -10.36 48.85 32.58
C ARG B 339 -9.90 50.17 31.97
N GLY B 340 -10.63 50.65 30.97
CA GLY B 340 -10.33 51.92 30.36
C GLY B 340 -9.99 51.85 28.88
N PHE B 341 -9.37 50.76 28.46
CA PHE B 341 -8.97 50.62 27.07
C PHE B 341 -9.13 49.19 26.55
N MET B 342 -9.39 49.07 25.25
CA MET B 342 -9.54 47.78 24.60
C MET B 342 -8.87 47.78 23.23
N PHE B 343 -8.86 46.62 22.57
CA PHE B 343 -8.24 46.50 21.26
C PHE B 343 -9.21 45.90 20.23
N PHE B 344 -9.09 46.37 18.99
CA PHE B 344 -9.80 45.76 17.88
C PHE B 344 -8.79 45.32 16.83
N ILE B 345 -8.65 44.01 16.67
CA ILE B 345 -7.60 43.48 15.81
C ILE B 345 -8.13 42.79 14.56
N ILE B 346 -7.34 42.86 13.49
CA ILE B 346 -7.61 42.12 12.26
C ILE B 346 -6.34 41.36 11.87
N ASN B 347 -6.22 40.14 12.37
CA ASN B 347 -5.03 39.33 12.16
C ASN B 347 -5.22 38.30 11.06
N VAL B 348 -4.36 38.34 10.05
CA VAL B 348 -4.44 37.40 8.94
C VAL B 348 -3.13 36.66 8.72
N ASP B 349 -3.21 35.52 8.05
CA ASP B 349 -2.03 34.74 7.68
C ASP B 349 -1.87 34.77 6.17
N LEU B 350 -0.89 35.52 5.68
CA LEU B 350 -0.69 35.70 4.26
C LEU B 350 0.29 34.68 3.67
N THR B 351 0.13 34.39 2.38
CA THR B 351 0.99 33.44 1.69
C THR B 351 2.27 34.11 1.20
N GLU B 352 3.00 33.41 0.33
CA GLU B 352 4.24 33.93 -0.21
C GLU B 352 4.02 35.22 -1.00
N GLU B 353 3.05 35.19 -1.90
CA GLU B 353 2.75 36.36 -2.73
C GLU B 353 2.04 37.43 -1.92
N GLY B 354 1.33 37.00 -0.88
CA GLY B 354 0.64 37.93 0.01
C GLY B 354 1.61 38.72 0.87
N LEU B 355 2.82 38.21 1.00
CA LEU B 355 3.87 38.88 1.76
C LEU B 355 4.38 40.10 1.00
N LEU B 356 4.26 40.05 -0.34
CA LEU B 356 4.71 41.14 -1.18
C LEU B 356 3.61 42.16 -1.40
N HIS B 357 2.37 41.74 -1.16
CA HIS B 357 1.21 42.61 -1.38
C HIS B 357 0.46 42.91 -0.09
N VAL B 358 1.21 43.09 1.00
CA VAL B 358 0.63 43.40 2.29
C VAL B 358 -0.14 44.72 2.25
N GLU B 359 0.43 45.70 1.56
CA GLU B 359 -0.17 47.02 1.44
C GLU B 359 -1.53 46.96 0.76
N ASP B 360 -1.68 46.04 -0.19
CA ASP B 360 -2.93 45.89 -0.92
C ASP B 360 -3.93 45.04 -0.14
N ILE B 361 -3.43 44.26 0.81
CA ILE B 361 -4.29 43.48 1.69
C ILE B 361 -5.05 44.41 2.64
N ILE B 362 -4.30 45.30 3.28
CA ILE B 362 -4.88 46.27 4.21
C ILE B 362 -5.80 47.24 3.46
N LEU B 363 -5.47 47.51 2.20
CA LEU B 363 -6.29 48.36 1.36
C LEU B 363 -7.69 47.76 1.16
N HIS B 364 -7.73 46.46 0.96
CA HIS B 364 -9.00 45.74 0.82
C HIS B 364 -9.79 45.78 2.12
N MET B 365 -9.08 45.77 3.24
CA MET B 365 -9.70 45.79 4.56
C MET B 365 -10.46 47.10 4.78
N PHE B 366 -9.82 48.22 4.46
CA PHE B 366 -10.46 49.52 4.60
C PHE B 366 -11.59 49.71 3.60
N GLN B 367 -11.48 49.02 2.46
CA GLN B 367 -12.56 49.03 1.46
C GLN B 367 -13.80 48.36 2.02
N TYR B 368 -13.59 47.34 2.84
CA TYR B 368 -14.69 46.62 3.47
C TYR B 368 -15.27 47.43 4.62
N ILE B 369 -14.40 48.11 5.35
CA ILE B 369 -14.82 49.00 6.44
C ILE B 369 -15.58 50.19 5.87
N GLN B 370 -15.11 50.70 4.74
CA GLN B 370 -15.78 51.79 4.05
C GLN B 370 -17.13 51.32 3.51
N LYS B 371 -17.20 50.05 3.16
CA LYS B 371 -18.45 49.45 2.69
C LYS B 371 -19.45 49.35 3.83
N LEU B 372 -18.96 49.06 5.03
CA LEU B 372 -19.80 49.00 6.21
C LEU B 372 -20.28 50.40 6.61
N ARG B 373 -19.42 51.39 6.41
CA ARG B 373 -19.79 52.78 6.67
C ARG B 373 -20.78 53.29 5.63
N ALA B 374 -20.68 52.76 4.41
CA ALA B 374 -21.53 53.21 3.31
C ALA B 374 -22.96 52.72 3.47
N GLU B 375 -23.12 51.44 3.80
CA GLU B 375 -24.44 50.83 3.91
C GLU B 375 -25.02 51.07 5.30
N GLY B 376 -24.17 51.49 6.23
CA GLY B 376 -24.61 51.84 7.57
C GLY B 376 -24.98 50.64 8.43
N PRO B 377 -25.33 50.88 9.70
CA PRO B 377 -25.73 49.84 10.64
C PRO B 377 -27.02 49.15 10.22
N GLN B 378 -26.99 47.82 10.17
CA GLN B 378 -28.16 47.04 9.79
C GLN B 378 -28.77 46.35 11.00
N GLU B 379 -30.08 46.53 11.19
CA GLU B 379 -30.79 46.00 12.35
C GLU B 379 -31.05 44.50 12.23
N TRP B 380 -31.26 44.04 11.00
CA TRP B 380 -31.58 42.63 10.77
C TRP B 380 -30.38 41.74 11.10
N VAL B 381 -29.18 42.30 11.01
CA VAL B 381 -27.97 41.58 11.36
C VAL B 381 -27.89 41.38 12.87
N PHE B 382 -28.17 42.44 13.62
CA PHE B 382 -28.18 42.39 15.07
C PHE B 382 -29.24 41.44 15.61
N GLN B 383 -30.41 41.46 14.99
CA GLN B 383 -31.49 40.58 15.38
C GLN B 383 -31.12 39.12 15.14
N GLU B 384 -30.38 38.89 14.06
CA GLU B 384 -29.90 37.55 13.74
C GLU B 384 -28.88 37.08 14.77
N LEU B 385 -28.04 38.01 15.23
CA LEU B 385 -27.06 37.70 16.26
C LEU B 385 -27.74 37.46 17.60
N LYS B 386 -28.88 38.10 17.81
CA LYS B 386 -29.65 37.92 19.04
C LYS B 386 -30.29 36.54 19.08
N ASP B 387 -30.85 36.13 17.95
CA ASP B 387 -31.52 34.84 17.85
C ASP B 387 -30.52 33.67 17.96
N LEU B 388 -29.39 33.79 17.27
CA LEU B 388 -28.36 32.77 17.31
C LEU B 388 -27.80 32.59 18.71
N ASN B 389 -27.64 33.70 19.42
CA ASN B 389 -27.12 33.67 20.78
C ASN B 389 -28.19 33.24 21.79
N ALA B 390 -29.45 33.39 21.42
CA ALA B 390 -30.56 32.97 22.27
C ALA B 390 -30.76 31.46 22.17
N VAL B 391 -30.71 30.94 20.95
CA VAL B 391 -30.87 29.51 20.71
C VAL B 391 -29.68 28.75 21.30
N ALA B 392 -28.48 29.29 21.10
CA ALA B 392 -27.26 28.65 21.59
C ALA B 392 -27.21 28.66 23.12
N PHE B 393 -27.92 29.60 23.74
CA PHE B 393 -27.96 29.67 25.19
C PHE B 393 -28.96 28.68 25.77
N ARG B 394 -30.12 28.56 25.13
CA ARG B 394 -31.18 27.67 25.60
C ARG B 394 -30.73 26.21 25.58
N PHE B 395 -30.14 25.79 24.46
CA PHE B 395 -29.70 24.42 24.31
C PHE B 395 -28.19 24.28 24.52
N LYS B 396 -27.68 25.02 25.50
CA LYS B 396 -26.26 24.99 25.82
C LYS B 396 -25.93 23.73 26.62
N ASP B 397 -24.82 23.08 26.26
CA ASP B 397 -24.40 21.85 26.93
C ASP B 397 -23.97 22.09 28.37
N LYS B 398 -24.17 21.10 29.21
CA LYS B 398 -23.77 21.19 30.62
C LYS B 398 -22.24 21.12 30.73
N GLU B 399 -21.66 22.09 31.44
CA GLU B 399 -20.22 22.20 31.54
C GLU B 399 -19.67 21.45 32.74
N ARG B 400 -18.38 21.13 32.70
CA ARG B 400 -17.70 20.52 33.82
C ARG B 400 -17.56 21.51 34.97
N PRO B 401 -17.83 21.06 36.20
CA PRO B 401 -17.91 21.90 37.41
C PRO B 401 -16.73 22.86 37.61
N ARG B 402 -15.50 22.38 37.45
CA ARG B 402 -14.32 23.19 37.75
C ARG B 402 -14.19 24.38 36.81
N GLY B 403 -14.21 24.12 35.50
CA GLY B 403 -14.09 25.18 34.52
C GLY B 403 -15.30 26.10 34.52
N TYR B 404 -16.44 25.57 34.96
CA TYR B 404 -17.68 26.33 34.98
C TYR B 404 -17.66 27.40 36.08
N THR B 405 -17.22 27.01 37.27
CA THR B 405 -17.15 27.94 38.39
C THR B 405 -16.05 28.98 38.18
N SER B 406 -15.03 28.59 37.41
CA SER B 406 -13.92 29.49 37.12
C SER B 406 -14.36 30.61 36.19
N LYS B 407 -15.16 30.27 35.19
CA LYS B 407 -15.63 31.23 34.21
C LYS B 407 -16.61 32.24 34.82
N ILE B 408 -17.51 31.75 35.66
CA ILE B 408 -18.51 32.59 36.30
C ILE B 408 -17.88 33.57 37.28
N ALA B 409 -16.94 33.08 38.07
CA ALA B 409 -16.26 33.90 39.08
C ALA B 409 -15.50 35.06 38.43
N GLY B 410 -14.99 34.81 37.22
CA GLY B 410 -14.23 35.83 36.51
C GLY B 410 -15.09 36.90 35.88
N ILE B 411 -16.34 36.56 35.56
CA ILE B 411 -17.25 37.51 34.93
C ILE B 411 -18.27 38.06 35.91
N LEU B 412 -18.13 37.68 37.19
CA LEU B 412 -19.05 38.14 38.22
C LEU B 412 -18.81 39.60 38.58
N HIS B 413 -17.61 40.09 38.28
CA HIS B 413 -17.24 41.46 38.60
C HIS B 413 -17.79 42.47 37.60
N TYR B 414 -18.45 41.97 36.55
CA TYR B 414 -18.93 42.83 35.47
C TYR B 414 -20.45 42.92 35.40
N TYR B 415 -21.14 41.91 35.93
CA TYR B 415 -22.58 41.82 35.78
C TYR B 415 -23.30 41.55 37.10
N PRO B 416 -24.53 42.06 37.24
CA PRO B 416 -25.37 41.81 38.42
C PRO B 416 -25.65 40.33 38.65
N LEU B 417 -26.05 39.98 39.87
CA LEU B 417 -26.24 38.58 40.25
C LEU B 417 -27.32 37.88 39.44
N GLU B 418 -28.38 38.60 39.08
CA GLU B 418 -29.52 37.99 38.39
C GLU B 418 -29.31 37.94 36.88
N GLU B 419 -28.10 38.27 36.43
CA GLU B 419 -27.81 38.28 35.00
C GLU B 419 -26.45 37.68 34.66
N VAL B 420 -25.83 37.01 35.63
CA VAL B 420 -24.49 36.46 35.44
C VAL B 420 -24.45 35.35 34.39
N LEU B 421 -25.58 34.69 34.18
CA LEU B 421 -25.65 33.59 33.21
C LEU B 421 -26.04 34.08 31.83
N THR B 422 -26.91 35.09 31.78
CA THR B 422 -27.43 35.60 30.51
C THR B 422 -26.72 36.88 30.07
N ALA B 423 -25.57 37.17 30.68
CA ALA B 423 -24.84 38.40 30.40
C ALA B 423 -24.21 38.38 29.01
N GLU B 424 -23.28 37.47 28.81
CA GLU B 424 -22.52 37.41 27.56
C GLU B 424 -23.24 36.61 26.48
N TYR B 425 -24.50 36.26 26.73
CA TYR B 425 -25.27 35.49 25.77
C TYR B 425 -26.43 36.29 25.17
N LEU B 426 -27.33 36.78 26.01
CA LEU B 426 -28.51 37.51 25.53
C LEU B 426 -28.26 38.99 25.28
N LEU B 427 -28.87 39.50 24.21
CA LEU B 427 -28.72 40.91 23.87
C LEU B 427 -30.07 41.60 23.98
N GLU B 428 -30.03 42.84 24.47
CA GLU B 428 -31.23 43.54 24.92
C GLU B 428 -31.89 44.63 24.08
N GLU B 429 -31.08 45.53 23.51
CA GLU B 429 -31.57 46.73 22.84
C GLU B 429 -30.58 47.10 21.75
N PHE B 430 -31.06 47.30 20.53
CA PHE B 430 -30.19 47.62 19.41
C PHE B 430 -29.62 49.04 19.53
N ARG B 431 -28.29 49.14 19.62
CA ARG B 431 -27.62 50.42 19.75
C ARG B 431 -26.69 50.69 18.57
N PRO B 432 -27.23 51.25 17.47
CA PRO B 432 -26.45 51.57 16.28
C PRO B 432 -25.47 52.72 16.50
N ASP B 433 -25.78 53.60 17.45
CA ASP B 433 -24.91 54.72 17.75
C ASP B 433 -23.60 54.24 18.37
N LEU B 434 -23.67 53.14 19.11
CA LEU B 434 -22.48 52.54 19.70
C LEU B 434 -21.67 51.81 18.62
N ILE B 435 -22.38 51.15 17.71
CA ILE B 435 -21.75 50.50 16.57
C ILE B 435 -21.05 51.55 15.72
N GLU B 436 -21.71 52.68 15.53
CA GLU B 436 -21.18 53.78 14.75
C GLU B 436 -19.93 54.37 15.40
N MET B 437 -19.85 54.27 16.72
CA MET B 437 -18.73 54.82 17.48
C MET B 437 -17.45 54.01 17.29
N VAL B 438 -17.59 52.68 17.37
CA VAL B 438 -16.44 51.80 17.22
C VAL B 438 -15.94 51.79 15.78
N LEU B 439 -16.87 51.89 14.85
CA LEU B 439 -16.54 51.88 13.43
C LEU B 439 -15.75 53.14 13.04
N ASP B 440 -15.95 54.21 13.80
CA ASP B 440 -15.23 55.45 13.58
C ASP B 440 -13.77 55.32 14.04
N LYS B 441 -13.53 54.39 14.95
CA LYS B 441 -12.19 54.16 15.47
C LYS B 441 -11.38 53.26 14.53
N LEU B 442 -12.01 52.79 13.47
CA LEU B 442 -11.35 51.91 12.51
C LEU B 442 -10.86 52.70 11.30
N ARG B 443 -9.96 53.65 11.54
CA ARG B 443 -9.45 54.53 10.50
C ARG B 443 -7.93 54.45 10.41
N PRO B 444 -7.37 54.72 9.22
CA PRO B 444 -5.91 54.65 8.98
C PRO B 444 -5.09 55.54 9.91
N GLU B 445 -5.69 56.62 10.41
CA GLU B 445 -4.98 57.53 11.30
C GLU B 445 -4.84 56.95 12.71
N ASN B 446 -5.53 55.84 12.96
CA ASN B 446 -5.45 55.15 14.23
C ASN B 446 -5.18 53.67 14.04
N VAL B 447 -4.22 53.35 13.17
CA VAL B 447 -3.91 51.96 12.85
C VAL B 447 -2.51 51.60 13.34
N ARG B 448 -2.28 50.31 13.58
CA ARG B 448 -0.97 49.80 13.95
C ARG B 448 -0.68 48.49 13.24
N VAL B 449 0.30 48.51 12.34
CA VAL B 449 0.62 47.34 11.53
C VAL B 449 1.80 46.56 12.12
N ALA B 450 1.61 45.25 12.28
CA ALA B 450 2.66 44.38 12.77
C ALA B 450 2.80 43.16 11.90
N ILE B 451 3.70 43.24 10.91
CA ILE B 451 3.93 42.14 9.99
C ILE B 451 5.05 41.23 10.51
N VAL B 452 4.83 39.92 10.45
CA VAL B 452 5.80 38.97 10.96
C VAL B 452 6.21 37.95 9.90
N SER B 453 7.48 37.99 9.52
CA SER B 453 8.01 37.06 8.52
C SER B 453 9.49 36.79 8.74
N LYS B 454 9.97 35.67 8.19
CA LYS B 454 11.37 35.28 8.32
C LYS B 454 12.21 35.96 7.25
N SER B 455 11.54 36.70 6.36
CA SER B 455 12.24 37.43 5.30
C SER B 455 12.92 38.68 5.85
N PHE B 456 12.60 39.02 7.10
CA PHE B 456 13.18 40.18 7.75
C PHE B 456 14.44 39.78 8.53
N GLU B 457 14.92 38.57 8.26
CA GLU B 457 16.11 38.05 8.93
C GLU B 457 17.36 38.83 8.53
N GLY B 458 18.03 39.41 9.52
CA GLY B 458 19.23 40.17 9.27
C GLY B 458 18.93 41.57 8.74
N LYS B 459 17.72 42.04 9.00
CA LYS B 459 17.31 43.36 8.56
C LYS B 459 16.66 44.15 9.71
N THR B 460 17.00 43.78 10.94
CA THR B 460 16.44 44.42 12.12
C THR B 460 17.50 45.18 12.91
N ASP B 461 17.09 46.23 13.61
CA ASP B 461 18.04 47.10 14.31
C ASP B 461 18.04 46.90 15.83
N ARG B 462 16.88 47.06 16.47
CA ARG B 462 16.80 46.92 17.92
C ARG B 462 16.12 45.61 18.33
N THR B 463 16.26 45.26 19.60
CA THR B 463 15.79 43.97 20.11
C THR B 463 15.02 44.13 21.42
N GLU B 464 13.95 43.36 21.57
CA GLU B 464 13.16 43.34 22.81
C GLU B 464 14.02 42.80 23.94
N GLU B 465 13.74 43.24 25.17
CA GLU B 465 14.59 42.94 26.31
C GLU B 465 14.21 41.69 27.09
N TRP B 466 12.92 41.35 27.08
CA TRP B 466 12.43 40.23 27.89
C TRP B 466 12.53 38.89 27.18
N TYR B 467 12.40 38.91 25.85
CA TYR B 467 12.41 37.67 25.08
C TYR B 467 13.55 37.64 24.06
N GLY B 468 14.12 38.81 23.79
CA GLY B 468 15.18 38.92 22.79
C GLY B 468 14.64 38.71 21.40
N THR B 469 13.61 39.48 21.04
CA THR B 469 12.96 39.33 19.75
C THR B 469 13.48 40.35 18.73
N GLN B 470 13.86 39.85 17.56
CA GLN B 470 14.34 40.71 16.48
C GLN B 470 13.18 41.45 15.82
N TYR B 471 13.27 42.77 15.77
CA TYR B 471 12.24 43.58 15.11
C TYR B 471 12.79 44.93 14.69
N LYS B 472 12.11 45.57 13.75
CA LYS B 472 12.53 46.87 13.24
C LYS B 472 11.35 47.83 13.07
N GLN B 473 11.20 48.76 14.00
CA GLN B 473 10.11 49.71 13.95
C GLN B 473 10.32 50.75 12.85
N GLU B 474 9.35 50.87 11.95
CA GLU B 474 9.43 51.84 10.87
C GLU B 474 8.18 52.71 10.82
N ALA B 475 8.35 53.96 10.38
CA ALA B 475 7.23 54.88 10.22
C ALA B 475 6.64 54.75 8.82
N ILE B 476 5.37 54.37 8.76
CA ILE B 476 4.69 54.15 7.48
C ILE B 476 4.50 55.46 6.72
N PRO B 477 4.85 55.46 5.42
CA PRO B 477 4.69 56.63 4.55
C PRO B 477 3.25 57.14 4.53
N ASP B 478 3.08 58.45 4.41
CA ASP B 478 1.75 59.06 4.43
C ASP B 478 1.05 58.85 3.09
N GLU B 479 1.81 58.46 2.07
CA GLU B 479 1.24 58.17 0.77
C GLU B 479 0.40 56.90 0.83
N VAL B 480 0.86 55.94 1.62
CA VAL B 480 0.13 54.70 1.84
C VAL B 480 -1.13 54.97 2.67
N ILE B 481 -1.00 55.92 3.60
CA ILE B 481 -2.13 56.35 4.41
C ILE B 481 -3.22 56.96 3.54
N LYS B 482 -2.81 57.75 2.54
CA LYS B 482 -3.73 58.40 1.63
C LYS B 482 -4.57 57.40 0.85
N LYS B 483 -3.94 56.29 0.44
CA LYS B 483 -4.65 55.23 -0.27
C LYS B 483 -5.69 54.58 0.62
N TRP B 484 -5.26 54.26 1.84
CA TRP B 484 -6.08 53.60 2.82
C TRP B 484 -7.28 54.50 2.97
N GLN B 485 -7.06 55.76 3.31
CA GLN B 485 -8.16 56.67 3.58
C GLN B 485 -9.06 56.89 2.39
N ASN B 486 -8.49 56.79 1.20
CA ASN B 486 -9.20 57.11 -0.04
C ASN B 486 -9.77 55.87 -0.68
N ALA B 487 -10.03 54.89 0.17
CA ALA B 487 -10.55 53.59 -0.20
C ALA B 487 -11.97 53.71 -0.73
N ASP B 488 -12.17 53.31 -1.99
CA ASP B 488 -13.49 53.36 -2.60
C ASP B 488 -14.22 52.03 -2.39
N LEU B 489 -15.47 51.97 -2.83
CA LEU B 489 -16.26 50.75 -2.72
C LEU B 489 -15.67 49.63 -3.57
N ASN B 490 -15.99 48.39 -3.20
CA ASN B 490 -15.55 47.24 -3.97
C ASN B 490 -16.75 46.35 -4.29
N GLY B 491 -16.86 45.96 -5.55
CA GLY B 491 -18.01 45.18 -6.02
C GLY B 491 -18.12 43.81 -5.37
N LYS B 492 -17.00 43.28 -4.89
CA LYS B 492 -16.98 41.95 -4.31
C LYS B 492 -17.20 41.98 -2.80
N PHE B 493 -17.23 43.17 -2.23
CA PHE B 493 -17.46 43.33 -0.80
C PHE B 493 -18.90 43.72 -0.50
N LYS B 494 -19.73 42.72 -0.21
CA LYS B 494 -21.13 42.95 0.13
C LYS B 494 -21.54 42.13 1.35
N LEU B 495 -22.51 42.64 2.10
CA LEU B 495 -22.95 42.02 3.34
C LEU B 495 -23.50 40.61 3.13
N PRO B 496 -23.26 39.72 4.09
CA PRO B 496 -23.73 38.33 4.05
C PRO B 496 -25.25 38.24 3.97
N THR B 497 -25.76 37.22 3.31
CA THR B 497 -27.19 37.01 3.20
C THR B 497 -27.73 36.38 4.49
N LYS B 498 -29.04 36.17 4.54
CA LYS B 498 -29.67 35.57 5.72
C LYS B 498 -29.23 34.12 5.89
N ASN B 499 -28.88 33.76 7.13
CA ASN B 499 -28.43 32.41 7.44
C ASN B 499 -29.56 31.39 7.30
N GLU B 500 -29.48 30.54 6.29
CA GLU B 500 -30.49 29.51 6.07
C GLU B 500 -30.08 28.17 6.67
N PHE B 501 -29.09 28.20 7.55
CA PHE B 501 -28.69 27.00 8.29
C PHE B 501 -29.17 27.09 9.73
N ILE B 502 -29.86 28.18 10.05
CA ILE B 502 -30.45 28.35 11.37
C ILE B 502 -31.60 27.35 11.56
N PRO B 503 -31.46 26.48 12.57
CA PRO B 503 -32.45 25.44 12.86
C PRO B 503 -33.83 26.00 13.20
N THR B 504 -34.87 25.38 12.66
CA THR B 504 -36.24 25.83 12.92
C THR B 504 -37.01 24.79 13.71
N ASN B 505 -36.48 23.57 13.74
CA ASN B 505 -37.11 22.48 14.49
C ASN B 505 -36.18 21.90 15.52
N PHE B 506 -36.58 22.00 16.80
CA PHE B 506 -35.76 21.49 17.90
C PHE B 506 -36.47 20.35 18.60
N GLU B 507 -37.33 19.65 17.87
CA GLU B 507 -38.15 18.59 18.45
C GLU B 507 -37.29 17.42 18.95
N ILE B 508 -37.53 17.01 20.18
CA ILE B 508 -36.84 15.87 20.76
C ILE B 508 -37.73 14.63 20.68
N LEU B 509 -37.37 13.70 19.81
CA LEU B 509 -38.14 12.47 19.63
C LEU B 509 -38.00 11.57 20.85
N PRO B 510 -39.09 10.88 21.23
CA PRO B 510 -39.07 9.98 22.38
C PRO B 510 -38.19 8.76 22.18
N LEU B 511 -37.64 8.23 23.26
CA LEU B 511 -36.77 7.06 23.20
C LEU B 511 -37.55 5.83 22.74
N GLU B 512 -36.94 5.05 21.85
CA GLU B 512 -37.58 3.87 21.29
C GLU B 512 -37.74 2.76 22.33
N LYS B 513 -38.48 1.72 21.97
CA LYS B 513 -38.74 0.59 22.85
C LYS B 513 -37.54 -0.35 22.92
N GLU B 514 -36.63 -0.20 21.96
CA GLU B 514 -35.42 -1.00 21.93
C GLU B 514 -34.22 -0.19 22.41
N ALA B 515 -34.47 0.69 23.38
CA ALA B 515 -33.44 1.57 23.92
C ALA B 515 -32.30 0.79 24.56
N THR B 516 -31.07 1.24 24.31
CA THR B 516 -29.88 0.60 24.86
C THR B 516 -29.01 1.60 25.62
N PRO B 517 -28.46 1.19 26.76
CA PRO B 517 -27.57 2.05 27.55
C PRO B 517 -26.19 2.18 26.92
N TYR B 518 -25.85 1.23 26.06
CA TYR B 518 -24.58 1.24 25.35
C TYR B 518 -24.81 1.01 23.85
N PRO B 519 -23.97 1.64 23.01
CA PRO B 519 -24.11 1.53 21.56
C PRO B 519 -23.98 0.07 21.07
N ALA B 520 -24.63 -0.23 19.95
CA ALA B 520 -24.62 -1.58 19.41
C ALA B 520 -24.58 -1.59 17.89
N LEU B 521 -24.05 -2.66 17.32
CA LEU B 521 -23.99 -2.83 15.87
C LEU B 521 -25.38 -3.08 15.29
N ILE B 522 -25.81 -2.22 14.38
CA ILE B 522 -27.10 -2.37 13.73
C ILE B 522 -26.93 -2.70 12.25
N LYS B 523 -25.67 -2.73 11.79
CA LYS B 523 -25.37 -3.06 10.41
C LYS B 523 -23.95 -3.57 10.25
N ASP B 524 -23.80 -4.89 10.31
CA ASP B 524 -22.50 -5.52 10.14
C ASP B 524 -22.38 -6.10 8.73
N THR B 525 -21.87 -5.28 7.81
CA THR B 525 -21.72 -5.70 6.42
C THR B 525 -20.26 -5.64 5.98
N ALA B 526 -19.98 -6.23 4.82
CA ALA B 526 -18.64 -6.22 4.26
C ALA B 526 -18.25 -4.81 3.83
N MET B 527 -19.25 -4.02 3.44
CA MET B 527 -19.03 -2.63 3.02
C MET B 527 -18.58 -1.78 4.19
N SER B 528 -19.40 -1.71 5.23
CA SER B 528 -19.11 -0.85 6.38
C SER B 528 -19.93 -1.24 7.61
N LYS B 529 -19.24 -1.35 8.75
CA LYS B 529 -19.91 -1.57 10.02
C LYS B 529 -20.63 -0.29 10.45
N LEU B 530 -21.61 -0.43 11.32
CA LEU B 530 -22.38 0.73 11.78
C LEU B 530 -22.81 0.60 13.25
N TRP B 531 -22.15 1.36 14.12
CA TRP B 531 -22.54 1.43 15.51
C TRP B 531 -23.52 2.57 15.74
N PHE B 532 -24.58 2.30 16.49
CA PHE B 532 -25.63 3.30 16.73
C PHE B 532 -26.00 3.40 18.20
N LYS B 533 -26.26 4.62 18.65
CA LYS B 533 -26.60 4.86 20.05
C LYS B 533 -27.51 6.08 20.22
N GLN B 534 -28.73 5.85 20.69
CA GLN B 534 -29.65 6.94 20.99
C GLN B 534 -29.40 7.43 22.39
N ASP B 535 -29.21 8.73 22.53
CA ASP B 535 -28.74 9.30 23.79
C ASP B 535 -29.77 9.80 24.79
N ASP B 536 -29.63 9.36 26.04
CA ASP B 536 -30.61 9.69 27.06
C ASP B 536 -30.23 10.57 28.25
N LYS B 537 -28.95 10.60 28.62
CA LYS B 537 -28.56 11.33 29.83
C LYS B 537 -28.77 12.84 29.70
N PHE B 538 -28.75 13.36 28.47
CA PHE B 538 -28.92 14.78 28.25
C PHE B 538 -29.70 15.03 26.96
N PHE B 539 -30.88 15.64 27.10
CA PHE B 539 -31.77 15.79 25.95
C PHE B 539 -31.65 17.16 25.30
N LEU B 540 -31.03 17.18 24.12
CA LEU B 540 -30.86 18.41 23.34
C LEU B 540 -31.01 18.09 21.87
N PRO B 541 -31.41 19.09 21.06
CA PRO B 541 -31.43 18.91 19.60
C PRO B 541 -30.02 18.89 19.03
N LYS B 542 -29.25 17.88 19.42
CA LYS B 542 -27.83 17.82 19.08
C LYS B 542 -27.41 16.36 18.84
N ALA B 543 -26.55 16.16 17.85
CA ALA B 543 -26.06 14.81 17.55
C ALA B 543 -24.66 14.85 16.94
N ASN B 544 -23.87 13.83 17.24
CA ASN B 544 -22.52 13.71 16.68
C ASN B 544 -22.44 12.55 15.70
N LEU B 545 -21.89 12.82 14.52
CA LEU B 545 -21.76 11.79 13.49
C LEU B 545 -20.29 11.54 13.17
N ASN B 546 -19.73 10.51 13.77
CA ASN B 546 -18.31 10.17 13.56
C ASN B 546 -18.13 9.07 12.53
N PHE B 547 -17.27 9.32 11.54
CA PHE B 547 -17.01 8.35 10.49
C PHE B 547 -15.51 8.06 10.38
N GLU B 548 -15.17 6.78 10.31
CA GLU B 548 -13.78 6.38 10.14
C GLU B 548 -13.62 5.56 8.87
N PHE B 549 -13.12 6.21 7.81
CA PHE B 549 -12.90 5.57 6.53
C PHE B 549 -11.61 4.75 6.54
N PHE B 550 -11.73 3.45 6.31
CA PHE B 550 -10.57 2.57 6.28
C PHE B 550 -10.06 2.36 4.85
N SER B 551 -8.80 2.71 4.63
CA SER B 551 -8.15 2.48 3.35
C SER B 551 -6.64 2.41 3.53
N PRO B 552 -6.03 1.30 3.10
CA PRO B 552 -4.60 1.02 3.31
C PRO B 552 -3.69 2.03 2.62
N PHE B 553 -4.20 2.74 1.62
CA PHE B 553 -3.39 3.68 0.85
C PHE B 553 -3.30 5.06 1.47
N ALA B 554 -3.54 5.13 2.78
CA ALA B 554 -3.46 6.39 3.49
C ALA B 554 -2.14 6.52 4.24
N TYR B 555 -1.58 5.38 4.64
CA TYR B 555 -0.37 5.38 5.44
C TYR B 555 0.62 4.30 4.98
N VAL B 556 0.44 3.83 3.76
CA VAL B 556 1.30 2.78 3.20
C VAL B 556 2.73 3.29 3.03
N ASP B 557 2.88 4.56 2.71
CA ASP B 557 4.19 5.19 2.56
C ASP B 557 4.07 6.69 2.81
N PRO B 558 5.21 7.36 3.10
CA PRO B 558 5.19 8.82 3.32
C PRO B 558 4.56 9.60 2.17
N LEU B 559 4.64 9.07 0.96
CA LEU B 559 4.06 9.72 -0.21
C LEU B 559 2.54 9.81 -0.11
N HIS B 560 1.88 8.67 0.05
CA HIS B 560 0.43 8.62 0.13
C HIS B 560 -0.09 9.27 1.40
N SER B 561 0.76 9.31 2.43
CA SER B 561 0.40 9.95 3.69
C SER B 561 0.26 11.45 3.51
N ASN B 562 1.16 12.04 2.73
CA ASN B 562 1.11 13.47 2.44
C ASN B 562 -0.03 13.79 1.49
N MET B 563 -0.27 12.91 0.53
CA MET B 563 -1.34 13.12 -0.45
C MET B 563 -2.71 12.98 0.21
N ALA B 564 -2.79 12.16 1.25
CA ALA B 564 -4.02 12.01 2.01
C ALA B 564 -4.31 13.27 2.80
N TYR B 565 -3.26 13.87 3.35
CA TYR B 565 -3.38 15.12 4.10
C TYR B 565 -3.74 16.28 3.16
N LEU B 566 -3.05 16.37 2.04
CA LEU B 566 -3.29 17.42 1.06
C LEU B 566 -4.70 17.34 0.48
N TYR B 567 -5.20 16.13 0.31
CA TYR B 567 -6.53 15.92 -0.24
C TYR B 567 -7.63 16.44 0.69
N LEU B 568 -7.51 16.15 1.98
CA LEU B 568 -8.51 16.56 2.94
C LEU B 568 -8.44 18.05 3.24
N GLU B 569 -7.22 18.59 3.31
CA GLU B 569 -7.02 20.01 3.55
C GLU B 569 -7.56 20.85 2.39
N LEU B 570 -7.42 20.32 1.18
CA LEU B 570 -7.97 20.96 0.00
C LEU B 570 -9.50 20.86 -0.01
N LEU B 571 -10.00 19.75 0.52
CA LEU B 571 -11.44 19.52 0.59
C LEU B 571 -12.09 20.46 1.60
N LYS B 572 -11.37 20.74 2.68
CA LYS B 572 -11.86 21.66 3.70
C LYS B 572 -11.71 23.11 3.24
N ASP B 573 -10.67 23.37 2.45
CA ASP B 573 -10.41 24.71 1.94
C ASP B 573 -11.48 25.15 0.95
N SER B 574 -11.99 24.20 0.17
CA SER B 574 -12.98 24.49 -0.86
C SER B 574 -14.38 24.68 -0.26
N LEU B 575 -14.73 23.85 0.71
CA LEU B 575 -16.03 23.94 1.37
C LEU B 575 -16.00 24.90 2.55
N ASN B 576 -15.03 25.79 2.57
CA ASN B 576 -14.84 26.71 3.68
C ASN B 576 -15.98 27.71 3.83
N GLU B 577 -16.42 28.28 2.71
CA GLU B 577 -17.50 29.27 2.73
C GLU B 577 -18.83 28.62 3.09
N TYR B 578 -19.07 27.44 2.53
CA TYR B 578 -20.33 26.73 2.76
C TYR B 578 -20.46 26.24 4.19
N ALA B 579 -19.33 25.89 4.79
CA ALA B 579 -19.32 25.35 6.15
C ALA B 579 -19.48 26.44 7.20
N TYR B 580 -18.95 27.62 6.93
CA TYR B 580 -18.98 28.72 7.88
C TYR B 580 -20.40 29.24 8.08
N ALA B 581 -21.24 29.09 7.06
CA ALA B 581 -22.64 29.50 7.14
C ALA B 581 -23.39 28.64 8.16
N ALA B 582 -22.88 27.44 8.39
CA ALA B 582 -23.49 26.50 9.33
C ALA B 582 -22.75 26.51 10.66
N GLU B 583 -21.49 26.95 10.63
CA GLU B 583 -20.66 26.97 11.83
C GLU B 583 -21.20 27.96 12.86
N LEU B 584 -21.70 29.09 12.38
CA LEU B 584 -22.31 30.09 13.26
C LEU B 584 -23.68 29.63 13.73
N ALA B 585 -24.27 28.67 13.01
CA ALA B 585 -25.59 28.16 13.34
C ALA B 585 -25.51 26.96 14.29
N GLY B 586 -24.32 26.72 14.82
CA GLY B 586 -24.12 25.64 15.77
C GLY B 586 -23.96 24.29 15.11
N LEU B 587 -23.45 24.29 13.89
CA LEU B 587 -23.22 23.06 13.14
C LEU B 587 -21.83 23.04 12.54
N SER B 588 -20.94 22.25 13.15
CA SER B 588 -19.55 22.18 12.69
C SER B 588 -19.16 20.76 12.30
N TYR B 589 -17.98 20.63 11.70
CA TYR B 589 -17.46 19.31 11.32
C TYR B 589 -15.94 19.32 11.32
N ASP B 590 -15.34 18.16 11.56
CA ASP B 590 -13.90 18.04 11.59
C ASP B 590 -13.43 16.90 10.69
N LEU B 591 -12.66 17.24 9.66
CA LEU B 591 -12.17 16.25 8.71
C LEU B 591 -10.64 16.19 8.72
N GLN B 592 -10.10 15.03 9.08
CA GLN B 592 -8.66 14.84 9.12
C GLN B 592 -8.30 13.38 8.88
N ASN B 593 -7.05 13.13 8.48
CA ASN B 593 -6.61 11.78 8.16
C ASN B 593 -5.85 11.12 9.30
N THR B 594 -6.20 9.87 9.59
CA THR B 594 -5.51 9.10 10.61
C THR B 594 -4.66 8.02 9.97
N ILE B 595 -4.03 7.19 10.80
CA ILE B 595 -3.16 6.12 10.30
C ILE B 595 -3.98 5.00 9.66
N TYR B 596 -5.28 5.01 9.88
CA TYR B 596 -6.17 3.99 9.34
C TYR B 596 -6.92 4.49 8.11
N GLY B 597 -6.80 5.78 7.84
CA GLY B 597 -7.46 6.38 6.69
C GLY B 597 -7.96 7.78 6.98
N MET B 598 -9.22 8.04 6.64
CA MET B 598 -9.82 9.35 6.85
C MET B 598 -10.71 9.35 8.10
N TYR B 599 -10.96 10.53 8.64
CA TYR B 599 -11.81 10.68 9.81
C TYR B 599 -12.71 11.90 9.71
N LEU B 600 -14.01 11.66 9.65
CA LEU B 600 -14.99 12.74 9.58
C LEU B 600 -15.89 12.74 10.82
N SER B 601 -16.04 13.91 11.43
CA SER B 601 -16.85 14.05 12.63
C SER B 601 -17.75 15.28 12.55
N VAL B 602 -19.02 15.05 12.24
CA VAL B 602 -19.98 16.14 12.13
C VAL B 602 -20.81 16.28 13.41
N LYS B 603 -20.60 17.37 14.14
CA LYS B 603 -21.32 17.62 15.38
C LYS B 603 -22.14 18.90 15.29
N GLY B 604 -23.44 18.80 15.56
CA GLY B 604 -24.31 19.95 15.50
C GLY B 604 -25.78 19.61 15.57
N TYR B 605 -26.64 20.60 15.28
CA TYR B 605 -28.08 20.40 15.28
C TYR B 605 -28.51 19.46 14.16
N ASN B 606 -29.60 18.73 14.38
CA ASN B 606 -30.07 17.73 13.43
C ASN B 606 -31.02 18.28 12.37
N ASP B 607 -31.46 19.50 12.55
CA ASP B 607 -32.45 20.10 11.65
C ASP B 607 -31.92 20.18 10.21
N LYS B 608 -30.66 20.60 10.07
CA LYS B 608 -30.06 20.74 8.75
C LYS B 608 -28.66 20.12 8.70
N GLN B 609 -28.54 18.93 9.28
CA GLN B 609 -27.26 18.22 9.33
C GLN B 609 -27.05 17.26 8.14
N PRO B 610 -28.08 16.48 7.75
CA PRO B 610 -27.86 15.66 6.56
C PRO B 610 -27.62 16.48 5.31
N ILE B 611 -28.11 17.72 5.29
CA ILE B 611 -27.90 18.61 4.16
C ILE B 611 -26.41 18.95 4.01
N LEU B 612 -25.75 19.15 5.14
CA LEU B 612 -24.32 19.46 5.15
C LEU B 612 -23.48 18.22 4.85
N LEU B 613 -23.80 17.13 5.54
CA LEU B 613 -23.06 15.87 5.39
C LEU B 613 -23.09 15.37 3.95
N LYS B 614 -24.26 15.47 3.31
CA LYS B 614 -24.40 15.07 1.92
C LYS B 614 -23.50 15.92 1.01
N LYS B 615 -23.43 17.21 1.32
CA LYS B 615 -22.62 18.14 0.53
C LYS B 615 -21.14 17.84 0.68
N ILE B 616 -20.75 17.36 1.86
CA ILE B 616 -19.36 17.02 2.12
C ILE B 616 -18.96 15.73 1.41
N ILE B 617 -19.81 14.72 1.51
CA ILE B 617 -19.51 13.40 0.94
C ILE B 617 -19.51 13.42 -0.59
N GLU B 618 -20.46 14.13 -1.18
CA GLU B 618 -20.59 14.18 -2.64
C GLU B 618 -19.36 14.84 -3.27
N LYS B 619 -18.84 15.89 -2.64
CA LYS B 619 -17.65 16.56 -3.13
C LYS B 619 -16.40 15.78 -2.75
N MET B 620 -16.51 14.98 -1.69
CA MET B 620 -15.43 14.10 -1.27
C MET B 620 -15.19 13.04 -2.35
N ALA B 621 -16.26 12.59 -2.99
CA ALA B 621 -16.17 11.59 -4.03
C ALA B 621 -15.83 12.21 -5.38
N THR B 622 -16.32 13.43 -5.61
CA THR B 622 -16.05 14.15 -6.84
C THR B 622 -15.36 15.42 -6.37
N PHE B 623 -14.03 15.41 -6.43
CA PHE B 623 -13.25 16.55 -5.93
C PHE B 623 -12.50 17.11 -7.15
N GLU B 624 -12.64 18.41 -7.36
CA GLU B 624 -11.93 19.11 -8.43
C GLU B 624 -10.84 19.98 -7.83
N ILE B 625 -9.59 19.56 -7.99
CA ILE B 625 -8.45 20.25 -7.39
C ILE B 625 -8.05 21.49 -8.17
N ASP B 626 -7.95 22.62 -7.45
CA ASP B 626 -7.41 23.85 -8.04
C ASP B 626 -5.90 23.88 -7.86
N GLU B 627 -5.18 24.07 -8.96
CA GLU B 627 -3.72 24.06 -8.92
C GLU B 627 -3.18 25.24 -8.11
N LYS B 628 -3.90 26.35 -8.13
CA LYS B 628 -3.51 27.54 -7.38
C LYS B 628 -3.54 27.28 -5.89
N ARG B 629 -4.63 26.68 -5.42
CA ARG B 629 -4.80 26.38 -4.00
C ARG B 629 -3.94 25.17 -3.60
N PHE B 630 -3.63 24.33 -4.58
CA PHE B 630 -2.81 23.15 -4.33
C PHE B 630 -1.39 23.52 -3.92
N GLU B 631 -0.78 24.42 -4.67
CA GLU B 631 0.60 24.84 -4.40
C GLU B 631 0.70 25.63 -3.10
N ILE B 632 -0.38 26.31 -2.74
CA ILE B 632 -0.40 27.09 -1.51
C ILE B 632 -0.44 26.19 -0.28
N ILE B 633 -1.35 25.24 -0.27
CA ILE B 633 -1.50 24.32 0.85
C ILE B 633 -0.28 23.40 0.98
N LYS B 634 0.23 22.93 -0.15
CA LYS B 634 1.41 22.08 -0.16
C LYS B 634 2.62 22.82 0.40
N GLU B 635 2.68 24.13 0.13
CA GLU B 635 3.76 24.97 0.64
C GLU B 635 3.58 25.23 2.13
N ALA B 636 2.34 25.44 2.55
CA ALA B 636 2.02 25.69 3.95
C ALA B 636 2.27 24.44 4.78
N TYR B 637 1.98 23.28 4.19
CA TYR B 637 2.19 22.00 4.86
C TYR B 637 3.68 21.69 4.96
N MET B 638 4.45 22.17 3.98
CA MET B 638 5.89 21.98 3.98
C MET B 638 6.54 22.75 5.12
N ARG B 639 6.04 23.95 5.38
CA ARG B 639 6.53 24.77 6.48
C ARG B 639 6.12 24.16 7.82
N SER B 640 4.96 23.51 7.84
CA SER B 640 4.45 22.87 9.05
C SER B 640 5.37 21.74 9.52
N LEU B 641 5.90 21.00 8.56
CA LEU B 641 6.83 19.92 8.87
C LEU B 641 8.19 20.47 9.27
N ASN B 642 8.47 21.70 8.83
CA ASN B 642 9.72 22.36 9.18
C ASN B 642 9.62 23.11 10.49
N ASN B 643 8.39 23.42 10.91
CA ASN B 643 8.17 24.11 12.18
C ASN B 643 8.07 23.14 13.35
N PHE B 644 8.37 21.88 13.09
CA PHE B 644 8.35 20.86 14.12
C PHE B 644 9.61 20.93 14.97
N ARG B 645 10.67 21.49 14.40
CA ARG B 645 11.94 21.63 15.11
C ARG B 645 11.84 22.65 16.24
N ALA B 646 10.85 23.53 16.15
CA ALA B 646 10.66 24.58 17.15
C ALA B 646 9.64 24.18 18.20
N GLU B 647 9.33 22.90 18.26
CA GLU B 647 8.42 22.38 19.28
C GLU B 647 9.17 22.11 20.57
N GLN B 648 8.46 22.20 21.70
CA GLN B 648 9.08 22.04 23.01
C GLN B 648 9.54 20.60 23.24
N PRO B 649 10.69 20.45 23.93
CA PRO B 649 11.37 19.16 24.17
C PRO B 649 10.45 18.03 24.67
N HIS B 650 9.53 18.35 25.57
CA HIS B 650 8.65 17.31 26.13
C HIS B 650 7.71 16.76 25.07
N GLN B 651 7.39 17.58 24.08
CA GLN B 651 6.56 17.14 22.96
C GLN B 651 7.37 16.25 22.03
N HIS B 652 8.65 16.58 21.87
CA HIS B 652 9.56 15.75 21.11
C HIS B 652 9.76 14.40 21.79
N ALA B 653 9.67 14.41 23.13
CA ALA B 653 9.80 13.18 23.91
C ALA B 653 8.62 12.25 23.65
N MET B 654 7.43 12.83 23.61
CA MET B 654 6.23 12.06 23.32
C MET B 654 6.22 11.61 21.86
N TYR B 655 6.86 12.42 21.01
CA TYR B 655 6.94 12.14 19.59
C TYR B 655 7.85 10.97 19.28
N TYR B 656 9.08 11.04 19.80
CA TYR B 656 10.08 10.00 19.55
C TYR B 656 9.69 8.66 20.19
N LEU B 657 8.97 8.72 21.30
CA LEU B 657 8.55 7.50 21.98
C LEU B 657 7.49 6.76 21.18
N ARG B 658 6.51 7.51 20.65
CA ARG B 658 5.42 6.90 19.90
C ARG B 658 5.92 6.37 18.56
N LEU B 659 7.07 6.85 18.12
CA LEU B 659 7.70 6.32 16.91
C LEU B 659 8.29 4.94 17.19
N LEU B 660 9.00 4.83 18.30
CA LEU B 660 9.65 3.59 18.68
C LEU B 660 8.65 2.50 19.06
N MET B 661 7.66 2.88 19.87
CA MET B 661 6.69 1.91 20.39
C MET B 661 5.52 1.69 19.43
N THR B 662 5.78 1.83 18.13
CA THR B 662 4.78 1.57 17.11
C THR B 662 5.42 0.79 15.97
N GLU B 663 4.69 -0.18 15.44
CA GLU B 663 5.19 -1.03 14.37
C GLU B 663 5.58 -0.20 13.14
N VAL B 664 4.68 0.67 12.71
CA VAL B 664 4.95 1.53 11.56
C VAL B 664 4.62 2.99 11.87
N ALA B 665 5.59 3.87 11.68
CA ALA B 665 5.40 5.30 11.92
C ALA B 665 6.41 6.12 11.12
N TRP B 666 5.90 7.01 10.27
CA TRP B 666 6.76 7.84 9.44
C TRP B 666 7.10 9.15 10.14
N THR B 667 8.38 9.52 10.12
CA THR B 667 8.83 10.73 10.78
C THR B 667 8.47 11.98 9.98
N LYS B 668 8.55 13.14 10.63
CA LYS B 668 8.24 14.41 9.99
C LYS B 668 9.15 14.67 8.79
N ASP B 669 10.42 14.37 8.94
CA ASP B 669 11.41 14.61 7.89
C ASP B 669 11.16 13.71 6.68
N GLU B 670 10.78 12.46 6.93
CA GLU B 670 10.49 11.53 5.84
C GLU B 670 9.24 11.94 5.07
N LEU B 671 8.37 12.71 5.72
CA LEU B 671 7.15 13.19 5.08
C LEU B 671 7.43 14.41 4.20
N LYS B 672 8.45 15.18 4.56
CA LYS B 672 8.79 16.39 3.81
C LYS B 672 9.69 16.06 2.62
N GLU B 673 10.32 14.90 2.66
CA GLU B 673 11.17 14.45 1.55
C GLU B 673 10.32 13.79 0.47
N ALA B 674 9.20 13.20 0.90
CA ALA B 674 8.26 12.60 -0.02
C ALA B 674 7.24 13.62 -0.49
N LEU B 675 7.27 14.80 0.12
CA LEU B 675 6.35 15.88 -0.22
C LEU B 675 6.78 16.61 -1.48
N ASP B 676 8.08 16.59 -1.76
CA ASP B 676 8.63 17.25 -2.95
C ASP B 676 8.25 16.49 -4.22
N ASP B 677 7.92 15.21 -4.07
CA ASP B 677 7.56 14.38 -5.20
C ASP B 677 6.08 14.46 -5.54
N VAL B 678 5.29 14.99 -4.60
CA VAL B 678 3.85 15.11 -4.79
C VAL B 678 3.51 16.18 -5.82
N THR B 679 3.02 15.75 -6.97
CA THR B 679 2.63 16.67 -8.03
C THR B 679 1.11 16.71 -8.16
N LEU B 680 0.60 17.63 -8.98
CA LEU B 680 -0.83 17.76 -9.19
C LEU B 680 -1.46 16.55 -9.89
N PRO B 681 -0.85 16.03 -10.97
CA PRO B 681 -1.49 14.86 -11.58
C PRO B 681 -1.42 13.61 -10.70
N ARG B 682 -0.40 13.52 -9.86
CA ARG B 682 -0.25 12.37 -8.98
C ARG B 682 -1.33 12.34 -7.90
N LEU B 683 -1.74 13.52 -7.46
CA LEU B 683 -2.80 13.64 -6.46
C LEU B 683 -4.17 13.41 -7.11
N LYS B 684 -4.33 13.88 -8.34
CA LYS B 684 -5.58 13.71 -9.08
C LYS B 684 -5.89 12.25 -9.35
N ALA B 685 -4.85 11.43 -9.45
CA ALA B 685 -5.02 10.01 -9.72
C ALA B 685 -5.06 9.21 -8.42
N PHE B 686 -4.69 9.86 -7.32
CA PHE B 686 -4.66 9.21 -6.02
C PHE B 686 -6.05 9.15 -5.38
N ILE B 687 -6.84 10.19 -5.61
CA ILE B 687 -8.17 10.29 -5.02
C ILE B 687 -9.14 9.18 -5.47
N PRO B 688 -9.24 8.90 -6.78
CA PRO B 688 -10.18 7.83 -7.14
C PRO B 688 -9.71 6.46 -6.69
N GLN B 689 -8.39 6.27 -6.61
CA GLN B 689 -7.83 5.00 -6.18
C GLN B 689 -8.06 4.81 -4.68
N LEU B 690 -8.01 5.91 -3.94
CA LEU B 690 -8.23 5.87 -2.49
C LEU B 690 -9.69 5.55 -2.16
N LEU B 691 -10.60 6.08 -2.96
CA LEU B 691 -12.03 5.88 -2.74
C LEU B 691 -12.54 4.62 -3.42
N SER B 692 -11.67 3.94 -4.16
CA SER B 692 -12.05 2.73 -4.89
C SER B 692 -12.47 1.62 -3.94
N ARG B 693 -11.70 1.43 -2.88
CA ARG B 693 -12.04 0.46 -1.85
C ARG B 693 -12.02 1.12 -0.47
N LEU B 694 -13.14 1.03 0.24
CA LEU B 694 -13.28 1.68 1.53
C LEU B 694 -14.00 0.81 2.56
N HIS B 695 -13.82 1.14 3.83
CA HIS B 695 -14.54 0.50 4.93
C HIS B 695 -14.82 1.57 5.98
N ILE B 696 -16.09 1.76 6.31
CA ILE B 696 -16.47 2.86 7.18
C ILE B 696 -16.95 2.41 8.55
N GLU B 697 -16.17 2.72 9.58
CA GLU B 697 -16.62 2.58 10.96
C GLU B 697 -17.37 3.85 11.36
N ALA B 698 -18.53 3.69 11.98
CA ALA B 698 -19.35 4.85 12.30
C ALA B 698 -19.87 4.83 13.74
N LEU B 699 -20.32 5.99 14.19
CA LEU B 699 -20.94 6.12 15.51
C LEU B 699 -21.88 7.33 15.49
N LEU B 700 -23.16 7.06 15.24
CA LEU B 700 -24.15 8.13 15.15
C LEU B 700 -24.86 8.31 16.49
N HIS B 701 -24.21 9.04 17.39
CA HIS B 701 -24.72 9.25 18.74
C HIS B 701 -25.42 10.60 18.87
N GLY B 702 -26.68 10.59 19.26
CA GLY B 702 -27.42 11.82 19.43
C GLY B 702 -28.93 11.68 19.51
N ASN B 703 -29.63 12.68 18.98
CA ASN B 703 -31.08 12.77 19.11
C ASN B 703 -31.83 12.01 18.02
N ILE B 704 -31.10 11.26 17.20
CA ILE B 704 -31.70 10.57 16.07
C ILE B 704 -32.20 9.17 16.39
N THR B 705 -33.07 8.65 15.52
CA THR B 705 -33.59 7.29 15.66
C THR B 705 -32.68 6.28 14.96
N LYS B 706 -33.07 5.02 14.97
CA LYS B 706 -32.29 3.96 14.35
C LYS B 706 -32.42 3.97 12.83
N GLN B 707 -33.65 4.07 12.35
CA GLN B 707 -33.91 4.05 10.91
C GLN B 707 -33.34 5.30 10.25
N ALA B 708 -33.36 6.41 10.98
CA ALA B 708 -32.78 7.65 10.48
C ALA B 708 -31.27 7.49 10.34
N ALA B 709 -30.67 6.77 11.27
CA ALA B 709 -29.23 6.50 11.23
C ALA B 709 -28.88 5.58 10.07
N LEU B 710 -29.74 4.60 9.81
CA LEU B 710 -29.57 3.70 8.69
C LEU B 710 -29.65 4.45 7.37
N GLY B 711 -30.53 5.44 7.31
CA GLY B 711 -30.69 6.26 6.13
C GLY B 711 -29.45 7.11 5.86
N ILE B 712 -28.83 7.58 6.95
CA ILE B 712 -27.60 8.36 6.85
C ILE B 712 -26.47 7.50 6.30
N MET B 713 -26.32 6.31 6.85
CA MET B 713 -25.30 5.37 6.40
C MET B 713 -25.54 4.94 4.95
N GLN B 714 -26.82 4.77 4.60
CA GLN B 714 -27.19 4.39 3.24
C GLN B 714 -26.89 5.54 2.27
N MET B 715 -26.97 6.76 2.76
CA MET B 715 -26.68 7.94 1.95
C MET B 715 -25.20 8.01 1.60
N VAL B 716 -24.36 7.77 2.59
CA VAL B 716 -22.91 7.82 2.38
C VAL B 716 -22.45 6.71 1.45
N GLU B 717 -23.04 5.53 1.61
CA GLU B 717 -22.70 4.39 0.76
C GLU B 717 -23.10 4.63 -0.70
N ASP B 718 -24.36 4.99 -0.92
CA ASP B 718 -24.87 5.19 -2.27
C ASP B 718 -24.21 6.37 -2.97
N THR B 719 -23.69 7.31 -2.20
CA THR B 719 -23.02 8.48 -2.77
C THR B 719 -21.62 8.12 -3.25
N LEU B 720 -20.91 7.31 -2.46
CA LEU B 720 -19.57 6.89 -2.82
C LEU B 720 -19.57 5.89 -3.97
N ILE B 721 -20.54 4.99 -3.97
CA ILE B 721 -20.66 3.98 -5.02
C ILE B 721 -21.01 4.63 -6.36
N GLU B 722 -21.89 5.62 -6.33
CA GLU B 722 -22.33 6.29 -7.55
C GLU B 722 -21.25 7.18 -8.15
N HIS B 723 -20.64 8.01 -7.32
CA HIS B 723 -19.70 9.03 -7.80
C HIS B 723 -18.26 8.54 -7.88
N ALA B 724 -17.87 7.61 -7.01
CA ALA B 724 -16.48 7.18 -6.93
C ALA B 724 -16.30 5.69 -7.23
N HIS B 725 -17.40 5.00 -7.53
CA HIS B 725 -17.39 3.57 -7.82
C HIS B 725 -16.71 2.77 -6.72
N THR B 726 -17.17 2.97 -5.49
CA THR B 726 -16.58 2.32 -4.32
C THR B 726 -16.89 0.83 -4.27
N LYS B 727 -15.85 0.02 -4.06
CA LYS B 727 -16.01 -1.41 -3.89
C LYS B 727 -15.75 -1.79 -2.44
N PRO B 728 -16.57 -2.70 -1.89
CA PRO B 728 -16.47 -3.14 -0.49
C PRO B 728 -15.09 -3.70 -0.14
N LEU B 729 -14.53 -3.24 0.98
CA LEU B 729 -13.24 -3.73 1.45
C LEU B 729 -13.41 -4.49 2.76
N LEU B 730 -13.18 -5.80 2.69
CA LEU B 730 -13.34 -6.68 3.86
C LEU B 730 -12.28 -6.35 4.92
N PRO B 731 -12.72 -6.23 6.18
CA PRO B 731 -11.84 -5.86 7.30
C PRO B 731 -10.81 -6.93 7.64
N SER B 732 -10.95 -8.12 7.06
CA SER B 732 -10.01 -9.22 7.30
C SER B 732 -8.61 -8.89 6.76
N GLN B 733 -8.54 -7.90 5.89
CA GLN B 733 -7.27 -7.43 5.34
C GLN B 733 -6.66 -6.34 6.23
N LEU B 734 -7.52 -5.58 6.89
CA LEU B 734 -7.08 -4.50 7.76
C LEU B 734 -6.38 -5.02 9.00
N VAL B 735 -5.21 -4.49 9.29
CA VAL B 735 -4.43 -4.93 10.44
C VAL B 735 -3.95 -3.75 11.28
N ARG B 736 -4.34 -3.75 12.56
CA ARG B 736 -3.92 -2.71 13.48
C ARG B 736 -2.44 -2.88 13.84
N TYR B 737 -1.76 -1.79 14.13
CA TYR B 737 -0.34 -1.82 14.42
C TYR B 737 -0.04 -2.32 15.83
N ARG B 738 0.95 -3.20 15.94
CA ARG B 738 1.36 -3.74 17.22
C ARG B 738 2.42 -2.85 17.85
N GLU B 739 2.65 -3.04 19.15
CA GLU B 739 3.69 -2.29 19.85
C GLU B 739 4.91 -3.15 20.09
N VAL B 740 6.09 -2.55 19.95
CA VAL B 740 7.36 -3.24 20.16
C VAL B 740 7.48 -3.80 21.57
N GLN B 741 7.57 -5.13 21.67
CA GLN B 741 7.71 -5.78 22.96
C GLN B 741 9.11 -5.65 23.52
N LEU B 742 9.25 -4.83 24.56
CA LEU B 742 10.54 -4.61 25.20
C LEU B 742 10.95 -5.81 26.03
N PRO B 743 12.25 -6.15 26.01
CA PRO B 743 12.77 -7.28 26.79
C PRO B 743 12.92 -6.95 28.26
N ASP B 744 13.20 -7.97 29.08
CA ASP B 744 13.41 -7.76 30.50
C ASP B 744 14.74 -7.05 30.75
N ARG B 745 14.77 -6.21 31.78
CA ARG B 745 15.94 -5.40 32.12
C ARG B 745 16.38 -4.52 30.95
N GLY B 746 15.45 -4.23 30.04
CA GLY B 746 15.76 -3.49 28.83
C GLY B 746 15.80 -1.99 29.03
N TRP B 747 16.99 -1.48 29.35
CA TRP B 747 17.18 -0.05 29.56
C TRP B 747 17.73 0.61 28.30
N PHE B 748 16.85 1.27 27.55
CA PHE B 748 17.24 1.91 26.29
C PHE B 748 17.15 3.43 26.40
N VAL B 749 17.98 4.12 25.61
CA VAL B 749 17.96 5.57 25.57
C VAL B 749 18.13 6.09 24.13
N TYR B 750 17.16 6.88 23.68
CA TYR B 750 17.25 7.53 22.38
C TYR B 750 17.60 9.00 22.56
N GLN B 751 18.82 9.37 22.18
CA GLN B 751 19.27 10.74 22.32
C GLN B 751 19.00 11.56 21.06
N GLN B 752 18.47 12.77 21.25
CA GLN B 752 18.25 13.69 20.15
C GLN B 752 18.29 15.12 20.68
N ARG B 753 18.85 16.03 19.90
CA ARG B 753 19.05 17.40 20.34
C ARG B 753 18.03 18.37 19.74
N ASN B 754 17.45 19.20 20.59
CA ASN B 754 16.51 20.23 20.13
C ASN B 754 17.26 21.42 19.55
N GLU B 755 16.85 21.84 18.36
CA GLU B 755 17.56 22.87 17.62
C GLU B 755 17.22 24.29 18.06
N VAL B 756 16.17 24.42 18.86
CA VAL B 756 15.66 25.74 19.23
C VAL B 756 15.72 26.00 20.73
N HIS B 757 14.89 25.27 21.48
CA HIS B 757 14.77 25.46 22.93
C HIS B 757 16.05 25.09 23.67
N ASN B 758 16.38 25.84 24.71
CA ASN B 758 17.55 25.56 25.53
C ASN B 758 17.16 24.77 26.78
N ASN B 759 16.04 24.08 26.69
CA ASN B 759 15.60 23.20 27.77
C ASN B 759 15.73 21.74 27.37
N SER B 760 15.86 20.86 28.36
CA SER B 760 16.00 19.43 28.10
C SER B 760 14.79 18.65 28.58
N GLY B 761 14.14 17.94 27.66
CA GLY B 761 13.00 17.11 27.99
C GLY B 761 13.39 15.65 28.15
N ILE B 762 12.51 14.87 28.77
CA ILE B 762 12.78 13.44 28.98
C ILE B 762 11.51 12.68 29.28
N GLU B 763 11.34 11.53 28.63
CA GLU B 763 10.20 10.67 28.92
C GLU B 763 10.66 9.25 29.25
N ILE B 764 10.42 8.83 30.49
CA ILE B 764 10.76 7.50 30.94
C ILE B 764 9.53 6.60 30.86
N TYR B 765 9.62 5.52 30.09
CA TYR B 765 8.47 4.65 29.89
C TYR B 765 8.69 3.24 30.46
N TYR B 766 7.97 2.93 31.53
CA TYR B 766 7.99 1.60 32.13
C TYR B 766 6.88 0.74 31.54
N GLN B 767 7.23 -0.14 30.60
CA GLN B 767 6.24 -0.92 29.88
C GLN B 767 5.74 -2.12 30.68
N THR B 768 4.45 -2.11 31.01
CA THR B 768 3.83 -3.25 31.66
C THR B 768 3.16 -4.15 30.63
N ASP B 769 2.42 -5.15 31.10
CA ASP B 769 1.76 -6.09 30.20
C ASP B 769 0.61 -5.43 29.44
N MET B 770 0.00 -6.16 28.52
CA MET B 770 -1.09 -5.62 27.72
C MET B 770 -2.30 -5.26 28.57
N GLN B 771 -3.30 -4.62 27.95
CA GLN B 771 -4.49 -4.20 28.66
C GLN B 771 -5.32 -5.38 29.17
N SER B 772 -5.51 -5.43 30.48
CA SER B 772 -6.34 -6.43 31.12
C SER B 772 -6.78 -5.90 32.48
N THR B 773 -7.97 -6.31 32.93
CA THR B 773 -8.57 -5.79 34.16
C THR B 773 -7.61 -5.79 35.33
N SER B 774 -6.79 -6.83 35.43
CA SER B 774 -5.76 -6.90 36.46
C SER B 774 -4.69 -5.83 36.22
N GLU B 775 -4.05 -5.90 35.06
CA GLU B 775 -2.96 -4.97 34.72
C GLU B 775 -3.44 -3.52 34.62
N ASN B 776 -4.69 -3.33 34.21
CA ASN B 776 -5.25 -1.99 34.09
C ASN B 776 -5.29 -1.26 35.43
N MET B 777 -5.95 -1.88 36.42
CA MET B 777 -6.14 -1.25 37.71
C MET B 777 -4.87 -1.30 38.57
N PHE B 778 -3.96 -2.21 38.24
CA PHE B 778 -2.66 -2.24 38.91
C PHE B 778 -1.86 -1.01 38.53
N LEU B 779 -2.00 -0.59 37.28
CA LEU B 779 -1.28 0.57 36.77
C LEU B 779 -1.93 1.87 37.23
N GLU B 780 -3.26 1.94 37.12
CA GLU B 780 -3.99 3.16 37.43
C GLU B 780 -4.00 3.49 38.92
N LEU B 781 -4.05 2.46 39.77
CA LEU B 781 -4.03 2.68 41.21
C LEU B 781 -2.65 3.13 41.67
N PHE B 782 -1.61 2.51 41.11
CA PHE B 782 -0.24 2.88 41.44
C PHE B 782 0.05 4.29 40.93
N ALA B 783 -0.49 4.62 39.76
CA ALA B 783 -0.33 5.95 39.18
C ALA B 783 -1.09 6.99 40.00
N GLN B 784 -2.11 6.54 40.71
CA GLN B 784 -2.89 7.41 41.58
C GLN B 784 -2.11 7.77 42.84
N ILE B 785 -1.48 6.77 43.44
CA ILE B 785 -0.70 6.96 44.66
C ILE B 785 0.52 7.85 44.40
N ILE B 786 1.09 7.74 43.21
CA ILE B 786 2.28 8.51 42.87
C ILE B 786 1.95 9.75 42.03
N SER B 787 0.66 10.01 41.84
CA SER B 787 0.22 11.14 41.02
C SER B 787 0.66 12.48 41.61
N GLU B 788 0.35 12.68 42.89
CA GLU B 788 0.67 13.94 43.57
C GLU B 788 2.12 14.01 44.11
N PRO B 789 2.61 12.94 44.76
CA PRO B 789 3.99 13.03 45.28
C PRO B 789 5.04 13.31 44.21
N ALA B 790 4.78 12.92 42.96
CA ALA B 790 5.69 13.20 41.87
C ALA B 790 5.72 14.70 41.57
N PHE B 791 4.55 15.33 41.63
CA PHE B 791 4.45 16.76 41.38
C PHE B 791 5.09 17.55 42.51
N ASN B 792 5.10 16.97 43.71
CA ASN B 792 5.65 17.65 44.88
C ASN B 792 7.15 17.45 45.04
N THR B 793 7.61 16.22 44.81
CA THR B 793 9.03 15.91 44.98
C THR B 793 9.86 16.49 43.85
N LEU B 794 9.39 16.36 42.62
CA LEU B 794 10.15 16.75 41.44
C LEU B 794 10.07 18.24 41.14
N ARG B 795 8.95 18.86 41.48
CA ARG B 795 8.78 20.29 41.22
C ARG B 795 8.81 21.13 42.48
N THR B 796 7.96 20.82 43.45
CA THR B 796 7.83 21.64 44.64
C THR B 796 9.05 21.51 45.56
N LYS B 797 9.64 20.32 45.61
CA LYS B 797 10.76 20.06 46.52
C LYS B 797 12.17 20.15 45.91
N GLU B 798 12.38 19.51 44.78
CA GLU B 798 13.70 19.45 44.17
C GLU B 798 13.82 20.54 43.10
N GLN B 799 12.67 21.03 42.63
CA GLN B 799 12.62 22.08 41.62
C GLN B 799 13.39 21.71 40.36
N LEU B 800 12.95 20.67 39.67
CA LEU B 800 13.55 20.28 38.41
C LEU B 800 13.08 21.20 37.29
N GLY B 801 11.77 21.21 37.05
CA GLY B 801 11.19 22.06 36.03
C GLY B 801 9.74 22.38 36.30
N TYR B 802 9.18 23.30 35.50
CA TYR B 802 7.79 23.68 35.63
C TYR B 802 6.85 22.58 35.14
N ILE B 803 7.27 21.89 34.09
CA ILE B 803 6.46 20.82 33.51
C ILE B 803 6.85 19.46 34.08
N VAL B 804 6.03 18.97 35.01
CA VAL B 804 6.25 17.65 35.61
C VAL B 804 4.94 16.85 35.60
N PHE B 805 4.95 15.72 34.89
CA PHE B 805 3.76 14.90 34.76
C PHE B 805 4.05 13.42 34.94
N SER B 806 3.12 12.71 35.55
CA SER B 806 3.23 11.27 35.74
C SER B 806 1.88 10.61 35.64
N GLY B 807 1.77 9.62 34.76
CA GLY B 807 0.52 8.91 34.55
C GLY B 807 0.68 7.70 33.65
N PRO B 808 -0.44 7.01 33.37
CA PRO B 808 -0.43 5.84 32.49
C PRO B 808 -0.30 6.22 31.01
N ARG B 809 0.29 5.31 30.23
CA ARG B 809 0.37 5.47 28.78
C ARG B 809 -0.19 4.24 28.08
N ARG B 810 -1.23 4.43 27.27
CA ARG B 810 -1.89 3.32 26.61
C ARG B 810 -2.01 3.53 25.11
N ALA B 811 -1.22 2.78 24.35
CA ALA B 811 -1.26 2.83 22.89
C ALA B 811 -1.17 1.43 22.30
N ASN B 812 -1.95 1.17 21.25
CA ASN B 812 -2.00 -0.13 20.59
C ASN B 812 -2.32 -1.26 21.56
N GLY B 813 -3.09 -0.96 22.60
CA GLY B 813 -3.51 -1.96 23.56
C GLY B 813 -2.41 -2.38 24.52
N ILE B 814 -1.37 -1.57 24.63
CA ILE B 814 -0.27 -1.85 25.55
C ILE B 814 -0.13 -0.75 26.59
N GLN B 815 -0.05 -1.14 27.86
CA GLN B 815 0.00 -0.18 28.95
C GLN B 815 1.42 0.17 29.37
N GLY B 816 1.53 0.96 30.43
CA GLY B 816 2.82 1.35 30.96
C GLY B 816 2.78 2.61 31.81
N LEU B 817 3.81 2.78 32.63
CA LEU B 817 3.93 3.96 33.48
C LEU B 817 4.94 4.94 32.88
N ARG B 818 4.49 6.14 32.56
CA ARG B 818 5.36 7.13 31.93
C ARG B 818 5.67 8.31 32.84
N PHE B 819 6.86 8.87 32.66
CA PHE B 819 7.27 10.09 33.35
C PHE B 819 7.72 11.13 32.35
N ILE B 820 7.08 12.30 32.36
CA ILE B 820 7.45 13.37 31.45
C ILE B 820 7.92 14.61 32.21
N ILE B 821 9.19 14.97 32.03
CA ILE B 821 9.76 16.13 32.71
C ILE B 821 10.54 17.03 31.76
N GLN B 822 10.20 18.32 31.76
CA GLN B 822 10.97 19.31 31.02
C GLN B 822 11.69 20.23 31.99
N SER B 823 13.01 20.22 31.92
CA SER B 823 13.82 20.97 32.88
C SER B 823 15.05 21.60 32.23
N GLU B 824 15.97 22.07 33.07
CA GLU B 824 17.23 22.66 32.62
C GLU B 824 18.38 21.71 32.96
N LYS B 825 18.09 20.76 33.84
CA LYS B 825 19.07 19.77 34.27
C LYS B 825 19.29 18.72 33.17
N PRO B 826 20.51 18.16 33.11
CA PRO B 826 20.83 17.07 32.18
C PRO B 826 19.89 15.87 32.34
N PRO B 827 19.64 15.13 31.24
CA PRO B 827 18.71 14.00 31.23
C PRO B 827 19.09 12.88 32.21
N HIS B 828 20.37 12.52 32.26
CA HIS B 828 20.82 11.42 33.10
C HIS B 828 20.66 11.73 34.58
N TYR B 829 20.69 13.01 34.93
CA TYR B 829 20.47 13.43 36.31
C TYR B 829 18.99 13.29 36.66
N LEU B 830 18.13 13.64 35.71
CA LEU B 830 16.69 13.52 35.91
C LEU B 830 16.28 12.06 36.02
N GLU B 831 17.09 11.18 35.43
CA GLU B 831 16.84 9.74 35.51
C GLU B 831 17.08 9.21 36.91
N SER B 832 18.18 9.64 37.53
CA SER B 832 18.55 9.18 38.86
C SER B 832 17.55 9.68 39.90
N ARG B 833 17.00 10.87 39.67
CA ARG B 833 16.07 11.46 40.62
C ARG B 833 14.70 10.80 40.56
N VAL B 834 14.30 10.37 39.36
CA VAL B 834 13.04 9.64 39.19
C VAL B 834 13.16 8.27 39.84
N GLU B 835 14.29 7.61 39.63
CA GLU B 835 14.53 6.29 40.19
C GLU B 835 14.61 6.38 41.72
N ALA B 836 15.19 7.47 42.21
CA ALA B 836 15.27 7.70 43.65
C ALA B 836 13.88 7.97 44.21
N PHE B 837 13.03 8.56 43.39
CA PHE B 837 11.65 8.83 43.76
C PHE B 837 10.85 7.54 43.85
N LEU B 838 11.15 6.60 42.97
CA LEU B 838 10.48 5.29 42.99
C LEU B 838 10.80 4.54 44.27
N ILE B 839 12.04 4.62 44.72
CA ILE B 839 12.44 4.00 45.98
C ILE B 839 11.70 4.66 47.13
N THR B 840 11.56 5.98 47.07
CA THR B 840 10.84 6.74 48.08
C THR B 840 9.38 6.31 48.10
N MET B 841 8.83 6.02 46.93
CA MET B 841 7.44 5.57 46.83
C MET B 841 7.31 4.09 47.21
N GLU B 842 8.34 3.31 46.89
CA GLU B 842 8.36 1.90 47.27
C GLU B 842 8.27 1.77 48.79
N LYS B 843 9.03 2.61 49.49
CA LYS B 843 9.05 2.61 50.94
C LYS B 843 7.77 3.22 51.51
N SER B 844 7.24 4.23 50.83
CA SER B 844 6.04 4.92 51.30
C SER B 844 4.81 4.04 51.24
N ILE B 845 4.66 3.29 50.15
CA ILE B 845 3.53 2.38 49.98
C ILE B 845 3.67 1.18 50.91
N GLU B 846 4.92 0.79 51.17
CA GLU B 846 5.20 -0.38 51.99
C GLU B 846 4.74 -0.21 53.44
N ASP B 847 4.71 1.03 53.91
CA ASP B 847 4.36 1.29 55.31
C ASP B 847 3.16 2.22 55.50
N MET B 848 2.48 2.56 54.41
CA MET B 848 1.27 3.37 54.52
C MET B 848 0.12 2.51 55.03
N THR B 849 -0.77 3.12 55.82
CA THR B 849 -1.88 2.40 56.42
C THR B 849 -2.90 1.96 55.37
N GLU B 850 -3.74 1.00 55.75
CA GLU B 850 -4.78 0.50 54.86
C GLU B 850 -5.80 1.59 54.55
N GLU B 851 -5.98 2.52 55.48
CA GLU B 851 -6.95 3.57 55.35
C GLU B 851 -6.58 4.54 54.23
N ALA B 852 -5.30 4.92 54.19
CA ALA B 852 -4.80 5.79 53.14
C ALA B 852 -4.84 5.09 51.79
N PHE B 853 -4.57 3.79 51.81
CA PHE B 853 -4.60 2.98 50.59
C PHE B 853 -6.01 2.84 50.06
N GLN B 854 -6.97 2.62 50.95
CA GLN B 854 -8.37 2.53 50.57
C GLN B 854 -8.89 3.90 50.13
N LYS B 855 -8.25 4.95 50.62
CA LYS B 855 -8.65 6.31 50.28
C LYS B 855 -8.18 6.67 48.87
N HIS B 856 -7.07 6.07 48.44
CA HIS B 856 -6.57 6.25 47.09
C HIS B 856 -7.41 5.42 46.11
N ILE B 857 -7.88 4.27 46.57
CA ILE B 857 -8.76 3.43 45.78
C ILE B 857 -10.08 4.12 45.54
N GLN B 858 -10.66 4.66 46.62
CA GLN B 858 -11.92 5.39 46.54
C GLN B 858 -11.79 6.62 45.64
N ALA B 859 -10.63 7.26 45.68
CA ALA B 859 -10.38 8.45 44.87
C ALA B 859 -10.37 8.10 43.38
N LEU B 860 -9.68 7.02 43.02
CA LEU B 860 -9.61 6.58 41.64
C LEU B 860 -10.97 6.12 41.14
N ALA B 861 -11.78 5.56 42.05
CA ALA B 861 -13.11 5.08 41.72
C ALA B 861 -14.02 6.23 41.29
N ILE B 862 -13.86 7.39 41.92
CA ILE B 862 -14.69 8.54 41.61
C ILE B 862 -14.33 9.13 40.25
N ARG B 863 -13.04 9.26 39.97
CA ARG B 863 -12.57 9.82 38.71
C ARG B 863 -12.89 8.91 37.53
N ARG B 864 -13.02 7.62 37.80
CA ARG B 864 -13.36 6.65 36.76
C ARG B 864 -14.87 6.57 36.53
N LEU B 865 -15.63 6.79 37.61
CA LEU B 865 -17.08 6.76 37.52
C LEU B 865 -17.66 8.16 37.32
N ASP B 866 -16.83 9.07 36.82
CA ASP B 866 -17.27 10.43 36.54
C ASP B 866 -17.99 10.48 35.20
N LYS B 867 -19.32 10.48 35.25
CA LYS B 867 -20.15 10.46 34.04
C LYS B 867 -19.96 11.73 33.21
N PRO B 868 -19.97 11.58 31.87
CA PRO B 868 -19.85 12.70 30.94
C PRO B 868 -20.97 13.72 31.09
N LYS B 869 -20.65 15.00 30.90
CA LYS B 869 -21.63 16.06 31.09
C LYS B 869 -22.33 16.43 29.79
N LYS B 870 -21.56 16.61 28.73
CA LYS B 870 -22.11 16.97 27.42
C LYS B 870 -22.16 15.75 26.50
N LEU B 871 -22.71 15.95 25.31
CA LEU B 871 -22.87 14.85 24.35
C LEU B 871 -21.55 14.46 23.71
N SER B 872 -20.76 15.47 23.34
CA SER B 872 -19.49 15.22 22.66
C SER B 872 -18.45 14.61 23.58
N ALA B 873 -18.77 14.54 24.87
CA ALA B 873 -17.88 13.92 25.85
C ALA B 873 -18.10 12.41 25.90
N GLU B 874 -19.36 12.01 26.01
CA GLU B 874 -19.71 10.59 26.04
C GLU B 874 -19.47 9.95 24.68
N SER B 875 -19.68 10.73 23.62
CA SER B 875 -19.44 10.25 22.27
C SER B 875 -17.96 10.00 22.03
N ALA B 876 -17.13 10.88 22.59
CA ALA B 876 -15.68 10.74 22.46
C ALA B 876 -15.18 9.51 23.22
N LYS B 877 -15.78 9.25 24.37
CA LYS B 877 -15.44 8.07 25.16
C LYS B 877 -15.85 6.80 24.43
N TYR B 878 -17.03 6.82 23.83
CA TYR B 878 -17.52 5.69 23.05
C TYR B 878 -16.71 5.51 21.77
N TRP B 879 -16.32 6.62 21.16
CA TRP B 879 -15.51 6.59 19.94
C TRP B 879 -14.11 6.11 20.23
N GLY B 880 -13.69 6.25 21.49
CA GLY B 880 -12.39 5.77 21.92
C GLY B 880 -12.36 4.26 22.01
N GLU B 881 -13.51 3.67 22.31
CA GLU B 881 -13.62 2.22 22.41
C GLU B 881 -13.84 1.59 21.04
N ILE B 882 -14.06 2.42 20.03
CA ILE B 882 -14.26 1.95 18.66
C ILE B 882 -12.95 1.95 17.89
N ILE B 883 -12.17 3.02 18.04
CA ILE B 883 -10.85 3.11 17.44
C ILE B 883 -9.94 2.04 18.03
N SER B 884 -10.07 1.83 19.33
CA SER B 884 -9.32 0.80 20.03
C SER B 884 -9.78 -0.59 19.62
N GLN B 885 -10.98 -0.66 19.06
CA GLN B 885 -11.58 -1.91 18.60
C GLN B 885 -11.68 -2.94 19.72
N GLN B 886 -11.86 -2.47 20.95
CA GLN B 886 -12.06 -3.35 22.09
C GLN B 886 -13.55 -3.40 22.43
N TYR B 887 -14.25 -2.32 22.11
CA TYR B 887 -15.69 -2.21 22.28
C TYR B 887 -16.13 -2.49 23.71
N ASN B 888 -15.31 -2.06 24.67
CA ASN B 888 -15.61 -2.24 26.08
C ASN B 888 -16.33 -1.01 26.64
N PHE B 889 -17.63 -0.93 26.40
CA PHE B 889 -18.42 0.22 26.82
C PHE B 889 -18.76 0.17 28.30
N ASP B 890 -18.73 -1.02 28.88
CA ASP B 890 -18.98 -1.20 30.30
C ASP B 890 -17.65 -1.34 31.05
N ARG B 891 -16.63 -0.67 30.54
CA ARG B 891 -15.29 -0.75 31.10
C ARG B 891 -15.22 -0.17 32.51
N ASP B 892 -15.97 0.91 32.74
CA ASP B 892 -15.94 1.60 34.01
C ASP B 892 -16.49 0.75 35.16
N ASN B 893 -17.71 0.27 35.01
CA ASN B 893 -18.40 -0.47 36.07
C ASN B 893 -17.70 -1.77 36.47
N THR B 894 -16.91 -2.33 35.56
CA THR B 894 -16.24 -3.59 35.82
C THR B 894 -14.87 -3.37 36.47
N GLU B 895 -14.08 -2.47 35.89
CA GLU B 895 -12.73 -2.21 36.37
C GLU B 895 -12.73 -1.57 37.76
N VAL B 896 -13.68 -0.68 38.00
CA VAL B 896 -13.81 -0.05 39.32
C VAL B 896 -14.22 -1.10 40.35
N ALA B 897 -15.07 -2.03 39.94
CA ALA B 897 -15.51 -3.11 40.81
C ALA B 897 -14.34 -4.02 41.19
N TYR B 898 -13.40 -4.20 40.27
CA TYR B 898 -12.21 -5.00 40.54
C TYR B 898 -11.21 -4.21 41.37
N LEU B 899 -11.28 -2.89 41.27
CA LEU B 899 -10.41 -2.01 42.03
C LEU B 899 -10.75 -2.06 43.52
N LYS B 900 -12.01 -2.34 43.81
CA LYS B 900 -12.47 -2.41 45.20
C LYS B 900 -12.10 -3.72 45.86
N THR B 901 -11.47 -4.61 45.10
CA THR B 901 -11.07 -5.92 45.61
C THR B 901 -9.56 -6.06 45.68
N LEU B 902 -8.85 -4.93 45.54
CA LEU B 902 -7.40 -4.93 45.57
C LEU B 902 -6.86 -4.67 46.98
N THR B 903 -5.70 -5.23 47.26
CA THR B 903 -5.05 -5.02 48.55
C THR B 903 -3.71 -4.32 48.37
N LYS B 904 -3.06 -3.99 49.48
CA LYS B 904 -1.78 -3.30 49.44
C LYS B 904 -0.66 -4.23 48.96
N GLU B 905 -0.76 -5.51 49.34
CA GLU B 905 0.25 -6.50 48.99
C GLU B 905 0.30 -6.74 47.49
N ASP B 906 -0.83 -6.52 46.81
CA ASP B 906 -0.90 -6.70 45.37
C ASP B 906 -0.04 -5.67 44.64
N ILE B 907 -0.14 -4.43 45.08
CA ILE B 907 0.62 -3.34 44.48
C ILE B 907 2.12 -3.52 44.72
N ILE B 908 2.46 -4.01 45.91
CA ILE B 908 3.86 -4.26 46.27
C ILE B 908 4.50 -5.30 45.33
N LYS B 909 3.80 -6.41 45.14
CA LYS B 909 4.29 -7.47 44.26
C LYS B 909 4.28 -7.02 42.80
N PHE B 910 3.37 -6.11 42.48
CA PHE B 910 3.30 -5.54 41.14
C PHE B 910 4.52 -4.65 40.89
N TYR B 911 4.90 -3.88 41.92
CA TYR B 911 6.07 -3.01 41.82
C TYR B 911 7.35 -3.84 41.77
N LYS B 912 7.44 -4.84 42.64
CA LYS B 912 8.62 -5.68 42.77
C LYS B 912 8.92 -6.46 41.50
N GLU B 913 7.90 -6.69 40.69
CA GLU B 913 8.03 -7.50 39.49
C GLU B 913 8.19 -6.66 38.21
N MET B 914 7.54 -5.51 38.18
CA MET B 914 7.50 -4.71 36.96
C MET B 914 8.26 -3.40 37.06
N LEU B 915 8.09 -2.69 38.18
CA LEU B 915 8.59 -1.32 38.27
C LEU B 915 9.81 -1.16 39.19
N ALA B 916 10.16 -2.21 39.93
CA ALA B 916 11.28 -2.16 40.85
C ALA B 916 12.60 -1.90 40.11
N VAL B 917 13.60 -1.44 40.85
CA VAL B 917 14.91 -1.17 40.26
C VAL B 917 15.55 -2.47 39.80
N ASP B 918 15.36 -3.54 40.57
CA ASP B 918 15.90 -4.85 40.23
C ASP B 918 14.79 -5.83 39.91
N ALA B 919 13.75 -5.35 39.23
CA ALA B 919 12.61 -6.17 38.87
C ALA B 919 12.96 -7.17 37.77
N PRO B 920 12.50 -8.42 37.92
CA PRO B 920 12.78 -9.48 36.94
C PRO B 920 12.12 -9.25 35.59
N ARG B 921 11.03 -8.47 35.58
CA ARG B 921 10.31 -8.17 34.35
C ARG B 921 10.23 -6.68 34.10
N ARG B 922 11.33 -5.98 34.32
CA ARG B 922 11.35 -4.53 34.13
C ARG B 922 11.57 -4.14 32.67
N HIS B 923 10.51 -3.70 32.02
CA HIS B 923 10.61 -3.21 30.65
C HIS B 923 10.68 -1.70 30.67
N LYS B 924 11.89 -1.17 30.84
CA LYS B 924 12.07 0.27 31.07
C LYS B 924 12.80 0.96 29.92
N VAL B 925 12.05 1.44 28.94
CA VAL B 925 12.63 2.21 27.85
C VAL B 925 12.56 3.70 28.20
N SER B 926 13.41 4.51 27.56
CA SER B 926 13.46 5.93 27.85
C SER B 926 13.85 6.77 26.65
N VAL B 927 13.40 8.01 26.64
CA VAL B 927 13.75 8.96 25.58
C VAL B 927 14.34 10.22 26.19
N HIS B 928 15.57 10.54 25.82
CA HIS B 928 16.25 11.71 26.35
C HIS B 928 16.40 12.80 25.31
N VAL B 929 15.39 13.67 25.22
CA VAL B 929 15.46 14.82 24.33
C VAL B 929 16.42 15.85 24.91
N LEU B 930 17.64 15.86 24.36
CA LEU B 930 18.70 16.72 24.88
C LEU B 930 18.40 18.20 24.62
N ALA B 931 18.94 19.06 25.47
CA ALA B 931 18.79 20.51 25.30
C ALA B 931 19.68 20.98 24.14
N ARG B 932 19.66 22.28 23.87
CA ARG B 932 20.41 22.83 22.74
C ARG B 932 21.92 22.71 22.94
N GLU B 933 22.38 22.95 24.16
CA GLU B 933 23.82 22.90 24.44
C GLU B 933 24.15 22.02 25.64
N MET B 934 24.31 20.72 25.38
CA MET B 934 24.78 19.78 26.40
C MET B 934 25.71 18.76 25.74
N ASP B 935 26.84 18.49 26.39
CA ASP B 935 27.85 17.59 25.83
C ASP B 935 27.32 16.16 25.68
N SER B 936 27.94 15.42 24.77
CA SER B 936 27.56 14.03 24.49
C SER B 936 26.08 13.90 24.14
N SER B 952 17.20 13.35 48.88
CA SER B 952 17.11 11.90 48.78
C SER B 952 18.40 11.30 48.24
N GLN B 953 18.38 10.00 47.96
CA GLN B 953 19.55 9.32 47.44
C GLN B 953 19.19 8.43 46.25
N ALA B 954 19.98 8.54 45.18
CA ALA B 954 19.74 7.76 43.97
C ALA B 954 20.54 6.46 43.97
N PRO B 955 19.91 5.37 43.53
CA PRO B 955 20.57 4.06 43.45
C PRO B 955 21.45 3.91 42.21
N ALA B 956 22.16 2.80 42.11
CA ALA B 956 23.02 2.54 40.96
C ALA B 956 22.20 1.96 39.80
N LEU B 957 22.38 2.53 38.62
CA LEU B 957 21.65 2.10 37.44
C LEU B 957 22.55 1.34 36.47
N PRO B 958 22.03 0.29 35.84
CA PRO B 958 22.76 -0.49 34.82
C PRO B 958 23.16 0.39 33.64
N GLN B 959 24.17 -0.05 32.89
CA GLN B 959 24.64 0.72 31.73
C GLN B 959 23.56 0.82 30.66
N PRO B 960 23.38 2.02 30.09
CA PRO B 960 22.34 2.25 29.09
C PRO B 960 22.66 1.60 27.75
N GLU B 961 21.61 1.17 27.04
CA GLU B 961 21.78 0.61 25.71
C GLU B 961 21.31 1.63 24.67
N VAL B 962 22.22 2.50 24.26
CA VAL B 962 21.89 3.63 23.39
C VAL B 962 21.42 3.19 22.00
N ILE B 963 20.23 3.65 21.62
CA ILE B 963 19.69 3.39 20.29
C ILE B 963 20.28 4.38 19.28
N GLN B 964 20.80 3.87 18.18
CA GLN B 964 21.41 4.71 17.16
C GLN B 964 20.63 4.64 15.86
N ASN B 965 19.66 3.73 15.79
CA ASN B 965 18.83 3.58 14.60
C ASN B 965 17.50 2.91 14.95
N MET B 966 16.40 3.58 14.59
CA MET B 966 15.06 3.10 14.92
C MET B 966 14.73 1.78 14.23
N THR B 967 15.16 1.64 12.98
CA THR B 967 14.84 0.44 12.19
C THR B 967 15.51 -0.80 12.76
N GLU B 968 16.79 -0.69 13.10
CA GLU B 968 17.53 -1.82 13.67
C GLU B 968 17.07 -2.11 15.09
N PHE B 969 16.43 -1.13 15.73
CA PHE B 969 15.92 -1.28 17.08
C PHE B 969 14.67 -2.15 17.11
N LYS B 970 13.72 -1.86 16.22
CA LYS B 970 12.46 -2.59 16.17
C LYS B 970 12.65 -4.00 15.61
N ARG B 971 13.57 -4.15 14.67
CA ARG B 971 13.81 -5.43 14.01
C ARG B 971 14.33 -6.50 14.96
N GLY B 972 15.03 -6.08 16.01
CA GLY B 972 15.60 -7.02 16.96
C GLY B 972 14.74 -7.24 18.18
N LEU B 973 13.51 -6.77 18.14
CA LEU B 973 12.60 -6.89 19.28
C LEU B 973 11.25 -7.47 18.86
N PRO B 974 10.63 -8.27 19.76
CA PRO B 974 9.32 -8.88 19.48
C PRO B 974 8.20 -7.86 19.37
N LEU B 975 7.04 -8.29 18.87
CA LEU B 975 5.88 -7.42 18.78
C LEU B 975 4.71 -7.99 19.59
N PHE B 976 4.09 -7.14 20.40
CA PHE B 976 2.95 -7.54 21.22
C PHE B 976 1.74 -7.91 20.37
N PRO B 977 0.89 -8.80 20.90
CA PRO B 977 -0.40 -9.12 20.26
C PRO B 977 -1.42 -8.00 20.44
N LEU B 978 -2.58 -8.15 19.80
CA LEU B 978 -3.64 -7.15 19.92
C LEU B 978 -4.75 -7.55 20.89
N VAL B 979 -5.45 -6.55 21.42
CA VAL B 979 -6.52 -6.79 22.39
C VAL B 979 -7.75 -7.40 21.70
N LYS B 980 -8.34 -8.40 22.35
CA LYS B 980 -9.52 -9.07 21.82
C LYS B 980 -10.74 -8.15 21.87
N PRO B 981 -11.50 -8.08 20.78
CA PRO B 981 -12.71 -7.25 20.69
C PRO B 981 -13.76 -7.63 21.73
N GLN C 29 33.22 -58.70 -45.89
CA GLN C 29 33.53 -59.04 -47.28
C GLN C 29 32.34 -59.73 -47.94
N LEU C 30 32.33 -59.72 -49.28
CA LEU C 30 31.22 -60.29 -50.03
C LEU C 30 31.65 -61.50 -50.84
N VAL C 31 30.85 -62.56 -50.81
CA VAL C 31 31.18 -63.81 -51.49
C VAL C 31 30.15 -64.15 -52.57
N GLU C 32 30.51 -63.89 -53.82
CA GLU C 32 29.59 -64.08 -54.94
C GLU C 32 29.64 -65.50 -55.49
N SER C 33 28.58 -65.90 -56.20
CA SER C 33 28.50 -67.21 -56.84
C SER C 33 27.29 -67.29 -57.77
N GLY C 34 27.27 -68.32 -58.61
CA GLY C 34 26.10 -68.59 -59.45
C GLY C 34 26.28 -68.30 -60.93
N GLY C 35 27.27 -67.47 -61.26
CA GLY C 35 27.49 -67.09 -62.65
C GLY C 35 28.22 -68.18 -63.44
N GLY C 36 27.80 -68.38 -64.68
CA GLY C 36 28.42 -69.37 -65.54
C GLY C 36 27.63 -69.65 -66.80
N LEU C 37 27.38 -70.92 -67.07
CA LEU C 37 26.68 -71.33 -68.29
C LEU C 37 25.17 -71.11 -68.19
N VAL C 38 24.61 -70.49 -69.22
CA VAL C 38 23.17 -70.27 -69.31
C VAL C 38 22.69 -70.27 -70.75
N GLN C 39 21.73 -71.13 -71.05
CA GLN C 39 21.08 -71.13 -72.35
C GLN C 39 20.17 -69.90 -72.47
N PRO C 40 20.12 -69.29 -73.67
CA PRO C 40 19.20 -68.18 -73.89
C PRO C 40 17.74 -68.56 -73.58
N GLY C 41 17.11 -67.77 -72.71
CA GLY C 41 15.76 -68.05 -72.28
C GLY C 41 15.69 -68.44 -70.81
N ARG C 45 20.56 -68.95 -60.47
CA ARG C 45 20.46 -67.74 -59.66
C ARG C 45 21.84 -67.29 -59.16
N LEU C 46 21.96 -66.01 -58.84
CA LEU C 46 23.19 -65.46 -58.31
C LEU C 46 23.11 -65.34 -56.78
N SER C 47 24.18 -65.75 -56.10
CA SER C 47 24.21 -65.74 -54.65
C SER C 47 25.43 -65.00 -54.11
N CYS C 48 25.18 -63.96 -53.32
CA CYS C 48 26.27 -63.21 -52.69
C CYS C 48 26.15 -63.24 -51.16
N ALA C 49 26.90 -64.16 -50.54
CA ALA C 49 26.87 -64.31 -49.09
C ALA C 49 27.69 -63.23 -48.41
N ALA C 50 27.04 -62.43 -47.58
CA ALA C 50 27.70 -61.36 -46.85
C ALA C 50 28.42 -61.88 -45.62
N SER C 51 29.58 -61.30 -45.33
CA SER C 51 30.36 -61.70 -44.16
C SER C 51 31.04 -60.48 -43.53
N GLY C 52 30.93 -60.38 -42.21
CA GLY C 52 31.49 -59.25 -41.49
C GLY C 52 30.42 -58.26 -41.08
N PHE C 53 29.20 -58.50 -41.53
CA PHE C 53 28.06 -57.64 -41.21
C PHE C 53 26.75 -58.37 -41.47
N ASN C 54 25.63 -57.67 -41.24
CA ASN C 54 24.31 -58.22 -41.49
C ASN C 54 23.61 -57.50 -42.63
N VAL C 55 22.90 -58.26 -43.46
CA VAL C 55 22.20 -57.69 -44.61
C VAL C 55 20.93 -56.96 -44.17
N SER C 56 20.43 -57.31 -42.99
CA SER C 56 19.18 -56.75 -42.49
C SER C 56 19.27 -55.26 -42.18
N SER C 57 20.48 -54.71 -42.20
CA SER C 57 20.68 -53.30 -41.87
C SER C 57 21.43 -52.54 -42.97
N TYR C 58 21.56 -53.18 -44.13
CA TYR C 58 22.27 -52.55 -45.26
C TYR C 58 21.54 -52.75 -46.58
N SER C 59 21.89 -51.93 -47.57
CA SER C 59 21.32 -52.03 -48.90
C SER C 59 22.32 -52.67 -49.86
N ILE C 60 21.95 -53.81 -50.42
CA ILE C 60 22.83 -54.52 -51.35
C ILE C 60 22.50 -54.16 -52.79
N HIS C 61 23.53 -53.75 -53.54
CA HIS C 61 23.35 -53.32 -54.93
C HIS C 61 24.00 -54.31 -55.90
N TRP C 62 23.43 -54.41 -57.10
CA TRP C 62 24.01 -55.24 -58.16
C TRP C 62 24.38 -54.39 -59.37
N VAL C 63 25.62 -54.52 -59.82
CA VAL C 63 26.09 -53.77 -60.97
C VAL C 63 26.77 -54.69 -61.98
N ARG C 64 26.31 -54.64 -63.22
CA ARG C 64 26.91 -55.43 -64.29
C ARG C 64 27.74 -54.56 -65.22
N GLN C 65 28.71 -55.17 -65.89
CA GLN C 65 29.57 -54.46 -66.82
C GLN C 65 29.79 -55.27 -68.09
N ALA C 66 29.28 -54.76 -69.21
CA ALA C 66 29.46 -55.42 -70.50
C ALA C 66 30.94 -55.44 -70.89
N PRO C 67 31.41 -56.58 -71.41
CA PRO C 67 32.81 -56.73 -71.82
C PRO C 67 33.20 -55.78 -72.94
N GLY C 68 33.95 -54.73 -72.60
CA GLY C 68 34.39 -53.75 -73.59
C GLY C 68 33.50 -52.52 -73.49
N LYS C 69 33.09 -52.18 -72.29
CA LYS C 69 32.22 -51.03 -72.08
C LYS C 69 32.27 -50.72 -70.58
N GLY C 70 31.54 -49.70 -70.17
CA GLY C 70 31.56 -49.26 -68.78
C GLY C 70 30.58 -49.98 -67.88
N LEU C 71 30.38 -49.43 -66.68
CA LEU C 71 29.49 -50.04 -65.69
C LEU C 71 28.03 -49.72 -65.98
N GLU C 72 27.13 -50.52 -65.41
CA GLU C 72 25.70 -50.33 -65.59
C GLU C 72 24.91 -50.98 -64.46
N TRP C 73 24.21 -50.17 -63.69
CA TRP C 73 23.41 -50.66 -62.57
C TRP C 73 22.16 -51.37 -63.06
N VAL C 74 21.83 -52.49 -62.43
CA VAL C 74 20.65 -53.27 -62.83
C VAL C 74 19.57 -53.27 -61.77
N ALA C 75 19.89 -53.75 -60.56
CA ALA C 75 18.89 -53.85 -59.50
C ALA C 75 19.53 -53.79 -58.12
N SER C 76 18.85 -53.12 -57.19
CA SER C 76 19.31 -53.03 -55.81
C SER C 76 18.15 -53.27 -54.85
N ILE C 77 18.45 -53.78 -53.66
CA ILE C 77 17.43 -54.11 -52.69
C ILE C 77 17.76 -53.60 -51.29
N SER C 78 16.75 -53.09 -50.59
CA SER C 78 16.90 -52.70 -49.19
C SER C 78 16.01 -53.60 -48.34
N SER C 79 16.63 -54.51 -47.60
CA SER C 79 15.89 -55.51 -46.83
C SER C 79 15.10 -54.91 -45.67
N TYR C 80 15.65 -53.86 -45.06
CA TYR C 80 15.01 -53.24 -43.91
C TYR C 80 13.68 -52.60 -44.27
N TYR C 81 13.70 -51.65 -45.20
CA TYR C 81 12.49 -50.94 -45.60
C TYR C 81 11.68 -51.74 -46.62
N GLY C 82 12.21 -52.91 -47.01
CA GLY C 82 11.52 -53.83 -47.89
C GLY C 82 11.13 -53.23 -49.23
N SER C 83 12.10 -52.65 -49.92
CA SER C 83 11.84 -52.04 -51.23
C SER C 83 12.86 -52.53 -52.26
N THR C 84 12.36 -52.90 -53.43
CA THR C 84 13.21 -53.39 -54.50
C THR C 84 13.16 -52.47 -55.72
N SER C 85 14.31 -52.23 -56.33
CA SER C 85 14.39 -51.37 -57.50
C SER C 85 15.05 -52.09 -58.68
N TYR C 86 14.60 -51.77 -59.89
CA TYR C 86 15.13 -52.40 -61.08
C TYR C 86 15.41 -51.37 -62.17
N ALA C 87 16.28 -51.72 -63.12
CA ALA C 87 16.59 -50.84 -64.23
C ALA C 87 15.46 -50.86 -65.26
N ASP C 88 15.57 -50.01 -66.27
CA ASP C 88 14.55 -49.91 -67.30
C ASP C 88 14.79 -50.89 -68.44
N SER C 89 15.78 -51.77 -68.26
CA SER C 89 16.15 -52.72 -69.30
C SER C 89 16.14 -54.15 -68.79
N VAL C 90 15.88 -54.33 -67.50
CA VAL C 90 15.93 -55.66 -66.90
C VAL C 90 14.69 -56.00 -66.07
N LYS C 91 13.82 -55.03 -65.87
CA LYS C 91 12.62 -55.27 -65.07
C LYS C 91 11.67 -56.21 -65.82
N GLY C 92 11.01 -57.08 -65.07
CA GLY C 92 10.12 -58.07 -65.64
C GLY C 92 10.80 -59.42 -65.83
N ARG C 93 12.10 -59.38 -66.15
CA ARG C 93 12.87 -60.60 -66.33
C ARG C 93 13.62 -60.98 -65.07
N PHE C 94 14.32 -60.00 -64.49
CA PHE C 94 15.13 -60.24 -63.30
C PHE C 94 14.31 -60.17 -62.03
N THR C 95 14.87 -60.70 -60.95
CA THR C 95 14.22 -60.67 -59.64
C THR C 95 15.25 -60.70 -58.52
N ILE C 96 15.22 -59.71 -57.65
CA ILE C 96 16.21 -59.59 -56.58
C ILE C 96 15.59 -59.97 -55.23
N SER C 97 16.40 -60.56 -54.35
CA SER C 97 15.93 -61.00 -53.04
C SER C 97 17.08 -61.08 -52.04
N ALA C 98 16.75 -61.48 -50.81
CA ALA C 98 17.75 -61.62 -49.75
C ALA C 98 17.22 -62.52 -48.63
N ASP C 99 18.07 -62.76 -47.63
CA ASP C 99 17.69 -63.57 -46.48
C ASP C 99 18.54 -63.22 -45.25
N THR C 100 17.94 -63.33 -44.07
CA THR C 100 18.64 -63.01 -42.83
C THR C 100 19.22 -64.27 -42.19
N ASN C 103 23.13 -64.59 -43.17
CA ASN C 103 23.03 -63.41 -44.02
C ASN C 103 23.51 -63.66 -45.44
N THR C 104 22.57 -63.63 -46.38
CA THR C 104 22.88 -63.88 -47.79
C THR C 104 21.86 -63.16 -48.68
N ALA C 105 22.31 -62.68 -49.84
CA ALA C 105 21.41 -62.05 -50.80
C ALA C 105 21.35 -62.86 -52.09
N TYR C 106 20.28 -62.68 -52.86
CA TYR C 106 20.07 -63.44 -54.09
C TYR C 106 19.58 -62.59 -55.26
N LEU C 107 19.62 -63.17 -56.45
CA LEU C 107 19.12 -62.53 -57.65
C LEU C 107 18.66 -63.59 -58.64
N GLN C 108 17.35 -63.65 -58.88
CA GLN C 108 16.79 -64.67 -59.77
C GLN C 108 16.55 -64.11 -61.17
N MET C 109 17.38 -64.54 -62.12
CA MET C 109 17.22 -64.13 -63.51
C MET C 109 16.78 -65.31 -64.37
N ASN C 110 15.61 -65.17 -64.98
CA ASN C 110 15.00 -66.28 -65.72
C ASN C 110 15.20 -66.19 -67.22
N SER C 111 14.89 -65.03 -67.80
CA SER C 111 15.04 -64.82 -69.24
C SER C 111 16.33 -64.08 -69.55
N LEU C 112 17.27 -64.76 -70.18
CA LEU C 112 18.57 -64.17 -70.48
C LEU C 112 18.79 -64.03 -71.98
N ARG C 113 19.74 -63.18 -72.36
CA ARG C 113 20.07 -62.96 -73.76
C ARG C 113 21.59 -62.99 -73.98
N ASP C 116 22.92 -58.91 -72.72
CA ASP C 116 22.65 -59.38 -71.38
C ASP C 116 23.89 -60.06 -70.78
N THR C 117 24.85 -60.37 -71.64
CA THR C 117 26.08 -61.02 -71.22
C THR C 117 27.07 -60.03 -70.61
N ALA C 118 27.32 -60.16 -69.31
CA ALA C 118 28.21 -59.25 -68.61
C ALA C 118 28.72 -59.84 -67.29
N VAL C 119 29.60 -59.10 -66.62
CA VAL C 119 30.11 -59.51 -65.32
C VAL C 119 29.38 -58.78 -64.20
N TYR C 120 28.77 -59.54 -63.30
CA TYR C 120 27.95 -58.97 -62.24
C TYR C 120 28.72 -58.81 -60.93
N TYR C 121 28.75 -57.58 -60.42
CA TYR C 121 29.36 -57.29 -59.12
C TYR C 121 28.27 -57.00 -58.11
N CYS C 122 28.63 -57.05 -56.82
CA CYS C 122 27.70 -56.69 -55.76
C CYS C 122 28.38 -55.76 -54.74
N ALA C 123 27.67 -54.71 -54.36
CA ALA C 123 28.22 -53.72 -53.44
C ALA C 123 27.21 -53.39 -52.33
N ARG C 124 27.63 -52.52 -51.41
CA ARG C 124 26.82 -52.16 -50.26
C ARG C 124 27.04 -50.70 -49.85
N ASP C 125 25.95 -50.03 -49.48
CA ASP C 125 26.04 -48.65 -48.99
C ASP C 125 26.91 -48.57 -47.75
N ARG C 126 27.69 -47.49 -47.64
CA ARG C 126 28.56 -47.29 -46.49
C ARG C 126 27.75 -47.01 -45.23
N VAL C 127 26.73 -46.19 -45.36
CA VAL C 127 25.87 -45.84 -44.24
C VAL C 127 24.83 -46.93 -43.97
N MET C 128 24.18 -46.84 -42.82
CA MET C 128 23.17 -47.84 -42.44
C MET C 128 21.76 -47.27 -42.52
N TYR C 129 20.80 -48.15 -42.81
CA TYR C 129 19.38 -47.81 -42.83
C TYR C 129 19.07 -46.67 -43.79
N TYR C 130 19.64 -46.73 -44.99
CA TYR C 130 19.33 -45.73 -46.02
C TYR C 130 17.87 -45.87 -46.45
N TRP C 131 17.11 -44.79 -46.30
CA TRP C 131 15.69 -44.82 -46.64
C TRP C 131 15.49 -45.00 -48.14
N SER C 132 14.76 -46.05 -48.50
CA SER C 132 14.49 -46.37 -49.90
C SER C 132 13.71 -45.26 -50.59
N PHE C 133 12.53 -44.97 -50.05
CA PHE C 133 11.71 -43.88 -50.56
C PHE C 133 12.41 -42.55 -50.37
N SER C 134 12.38 -41.71 -51.40
CA SER C 134 13.02 -40.40 -51.33
C SER C 134 12.51 -39.48 -52.43
N LYS C 135 12.51 -38.18 -52.14
CA LYS C 135 12.14 -37.17 -53.12
C LYS C 135 13.39 -36.47 -53.61
N TYR C 136 14.49 -36.68 -52.91
CA TYR C 136 15.78 -36.13 -53.29
C TYR C 136 16.78 -37.26 -53.54
N GLY C 137 18.00 -36.89 -53.91
CA GLY C 137 19.04 -37.86 -54.15
C GLY C 137 20.19 -37.76 -53.17
N TYR C 138 20.43 -38.83 -52.42
CA TYR C 138 21.52 -38.85 -51.46
C TYR C 138 22.41 -40.07 -51.67
N PRO C 139 23.34 -39.97 -52.65
CA PRO C 139 24.23 -41.09 -52.98
C PRO C 139 25.41 -41.26 -52.03
N TYR C 140 25.19 -42.00 -50.94
CA TYR C 140 26.29 -42.38 -50.07
C TYR C 140 27.07 -43.50 -50.72
N GLY C 141 28.39 -43.36 -50.76
CA GLY C 141 29.25 -44.26 -51.50
C GLY C 141 29.14 -45.74 -51.11
N MET C 142 29.38 -46.60 -52.10
CA MET C 142 29.40 -48.03 -51.88
C MET C 142 30.81 -48.47 -51.55
N ASP C 143 31.11 -48.62 -50.26
CA ASP C 143 32.46 -48.87 -49.80
C ASP C 143 33.01 -50.23 -50.23
N TYR C 144 32.30 -51.30 -49.90
CA TYR C 144 32.79 -52.65 -50.18
C TYR C 144 32.14 -53.26 -51.42
N TRP C 145 32.96 -53.90 -52.24
CA TRP C 145 32.49 -54.56 -53.45
C TRP C 145 32.93 -56.03 -53.48
N GLY C 146 32.67 -56.68 -54.61
CA GLY C 146 33.16 -58.02 -54.86
C GLY C 146 33.86 -58.05 -56.20
N GLN C 147 34.88 -58.90 -56.34
CA GLN C 147 35.68 -58.97 -57.56
C GLN C 147 34.82 -59.29 -58.78
N GLY C 148 33.70 -59.98 -58.55
CA GLY C 148 32.75 -60.23 -59.61
C GLY C 148 32.67 -61.68 -60.06
N THR C 149 31.53 -62.04 -60.65
CA THR C 149 31.33 -63.36 -61.20
C THR C 149 30.86 -63.26 -62.65
N LEU C 150 31.55 -63.96 -63.54
CA LEU C 150 31.25 -63.88 -64.96
C LEU C 150 30.13 -64.83 -65.35
N VAL C 151 29.23 -64.35 -66.21
CA VAL C 151 28.14 -65.17 -66.71
C VAL C 151 27.78 -64.76 -68.13
N THR C 152 27.96 -65.70 -69.07
CA THR C 152 27.72 -65.42 -70.48
C THR C 152 26.57 -66.24 -71.04
N VAL C 153 25.78 -65.61 -71.92
CA VAL C 153 24.63 -66.27 -72.54
C VAL C 153 24.81 -66.39 -74.04
N SER C 154 24.90 -67.61 -74.55
CA SER C 154 25.10 -67.84 -75.98
C SER C 154 24.57 -69.20 -76.42
N SER C 155 24.03 -69.23 -77.64
CA SER C 155 23.52 -70.47 -78.22
C SER C 155 24.63 -71.22 -78.97
N ALA C 156 25.56 -71.80 -78.24
CA ALA C 156 26.68 -72.51 -78.85
C ALA C 156 27.19 -73.63 -77.94
N SER C 157 28.01 -74.51 -78.52
CA SER C 157 28.61 -75.61 -77.76
C SER C 157 30.11 -75.42 -77.64
N THR C 158 30.73 -76.21 -76.76
CA THR C 158 32.17 -76.14 -76.55
C THR C 158 32.92 -76.66 -77.77
N LYS C 159 33.68 -75.78 -78.42
CA LYS C 159 34.40 -76.14 -79.63
C LYS C 159 35.90 -75.92 -79.51
N GLY C 160 36.66 -76.46 -80.47
CA GLY C 160 38.10 -76.30 -80.47
C GLY C 160 38.58 -75.29 -81.49
N PRO C 161 39.52 -74.44 -81.10
CA PRO C 161 40.06 -73.39 -81.98
C PRO C 161 40.93 -73.94 -83.11
N SER C 162 40.56 -73.64 -84.35
CA SER C 162 41.37 -74.01 -85.49
C SER C 162 42.18 -72.81 -85.95
N VAL C 163 43.42 -72.73 -85.48
CA VAL C 163 44.29 -71.59 -85.73
C VAL C 163 44.70 -71.49 -87.20
N PHE C 164 44.74 -70.27 -87.72
CA PHE C 164 45.20 -70.03 -89.09
C PHE C 164 46.53 -69.27 -89.08
N PRO C 165 47.48 -69.72 -89.92
CA PRO C 165 48.81 -69.12 -89.99
C PRO C 165 48.86 -67.91 -90.92
N LEU C 166 49.79 -66.99 -90.66
CA LEU C 166 49.98 -65.81 -91.50
C LEU C 166 51.40 -65.79 -92.06
N ALA C 167 51.72 -64.74 -92.81
CA ALA C 167 53.05 -64.61 -93.41
C ALA C 167 53.40 -63.16 -93.68
N PRO C 168 54.62 -62.75 -93.31
CA PRO C 168 55.10 -61.37 -93.51
C PRO C 168 55.40 -61.08 -94.99
N SER C 169 55.95 -62.05 -95.69
CA SER C 169 56.32 -61.91 -97.10
C SER C 169 57.25 -60.72 -97.32
N THR C 177 61.80 -55.96 -88.22
CA THR C 177 61.39 -55.19 -89.39
C THR C 177 60.16 -55.80 -90.04
N ALA C 178 60.09 -57.12 -90.03
CA ALA C 178 58.95 -57.84 -90.61
C ALA C 178 58.11 -58.49 -89.50
N ALA C 179 56.80 -58.26 -89.55
CA ALA C 179 55.90 -58.78 -88.53
C ALA C 179 55.18 -60.04 -88.99
N LEU C 180 55.03 -61.00 -88.08
CA LEU C 180 54.33 -62.25 -88.38
C LEU C 180 53.52 -62.72 -87.16
N GLY C 181 52.46 -63.46 -87.40
CA GLY C 181 51.61 -63.93 -86.31
C GLY C 181 50.63 -65.01 -86.69
N CYS C 182 49.82 -65.44 -85.72
CA CYS C 182 48.81 -66.46 -85.94
C CYS C 182 47.41 -65.84 -85.96
N LEU C 183 46.39 -66.69 -86.04
CA LEU C 183 45.00 -66.22 -86.05
C LEU C 183 44.06 -67.29 -85.51
N VAL C 184 43.60 -67.10 -84.28
CA VAL C 184 42.66 -68.02 -83.65
C VAL C 184 41.22 -67.64 -84.03
N LYS C 185 40.42 -68.62 -84.40
CA LYS C 185 39.07 -68.35 -84.89
C LYS C 185 38.06 -69.44 -84.53
N ASP C 186 36.80 -69.03 -84.37
CA ASP C 186 35.68 -69.95 -84.17
C ASP C 186 35.83 -70.88 -82.97
N TYR C 187 36.13 -70.31 -81.80
CA TYR C 187 36.30 -71.14 -80.62
C TYR C 187 35.35 -70.77 -79.48
N PHE C 188 35.11 -71.73 -78.61
CA PHE C 188 34.30 -71.54 -77.41
C PHE C 188 34.73 -72.59 -76.38
N PRO C 189 34.81 -72.21 -75.10
CA PRO C 189 34.65 -70.87 -74.51
C PRO C 189 36.00 -70.27 -74.10
N GLU C 190 35.98 -69.06 -73.54
CA GLU C 190 37.19 -68.41 -73.07
C GLU C 190 37.64 -69.02 -71.74
N PRO C 191 38.94 -68.87 -71.39
CA PRO C 191 39.99 -68.13 -72.10
C PRO C 191 40.90 -68.99 -72.97
N VAL C 192 41.75 -68.33 -73.75
CA VAL C 192 42.78 -68.99 -74.53
C VAL C 192 44.09 -68.21 -74.41
N THR C 193 45.21 -68.91 -74.53
CA THR C 193 46.52 -68.26 -74.42
C THR C 193 47.44 -68.67 -75.56
N VAL C 194 47.90 -67.67 -76.32
CA VAL C 194 48.81 -67.92 -77.42
C VAL C 194 50.25 -67.62 -77.02
N SER C 195 51.02 -68.69 -76.77
CA SER C 195 52.41 -68.55 -76.39
C SER C 195 53.34 -68.97 -77.52
N TRP C 196 54.32 -68.12 -77.83
CA TRP C 196 55.24 -68.40 -78.92
C TRP C 196 56.45 -69.19 -78.45
N ASN C 197 56.75 -70.27 -79.17
CA ASN C 197 57.86 -71.17 -78.84
C ASN C 197 57.79 -71.70 -77.41
N SER C 198 56.70 -72.38 -77.10
CA SER C 198 56.48 -72.97 -75.78
C SER C 198 56.57 -71.93 -74.66
N GLY C 199 56.13 -70.71 -74.96
CA GLY C 199 56.16 -69.62 -74.00
C GLY C 199 57.58 -69.25 -73.60
N ALA C 200 58.48 -69.19 -74.59
CA ALA C 200 59.87 -68.87 -74.32
C ALA C 200 60.43 -67.85 -75.31
N LEU C 201 59.77 -66.71 -75.40
CA LEU C 201 60.25 -65.61 -76.23
C LEU C 201 60.22 -64.29 -75.47
N SER C 203 61.20 -59.96 -75.43
CA SER C 203 60.38 -60.67 -74.46
C SER C 203 58.97 -60.93 -75.01
N GLY C 204 58.82 -60.82 -76.33
CA GLY C 204 57.54 -61.07 -76.97
C GLY C 204 56.80 -59.78 -77.32
N VAL C 205 55.97 -59.84 -78.36
CA VAL C 205 55.21 -58.68 -78.80
C VAL C 205 53.72 -58.89 -78.50
N HIS C 206 52.91 -57.89 -78.82
CA HIS C 206 51.53 -57.80 -78.33
C HIS C 206 50.57 -58.87 -78.84
N THR C 207 49.60 -59.20 -77.98
CA THR C 207 48.48 -60.07 -78.34
C THR C 207 47.18 -59.29 -78.17
N PHE C 208 46.25 -59.45 -79.10
CA PHE C 208 45.01 -58.67 -79.09
C PHE C 208 43.88 -59.38 -78.36
N PRO C 209 42.98 -58.61 -77.72
CA PRO C 209 41.83 -59.14 -76.98
C PRO C 209 40.88 -59.94 -77.86
N ALA C 210 40.03 -60.75 -77.23
CA ALA C 210 39.07 -61.58 -77.95
C ALA C 210 38.00 -60.75 -78.64
N VAL C 211 37.52 -61.22 -79.77
CA VAL C 211 36.50 -60.51 -80.54
C VAL C 211 35.28 -61.40 -80.81
N LEU C 212 34.10 -60.84 -80.62
CA LEU C 212 32.86 -61.57 -80.90
C LEU C 212 32.38 -61.28 -82.33
N GLN C 213 32.04 -62.35 -83.04
CA GLN C 213 31.57 -62.23 -84.42
C GLN C 213 30.06 -62.37 -84.49
N SER C 214 29.51 -62.26 -85.69
CA SER C 214 28.08 -62.42 -85.90
C SER C 214 27.69 -63.89 -85.83
N SER C 215 28.69 -64.76 -85.97
CA SER C 215 28.48 -66.20 -85.91
C SER C 215 28.15 -66.66 -84.49
N GLY C 216 28.65 -65.91 -83.51
CA GLY C 216 28.46 -66.25 -82.11
C GLY C 216 29.62 -67.08 -81.59
N LEU C 217 30.75 -67.01 -82.28
CA LEU C 217 31.94 -67.73 -81.89
C LEU C 217 33.11 -66.78 -81.65
N TYR C 218 33.81 -66.97 -80.54
CA TYR C 218 34.93 -66.11 -80.18
C TYR C 218 36.09 -66.27 -81.16
N SER C 219 36.88 -65.21 -81.30
CA SER C 219 38.04 -65.22 -82.20
C SER C 219 38.99 -64.07 -81.87
N LEU C 220 40.28 -64.34 -81.97
CA LEU C 220 41.30 -63.33 -81.70
C LEU C 220 42.61 -63.66 -82.43
N SER C 221 43.49 -62.67 -82.53
CA SER C 221 44.76 -62.85 -83.22
C SER C 221 45.96 -62.46 -82.35
N SER C 222 47.10 -63.09 -82.61
CA SER C 222 48.33 -62.80 -81.88
C SER C 222 49.50 -62.69 -82.84
N VAL C 223 50.24 -61.59 -82.75
CA VAL C 223 51.35 -61.34 -83.67
C VAL C 223 52.65 -61.06 -82.94
N VAL C 224 53.75 -61.04 -83.69
CA VAL C 224 55.08 -60.78 -83.14
C VAL C 224 56.04 -60.30 -84.24
N THR C 225 56.62 -59.12 -84.01
CA THR C 225 57.56 -58.56 -84.99
C THR C 225 58.98 -59.01 -84.73
N VAL C 226 59.68 -59.38 -85.80
CA VAL C 226 61.05 -59.87 -85.71
C VAL C 226 61.92 -59.31 -86.83
N PRO C 227 63.21 -59.10 -86.56
CA PRO C 227 64.13 -58.59 -87.58
C PRO C 227 64.41 -59.61 -88.68
N THR C 235 63.45 -70.40 -86.55
CA THR C 235 62.07 -70.55 -86.97
C THR C 235 61.13 -70.13 -85.85
N TYR C 236 59.92 -69.71 -86.21
CA TYR C 236 58.94 -69.25 -85.23
C TYR C 236 57.69 -70.13 -85.22
N ILE C 237 57.39 -70.72 -84.07
CA ILE C 237 56.23 -71.60 -83.92
C ILE C 237 55.28 -71.07 -82.86
N CYS C 238 54.00 -70.95 -83.22
CA CYS C 238 52.99 -70.45 -82.30
C CYS C 238 52.25 -71.60 -81.61
N ASN C 239 52.05 -71.48 -80.31
CA ASN C 239 51.35 -72.50 -79.54
C ASN C 239 50.08 -71.94 -78.91
N VAL C 240 48.94 -72.42 -79.40
CA VAL C 240 47.65 -71.96 -78.89
C VAL C 240 46.97 -73.03 -78.05
N ASN C 241 46.66 -72.68 -76.80
CA ASN C 241 46.03 -73.63 -75.89
C ASN C 241 44.55 -73.32 -75.67
N HIS C 242 43.78 -74.35 -75.32
CA HIS C 242 42.37 -74.20 -75.02
C HIS C 242 41.94 -75.26 -74.01
N LYS C 243 41.97 -74.90 -72.73
CA LYS C 243 41.67 -75.83 -71.65
C LYS C 243 40.24 -76.37 -71.63
N PRO C 244 39.22 -75.50 -71.79
CA PRO C 244 37.86 -76.04 -71.68
C PRO C 244 37.47 -77.03 -72.79
N SER C 245 38.21 -77.04 -73.90
CA SER C 245 37.90 -77.96 -74.99
C SER C 245 38.99 -79.02 -75.14
N ASN C 246 39.97 -78.99 -74.23
CA ASN C 246 41.07 -79.95 -74.20
C ASN C 246 41.85 -80.01 -75.50
N THR C 247 42.07 -78.86 -76.13
CA THR C 247 42.79 -78.79 -77.39
C THR C 247 44.07 -77.96 -77.31
N LYS C 248 45.10 -78.41 -78.00
CA LYS C 248 46.39 -77.71 -78.04
C LYS C 248 46.97 -77.78 -79.45
N VAL C 249 46.91 -76.67 -80.18
CA VAL C 249 47.38 -76.64 -81.56
C VAL C 249 48.69 -75.84 -81.70
N ASP C 250 49.66 -76.43 -82.39
CA ASP C 250 50.94 -75.78 -82.62
C ASP C 250 51.29 -75.79 -84.11
N LYS C 251 51.63 -74.62 -84.65
CA LYS C 251 51.92 -74.50 -86.07
C LYS C 251 53.16 -73.64 -86.35
N LYS C 252 53.68 -73.76 -87.56
CA LYS C 252 54.87 -73.03 -87.98
C LYS C 252 54.51 -71.72 -88.66
N VAL C 253 55.39 -70.73 -88.54
CA VAL C 253 55.20 -69.44 -89.20
C VAL C 253 56.48 -68.98 -89.89
N GLU C 254 56.46 -68.95 -91.21
CA GLU C 254 57.63 -68.56 -92.00
C GLU C 254 57.23 -68.14 -93.41
N PRO C 255 57.73 -66.98 -93.88
CA PRO C 255 57.43 -66.50 -95.22
C PRO C 255 58.01 -67.38 -96.32
N THR D 29 25.90 -40.20 -67.94
CA THR D 29 26.13 -38.75 -68.06
C THR D 29 27.51 -38.38 -67.53
N GLN D 30 28.55 -38.77 -68.26
CA GLN D 30 29.92 -38.49 -67.85
C GLN D 30 30.86 -38.46 -69.06
N PRO D 32 33.78 -37.10 -70.66
CA PRO D 32 34.35 -37.83 -71.80
C PRO D 32 34.51 -39.32 -71.48
N SER D 33 35.27 -40.02 -72.31
CA SER D 33 35.55 -41.43 -72.09
C SER D 33 37.04 -41.72 -72.25
N SER D 34 37.79 -40.69 -72.60
CA SER D 34 39.23 -40.82 -72.81
C SER D 34 39.96 -39.51 -72.58
N LEU D 35 40.92 -39.52 -71.64
CA LEU D 35 41.74 -38.35 -71.37
C LEU D 35 43.23 -38.69 -71.47
N SER D 36 43.97 -37.84 -72.18
CA SER D 36 45.40 -38.05 -72.36
C SER D 36 46.21 -37.04 -71.57
N ALA D 37 46.76 -37.47 -70.44
CA ALA D 37 47.57 -36.61 -69.59
C ALA D 37 48.74 -37.38 -68.99
N SER D 38 49.93 -36.79 -69.04
CA SER D 38 51.13 -37.44 -68.53
C SER D 38 51.13 -37.49 -67.01
N VAL D 39 52.18 -38.07 -66.44
CA VAL D 39 52.29 -38.22 -64.99
C VAL D 39 52.60 -36.90 -64.31
N GLY D 40 52.07 -36.72 -63.11
CA GLY D 40 52.32 -35.52 -62.33
C GLY D 40 51.53 -34.31 -62.79
N ASP D 41 50.58 -34.53 -63.70
CA ASP D 41 49.76 -33.44 -64.22
C ASP D 41 48.48 -33.29 -63.41
N ARG D 42 47.71 -32.25 -63.72
CA ARG D 42 46.45 -31.98 -63.04
C ARG D 42 45.28 -32.50 -63.87
N VAL D 43 44.55 -33.47 -63.30
CA VAL D 43 43.45 -34.11 -64.01
C VAL D 43 42.11 -33.59 -63.53
N THR D 44 41.22 -33.25 -64.46
CA THR D 44 39.88 -32.80 -64.12
C THR D 44 38.82 -33.59 -64.89
N ILE D 45 38.23 -34.58 -64.22
CA ILE D 45 37.18 -35.40 -64.82
C ILE D 45 35.81 -34.81 -64.49
N THR D 46 34.97 -34.68 -65.51
CA THR D 46 33.67 -34.03 -65.35
C THR D 46 32.51 -35.03 -65.32
N CYS D 47 31.39 -34.60 -64.74
CA CYS D 47 30.18 -35.41 -64.69
C CYS D 47 28.93 -34.53 -64.60
N SER D 54 18.80 -35.25 -59.44
CA SER D 54 19.46 -35.56 -58.17
C SER D 54 20.49 -34.49 -57.80
N SER D 55 21.31 -34.79 -56.81
CA SER D 55 22.33 -33.84 -56.36
C SER D 55 23.46 -34.55 -55.62
N ALA D 56 24.61 -33.86 -55.53
CA ALA D 56 25.77 -34.34 -54.78
C ALA D 56 26.27 -35.70 -55.27
N VAL D 57 26.71 -35.76 -56.51
CA VAL D 57 27.14 -37.01 -57.14
C VAL D 57 28.38 -37.61 -56.46
N ALA D 58 28.60 -38.90 -56.69
CA ALA D 58 29.75 -39.61 -56.14
C ALA D 58 30.75 -40.00 -57.23
N TRP D 59 31.95 -40.40 -56.82
CA TRP D 59 32.97 -40.82 -57.77
C TRP D 59 33.58 -42.17 -57.41
N TYR D 60 33.88 -42.97 -58.42
CA TYR D 60 34.46 -44.29 -58.23
C TYR D 60 35.65 -44.51 -59.15
N GLN D 61 36.51 -45.47 -58.80
CA GLN D 61 37.62 -45.85 -59.65
C GLN D 61 37.60 -47.35 -59.95
N GLN D 62 37.64 -47.69 -61.23
CA GLN D 62 37.75 -49.08 -61.63
C GLN D 62 39.00 -49.30 -62.47
N LYS D 63 39.95 -50.03 -61.91
CA LYS D 63 41.12 -50.45 -62.67
C LYS D 63 40.74 -51.57 -63.62
N PRO D 64 41.48 -51.73 -64.73
CA PRO D 64 41.17 -52.81 -65.67
C PRO D 64 41.35 -54.18 -65.03
N GLY D 65 40.28 -54.96 -64.98
CA GLY D 65 40.36 -56.31 -64.47
C GLY D 65 39.42 -56.63 -63.32
N LYS D 66 39.60 -55.95 -62.19
CA LYS D 66 38.86 -56.30 -60.97
C LYS D 66 37.87 -55.24 -60.52
N ALA D 67 37.32 -55.46 -59.33
CA ALA D 67 36.24 -54.66 -58.79
C ALA D 67 36.56 -53.17 -58.68
N PRO D 68 35.57 -52.32 -58.99
CA PRO D 68 35.68 -50.86 -58.84
C PRO D 68 35.69 -50.46 -57.37
N LYS D 69 36.57 -49.53 -57.01
CA LYS D 69 36.64 -49.08 -55.62
C LYS D 69 36.13 -47.64 -55.47
N LEU D 70 35.70 -47.30 -54.27
CA LEU D 70 35.17 -45.97 -53.97
C LEU D 70 36.30 -45.02 -53.57
N LEU D 71 36.17 -43.76 -53.97
CA LEU D 71 37.16 -42.75 -53.58
C LEU D 71 36.50 -41.52 -52.97
N ILE D 72 35.30 -41.18 -53.46
CA ILE D 72 34.56 -40.01 -52.98
C ILE D 72 33.07 -40.30 -52.95
N TYR D 73 32.43 -40.13 -51.79
CA TYR D 73 31.02 -40.53 -51.64
C TYR D 73 30.01 -39.38 -51.76
N SER D 74 30.18 -38.32 -50.98
CA SER D 74 29.36 -37.13 -51.20
C SER D 74 30.08 -36.25 -52.21
N THR D 75 29.58 -35.03 -52.45
CA THR D 75 30.19 -34.12 -53.41
C THR D 75 31.70 -34.01 -53.21
N SER D 76 32.09 -33.67 -51.99
CA SER D 76 33.49 -33.60 -51.64
C SER D 76 33.73 -34.34 -50.32
N SER D 77 34.26 -35.56 -50.42
CA SER D 77 34.58 -36.36 -49.26
C SER D 77 35.60 -37.43 -49.62
N LEU D 78 36.68 -37.50 -48.85
CA LEU D 78 37.72 -38.50 -49.11
C LEU D 78 37.50 -39.73 -48.24
N TYR D 79 37.15 -40.84 -48.89
CA TYR D 79 36.95 -42.11 -48.20
C TYR D 79 38.25 -42.57 -47.56
N SER D 80 38.13 -43.38 -46.51
CA SER D 80 39.30 -43.85 -45.76
C SER D 80 40.24 -44.66 -46.64
N GLY D 81 41.52 -44.29 -46.61
CA GLY D 81 42.54 -44.98 -47.40
C GLY D 81 42.81 -44.30 -48.73
N VAL D 82 41.87 -43.48 -49.17
CA VAL D 82 42.00 -42.79 -50.45
C VAL D 82 42.96 -41.60 -50.36
N PRO D 83 43.92 -41.52 -51.30
CA PRO D 83 44.90 -40.43 -51.45
C PRO D 83 44.28 -39.04 -51.36
N SER D 84 45.04 -38.08 -50.83
CA SER D 84 44.56 -36.69 -50.77
C SER D 84 44.71 -36.00 -52.11
N ARG D 85 45.23 -36.72 -53.10
CA ARG D 85 45.38 -36.18 -54.44
C ARG D 85 44.01 -35.99 -55.08
N PHE D 86 43.06 -36.84 -54.68
CA PHE D 86 41.69 -36.77 -55.19
C PHE D 86 40.85 -35.80 -54.39
N SER D 87 39.95 -35.09 -55.07
CA SER D 87 39.08 -34.12 -54.41
C SER D 87 37.82 -33.89 -55.24
N GLY D 88 36.75 -33.45 -54.56
CA GLY D 88 35.47 -33.25 -55.22
C GLY D 88 34.95 -31.83 -55.16
N SER D 89 34.15 -31.47 -56.16
CA SER D 89 33.52 -30.16 -56.23
C SER D 89 32.38 -30.19 -57.26
N ARG D 90 31.69 -29.06 -57.40
CA ARG D 90 30.58 -28.97 -58.35
C ARG D 90 31.07 -28.62 -59.75
N PHE D 95 30.22 -32.30 -58.73
CA PHE D 95 29.96 -32.95 -60.01
C PHE D 95 31.23 -33.14 -60.82
N THR D 96 32.37 -32.84 -60.20
CA THR D 96 33.66 -32.99 -60.86
C THR D 96 34.68 -33.67 -59.95
N LEU D 97 35.61 -34.41 -60.56
CA LEU D 97 36.68 -35.05 -59.83
C LEU D 97 38.03 -34.50 -60.28
N THR D 98 38.88 -34.15 -59.31
CA THR D 98 40.18 -33.58 -59.62
C THR D 98 41.32 -34.37 -59.00
N ILE D 99 42.43 -34.46 -59.72
CA ILE D 99 43.62 -35.15 -59.23
C ILE D 99 44.81 -34.19 -59.20
N SER D 100 45.40 -34.01 -58.04
CA SER D 100 46.50 -33.06 -57.85
C SER D 100 47.80 -33.37 -58.58
N SER D 101 48.36 -34.55 -58.32
CA SER D 101 49.57 -34.99 -59.00
C SER D 101 49.32 -36.40 -59.51
N LEU D 102 49.08 -36.52 -60.81
CA LEU D 102 48.71 -37.80 -61.42
C LEU D 102 49.82 -38.84 -61.25
N GLN D 103 49.51 -39.88 -60.50
CA GLN D 103 50.47 -40.97 -60.27
C GLN D 103 50.21 -42.12 -61.24
N PRO D 104 51.26 -42.91 -61.54
CA PRO D 104 51.11 -44.08 -62.42
C PRO D 104 50.09 -45.10 -61.92
N GLU D 105 49.83 -45.07 -60.61
CA GLU D 105 48.86 -45.98 -60.01
C GLU D 105 47.43 -45.48 -60.17
N ASP D 106 47.29 -44.28 -60.74
CA ASP D 106 45.98 -43.66 -60.93
C ASP D 106 45.49 -43.82 -62.36
N PHE D 107 46.26 -44.54 -63.18
CA PHE D 107 45.88 -44.79 -64.56
C PHE D 107 44.81 -45.87 -64.63
N ALA D 108 43.56 -45.44 -64.62
CA ALA D 108 42.42 -46.36 -64.66
C ALA D 108 41.19 -45.66 -65.23
N THR D 109 40.07 -46.37 -65.21
CA THR D 109 38.80 -45.82 -65.70
C THR D 109 37.93 -45.37 -64.54
N TYR D 110 37.72 -44.07 -64.42
CA TYR D 110 36.94 -43.51 -63.33
C TYR D 110 35.47 -43.37 -63.70
N TYR D 111 34.60 -43.72 -62.76
CA TYR D 111 33.16 -43.65 -62.99
C TYR D 111 32.47 -42.77 -61.96
N CYS D 112 31.24 -42.38 -62.25
CA CYS D 112 30.43 -41.59 -61.33
C CYS D 112 29.24 -42.42 -60.85
N GLN D 113 28.58 -41.95 -59.81
CA GLN D 113 27.39 -42.63 -59.29
C GLN D 113 26.37 -41.64 -58.78
N GLN D 114 25.21 -41.60 -59.44
CA GLN D 114 24.15 -40.67 -59.08
C GLN D 114 22.92 -41.41 -58.60
N SER D 115 22.70 -41.41 -57.29
CA SER D 115 21.54 -42.08 -56.71
C SER D 115 20.30 -41.21 -56.79
N SER D 116 19.59 -41.31 -57.92
CA SER D 116 18.35 -40.59 -58.14
C SER D 116 17.28 -41.08 -57.16
N PRO D 117 16.21 -40.29 -56.96
CA PRO D 117 15.12 -40.72 -56.07
C PRO D 117 14.44 -42.01 -56.53
N SER D 118 13.53 -42.52 -55.71
CA SER D 118 12.86 -43.80 -55.94
C SER D 118 13.87 -44.94 -56.00
N PHE D 119 14.94 -44.81 -55.22
CA PHE D 119 15.98 -45.83 -55.07
C PHE D 119 16.61 -46.22 -56.40
N LEU D 120 16.85 -45.22 -57.26
CA LEU D 120 17.49 -45.47 -58.54
C LEU D 120 18.95 -45.02 -58.52
N ILE D 121 19.83 -45.87 -59.05
CA ILE D 121 21.25 -45.55 -59.12
C ILE D 121 21.73 -45.57 -60.56
N THR D 122 22.29 -44.46 -61.03
CA THR D 122 22.77 -44.36 -62.40
C THR D 122 24.26 -44.01 -62.47
N PHE D 123 25.02 -44.79 -63.22
CA PHE D 123 26.43 -44.53 -63.42
C PHE D 123 26.63 -43.61 -64.63
N GLY D 124 27.89 -43.43 -65.03
CA GLY D 124 28.20 -42.57 -66.15
C GLY D 124 28.83 -43.31 -67.31
N GLN D 125 29.33 -42.55 -68.29
CA GLN D 125 29.99 -43.14 -69.45
C GLN D 125 31.33 -43.75 -69.06
N GLY D 126 31.96 -43.17 -68.04
CA GLY D 126 33.24 -43.67 -67.56
C GLY D 126 34.40 -43.09 -68.34
N THR D 127 35.30 -42.43 -67.64
CA THR D 127 36.46 -41.80 -68.28
C THR D 127 37.74 -42.57 -67.99
N LYS D 128 38.43 -42.98 -69.05
CA LYS D 128 39.69 -43.69 -68.92
C LYS D 128 40.87 -42.71 -68.99
N VAL D 129 41.82 -42.86 -68.08
CA VAL D 129 42.97 -41.97 -68.04
C VAL D 129 44.16 -42.59 -68.78
N GLU D 130 44.65 -41.88 -69.79
CA GLU D 130 45.77 -42.36 -70.60
C GLU D 130 47.01 -41.48 -70.42
N ILE D 131 48.12 -41.94 -70.99
CA ILE D 131 49.38 -41.22 -70.90
C ILE D 131 49.76 -40.67 -72.28
N LYS D 132 50.46 -39.54 -72.30
CA LYS D 132 50.73 -38.81 -73.54
C LYS D 132 52.23 -38.62 -73.77
N ARG D 133 52.90 -39.66 -74.25
CA ARG D 133 54.36 -39.68 -74.26
C ARG D 133 55.06 -39.73 -75.63
N THR D 134 54.69 -40.66 -76.49
CA THR D 134 55.49 -40.97 -77.67
C THR D 134 55.26 -40.04 -78.87
N VAL D 135 54.02 -39.97 -79.32
CA VAL D 135 53.64 -39.20 -80.52
C VAL D 135 54.44 -39.61 -81.76
N ALA D 136 54.31 -40.88 -82.15
CA ALA D 136 55.01 -41.42 -83.32
C ALA D 136 54.07 -42.15 -84.27
N ALA D 137 54.58 -42.44 -85.47
CA ALA D 137 53.78 -43.07 -86.53
C ALA D 137 53.71 -44.58 -86.40
N PRO D 138 52.58 -45.17 -86.82
CA PRO D 138 52.39 -46.63 -86.78
C PRO D 138 53.16 -47.38 -87.86
N SER D 139 53.27 -48.70 -87.69
CA SER D 139 53.90 -49.56 -88.69
C SER D 139 52.84 -50.49 -89.31
N VAL D 140 52.64 -50.36 -90.62
CA VAL D 140 51.59 -51.10 -91.30
C VAL D 140 52.07 -52.44 -91.84
N PHE D 141 51.27 -53.48 -91.64
CA PHE D 141 51.57 -54.80 -92.17
C PHE D 141 50.31 -55.49 -92.68
N ILE D 142 50.23 -55.69 -93.99
CA ILE D 142 49.08 -56.33 -94.61
C ILE D 142 49.29 -57.84 -94.71
N PHE D 143 48.24 -58.60 -94.39
CA PHE D 143 48.32 -60.05 -94.41
C PHE D 143 47.19 -60.68 -95.22
N PRO D 144 47.54 -61.55 -96.18
CA PRO D 144 46.57 -62.26 -97.01
C PRO D 144 45.79 -63.29 -96.22
N PRO D 145 44.60 -63.70 -96.72
CA PRO D 145 43.77 -64.70 -96.03
C PRO D 145 44.45 -66.07 -95.91
N SER D 146 43.88 -66.95 -95.09
CA SER D 146 44.47 -68.25 -94.83
C SER D 146 43.98 -69.32 -95.80
N ASP D 147 44.54 -70.52 -95.69
CA ASP D 147 44.18 -71.65 -96.57
C ASP D 147 42.98 -72.48 -96.22
N SER D 148 42.93 -72.99 -94.99
CA SER D 148 41.83 -73.86 -94.53
C SER D 148 42.05 -74.24 -93.08
N ALA D 155 38.56 -67.17 -94.81
CA ALA D 155 38.81 -65.94 -95.53
C ALA D 155 38.77 -64.74 -94.58
N SER D 156 39.95 -64.32 -94.11
CA SER D 156 40.04 -63.19 -93.19
C SER D 156 41.33 -62.40 -93.42
N VAL D 157 41.20 -61.23 -94.05
CA VAL D 157 42.34 -60.36 -94.30
C VAL D 157 42.68 -59.57 -93.04
N VAL D 158 43.95 -59.58 -92.66
CA VAL D 158 44.39 -58.94 -91.43
C VAL D 158 45.32 -57.75 -91.67
N CYS D 159 44.92 -56.59 -91.16
CA CYS D 159 45.77 -55.40 -91.22
C CYS D 159 46.28 -55.06 -89.83
N LEU D 160 47.59 -54.88 -89.71
CA LEU D 160 48.22 -54.71 -88.41
C LEU D 160 48.92 -53.36 -88.24
N LEU D 161 48.73 -52.75 -87.08
CA LEU D 161 49.47 -51.54 -86.70
C LEU D 161 50.30 -51.83 -85.45
N ASN D 162 51.61 -51.72 -85.57
CA ASN D 162 52.53 -52.16 -84.51
C ASN D 162 52.71 -51.27 -83.29
N ASN D 163 53.03 -49.99 -83.51
CA ASN D 163 53.29 -49.07 -82.41
C ASN D 163 52.96 -47.64 -82.85
N PHE D 164 52.08 -46.98 -82.10
CA PHE D 164 51.67 -45.62 -82.42
C PHE D 164 50.99 -44.89 -81.26
N TYR D 165 50.80 -43.58 -81.43
CA TYR D 165 50.08 -42.75 -80.48
C TYR D 165 49.72 -41.43 -81.16
N PRO D 166 48.49 -40.91 -80.93
CA PRO D 166 47.44 -41.40 -80.04
C PRO D 166 46.72 -42.66 -80.55
N ARG D 167 45.69 -43.07 -79.81
CA ARG D 167 44.97 -44.30 -80.09
C ARG D 167 44.11 -44.19 -81.35
N GLU D 168 43.74 -42.98 -81.70
CA GLU D 168 42.81 -42.77 -82.81
C GLU D 168 43.45 -42.91 -84.19
N ALA D 169 43.52 -44.14 -84.68
CA ALA D 169 43.82 -44.40 -86.08
C ALA D 169 42.48 -44.60 -86.79
N LYS D 170 42.45 -44.34 -88.10
CA LYS D 170 41.16 -44.26 -88.80
C LYS D 170 40.68 -45.59 -89.39
N VAL D 171 41.60 -46.31 -90.04
CA VAL D 171 41.31 -47.53 -90.81
C VAL D 171 40.08 -48.33 -90.37
N TRP D 173 39.40 -49.86 -95.40
CA TRP D 173 39.53 -50.87 -96.45
C TRP D 173 39.02 -50.34 -97.78
N ASN D 177 36.64 -51.48 -104.65
CA ASN D 177 37.58 -50.90 -103.68
C ASN D 177 36.87 -50.05 -102.63
N ALA D 178 35.96 -50.66 -101.89
CA ALA D 178 35.24 -49.97 -100.82
C ALA D 178 35.49 -50.65 -99.47
N LEU D 179 34.96 -50.07 -98.41
CA LEU D 179 35.14 -50.63 -97.08
C LEU D 179 34.10 -51.70 -96.77
N SER D 181 29.74 -50.72 -94.16
CA SER D 181 30.65 -51.85 -94.31
C SER D 181 29.97 -53.17 -93.94
N GLY D 182 29.97 -53.48 -92.65
CA GLY D 182 29.36 -54.71 -92.17
C GLY D 182 30.25 -55.92 -92.40
N ASN D 183 31.53 -55.66 -92.69
CA ASN D 183 32.49 -56.72 -92.93
C ASN D 183 33.79 -56.52 -92.15
N SER D 184 34.13 -55.27 -91.89
CA SER D 184 35.36 -54.93 -91.19
C SER D 184 35.18 -54.98 -89.67
N GLN D 185 35.88 -55.90 -89.02
CA GLN D 185 35.83 -56.02 -87.57
C GLN D 185 37.24 -55.85 -86.99
N GLU D 186 37.37 -54.91 -86.06
CA GLU D 186 38.68 -54.54 -85.52
C GLU D 186 38.77 -54.77 -84.02
N SER D 187 39.98 -54.62 -83.48
CA SER D 187 40.22 -54.76 -82.05
C SER D 187 41.51 -54.04 -81.65
N VAL D 188 41.44 -53.29 -80.55
CA VAL D 188 42.60 -52.54 -80.07
C VAL D 188 43.09 -53.10 -78.75
N THR D 189 44.39 -53.41 -78.68
CA THR D 189 44.99 -53.88 -77.44
C THR D 189 45.18 -52.71 -76.48
N GLU D 190 45.36 -53.02 -75.20
CA GLU D 190 45.57 -51.98 -74.21
C GLU D 190 46.99 -51.43 -74.36
N GLN D 191 47.23 -50.25 -73.79
CA GLN D 191 48.52 -49.58 -73.91
C GLN D 191 49.64 -50.44 -73.32
N ASP D 192 50.84 -50.29 -73.85
CA ASP D 192 51.98 -51.12 -73.48
C ASP D 192 52.42 -50.90 -72.04
N SER D 193 53.30 -51.76 -71.56
CA SER D 193 53.85 -51.64 -70.21
C SER D 193 54.91 -50.55 -70.16
N LYS D 194 54.45 -49.31 -70.07
CA LYS D 194 55.30 -48.13 -69.93
C LYS D 194 56.23 -47.90 -71.12
N ASP D 195 55.70 -48.11 -72.32
CA ASP D 195 56.33 -47.63 -73.54
C ASP D 195 55.35 -46.68 -74.22
N SER D 196 54.12 -46.67 -73.68
CA SER D 196 53.09 -45.71 -74.04
C SER D 196 52.72 -45.73 -75.51
N THR D 197 52.34 -46.91 -76.02
CA THR D 197 51.91 -47.03 -77.41
C THR D 197 50.83 -48.10 -77.57
N TYR D 198 50.00 -47.93 -78.59
CA TYR D 198 48.91 -48.87 -78.86
C TYR D 198 49.19 -49.72 -80.09
N SER D 199 48.34 -50.72 -80.30
CA SER D 199 48.42 -51.57 -81.48
C SER D 199 47.01 -51.90 -81.97
N LEU D 200 46.88 -52.10 -83.29
CA LEU D 200 45.57 -52.34 -83.89
C LEU D 200 45.58 -53.52 -84.86
N SER D 201 44.54 -54.34 -84.79
CA SER D 201 44.40 -55.49 -85.68
C SER D 201 43.03 -55.50 -86.34
N SER D 202 43.00 -55.18 -87.63
CA SER D 202 41.74 -55.15 -88.38
C SER D 202 41.55 -56.44 -89.17
N THR D 203 40.50 -57.19 -88.84
CA THR D 203 40.20 -58.44 -89.52
C THR D 203 39.02 -58.29 -90.47
N LEU D 204 39.28 -58.51 -91.76
CA LEU D 204 38.24 -58.43 -92.77
C LEU D 204 37.79 -59.83 -93.20
N THR D 205 36.72 -60.31 -92.59
CA THR D 205 36.19 -61.64 -92.90
C THR D 205 35.27 -61.60 -94.11
N TYR D 211 34.58 -61.88 -102.25
CA TYR D 211 35.19 -63.17 -102.00
C TYR D 211 36.47 -63.33 -102.82
N GLU D 212 36.37 -64.12 -103.89
CA GLU D 212 37.51 -64.33 -104.78
C GLU D 212 37.24 -63.74 -106.16
N LYS D 213 36.09 -63.08 -106.29
CA LYS D 213 35.71 -62.48 -107.56
C LYS D 213 36.54 -61.25 -107.88
N HIS D 214 37.10 -60.63 -106.84
CA HIS D 214 37.93 -59.44 -107.01
C HIS D 214 39.09 -59.43 -106.01
N LYS D 215 40.30 -59.29 -106.52
CA LYS D 215 41.50 -59.25 -105.69
C LYS D 215 41.97 -57.82 -105.51
N VAL D 216 42.96 -57.62 -104.63
CA VAL D 216 43.52 -56.31 -104.32
C VAL D 216 42.47 -55.35 -103.77
N CYS D 219 43.87 -52.09 -97.41
CA CYS D 219 43.89 -51.59 -96.04
C CYS D 219 44.70 -50.30 -95.94
N GLU D 220 44.01 -49.18 -95.84
CA GLU D 220 44.66 -47.87 -95.74
C GLU D 220 44.37 -47.22 -94.39
N VAL D 221 45.41 -46.68 -93.76
CA VAL D 221 45.29 -46.12 -92.42
C VAL D 221 45.81 -44.68 -92.36
N THR D 222 44.99 -43.79 -91.79
CA THR D 222 45.38 -42.40 -91.60
C THR D 222 45.64 -42.14 -90.12
N HIS D 223 46.72 -41.40 -89.83
CA HIS D 223 47.10 -41.14 -88.45
C HIS D 223 47.58 -39.69 -88.27
N GLN D 224 47.59 -39.24 -87.02
CA GLN D 224 48.03 -37.88 -86.68
C GLN D 224 49.51 -37.68 -87.02
N GLY D 225 50.27 -38.78 -87.05
CA GLY D 225 51.67 -38.73 -87.41
C GLY D 225 51.89 -39.02 -88.88
N LEU D 226 50.79 -39.13 -89.63
CA LEU D 226 50.86 -39.42 -91.05
C LEU D 226 50.37 -38.26 -91.91
N SER D 227 51.31 -37.46 -92.41
CA SER D 227 50.97 -36.34 -93.28
C SER D 227 50.33 -36.85 -94.57
N SER D 228 50.70 -38.06 -94.98
CA SER D 228 50.10 -38.71 -96.13
C SER D 228 49.89 -40.19 -95.83
N PRO D 229 48.62 -40.62 -95.77
CA PRO D 229 48.22 -41.99 -95.43
C PRO D 229 48.89 -43.04 -96.30
N VAL D 230 49.62 -43.96 -95.68
CA VAL D 230 50.30 -45.03 -96.39
C VAL D 230 49.33 -46.17 -96.71
N THR D 231 49.34 -46.61 -97.97
CA THR D 231 48.44 -47.69 -98.40
C THR D 231 49.22 -48.94 -98.78
N LYS D 232 48.59 -50.09 -98.64
CA LYS D 232 49.20 -51.36 -98.98
C LYS D 232 48.27 -52.22 -99.82
N GLN E 29 -37.17 62.15 38.96
CA GLN E 29 -35.95 62.08 39.76
C GLN E 29 -35.02 63.25 39.47
N LEU E 30 -35.59 64.32 38.92
CA LEU E 30 -34.84 65.53 38.61
C LEU E 30 -35.40 66.73 39.37
N VAL E 31 -34.53 67.57 39.90
CA VAL E 31 -34.95 68.73 40.68
C VAL E 31 -34.40 70.03 40.10
N GLU E 32 -35.29 70.84 39.53
CA GLU E 32 -34.90 72.14 39.00
C GLU E 32 -34.89 73.20 40.10
N SER E 33 -34.09 74.25 39.90
CA SER E 33 -34.00 75.34 40.86
C SER E 33 -33.56 76.62 40.19
N GLY E 34 -34.01 77.76 40.73
CA GLY E 34 -33.69 79.05 40.16
C GLY E 34 -34.88 79.70 39.49
N GLY E 35 -34.73 80.96 39.10
CA GLY E 35 -35.80 81.70 38.46
C GLY E 35 -36.85 82.17 39.44
N LEU E 37 -37.38 86.48 38.41
CA LEU E 37 -37.44 87.74 37.68
C LEU E 37 -36.04 88.31 37.46
N VAL E 38 -35.77 88.72 36.22
CA VAL E 38 -34.47 89.31 35.88
C VAL E 38 -34.63 90.62 35.16
N GLN E 39 -33.50 91.21 34.76
CA GLN E 39 -33.50 92.43 33.96
C GLN E 39 -32.77 92.18 32.65
N PRO E 40 -33.24 92.78 31.55
CA PRO E 40 -32.67 92.61 30.21
C PRO E 40 -31.17 92.86 30.17
N GLY E 41 -30.41 91.80 29.91
CA GLY E 41 -28.95 91.89 29.89
C GLY E 41 -28.35 91.43 31.20
N GLY E 42 -29.17 90.84 32.05
CA GLY E 42 -28.73 90.35 33.36
C GLY E 42 -28.17 88.96 33.30
N SER E 43 -28.12 88.29 34.45
CA SER E 43 -27.56 86.95 34.53
C SER E 43 -28.17 86.14 35.68
N LEU E 44 -29.01 85.17 35.33
CA LEU E 44 -29.56 84.24 36.31
C LEU E 44 -29.41 82.82 35.79
N ARG E 45 -28.96 81.92 36.67
CA ARG E 45 -28.63 80.56 36.27
C ARG E 45 -29.55 79.52 36.90
N LEU E 46 -29.69 78.38 36.25
CA LEU E 46 -30.54 77.30 36.73
C LEU E 46 -29.71 76.09 37.13
N SER E 47 -30.32 75.17 37.88
CA SER E 47 -29.64 73.98 38.35
C SER E 47 -30.57 72.78 38.44
N CYS E 48 -30.19 71.68 37.79
CA CYS E 48 -30.97 70.46 37.82
C CYS E 48 -30.25 69.37 38.60
N ALA E 49 -30.88 68.89 39.66
CA ALA E 49 -30.28 67.89 40.53
C ALA E 49 -30.75 66.47 40.18
N ALA E 50 -29.79 65.61 39.85
CA ALA E 50 -30.09 64.21 39.55
C ALA E 50 -29.71 63.32 40.74
N SER E 51 -30.67 62.57 41.26
CA SER E 51 -30.46 61.77 42.46
C SER E 51 -30.88 60.32 42.30
N GLY E 52 -31.06 59.89 41.06
CA GLY E 52 -31.45 58.51 40.79
C GLY E 52 -30.49 57.82 39.83
N PHE E 53 -29.55 58.59 39.29
CA PHE E 53 -28.61 58.09 38.29
C PHE E 53 -27.35 58.92 38.26
N ASN E 54 -26.39 58.51 37.43
CA ASN E 54 -25.15 59.26 37.26
C ASN E 54 -25.15 60.06 35.97
N VAL E 55 -24.75 61.32 36.05
CA VAL E 55 -24.70 62.20 34.89
C VAL E 55 -23.61 61.76 33.93
N SER E 56 -22.56 61.12 34.47
CA SER E 56 -21.43 60.67 33.67
C SER E 56 -21.79 59.50 32.76
N SER E 57 -23.01 59.01 32.87
CA SER E 57 -23.47 57.90 32.05
C SER E 57 -24.78 58.23 31.32
N TYR E 58 -25.14 59.51 31.31
CA TYR E 58 -26.37 59.95 30.66
C TYR E 58 -26.22 61.30 29.96
N SER E 59 -27.15 61.59 29.06
CA SER E 59 -27.18 62.88 28.39
C SER E 59 -28.29 63.75 28.98
N ILE E 60 -27.94 65.00 29.29
CA ILE E 60 -28.90 65.91 29.91
C ILE E 60 -29.36 66.99 28.93
N HIS E 61 -30.67 67.19 28.85
CA HIS E 61 -31.23 68.17 27.91
C HIS E 61 -31.95 69.30 28.64
N TRP E 62 -32.07 70.44 27.98
CA TRP E 62 -32.79 71.58 28.52
C TRP E 62 -33.82 72.11 27.53
N VAL E 63 -35.06 71.64 27.65
CA VAL E 63 -36.12 72.06 26.76
C VAL E 63 -36.88 73.25 27.33
N ARG E 64 -37.07 74.27 26.51
CA ARG E 64 -37.74 75.50 26.94
C ARG E 64 -39.06 75.70 26.21
N GLN E 65 -40.11 76.08 26.95
CA GLN E 65 -41.40 76.37 26.35
C GLN E 65 -41.84 77.80 26.62
N ALA E 66 -42.04 78.56 25.56
CA ALA E 66 -42.50 79.95 25.67
C ALA E 66 -43.99 80.00 26.01
N PRO E 67 -44.38 80.94 26.87
CA PRO E 67 -45.78 81.11 27.26
C PRO E 67 -46.69 81.39 26.08
N GLY E 68 -47.57 80.44 25.78
CA GLY E 68 -48.50 80.58 24.66
C GLY E 68 -47.97 79.96 23.38
N LYS E 69 -46.77 79.39 23.46
CA LYS E 69 -46.17 78.75 22.29
C LYS E 69 -45.81 77.30 22.60
N GLY E 70 -45.30 76.60 21.59
CA GLY E 70 -44.92 75.20 21.74
C GLY E 70 -43.55 75.02 22.36
N LEU E 71 -43.04 73.80 22.30
CA LEU E 71 -41.74 73.48 22.88
C LEU E 71 -40.59 73.99 22.00
N GLU E 72 -39.44 74.24 22.65
CA GLU E 72 -38.24 74.71 21.95
C GLU E 72 -37.00 74.14 22.62
N TRP E 73 -36.13 73.51 21.83
CA TRP E 73 -34.95 72.84 22.37
C TRP E 73 -33.75 73.77 22.52
N VAL E 74 -32.99 73.59 23.60
CA VAL E 74 -31.81 74.42 23.83
C VAL E 74 -30.66 73.64 24.49
N ALA E 75 -29.50 73.64 23.82
CA ALA E 75 -28.21 73.37 24.47
C ALA E 75 -28.06 72.02 25.18
N SER E 76 -28.09 70.93 24.42
CA SER E 76 -27.92 69.61 25.04
C SER E 76 -26.46 69.34 25.45
N ILE E 77 -26.25 68.36 26.32
CA ILE E 77 -24.91 68.03 26.81
C ILE E 77 -24.74 66.54 27.11
N SER E 78 -23.54 66.02 26.83
CA SER E 78 -23.18 64.64 27.21
C SER E 78 -21.84 64.63 27.95
N SER E 79 -21.88 64.36 29.26
CA SER E 79 -20.70 64.48 30.10
C SER E 79 -19.72 63.32 29.93
N TYR E 80 -20.18 62.21 29.36
CA TYR E 80 -19.33 61.05 29.16
C TYR E 80 -18.34 61.29 28.03
N TYR E 81 -18.86 61.63 26.85
CA TYR E 81 -18.02 61.85 25.68
C TYR E 81 -17.48 63.28 25.63
N GLY E 82 -18.02 64.14 26.50
CA GLY E 82 -17.58 65.52 26.58
C GLY E 82 -17.91 66.30 25.33
N SER E 83 -19.20 66.52 25.09
CA SER E 83 -19.65 67.29 23.93
C SER E 83 -20.92 68.07 24.25
N THR E 84 -20.91 69.37 23.95
CA THR E 84 -22.06 70.22 24.22
C THR E 84 -22.60 70.84 22.94
N SER E 85 -23.91 70.76 22.77
CA SER E 85 -24.57 71.42 21.64
C SER E 85 -25.31 72.65 22.11
N TYR E 86 -25.84 73.43 21.16
CA TYR E 86 -26.61 74.62 21.49
C TYR E 86 -27.67 74.89 20.42
N ALA E 87 -28.70 75.63 20.79
CA ALA E 87 -29.72 76.04 19.82
C ALA E 87 -29.21 77.17 18.95
N ASP E 88 -29.71 77.25 17.72
CA ASP E 88 -29.25 78.27 16.77
C ASP E 88 -29.70 79.67 17.21
N SER E 89 -30.70 79.72 18.06
CA SER E 89 -31.24 80.99 18.54
C SER E 89 -30.42 81.57 19.68
N VAL E 90 -30.17 80.76 20.71
CA VAL E 90 -29.43 81.22 21.87
C VAL E 90 -27.97 81.53 21.49
N LYS E 91 -27.40 80.68 20.64
CA LYS E 91 -26.13 80.97 19.98
C LYS E 91 -24.99 81.35 20.93
N GLY E 92 -24.63 80.44 21.82
CA GLY E 92 -23.43 80.60 22.64
C GLY E 92 -23.45 81.67 23.72
N ARG E 93 -24.46 82.53 23.74
CA ARG E 93 -24.59 83.49 24.82
C ARG E 93 -25.07 82.75 26.06
N PHE E 94 -25.62 81.56 25.84
CA PHE E 94 -25.91 80.62 26.91
C PHE E 94 -24.73 79.68 27.11
N THR E 95 -24.40 79.41 28.37
CA THR E 95 -23.31 78.50 28.68
C THR E 95 -23.83 77.31 29.48
N ILE E 96 -23.42 76.11 29.10
CA ILE E 96 -23.84 74.92 29.83
C ILE E 96 -22.64 74.11 30.35
N SER E 97 -22.81 73.53 31.53
CA SER E 97 -21.80 72.68 32.13
C SER E 97 -22.46 71.60 32.98
N ALA E 98 -21.65 70.81 33.67
CA ALA E 98 -22.15 69.76 34.55
C ALA E 98 -21.10 69.34 35.56
N ASP E 99 -21.54 69.06 36.79
CA ASP E 99 -20.62 68.62 37.84
C ASP E 99 -20.76 67.12 38.05
N THR E 100 -19.63 66.42 38.10
CA THR E 100 -19.62 64.97 38.22
C THR E 100 -19.64 64.51 39.68
N SER E 101 -18.85 65.16 40.52
CA SER E 101 -18.73 64.78 41.93
C SER E 101 -20.03 64.97 42.69
N LYS E 102 -20.62 66.15 42.56
CA LYS E 102 -21.87 66.46 43.23
C LYS E 102 -23.06 65.98 42.41
N ASN E 103 -22.78 65.52 41.19
CA ASN E 103 -23.80 64.99 40.28
C ASN E 103 -24.95 65.95 40.06
N THR E 104 -24.67 67.06 39.37
CA THR E 104 -25.65 68.11 39.14
C THR E 104 -25.49 68.70 37.74
N ALA E 105 -26.58 69.22 37.18
CA ALA E 105 -26.55 69.87 35.88
C ALA E 105 -26.75 71.37 36.04
N TYR E 106 -26.05 72.16 35.22
CA TYR E 106 -26.12 73.61 35.30
C TYR E 106 -26.36 74.26 33.94
N LEU E 107 -27.14 75.34 33.95
CA LEU E 107 -27.36 76.13 32.75
C LEU E 107 -27.06 77.59 33.05
N GLN E 108 -25.89 78.05 32.64
CA GLN E 108 -25.48 79.43 32.90
C GLN E 108 -26.00 80.39 31.84
N MET E 109 -27.00 81.18 32.20
CA MET E 109 -27.56 82.18 31.31
C MET E 109 -26.93 83.54 31.62
N ASN E 110 -25.94 83.91 30.82
CA ASN E 110 -25.17 85.13 31.07
C ASN E 110 -25.73 86.35 30.35
N SER E 111 -26.46 86.11 29.26
CA SER E 111 -27.08 87.19 28.49
C SER E 111 -28.56 86.92 28.28
N LEU E 112 -29.39 87.86 28.71
CA LEU E 112 -30.85 87.67 28.64
C LEU E 112 -31.54 88.81 27.90
N ARG E 113 -32.72 88.51 27.35
CA ARG E 113 -33.51 89.51 26.64
C ARG E 113 -35.00 89.25 26.79
N ALA E 114 -35.81 90.09 26.15
CA ALA E 114 -37.27 90.06 26.30
C ALA E 114 -37.88 88.74 25.86
N GLU E 115 -37.43 88.21 24.73
CA GLU E 115 -37.99 86.98 24.18
C GLU E 115 -37.41 85.73 24.83
N ASP E 116 -36.67 85.92 25.91
CA ASP E 116 -36.06 84.81 26.62
C ASP E 116 -36.92 84.40 27.82
N THR E 117 -38.08 85.04 27.94
CA THR E 117 -39.02 84.75 29.01
C THR E 117 -39.83 83.49 28.70
N ALA E 118 -39.59 82.42 29.48
CA ALA E 118 -40.27 81.16 29.26
C ALA E 118 -40.11 80.20 30.45
N VAL E 119 -40.65 78.99 30.30
CA VAL E 119 -40.52 77.96 31.31
C VAL E 119 -39.47 76.93 30.87
N TYR E 120 -38.52 76.65 31.76
CA TYR E 120 -37.42 75.75 31.42
C TYR E 120 -37.58 74.36 32.03
N TYR E 121 -37.59 73.34 31.17
CA TYR E 121 -37.67 71.96 31.60
C TYR E 121 -36.33 71.26 31.37
N CYS E 122 -36.06 70.24 32.16
CA CYS E 122 -34.81 69.48 32.03
C CYS E 122 -35.11 67.99 31.88
N ALA E 123 -34.38 67.31 31.00
CA ALA E 123 -34.67 65.92 30.70
C ALA E 123 -33.42 65.03 30.69
N ARG E 124 -33.62 63.74 30.43
CA ARG E 124 -32.56 62.75 30.44
C ARG E 124 -32.89 61.59 29.51
N ASP E 125 -31.92 61.19 28.68
CA ASP E 125 -32.10 60.06 27.78
C ASP E 125 -32.35 58.78 28.55
N ARG E 126 -33.25 57.93 28.03
CA ARG E 126 -33.58 56.69 28.70
C ARG E 126 -32.44 55.68 28.60
N VAL E 127 -31.55 55.90 27.64
CA VAL E 127 -30.42 55.01 27.41
C VAL E 127 -29.13 55.61 27.95
N MET E 128 -28.12 54.76 28.14
CA MET E 128 -26.84 55.21 28.69
C MET E 128 -25.77 55.32 27.62
N TYR E 129 -24.81 56.20 27.86
CA TYR E 129 -23.65 56.39 26.99
C TYR E 129 -24.02 56.66 25.54
N TYR E 130 -25.00 57.53 25.32
CA TYR E 130 -25.40 57.89 23.97
C TYR E 130 -24.29 58.69 23.29
N TRP E 131 -23.85 58.22 22.13
CA TRP E 131 -22.80 58.89 21.38
C TRP E 131 -23.29 60.23 20.85
N SER E 132 -22.78 61.31 21.44
CA SER E 132 -23.16 62.66 21.05
C SER E 132 -22.86 62.91 19.57
N PHE E 133 -21.62 62.61 19.18
CA PHE E 133 -21.23 62.69 17.78
C PHE E 133 -21.97 61.62 17.00
N SER E 134 -22.47 61.98 15.82
CA SER E 134 -23.22 61.03 14.99
C SER E 134 -23.42 61.55 13.58
N LYS E 135 -23.46 60.62 12.62
CA LYS E 135 -23.73 60.98 11.24
C LYS E 135 -25.22 60.85 10.98
N TYR E 136 -25.85 59.94 11.69
CA TYR E 136 -27.30 59.76 11.63
C TYR E 136 -27.93 60.25 12.93
N GLY E 137 -29.26 60.16 13.01
CA GLY E 137 -29.96 60.55 14.22
C GLY E 137 -30.63 59.37 14.90
N TYR E 138 -30.46 59.28 16.21
CA TYR E 138 -31.07 58.19 16.98
C TYR E 138 -31.74 58.72 18.24
N PRO E 139 -32.98 59.21 18.12
CA PRO E 139 -33.73 59.70 19.27
C PRO E 139 -34.35 58.57 20.10
N TYR E 140 -33.61 58.10 21.10
CA TYR E 140 -34.12 57.06 21.99
C TYR E 140 -35.10 57.65 23.00
N GLY E 141 -35.27 58.96 22.96
CA GLY E 141 -36.23 59.64 23.80
C GLY E 141 -35.71 60.01 25.17
N MET E 142 -36.24 61.11 25.71
CA MET E 142 -35.89 61.54 27.05
C MET E 142 -37.06 61.28 28.00
N ASP E 143 -36.99 60.18 28.73
CA ASP E 143 -38.11 59.70 29.53
C ASP E 143 -38.35 60.53 30.79
N TYR E 144 -37.32 60.69 31.62
CA TYR E 144 -37.47 61.38 32.90
C TYR E 144 -37.26 62.88 32.78
N TRP E 145 -38.23 63.64 33.26
CA TRP E 145 -38.16 65.10 33.26
C TRP E 145 -38.22 65.65 34.67
N GLY E 146 -38.33 66.97 34.79
CA GLY E 146 -38.44 67.61 36.09
C GLY E 146 -39.42 68.77 36.06
N GLN E 147 -39.81 69.24 37.24
CA GLN E 147 -40.74 70.36 37.34
C GLN E 147 -40.14 71.62 36.71
N GLY E 148 -40.87 72.20 35.76
CA GLY E 148 -40.37 73.35 35.03
C GLY E 148 -40.36 74.63 35.83
N THR E 149 -39.19 75.25 35.93
CA THR E 149 -39.07 76.54 36.58
C THR E 149 -39.32 77.65 35.57
N LEU E 150 -39.74 78.81 36.07
CA LEU E 150 -40.13 79.92 35.20
C LEU E 150 -39.17 81.10 35.31
N VAL E 151 -38.80 81.67 34.16
CA VAL E 151 -37.89 82.80 34.12
C VAL E 151 -38.49 83.97 33.36
N THR E 152 -38.78 85.06 34.08
CA THR E 152 -39.34 86.25 33.48
C THR E 152 -38.27 87.32 33.23
N VAL E 153 -38.34 87.97 32.07
CA VAL E 153 -37.42 89.04 31.74
C VAL E 153 -38.17 90.34 31.50
N SER E 154 -38.14 91.23 32.49
CA SER E 154 -38.80 92.53 32.38
C SER E 154 -37.95 93.62 33.01
N SER E 155 -38.31 94.87 32.77
CA SER E 155 -37.57 96.00 33.30
C SER E 155 -37.78 96.16 34.80
N ALA E 156 -39.02 96.46 35.18
CA ALA E 156 -39.35 96.70 36.59
C ALA E 156 -40.86 96.58 36.81
N SER E 157 -41.28 96.00 37.94
CA SER E 157 -40.38 95.46 38.96
C SER E 157 -40.97 94.20 39.56
N THR E 158 -40.42 93.78 40.71
CA THR E 158 -40.92 92.61 41.42
C THR E 158 -41.55 92.99 42.75
N LYS E 159 -42.66 92.34 43.09
CA LYS E 159 -43.36 92.60 44.34
C LYS E 159 -44.06 91.36 44.89
N GLY E 160 -44.69 91.51 46.05
CA GLY E 160 -45.39 90.41 46.69
C GLY E 160 -46.88 90.43 46.41
N PRO E 161 -47.55 89.29 46.65
CA PRO E 161 -48.99 89.12 46.42
C PRO E 161 -49.86 89.68 47.54
N SER E 162 -51.12 89.91 47.24
CA SER E 162 -52.09 90.35 48.25
C SER E 162 -53.23 89.35 48.33
N VAL E 163 -53.05 88.30 49.13
CA VAL E 163 -54.02 87.22 49.23
C VAL E 163 -55.21 87.60 50.13
N PHE E 164 -56.42 87.36 49.62
CA PHE E 164 -57.63 87.61 50.39
C PHE E 164 -58.58 86.41 50.30
N PRO E 165 -59.15 86.03 51.45
CA PRO E 165 -60.10 84.90 51.52
C PRO E 165 -61.44 85.25 50.88
N LEU E 166 -62.17 84.23 50.43
CA LEU E 166 -63.42 84.45 49.72
C LEU E 166 -64.48 83.44 50.14
N ALA E 167 -65.43 83.89 50.97
CA ALA E 167 -66.44 83.01 51.54
C ALA E 167 -67.72 82.99 50.72
N PRO E 168 -68.45 81.87 50.75
CA PRO E 168 -69.74 81.76 50.04
C PRO E 168 -70.81 82.68 50.63
N ALA E 179 -69.50 75.90 48.04
CA ALA E 179 -68.62 76.53 47.06
C ALA E 179 -67.76 77.60 47.70
N LEU E 180 -66.44 77.47 47.54
CA LEU E 180 -65.50 78.44 48.11
C LEU E 180 -64.16 78.40 47.38
N GLY E 181 -63.26 79.32 47.75
CA GLY E 181 -61.95 79.39 47.14
C GLY E 181 -61.19 80.65 47.51
N CYS E 182 -59.88 80.65 47.29
CA CYS E 182 -59.04 81.79 47.62
C CYS E 182 -58.96 82.81 46.49
N LEU E 183 -58.41 83.97 46.79
CA LEU E 183 -58.29 85.05 45.80
C LEU E 183 -56.98 85.81 45.96
N VAL E 184 -56.06 85.58 45.04
CA VAL E 184 -54.76 86.24 45.08
C VAL E 184 -54.79 87.50 44.23
N LYS E 185 -54.28 88.59 44.77
CA LYS E 185 -54.38 89.88 44.08
C LYS E 185 -53.07 90.64 43.89
N ASP E 186 -52.90 91.14 42.67
CA ASP E 186 -51.76 91.98 42.25
C ASP E 186 -50.34 91.45 42.52
N TYR E 187 -50.09 90.19 42.18
CA TYR E 187 -48.74 89.63 42.29
C TYR E 187 -47.95 89.67 40.99
N PHE E 188 -46.63 89.77 41.10
CA PHE E 188 -45.75 89.83 39.93
C PHE E 188 -44.34 89.39 40.31
N PRO E 189 -43.73 88.53 39.48
CA PRO E 189 -44.34 87.95 38.27
C PRO E 189 -44.94 86.57 38.53
N GLU E 190 -45.35 85.90 37.46
CA GLU E 190 -45.86 84.54 37.53
C GLU E 190 -44.74 83.56 37.89
N PRO E 191 -45.08 82.38 38.42
CA PRO E 191 -46.42 81.90 38.79
C PRO E 191 -46.64 81.83 40.30
N VAL E 192 -47.81 81.31 40.69
CA VAL E 192 -48.09 81.05 42.09
C VAL E 192 -48.62 79.63 42.27
N THR E 193 -47.94 78.87 43.14
CA THR E 193 -48.36 77.50 43.42
C THR E 193 -49.39 77.47 44.55
N VAL E 194 -50.65 77.28 44.18
CA VAL E 194 -51.71 77.25 45.18
C VAL E 194 -52.23 75.83 45.41
N SER E 195 -52.05 75.34 46.62
CA SER E 195 -52.52 74.03 47.02
C SER E 195 -53.65 74.16 48.03
N TRP E 196 -54.21 73.03 48.45
CA TRP E 196 -55.29 73.04 49.43
C TRP E 196 -55.09 71.97 50.49
N ASN E 197 -54.99 72.40 51.74
CA ASN E 197 -54.72 71.52 52.87
C ASN E 197 -53.47 70.67 52.65
N SER E 198 -52.44 71.30 52.11
CA SER E 198 -51.17 70.65 51.80
C SER E 198 -51.36 69.40 50.95
N ALA E 200 -54.30 66.42 49.75
CA ALA E 200 -55.67 66.23 50.20
C ALA E 200 -56.65 66.91 49.26
N LEU E 201 -56.24 68.05 48.70
CA LEU E 201 -57.06 68.84 47.79
C LEU E 201 -58.40 69.21 48.41
N SER E 203 -61.31 65.37 45.04
CA SER E 203 -60.62 66.59 44.66
C SER E 203 -61.60 67.71 44.34
N GLY E 204 -61.71 68.06 43.06
CA GLY E 204 -62.59 69.12 42.64
C GLY E 204 -61.95 70.48 42.70
N VAL E 205 -60.65 70.53 42.43
CA VAL E 205 -59.90 71.77 42.49
C VAL E 205 -59.92 72.51 41.16
N HIS E 206 -59.78 73.83 41.21
CA HIS E 206 -59.75 74.66 40.00
C HIS E 206 -58.96 75.94 40.22
N THR E 207 -57.88 76.09 39.47
CA THR E 207 -57.03 77.27 39.57
C THR E 207 -56.90 77.96 38.22
N PHE E 208 -57.57 79.10 38.06
CA PHE E 208 -57.57 79.84 36.81
C PHE E 208 -56.23 80.54 36.60
N PRO E 209 -55.76 80.61 35.35
CA PRO E 209 -54.52 81.31 35.00
C PRO E 209 -54.60 82.80 35.34
N ALA E 210 -53.45 83.42 35.56
CA ALA E 210 -53.40 84.84 35.93
C ALA E 210 -53.77 85.73 34.75
N VAL E 211 -53.87 87.03 35.01
CA VAL E 211 -54.21 88.00 33.98
C VAL E 211 -53.69 89.39 34.33
N LEU E 212 -53.02 90.02 33.36
CA LEU E 212 -52.48 91.37 33.55
C LEU E 212 -53.55 92.43 33.34
N GLN E 213 -53.86 93.18 34.39
CA GLN E 213 -54.77 94.31 34.27
C GLN E 213 -54.00 95.58 33.94
N SER E 214 -54.65 96.73 34.11
CA SER E 214 -54.04 98.02 33.77
C SER E 214 -52.75 98.28 34.54
N SER E 215 -52.76 97.96 35.84
CA SER E 215 -51.58 98.15 36.68
C SER E 215 -50.81 96.84 36.84
N LEU E 217 -49.43 93.92 36.58
CA LEU E 217 -49.52 93.00 37.72
C LEU E 217 -50.54 91.90 37.47
N TYR E 218 -50.14 90.66 37.72
CA TYR E 218 -51.01 89.51 37.50
C TYR E 218 -52.03 89.35 38.64
N SER E 219 -53.11 88.64 38.35
CA SER E 219 -54.14 88.38 39.36
C SER E 219 -54.73 86.98 39.16
N LEU E 220 -54.46 86.10 40.11
CA LEU E 220 -54.92 84.71 40.02
C LEU E 220 -56.00 84.41 41.04
N SER E 221 -57.07 83.75 40.59
CA SER E 221 -58.15 83.33 41.47
C SER E 221 -58.20 81.81 41.54
N SER E 222 -58.16 81.28 42.77
CA SER E 222 -58.19 79.83 42.97
C SER E 222 -59.44 79.40 43.74
N VAL E 223 -60.27 78.59 43.08
CA VAL E 223 -61.55 78.19 43.66
C VAL E 223 -61.71 76.67 43.71
N VAL E 224 -61.99 76.15 44.91
CA VAL E 224 -62.23 74.73 45.10
C VAL E 224 -63.53 74.51 45.86
N THR E 225 -64.51 73.93 45.19
CA THR E 225 -65.86 73.82 45.76
C THR E 225 -66.21 72.42 46.23
N VAL E 226 -66.34 72.25 47.55
CA VAL E 226 -66.79 70.99 48.13
C VAL E 226 -67.83 71.22 49.24
N PRO E 227 -69.12 71.24 48.87
CA PRO E 227 -70.24 71.35 49.81
C PRO E 227 -70.26 70.18 50.80
N SER E 228 -70.85 70.34 51.99
CA SER E 228 -71.52 71.58 52.39
C SER E 228 -70.75 72.31 53.49
N SER E 229 -70.17 71.55 54.41
CA SER E 229 -69.43 72.14 55.52
C SER E 229 -68.43 71.13 56.10
N SER E 230 -67.23 71.62 56.38
CA SER E 230 -66.17 70.78 56.94
C SER E 230 -65.16 71.63 57.71
N ILE E 237 -58.48 75.88 54.57
CA ILE E 237 -57.04 76.06 54.67
C ILE E 237 -56.35 75.76 53.35
N CYS E 238 -55.98 76.82 52.63
CA CYS E 238 -55.31 76.67 51.34
C CYS E 238 -53.89 77.24 51.39
N ASN E 239 -52.92 76.44 50.95
CA ASN E 239 -51.52 76.85 50.99
C ASN E 239 -51.08 77.54 49.70
N VAL E 240 -51.06 78.87 49.74
CA VAL E 240 -50.65 79.67 48.58
C VAL E 240 -49.19 80.12 48.73
N ASN E 241 -48.40 79.90 47.68
CA ASN E 241 -46.99 80.26 47.72
C ASN E 241 -46.52 80.98 46.45
N HIS E 242 -45.72 82.03 46.64
CA HIS E 242 -45.16 82.79 45.52
C HIS E 242 -43.66 82.91 45.66
N LYS E 243 -42.93 82.04 44.95
CA LYS E 243 -41.48 81.97 45.03
C LYS E 243 -40.71 83.24 44.64
N PRO E 244 -41.16 83.97 43.59
CA PRO E 244 -40.44 85.22 43.29
C PRO E 244 -40.44 86.24 44.42
N SER E 245 -41.38 86.14 45.36
CA SER E 245 -41.41 87.02 46.51
C SER E 245 -41.24 86.23 47.81
N ASN E 246 -41.19 84.90 47.66
CA ASN E 246 -40.99 83.99 48.78
C ASN E 246 -42.04 84.14 49.89
N THR E 247 -43.24 84.57 49.51
CA THR E 247 -44.33 84.69 50.47
C THR E 247 -45.06 83.37 50.64
N LYS E 248 -45.41 83.04 51.88
CA LYS E 248 -46.07 81.78 52.18
C LYS E 248 -47.23 81.97 53.16
N VAL E 249 -48.45 81.74 52.68
CA VAL E 249 -49.64 81.83 53.52
C VAL E 249 -50.44 80.54 53.45
N ASP E 250 -51.28 80.32 54.46
CA ASP E 250 -52.11 79.11 54.51
C ASP E 250 -53.52 79.44 54.99
N LYS E 251 -53.87 80.72 54.91
CA LYS E 251 -55.12 81.21 55.47
C LYS E 251 -55.96 81.96 54.42
N LYS E 252 -57.29 81.85 54.46
CA LYS E 252 -58.02 81.02 55.42
C LYS E 252 -59.36 80.59 54.83
N VAL E 253 -59.99 79.60 55.45
CA VAL E 253 -61.31 79.12 55.02
C VAL E 253 -62.22 78.91 56.24
N GLU E 254 -63.45 79.38 56.15
CA GLU E 254 -64.43 79.21 57.23
C GLU E 254 -64.65 77.74 57.56
N MET F 28 -39.53 68.83 11.15
CA MET F 28 -39.68 70.22 11.54
C MET F 28 -41.14 70.65 11.54
N THR F 29 -41.89 70.15 10.56
CA THR F 29 -43.30 70.47 10.44
C THR F 29 -44.18 69.38 11.04
N GLN F 30 -45.16 69.78 11.84
CA GLN F 30 -46.10 68.85 12.45
C GLN F 30 -47.52 69.24 12.10
N SER F 31 -48.42 68.25 12.04
CA SER F 31 -49.76 68.51 11.56
C SER F 31 -50.81 67.56 12.15
N PRO F 32 -52.04 68.08 12.38
CA PRO F 32 -52.44 69.46 12.15
C PRO F 32 -52.08 70.39 13.30
N SER F 33 -52.47 71.66 13.19
CA SER F 33 -52.20 72.63 14.23
C SER F 33 -52.99 72.29 15.50
N SER F 34 -54.22 71.81 15.31
CA SER F 34 -55.08 71.44 16.41
C SER F 34 -56.11 70.39 15.99
N LEU F 35 -56.60 69.63 16.97
CA LEU F 35 -57.59 68.59 16.69
C LEU F 35 -58.76 68.64 17.66
N SER F 36 -59.91 68.14 17.21
CA SER F 36 -61.10 68.06 18.05
C SER F 36 -61.87 66.78 17.77
N ALA F 37 -62.11 65.99 18.82
CA ALA F 37 -62.81 64.73 18.67
C ALA F 37 -63.54 64.36 19.96
N SER F 38 -64.41 63.35 19.87
CA SER F 38 -65.15 62.88 21.03
C SER F 38 -64.52 61.62 21.60
N VAL F 39 -65.06 61.13 22.71
CA VAL F 39 -64.53 59.94 23.37
C VAL F 39 -64.80 58.69 22.54
N GLY F 40 -63.75 57.89 22.33
CA GLY F 40 -63.86 56.66 21.58
C GLY F 40 -63.48 56.80 20.12
N ASP F 41 -63.17 58.03 19.72
CA ASP F 41 -62.79 58.31 18.34
C ASP F 41 -61.34 57.93 18.08
N ARG F 42 -60.95 57.96 16.80
CA ARG F 42 -59.58 57.65 16.41
C ARG F 42 -58.83 58.91 16.01
N VAL F 43 -57.71 59.17 16.67
CA VAL F 43 -56.95 60.39 16.43
C VAL F 43 -55.60 60.10 15.77
N THR F 44 -55.33 60.80 14.66
CA THR F 44 -54.07 60.65 13.95
C THR F 44 -53.35 61.99 13.81
N ILE F 45 -52.16 62.07 14.40
CA ILE F 45 -51.33 63.26 14.29
C ILE F 45 -50.10 62.99 13.43
N THR F 46 -50.02 63.65 12.28
CA THR F 46 -48.92 63.44 11.35
C THR F 46 -47.76 64.39 11.62
N CYS F 47 -46.59 64.03 11.10
CA CYS F 47 -45.40 64.85 11.26
C CYS F 47 -44.36 64.53 10.18
N ARG F 48 -43.99 65.53 9.39
CA ARG F 48 -43.02 65.33 8.33
C ARG F 48 -41.68 65.98 8.66
N ALA F 49 -40.61 65.23 8.43
CA ALA F 49 -39.26 65.72 8.70
C ALA F 49 -38.23 64.99 7.84
N SER F 50 -37.25 65.73 7.33
CA SER F 50 -36.20 65.15 6.50
C SER F 50 -34.93 65.98 6.54
N SER F 54 -32.54 61.32 12.40
CA SER F 54 -32.85 61.81 11.06
C SER F 54 -33.94 60.97 10.41
N SER F 55 -33.93 59.67 10.69
CA SER F 55 -34.89 58.74 10.10
C SER F 55 -36.06 58.46 11.03
N ALA F 56 -35.79 58.28 12.32
CA ALA F 56 -36.83 57.99 13.29
C ALA F 56 -37.12 59.19 14.17
N VAL F 57 -38.27 59.16 14.86
CA VAL F 57 -38.71 60.29 15.66
C VAL F 57 -39.37 59.81 16.95
N ALA F 58 -39.61 60.73 17.88
CA ALA F 58 -40.25 60.39 19.15
C ALA F 58 -41.46 61.29 19.41
N TRP F 59 -42.48 60.71 20.04
CA TRP F 59 -43.69 61.46 20.37
C TRP F 59 -43.78 61.78 21.85
N TYR F 60 -44.20 63.00 22.16
CA TYR F 60 -44.30 63.46 23.55
C TYR F 60 -45.67 64.05 23.85
N GLN F 61 -46.10 63.90 25.10
CA GLN F 61 -47.37 64.46 25.54
C GLN F 61 -47.16 65.44 26.69
N GLN F 62 -47.42 66.71 26.44
CA GLN F 62 -47.25 67.72 27.48
C GLN F 62 -48.59 68.27 27.95
N LYS F 63 -48.89 68.04 29.23
CA LYS F 63 -50.06 68.65 29.85
C LYS F 63 -49.90 70.17 29.84
N PRO F 64 -51.00 70.90 29.63
CA PRO F 64 -50.98 72.36 29.47
C PRO F 64 -50.34 73.13 30.63
N GLY F 65 -50.08 72.46 31.74
CA GLY F 65 -49.50 73.12 32.89
C GLY F 65 -48.40 72.34 33.59
N LYS F 66 -48.11 71.14 33.09
CA LYS F 66 -47.11 70.29 33.72
C LYS F 66 -45.97 69.91 32.78
N ALA F 67 -45.05 69.09 33.28
CA ALA F 67 -43.86 68.69 32.53
C ALA F 67 -44.22 67.72 31.40
N PRO F 68 -43.46 67.76 30.30
CA PRO F 68 -43.66 66.87 29.15
C PRO F 68 -43.48 65.39 29.51
N LYS F 69 -44.40 64.56 29.04
CA LYS F 69 -44.33 63.12 29.28
C LYS F 69 -44.06 62.37 27.98
N LEU F 70 -43.11 61.44 28.03
CA LEU F 70 -42.74 60.68 26.83
C LEU F 70 -43.79 59.62 26.52
N LEU F 71 -44.05 59.43 25.23
CA LEU F 71 -44.99 58.42 24.77
C LEU F 71 -44.28 57.32 24.00
N ILE F 72 -43.69 57.68 22.88
CA ILE F 72 -43.05 56.70 22.00
C ILE F 72 -41.63 57.10 21.66
N TYR F 73 -40.72 56.13 21.65
CA TYR F 73 -39.36 56.41 21.25
C TYR F 73 -39.02 55.67 19.96
N SER F 74 -38.26 56.32 19.07
CA SER F 74 -37.91 55.78 17.78
C SER F 74 -39.13 55.50 16.87
N THR F 75 -40.27 56.00 17.33
CA THR F 75 -41.58 55.89 16.70
C THR F 75 -41.94 54.41 16.38
N SER F 76 -41.45 53.49 17.19
CA SER F 76 -41.73 52.08 16.96
C SER F 76 -42.42 51.41 18.16
N SER F 77 -41.90 51.64 19.36
CA SER F 77 -42.40 50.96 20.55
C SER F 77 -42.79 51.92 21.68
N LEU F 78 -43.77 51.51 22.48
CA LEU F 78 -44.25 52.32 23.60
C LEU F 78 -43.32 52.27 24.80
N TYR F 79 -43.40 53.30 25.64
CA TYR F 79 -42.63 53.35 26.87
C TYR F 79 -43.35 52.58 27.97
N SER F 80 -42.59 52.11 28.96
CA SER F 80 -43.17 51.33 30.05
C SER F 80 -44.13 52.17 30.89
N GLY F 81 -45.38 51.71 30.99
CA GLY F 81 -46.39 52.41 31.76
C GLY F 81 -47.34 53.21 30.90
N VAL F 82 -46.98 53.37 29.64
CA VAL F 82 -47.81 54.12 28.69
C VAL F 82 -48.95 53.26 28.18
N PRO F 83 -50.18 53.79 28.23
CA PRO F 83 -51.40 53.14 27.71
C PRO F 83 -51.21 52.59 26.31
N SER F 84 -51.75 51.41 26.05
CA SER F 84 -51.54 50.73 24.77
C SER F 84 -52.39 51.33 23.66
N ARG F 85 -53.27 52.26 24.01
CA ARG F 85 -54.12 52.93 23.04
C ARG F 85 -53.28 53.84 22.13
N PHE F 86 -52.08 54.19 22.59
CA PHE F 86 -51.16 54.99 21.79
C PHE F 86 -50.31 54.10 20.90
N SER F 87 -49.98 54.60 19.71
CA SER F 87 -49.18 53.84 18.76
C SER F 87 -48.50 54.74 17.73
N GLY F 88 -47.32 54.34 17.28
CA GLY F 88 -46.57 55.12 16.31
C GLY F 88 -46.12 54.29 15.13
N SER F 89 -46.23 54.85 13.93
CA SER F 89 -45.83 54.15 12.72
C SER F 89 -45.05 55.06 11.78
N ARG F 90 -44.70 54.54 10.62
CA ARG F 90 -43.93 55.29 9.62
C ARG F 90 -44.50 55.10 8.22
N SER F 91 -44.66 56.20 7.50
CA SER F 91 -45.20 56.16 6.14
C SER F 91 -44.36 57.01 5.19
N GLY F 92 -43.18 56.52 4.85
CA GLY F 92 -42.29 57.22 3.93
C GLY F 92 -41.53 58.36 4.59
N THR F 93 -42.03 59.58 4.39
CA THR F 93 -41.41 60.76 4.99
C THR F 93 -42.37 61.42 5.97
N ASP F 94 -43.37 60.65 6.41
CA ASP F 94 -44.36 61.15 7.36
C ASP F 94 -44.60 60.14 8.48
N PHE F 95 -44.52 60.62 9.71
CA PHE F 95 -44.73 59.77 10.88
C PHE F 95 -46.15 59.92 11.41
N THR F 96 -46.70 58.85 11.98
CA THR F 96 -48.09 58.86 12.43
C THR F 96 -48.23 58.51 13.90
N LEU F 97 -48.87 59.40 14.66
CA LEU F 97 -49.24 59.12 16.04
C LEU F 97 -50.72 58.76 16.09
N THR F 98 -51.03 57.58 16.59
CA THR F 98 -52.40 57.08 16.56
C THR F 98 -52.95 56.72 17.94
N ILE F 99 -54.12 57.24 18.26
CA ILE F 99 -54.82 56.89 19.49
C ILE F 99 -56.06 56.07 19.16
N SER F 100 -56.01 54.76 19.43
CA SER F 100 -57.09 53.85 19.08
C SER F 100 -58.39 54.19 19.81
N SER F 101 -58.36 54.10 21.14
CA SER F 101 -59.52 54.44 21.95
C SER F 101 -59.29 55.73 22.71
N LEU F 102 -59.90 56.81 22.24
CA LEU F 102 -59.67 58.13 22.81
C LEU F 102 -60.32 58.28 24.19
N GLN F 103 -59.52 58.67 25.17
CA GLN F 103 -59.98 58.86 26.54
C GLN F 103 -59.84 60.31 26.96
N PRO F 104 -60.73 60.78 27.86
CA PRO F 104 -60.76 62.19 28.26
C PRO F 104 -59.48 62.67 28.96
N GLU F 105 -58.70 61.76 29.52
CA GLU F 105 -57.46 62.13 30.20
C GLU F 105 -56.26 62.12 29.26
N ASP F 106 -56.53 61.94 27.97
CA ASP F 106 -55.48 61.91 26.97
C ASP F 106 -55.50 63.18 26.12
N PHE F 107 -55.96 64.28 26.71
CA PHE F 107 -56.10 65.54 25.99
C PHE F 107 -55.13 66.59 26.45
N ALA F 108 -54.03 66.73 25.71
CA ALA F 108 -53.01 67.72 25.97
C ALA F 108 -52.26 68.03 24.68
N THR F 109 -51.26 68.89 24.76
CA THR F 109 -50.49 69.27 23.58
C THR F 109 -49.42 68.23 23.27
N TYR F 110 -49.48 67.68 22.05
CA TYR F 110 -48.53 66.65 21.63
C TYR F 110 -47.42 67.24 20.75
N TYR F 111 -46.22 66.72 20.89
CA TYR F 111 -45.07 67.22 20.13
C TYR F 111 -44.30 66.07 19.47
N CYS F 112 -43.29 66.44 18.69
CA CYS F 112 -42.49 65.45 17.96
C CYS F 112 -41.02 65.82 18.00
N GLN F 113 -40.20 64.93 18.55
CA GLN F 113 -38.78 65.22 18.74
C GLN F 113 -37.88 64.28 17.94
N GLN F 114 -36.99 64.86 17.14
CA GLN F 114 -36.00 64.09 16.39
C GLN F 114 -34.58 64.52 16.77
N SER F 115 -33.76 63.55 17.16
CA SER F 115 -32.38 63.83 17.55
C SER F 115 -31.46 63.80 16.33
N SER F 116 -31.60 64.79 15.47
CA SER F 116 -30.82 64.87 14.24
C SER F 116 -29.38 65.27 14.49
N PRO F 117 -28.44 64.79 13.65
CA PRO F 117 -27.03 65.16 13.76
C PRO F 117 -26.80 66.65 13.47
N SER F 118 -25.81 67.25 14.13
CA SER F 118 -24.98 66.57 15.10
C SER F 118 -25.36 66.94 16.53
N PHE F 119 -25.87 65.96 17.27
CA PHE F 119 -26.31 66.15 18.65
C PHE F 119 -27.34 67.27 18.77
N LEU F 120 -28.17 67.39 17.73
CA LEU F 120 -29.20 68.43 17.69
C LEU F 120 -30.58 67.83 17.91
N ILE F 121 -31.44 68.57 18.62
CA ILE F 121 -32.80 68.14 18.87
C ILE F 121 -33.77 69.21 18.39
N THR F 122 -34.76 68.82 17.59
CA THR F 122 -35.75 69.77 17.08
C THR F 122 -37.17 69.29 17.32
N PHE F 123 -37.98 70.15 17.91
CA PHE F 123 -39.39 69.84 18.17
C PHE F 123 -40.28 70.38 17.05
N GLY F 124 -41.50 69.85 16.98
CA GLY F 124 -42.48 70.34 16.04
C GLY F 124 -43.50 71.21 16.75
N GLN F 125 -44.32 71.92 15.98
CA GLN F 125 -45.35 72.76 16.55
C GLN F 125 -46.41 71.93 17.26
N GLY F 126 -46.97 72.47 18.33
CA GLY F 126 -47.91 71.74 19.16
C GLY F 126 -49.20 71.36 18.45
N THR F 127 -49.82 70.27 18.92
CA THR F 127 -51.09 69.82 18.40
C THR F 127 -52.08 69.60 19.53
N LYS F 128 -52.78 70.66 19.92
CA LYS F 128 -53.73 70.59 21.03
C LYS F 128 -55.00 69.85 20.63
N VAL F 129 -55.35 68.85 21.42
CA VAL F 129 -56.55 68.05 21.17
C VAL F 129 -57.66 68.43 22.17
N GLU F 130 -58.87 68.62 21.67
CA GLU F 130 -59.98 69.05 22.52
C GLU F 130 -61.15 68.06 22.49
N ILE F 131 -62.01 68.15 23.50
CA ILE F 131 -63.18 67.29 23.58
C ILE F 131 -64.45 68.02 23.14
N LYS F 132 -65.25 67.37 22.31
CA LYS F 132 -66.54 67.91 21.92
C LYS F 132 -67.64 66.87 22.15
N ARG F 133 -68.47 67.11 23.16
CA ARG F 133 -69.57 66.21 23.47
C ARG F 133 -70.86 66.98 23.77
N THR F 134 -71.80 66.29 24.42
CA THR F 134 -73.11 66.87 24.73
C THR F 134 -72.98 68.12 25.60
N VAL F 135 -73.60 69.20 25.14
CA VAL F 135 -73.54 70.48 25.84
C VAL F 135 -74.30 70.46 27.17
N ALA F 136 -73.61 70.84 28.24
CA ALA F 136 -74.22 70.94 29.56
C ALA F 136 -74.09 72.35 30.11
N ALA F 137 -75.04 72.76 30.94
CA ALA F 137 -75.05 74.11 31.49
C ALA F 137 -74.37 74.14 32.86
N PRO F 138 -73.69 75.27 33.16
CA PRO F 138 -72.95 75.44 34.41
C PRO F 138 -73.84 75.73 35.62
N SER F 139 -73.22 75.93 36.77
CA SER F 139 -73.92 76.35 37.97
C SER F 139 -73.15 77.51 38.61
N VAL F 140 -73.78 78.68 38.65
CA VAL F 140 -73.10 79.89 39.09
C VAL F 140 -73.05 80.04 40.61
N PHE F 141 -71.96 80.61 41.10
CA PHE F 141 -71.79 80.90 42.52
C PHE F 141 -71.13 82.27 42.69
N ILE F 142 -71.87 83.20 43.30
CA ILE F 142 -71.39 84.57 43.47
C ILE F 142 -70.71 84.73 44.84
N PHE F 143 -69.67 85.57 44.89
CA PHE F 143 -68.91 85.75 46.11
C PHE F 143 -68.62 87.22 46.42
N PRO F 144 -68.94 87.65 47.65
CA PRO F 144 -68.64 89.00 48.16
C PRO F 144 -67.21 89.11 48.67
N PRO F 145 -66.59 90.30 48.52
CA PRO F 145 -65.23 90.57 48.99
C PRO F 145 -65.18 91.06 50.44
N SER F 146 -64.06 90.82 51.12
CA SER F 146 -63.91 91.22 52.51
C SER F 146 -62.55 91.88 52.79
N ASP F 147 -61.94 92.45 51.75
CA ASP F 147 -60.64 93.08 51.89
C ASP F 147 -60.75 94.53 52.34
N SER F 148 -59.59 95.20 52.42
CA SER F 148 -59.56 96.61 52.80
C SER F 148 -58.79 97.41 51.74
N GLN F 149 -59.29 97.34 50.50
CA GLN F 149 -58.65 98.02 49.38
C GLN F 149 -58.73 99.54 49.52
N SER F 156 -63.33 93.62 43.54
CA SER F 156 -63.01 92.25 43.95
C SER F 156 -64.24 91.36 43.92
N VAL F 157 -65.15 91.64 42.99
CA VAL F 157 -66.34 90.82 42.81
C VAL F 157 -66.12 89.80 41.70
N VAL F 158 -66.27 88.52 42.04
CA VAL F 158 -66.03 87.45 41.10
C VAL F 158 -67.32 86.69 40.74
N CYS F 159 -67.34 86.12 39.55
CA CYS F 159 -68.47 85.30 39.11
C CYS F 159 -67.96 83.96 38.59
N LEU F 160 -68.40 82.88 39.24
CA LEU F 160 -67.88 81.55 38.94
C LEU F 160 -68.83 80.70 38.11
N LEU F 161 -68.29 80.08 37.06
CA LEU F 161 -69.00 79.07 36.30
C LEU F 161 -68.19 77.78 36.30
N ASN F 162 -68.68 76.77 37.00
CA ASN F 162 -67.89 75.56 37.26
C ASN F 162 -67.63 74.69 36.04
N ASN F 163 -68.67 74.13 35.44
CA ASN F 163 -68.49 73.15 34.37
C ASN F 163 -69.42 73.34 33.17
N PHE F 164 -68.84 73.37 31.99
CA PHE F 164 -69.61 73.46 30.75
C PHE F 164 -68.79 72.95 29.56
N TYR F 165 -69.42 72.15 28.70
CA TYR F 165 -68.74 71.55 27.55
C TYR F 165 -68.31 72.55 26.47
N PRO F 166 -69.18 73.52 26.11
CA PRO F 166 -68.69 74.49 25.12
C PRO F 166 -67.59 75.40 25.68
N ARG F 167 -66.98 76.20 24.80
CA ARG F 167 -65.91 77.10 25.20
C ARG F 167 -66.48 78.40 25.76
N GLU F 168 -67.41 78.99 25.04
CA GLU F 168 -68.03 80.24 25.46
C GLU F 168 -69.21 80.00 26.40
N LYS F 170 -71.70 86.26 26.87
CA LYS F 170 -71.78 85.30 27.96
C LYS F 170 -72.03 85.98 29.30
N VAL F 171 -70.98 86.19 30.08
CA VAL F 171 -71.11 86.80 31.40
C VAL F 171 -71.18 88.32 31.29
N GLN F 172 -72.06 88.93 32.09
CA GLN F 172 -72.17 90.38 32.14
C GLN F 172 -72.50 90.85 33.55
N TRP F 173 -72.25 92.12 33.82
CA TRP F 173 -72.46 92.66 35.16
C TRP F 173 -73.59 93.70 35.24
N LYS F 174 -74.79 93.24 35.54
CA LYS F 174 -75.87 94.13 35.96
C LYS F 174 -76.02 94.02 37.47
N VAL F 175 -75.27 94.82 38.21
CA VAL F 175 -75.37 94.83 39.67
C VAL F 175 -76.63 95.49 40.19
N ASP F 176 -76.80 96.76 39.86
CA ASP F 176 -78.06 97.46 40.07
C ASP F 176 -78.15 98.28 38.80
N ASN F 177 -79.07 97.88 37.92
CA ASN F 177 -79.32 98.58 36.67
C ASN F 177 -78.07 98.88 35.83
N ALA F 178 -77.40 97.83 35.37
CA ALA F 178 -76.19 97.98 34.56
C ALA F 178 -76.13 96.94 33.44
N GLN F 185 -62.57 92.00 34.28
CA GLN F 185 -61.78 91.12 33.43
C GLN F 185 -61.93 89.66 33.85
N GLU F 186 -62.00 88.76 32.87
CA GLU F 186 -62.22 87.35 33.12
C GLU F 186 -61.00 86.50 32.75
N SER F 187 -61.07 85.21 33.08
CA SER F 187 -60.01 84.26 32.76
C SER F 187 -60.52 82.83 32.82
N VAL F 188 -60.18 82.03 31.82
CA VAL F 188 -60.61 80.64 31.76
C VAL F 188 -59.44 79.68 31.92
N THR F 189 -59.70 78.50 32.46
CA THR F 189 -58.67 77.49 32.63
C THR F 189 -58.76 76.43 31.54
N GLU F 190 -57.79 75.51 31.53
CA GLU F 190 -57.76 74.45 30.54
C GLU F 190 -58.90 73.46 30.75
N GLN F 191 -59.23 72.71 29.69
CA GLN F 191 -60.31 71.74 29.75
C GLN F 191 -59.96 70.60 30.70
N ASP F 192 -60.94 70.15 31.47
CA ASP F 192 -60.73 69.12 32.48
C ASP F 192 -60.29 67.80 31.86
N SER F 193 -59.65 66.95 32.66
CA SER F 193 -59.12 65.68 32.17
C SER F 193 -60.07 64.52 32.43
N LYS F 194 -61.15 64.79 33.16
CA LYS F 194 -62.12 63.75 33.49
C LYS F 194 -63.53 64.16 33.09
N ASP F 195 -63.85 65.44 33.29
CA ASP F 195 -65.19 65.95 32.99
C ASP F 195 -65.22 66.62 31.62
N SER F 196 -64.04 67.00 31.13
CA SER F 196 -63.90 67.69 29.84
C SER F 196 -64.74 68.97 29.78
N THR F 197 -64.71 69.73 30.88
CA THR F 197 -65.48 70.96 30.98
C THR F 197 -64.61 72.14 31.38
N TYR F 198 -64.85 73.29 30.77
CA TYR F 198 -64.12 74.51 31.09
C TYR F 198 -64.71 75.20 32.31
N SER F 199 -64.15 76.35 32.66
CA SER F 199 -64.67 77.15 33.77
C SER F 199 -64.30 78.62 33.61
N LEU F 200 -65.12 79.50 34.19
CA LEU F 200 -64.94 80.93 34.02
C LEU F 200 -64.91 81.67 35.36
N SER F 201 -64.11 82.73 35.42
CA SER F 201 -64.03 83.56 36.62
C SER F 201 -63.77 85.02 36.24
N SER F 202 -64.80 85.85 36.36
CA SER F 202 -64.69 87.26 36.04
C SER F 202 -64.49 88.10 37.29
N SER F 207 -61.73 100.49 44.74
CA SER F 207 -63.01 101.20 44.70
C SER F 207 -63.90 100.76 45.85
N LYS F 208 -63.44 101.00 47.07
CA LYS F 208 -64.16 100.59 48.27
C LYS F 208 -65.40 101.44 48.53
N ALA F 209 -65.31 102.73 48.22
CA ALA F 209 -66.44 103.63 48.40
C ALA F 209 -67.51 103.39 47.34
N ASP F 210 -67.07 102.98 46.15
CA ASP F 210 -67.99 102.72 45.05
C ASP F 210 -68.60 101.32 45.18
N GLU F 212 -70.00 100.25 47.92
CA GLU F 212 -70.96 100.45 49.00
C GLU F 212 -72.04 101.46 48.59
N LYS F 213 -71.71 102.32 47.64
CA LYS F 213 -72.63 103.39 47.22
C LYS F 213 -73.81 102.82 46.43
N HIS F 214 -73.64 101.62 45.88
CA HIS F 214 -74.73 100.95 45.18
C HIS F 214 -74.66 99.44 45.37
N VAL F 216 -76.32 95.83 46.46
CA VAL F 216 -76.98 95.02 45.44
C VAL F 216 -76.05 94.72 44.26
N TYR F 217 -75.03 93.90 44.50
CA TYR F 217 -74.09 93.51 43.45
C TYR F 217 -74.55 92.23 42.77
N ALA F 218 -75.29 92.37 41.69
CA ALA F 218 -75.84 91.23 40.97
C ALA F 218 -75.07 90.92 39.69
N CYS F 219 -75.25 89.69 39.19
CA CYS F 219 -74.66 89.27 37.93
C CYS F 219 -75.25 87.94 37.45
N GLU F 220 -75.58 87.87 36.17
CA GLU F 220 -76.10 86.63 35.58
C GLU F 220 -75.45 86.36 34.22
N VAL F 221 -75.59 85.13 33.73
CA VAL F 221 -74.95 84.72 32.49
C VAL F 221 -75.74 83.63 31.78
N THR F 222 -75.96 83.83 30.47
CA THR F 222 -76.65 82.83 29.66
C THR F 222 -75.65 81.88 29.01
N HIS F 223 -76.13 80.69 28.63
CA HIS F 223 -75.26 79.68 28.04
C HIS F 223 -76.03 78.83 27.02
N GLN F 224 -75.31 78.31 26.04
CA GLN F 224 -75.92 77.47 25.00
C GLN F 224 -76.50 76.21 25.61
N SER F 227 -80.37 77.00 27.75
CA SER F 227 -81.74 77.24 27.32
C SER F 227 -82.19 78.65 27.69
N SER F 228 -82.69 78.81 28.92
CA SER F 228 -83.15 80.10 29.40
C SER F 228 -82.04 80.84 30.15
N PRO F 229 -81.90 82.14 29.90
CA PRO F 229 -80.89 82.99 30.55
C PRO F 229 -81.05 83.06 32.07
N VAL F 230 -80.07 83.66 32.74
CA VAL F 230 -80.07 83.82 34.19
C VAL F 230 -80.21 82.47 34.91
N LYS F 232 -79.53 84.19 39.84
CA LYS F 232 -78.84 84.05 41.12
C LYS F 232 -77.83 85.16 41.33
N SER F 233 -77.93 85.85 42.46
CA SER F 233 -77.05 86.97 42.76
C SER F 233 -76.98 87.28 44.25
N PHE F 234 -76.12 88.23 44.61
CA PHE F 234 -75.91 88.60 46.01
C PHE F 234 -76.25 90.07 46.27
N ASN F 235 -76.75 90.35 47.48
CA ASN F 235 -77.07 91.71 47.87
C ASN F 235 -76.95 91.92 49.38
N ARG F 236 -76.24 92.97 49.76
CA ARG F 236 -76.03 93.28 51.18
C ARG F 236 -76.55 94.68 51.52
N ASP G 1 10.69 -25.50 -28.27
CA ASP G 1 11.59 -26.38 -27.53
C ASP G 1 11.27 -27.85 -27.79
N ALA G 2 12.31 -28.62 -28.13
CA ALA G 2 12.17 -30.06 -28.26
C ALA G 2 11.95 -30.66 -26.88
N GLU G 3 11.36 -31.85 -26.84
CA GLU G 3 11.07 -32.50 -25.56
C GLU G 3 12.35 -32.97 -24.89
N PHE G 4 12.33 -33.01 -23.56
CA PHE G 4 13.49 -33.46 -22.79
C PHE G 4 13.12 -34.61 -21.87
N ARG G 5 12.43 -35.60 -22.43
CA ARG G 5 12.02 -36.80 -21.71
C ARG G 5 11.24 -36.46 -20.43
N LYS G 16 6.03 -42.62 -17.39
CA LYS G 16 6.40 -41.92 -16.17
C LYS G 16 7.20 -42.84 -15.23
N LEU G 17 7.76 -42.25 -14.18
CA LEU G 17 8.63 -42.99 -13.26
C LEU G 17 7.99 -43.21 -11.90
N VAL G 18 8.00 -44.46 -11.45
CA VAL G 18 7.49 -44.80 -10.12
C VAL G 18 8.66 -45.06 -9.16
N PHE G 19 8.82 -44.18 -8.18
CA PHE G 19 9.95 -44.25 -7.27
C PHE G 19 9.63 -45.02 -5.99
N PHE G 20 10.64 -45.21 -5.14
CA PHE G 20 10.47 -45.90 -3.87
C PHE G 20 10.10 -44.93 -2.76
N ASP H 1 -13.73 36.66 13.58
CA ASP H 1 -14.42 35.72 14.46
C ASP H 1 -14.61 36.33 15.85
N ALA H 2 -13.77 37.31 16.18
CA ALA H 2 -13.81 38.01 17.47
C ALA H 2 -13.73 37.03 18.64
N GLU H 3 -12.70 36.20 18.64
CA GLU H 3 -12.53 35.21 19.69
C GLU H 3 -11.81 35.80 20.91
ZN ZN I . 7.67 -47.47 -5.76
ZN ZN J . 2.09 30.54 36.80
#